data_7U64
#
_entry.id   7U64
#
_cell.length_a   218.139
_cell.length_b   218.139
_cell.length_c   89.023
_cell.angle_alpha   90.000
_cell.angle_beta   90.000
_cell.angle_gamma   120.000
#
_symmetry.space_group_name_H-M   'P 31'
#
loop_
_entity.id
_entity.type
_entity.pdbx_description
1 polymer 'HY6-F9.6 Fab heavy chain'
2 polymer 'HY6-F9.6 Fab light chain'
3 non-polymer N-phenyl-N-[1-(2-phenylethyl)piperidin-4-yl]propanamide
4 non-polymer 'ACETATE ION'
5 non-polymer 'SODIUM ION'
6 water water
#
loop_
_entity_poly.entity_id
_entity_poly.type
_entity_poly.pdbx_seq_one_letter_code
_entity_poly.pdbx_strand_id
1 'polypeptide(L)'
;EVQLQESGPSLVKPSQTLSLTCSVTGDSITSGYWNWIRKFPGNKLEYMGYISYSGSTYYNPSLKSRISITRDTSKNQYSL
HLNSVTAEDTATFYCARYYGDNYVGAMDYWGQGTSVTVSSASTKGPSVFPLAPSSKSTSGGTAALGCLVKDYFPEPVTVS
WNSGALTSGVHTFPAVLQSSGLYSLSSVVTVPSSSLGTQTYICNVNHKPSNTKVDKRVEPKSCDKT
;
A,C,E,G,I,K,M,O,Q
2 'polypeptide(L)'
;DIVMTQAAFSNPVTLGISASISCRSSKSLLHSNGITYLYWYLQKPGQSPQLLIYQMSNLASGVPDRFSSSGSGTDFTLRI
SRVEAEDVGVYYCAQNLELPWTFGGGTKLEIKRTVAAPSVFIFPPSDEQLKSGTASVVCLLNNFYPREAKVQWKVDNALQ
SGNSQESVTEQDSKDSTYSLSSTLTLSKADYEKHKVYACEVTHQGLSSPVTKSFNRGEC
;
B,D,F,H,J,L,N,P,R
#
# COMPACT_ATOMS: atom_id res chain seq x y z
N GLU A 1 -10.88 9.15 38.45
CA GLU A 1 -11.18 9.81 39.70
C GLU A 1 -10.35 11.08 39.82
N VAL A 2 -9.66 11.28 40.94
CA VAL A 2 -8.82 12.46 41.11
C VAL A 2 -7.38 12.02 41.30
N GLN A 3 -6.46 12.81 40.77
CA GLN A 3 -5.05 12.48 40.76
C GLN A 3 -4.30 13.68 41.32
N LEU A 4 -3.43 13.44 42.30
CA LEU A 4 -2.64 14.50 42.91
C LEU A 4 -1.17 14.13 42.78
N GLN A 5 -0.35 15.11 42.40
CA GLN A 5 1.05 14.86 42.11
C GLN A 5 1.91 15.94 42.76
N GLU A 6 2.70 15.55 43.75
CA GLU A 6 3.62 16.47 44.41
C GLU A 6 4.86 16.67 43.54
N SER A 7 5.42 17.88 43.59
CA SER A 7 6.69 18.10 42.89
C SER A 7 7.50 19.15 43.64
N GLY A 8 8.81 19.14 43.38
CA GLY A 8 9.70 20.08 44.01
C GLY A 8 11.06 19.45 44.24
N PRO A 9 11.99 20.23 44.80
CA PRO A 9 13.35 19.70 45.05
C PRO A 9 13.34 18.58 46.07
N SER A 10 14.21 17.59 45.83
CA SER A 10 14.39 16.47 46.76
C SER A 10 15.39 16.80 47.85
N LEU A 11 16.12 17.90 47.71
CA LEU A 11 17.18 18.30 48.62
C LEU A 11 17.10 19.80 48.83
N VAL A 12 17.08 20.22 50.10
CA VAL A 12 17.04 21.62 50.50
C VAL A 12 18.08 21.85 51.57
N LYS A 13 18.77 23.01 51.53
CA LYS A 13 19.76 23.26 52.56
C LYS A 13 19.10 23.75 53.84
N PRO A 14 19.66 23.41 55.00
CA PRO A 14 19.15 23.95 56.25
C PRO A 14 19.13 25.47 56.22
N SER A 15 18.13 26.03 56.87
CA SER A 15 17.81 27.44 57.01
C SER A 15 17.07 27.97 55.78
N GLN A 16 17.01 27.24 54.67
CA GLN A 16 16.30 27.73 53.49
C GLN A 16 14.80 27.47 53.63
N THR A 17 14.03 28.05 52.71
CA THR A 17 12.59 27.79 52.59
C THR A 17 12.37 26.62 51.63
N LEU A 18 11.64 25.64 52.09
CA LEU A 18 11.23 24.51 51.28
C LEU A 18 9.90 24.83 50.60
N SER A 19 9.82 24.66 49.28
CA SER A 19 8.57 24.88 48.55
C SER A 19 8.23 23.63 47.75
N LEU A 20 6.99 23.18 47.86
CA LEU A 20 6.48 22.06 47.07
C LEU A 20 5.20 22.49 46.38
N THR A 21 4.88 21.81 45.29
CA THR A 21 3.66 22.07 44.54
C THR A 21 2.89 20.77 44.37
N CYS A 22 1.56 20.85 44.51
CA CYS A 22 0.66 19.73 44.23
C CYS A 22 -0.16 20.07 43.00
N SER A 23 -0.03 19.25 41.96
CA SER A 23 -0.81 19.43 40.74
C SER A 23 -1.98 18.47 40.76
N VAL A 24 -3.18 18.99 40.59
CA VAL A 24 -4.42 18.22 40.70
C VAL A 24 -5.03 18.06 39.32
N THR A 25 -5.46 16.85 39.00
CA THR A 25 -6.22 16.56 37.79
C THR A 25 -7.43 15.71 38.17
N GLY A 26 -8.49 15.83 37.37
CA GLY A 26 -9.71 15.11 37.68
C GLY A 26 -10.63 15.82 38.63
N ASP A 27 -10.20 16.94 39.21
CA ASP A 27 -11.04 17.73 40.11
C ASP A 27 -10.50 19.15 40.05
N SER A 28 -11.33 20.10 40.47
CA SER A 28 -10.93 21.49 40.53
C SER A 28 -10.65 21.89 41.98
N ILE A 29 -9.57 22.65 42.20
CA ILE A 29 -9.27 23.07 43.57
C ILE A 29 -10.16 24.21 44.03
N THR A 30 -11.06 24.70 43.17
CA THR A 30 -12.06 25.69 43.58
C THR A 30 -13.29 25.05 44.19
N SER A 31 -13.24 23.75 44.48
CA SER A 31 -14.22 23.10 45.34
C SER A 31 -13.46 22.18 46.29
N GLY A 32 -13.98 22.04 47.51
CA GLY A 32 -13.36 21.21 48.51
C GLY A 32 -12.21 21.91 49.22
N TYR A 33 -11.44 21.11 49.95
CA TYR A 33 -10.34 21.56 50.78
C TYR A 33 -9.09 20.76 50.43
N TRP A 34 -7.94 21.41 50.45
CA TRP A 34 -6.75 20.86 49.82
C TRP A 34 -5.59 20.90 50.81
N ASN A 35 -5.04 19.73 51.14
CA ASN A 35 -4.27 19.53 52.35
C ASN A 35 -2.84 19.16 52.05
N TRP A 36 -1.98 19.41 53.05
CA TRP A 36 -0.61 18.92 53.10
C TRP A 36 -0.42 18.11 54.36
N ILE A 37 0.21 16.94 54.23
CA ILE A 37 0.55 16.06 55.34
C ILE A 37 1.98 15.59 55.08
N ARG A 38 2.73 15.35 56.15
CA ARG A 38 4.04 14.73 55.95
C ARG A 38 4.20 13.49 56.83
N LYS A 39 5.06 12.59 56.37
CA LYS A 39 5.39 11.35 57.07
C LYS A 39 6.87 11.37 57.38
N PHE A 40 7.22 11.37 58.66
CA PHE A 40 8.62 11.41 59.04
C PHE A 40 9.27 10.04 58.81
N PRO A 41 10.61 9.99 58.73
CA PRO A 41 11.30 8.72 58.46
C PRO A 41 10.89 7.57 59.38
N GLY A 42 10.45 7.84 60.60
CA GLY A 42 9.98 6.76 61.46
C GLY A 42 8.49 6.47 61.41
N ASN A 43 7.82 6.92 60.35
CA ASN A 43 6.42 6.67 59.99
C ASN A 43 5.37 7.50 60.74
N LYS A 44 5.75 8.46 61.57
CA LYS A 44 4.74 9.33 62.18
C LYS A 44 4.19 10.29 61.14
N LEU A 45 2.88 10.51 61.17
CA LEU A 45 2.20 11.43 60.27
C LEU A 45 1.90 12.73 60.99
N GLU A 46 2.10 13.85 60.29
CA GLU A 46 1.81 15.17 60.85
C GLU A 46 1.00 15.94 59.81
N TYR A 47 -0.21 16.32 60.20
CA TYR A 47 -1.02 17.21 59.39
C TYR A 47 -0.41 18.61 59.39
N MET A 48 -0.26 19.19 58.20
CA MET A 48 0.32 20.54 58.11
C MET A 48 -0.71 21.64 57.94
N GLY A 49 -1.68 21.47 57.05
CA GLY A 49 -2.73 22.48 56.92
C GLY A 49 -3.48 22.30 55.63
N TYR A 50 -4.38 23.26 55.36
CA TYR A 50 -5.15 23.20 54.13
C TYR A 50 -5.29 24.59 53.51
N ILE A 51 -5.62 24.59 52.23
CA ILE A 51 -6.17 25.77 51.55
C ILE A 51 -7.54 25.38 51.03
N SER A 52 -8.55 26.21 51.31
CA SER A 52 -9.92 25.89 50.98
C SER A 52 -10.24 26.26 49.53
N TYR A 53 -11.44 25.86 49.10
CA TYR A 53 -11.93 26.24 47.78
C TYR A 53 -11.93 27.74 47.58
N SER A 54 -12.01 28.52 48.66
CA SER A 54 -12.04 29.97 48.55
C SER A 54 -10.67 30.62 48.62
N GLY A 55 -9.62 29.83 48.84
CA GLY A 55 -8.30 30.39 49.06
C GLY A 55 -7.96 30.69 50.49
N SER A 56 -8.91 30.56 51.43
CA SER A 56 -8.56 30.69 52.85
C SER A 56 -7.69 29.52 53.28
N THR A 57 -6.97 29.71 54.39
CA THR A 57 -5.98 28.74 54.83
C THR A 57 -6.13 28.42 56.30
N TYR A 58 -5.78 27.17 56.64
CA TYR A 58 -5.66 26.71 58.01
C TYR A 58 -4.31 26.05 58.18
N TYR A 59 -3.63 26.33 59.29
CA TYR A 59 -2.33 25.73 59.57
C TYR A 59 -2.35 25.06 60.93
N ASN A 60 -1.79 23.86 60.99
CA ASN A 60 -1.51 23.24 62.28
C ASN A 60 -0.84 24.25 63.20
N PRO A 61 -1.35 24.48 64.40
CA PRO A 61 -0.75 25.47 65.29
C PRO A 61 0.71 25.19 65.62
N SER A 62 1.12 23.92 65.62
CA SER A 62 2.52 23.60 65.84
C SER A 62 3.41 24.07 64.69
N LEU A 63 2.82 24.37 63.53
CA LEU A 63 3.59 24.79 62.38
C LEU A 63 3.23 26.19 61.88
N LYS A 64 2.19 26.81 62.44
CA LYS A 64 1.66 28.06 61.90
C LYS A 64 2.75 29.09 61.65
N SER A 65 3.71 29.22 62.58
CA SER A 65 4.73 30.25 62.42
C SER A 65 5.74 29.93 61.33
N ARG A 66 5.70 28.75 60.73
CA ARG A 66 6.71 28.35 59.76
C ARG A 66 6.16 28.02 58.38
N ILE A 67 4.85 28.10 58.16
CA ILE A 67 4.25 27.58 56.94
C ILE A 67 3.41 28.66 56.25
N SER A 68 3.36 28.58 54.92
CA SER A 68 2.42 29.29 54.08
C SER A 68 1.88 28.31 53.06
N ILE A 69 0.61 28.42 52.73
CA ILE A 69 0.03 27.66 51.62
C ILE A 69 -0.53 28.67 50.61
N THR A 70 -0.27 28.41 49.33
CA THR A 70 -0.71 29.27 48.24
C THR A 70 -1.38 28.41 47.16
N ARG A 71 -2.07 29.06 46.24
CA ARG A 71 -2.66 28.33 45.12
C ARG A 71 -2.57 29.14 43.84
N ASP A 72 -2.67 28.43 42.73
CA ASP A 72 -2.79 28.98 41.39
C ASP A 72 -3.98 28.28 40.74
N THR A 73 -5.14 28.94 40.73
CA THR A 73 -6.34 28.31 40.21
C THR A 73 -6.26 28.11 38.70
N SER A 74 -5.49 28.95 37.98
CA SER A 74 -5.38 28.75 36.55
C SER A 74 -4.64 27.46 36.21
N LYS A 75 -3.66 27.09 37.02
CA LYS A 75 -2.92 25.86 36.81
C LYS A 75 -3.50 24.70 37.61
N ASN A 76 -4.49 24.95 38.44
CA ASN A 76 -5.09 23.94 39.31
C ASN A 76 -4.01 23.28 40.17
N GLN A 77 -3.21 24.12 40.81
CA GLN A 77 -2.09 23.70 41.64
C GLN A 77 -2.16 24.45 42.95
N TYR A 78 -1.62 23.85 44.01
CA TYR A 78 -1.42 24.60 45.25
C TYR A 78 -0.07 24.19 45.84
N SER A 79 0.46 25.08 46.69
CA SER A 79 1.85 24.96 47.10
C SER A 79 2.01 25.09 48.61
N LEU A 80 3.07 24.45 49.09
CA LEU A 80 3.49 24.49 50.49
C LEU A 80 4.83 25.18 50.57
N HIS A 81 4.95 26.14 51.46
CA HIS A 81 6.22 26.79 51.80
C HIS A 81 6.49 26.57 53.28
N LEU A 82 7.64 25.99 53.59
CA LEU A 82 8.01 25.66 54.95
C LEU A 82 9.32 26.38 55.27
N ASN A 83 9.28 27.30 56.23
CA ASN A 83 10.41 28.20 56.49
C ASN A 83 11.52 27.54 57.32
N SER A 84 12.75 28.01 57.10
CA SER A 84 13.88 27.80 58.02
C SER A 84 14.07 26.32 58.37
N VAL A 85 14.18 25.49 57.34
CA VAL A 85 14.12 24.04 57.56
C VAL A 85 15.41 23.53 58.22
N THR A 86 15.27 22.38 58.90
CA THR A 86 16.39 21.64 59.46
C THR A 86 16.20 20.17 59.13
N ALA A 87 17.18 19.33 59.48
CA ALA A 87 17.03 17.90 59.32
C ALA A 87 15.80 17.35 60.04
N GLU A 88 15.25 18.06 61.03
CA GLU A 88 14.00 17.60 61.64
C GLU A 88 12.82 17.64 60.68
N ASP A 89 12.95 18.33 59.55
CA ASP A 89 11.87 18.45 58.57
C ASP A 89 11.95 17.41 57.47
N THR A 90 13.05 16.66 57.39
CA THR A 90 13.18 15.60 56.40
C THR A 90 12.02 14.62 56.54
N ALA A 91 11.32 14.36 55.44
CA ALA A 91 10.08 13.59 55.46
C ALA A 91 9.61 13.33 54.04
N THR A 92 8.60 12.48 53.93
CA THR A 92 7.84 12.34 52.69
C THR A 92 6.62 13.23 52.81
N PHE A 93 6.45 14.13 51.86
CA PHE A 93 5.37 15.11 51.90
C PHE A 93 4.25 14.67 50.95
N TYR A 94 3.02 14.69 51.46
CA TYR A 94 1.83 14.30 50.70
C TYR A 94 0.86 15.46 50.60
N CYS A 95 0.27 15.62 49.43
CA CYS A 95 -0.97 16.38 49.33
C CYS A 95 -2.16 15.42 49.26
N ALA A 96 -3.32 15.92 49.67
CA ALA A 96 -4.50 15.06 49.73
C ALA A 96 -5.75 15.93 49.70
N ARG A 97 -6.81 15.39 49.10
CA ARG A 97 -8.07 16.10 49.01
C ARG A 97 -8.93 15.79 50.24
N TYR A 98 -9.59 16.81 50.77
CA TYR A 98 -10.70 16.60 51.69
C TYR A 98 -12.00 16.86 50.92
N TYR A 99 -12.86 15.87 50.86
CA TYR A 99 -14.13 15.96 50.17
C TYR A 99 -15.25 15.98 51.20
N GLY A 100 -16.16 16.96 51.10
CA GLY A 100 -17.25 17.07 52.04
C GLY A 100 -17.30 18.45 52.65
N ASP A 101 -17.94 18.54 53.81
CA ASP A 101 -18.09 19.82 54.49
C ASP A 101 -17.69 19.72 55.95
N ASN A 102 -18.08 20.70 56.76
CA ASN A 102 -17.70 20.69 58.17
C ASN A 102 -18.31 19.52 58.92
N TYR A 103 -19.39 18.96 58.41
CA TYR A 103 -20.20 17.94 59.08
C TYR A 103 -19.83 16.53 58.64
N VAL A 104 -19.78 16.28 57.33
CA VAL A 104 -19.53 14.96 56.77
C VAL A 104 -18.46 15.05 55.69
N GLY A 105 -17.46 14.20 55.77
CA GLY A 105 -16.45 14.12 54.73
C GLY A 105 -15.22 13.36 55.22
N ALA A 106 -14.21 13.34 54.36
CA ALA A 106 -12.95 12.67 54.67
C ALA A 106 -11.85 13.16 53.75
N MET A 107 -10.60 12.97 54.19
CA MET A 107 -9.47 13.08 53.28
C MET A 107 -9.41 11.79 52.48
N ASP A 108 -9.81 11.83 51.22
CA ASP A 108 -9.97 10.57 50.52
C ASP A 108 -8.78 10.27 49.61
N TYR A 109 -8.53 11.12 48.62
CA TYR A 109 -7.45 10.86 47.67
C TYR A 109 -6.14 11.51 48.14
N TRP A 110 -5.09 10.72 48.25
CA TRP A 110 -3.75 11.20 48.55
C TRP A 110 -2.88 11.17 47.29
N GLY A 111 -1.88 12.05 47.25
CA GLY A 111 -0.90 12.01 46.19
C GLY A 111 0.07 10.86 46.38
N GLN A 112 1.07 10.80 45.50
CA GLN A 112 2.02 9.70 45.60
C GLN A 112 3.10 9.99 46.62
N GLY A 113 3.26 11.25 47.02
CA GLY A 113 4.24 11.56 48.04
C GLY A 113 5.57 11.89 47.40
N THR A 114 6.30 12.83 47.98
CA THR A 114 7.61 13.22 47.46
C THR A 114 8.58 13.37 48.61
N SER A 115 9.76 12.78 48.46
CA SER A 115 10.78 12.83 49.50
C SER A 115 11.48 14.19 49.49
N VAL A 116 11.72 14.73 50.68
CA VAL A 116 12.55 15.93 50.80
C VAL A 116 13.53 15.70 51.93
N THR A 117 14.81 15.90 51.64
CA THR A 117 15.87 15.74 52.62
C THR A 117 16.50 17.10 52.86
N VAL A 118 16.73 17.45 54.11
CA VAL A 118 17.32 18.74 54.47
C VAL A 118 18.77 18.49 54.86
N SER A 119 19.70 18.96 54.03
CA SER A 119 21.12 18.80 54.27
C SER A 119 21.88 19.80 53.43
N SER A 120 23.03 20.23 53.95
CA SER A 120 23.91 21.11 53.21
C SER A 120 24.80 20.36 52.22
N ALA A 121 24.76 19.04 52.24
CA ALA A 121 25.61 18.24 51.36
C ALA A 121 25.17 18.36 49.90
N SER A 122 26.13 18.21 48.98
CA SER A 122 25.81 18.21 47.56
C SER A 122 25.22 16.86 47.13
N THR A 123 24.38 16.89 46.10
CA THR A 123 23.87 15.64 45.54
C THR A 123 25.01 14.78 45.02
N LYS A 124 24.80 13.46 45.02
CA LYS A 124 25.79 12.54 44.49
C LYS A 124 25.04 11.43 43.78
N GLY A 125 25.44 11.13 42.55
CA GLY A 125 24.81 10.06 41.81
C GLY A 125 25.40 8.69 42.12
N PRO A 126 24.59 7.65 41.94
CA PRO A 126 25.04 6.31 42.30
C PRO A 126 26.01 5.72 41.29
N SER A 127 26.85 4.84 41.80
CA SER A 127 27.52 3.83 40.99
C SER A 127 26.60 2.62 40.90
N VAL A 128 26.51 2.02 39.72
CA VAL A 128 25.66 0.86 39.49
C VAL A 128 26.54 -0.32 39.10
N PHE A 129 26.57 -1.33 39.95
CA PHE A 129 27.43 -2.49 39.73
C PHE A 129 26.60 -3.75 39.56
N PRO A 130 27.01 -4.67 38.68
CA PRO A 130 26.25 -5.91 38.52
C PRO A 130 26.45 -6.83 39.71
N LEU A 131 25.38 -7.53 40.08
CA LEU A 131 25.43 -8.67 41.00
C LEU A 131 25.28 -9.89 40.10
N ALA A 132 26.40 -10.49 39.69
CA ALA A 132 26.34 -11.44 38.59
C ALA A 132 25.83 -12.81 39.05
N PRO A 133 24.94 -13.43 38.30
CA PRO A 133 24.50 -14.79 38.65
C PRO A 133 25.62 -15.79 38.41
N SER A 134 25.76 -16.70 39.36
CA SER A 134 26.72 -17.80 39.29
C SER A 134 26.14 -18.95 40.09
N SER A 135 26.90 -20.05 40.18
CA SER A 135 26.47 -21.16 41.02
C SER A 135 26.38 -20.74 42.49
N LYS A 136 27.15 -19.73 42.89
CA LYS A 136 27.06 -19.17 44.24
C LYS A 136 25.74 -18.45 44.47
N SER A 137 25.01 -18.13 43.42
CA SER A 137 23.71 -17.48 43.56
C SER A 137 22.59 -18.29 42.90
N THR A 138 22.75 -19.60 42.78
CA THR A 138 21.69 -20.44 42.26
C THR A 138 21.33 -21.57 43.23
N SER A 139 20.06 -21.99 43.15
CA SER A 139 19.52 -23.14 43.88
C SER A 139 18.74 -23.99 42.88
N GLY A 140 19.35 -25.08 42.41
CA GLY A 140 18.69 -25.96 41.47
C GLY A 140 18.43 -25.29 40.13
N GLY A 141 17.15 -24.99 39.85
CA GLY A 141 16.76 -24.25 38.66
C GLY A 141 16.54 -22.76 38.87
N THR A 142 16.84 -22.23 40.04
CA THR A 142 16.62 -20.83 40.37
C THR A 142 17.94 -20.11 40.53
N ALA A 143 18.10 -18.99 39.84
CA ALA A 143 19.29 -18.16 39.93
C ALA A 143 18.88 -16.77 40.36
N ALA A 144 19.69 -16.14 41.22
CA ALA A 144 19.49 -14.76 41.60
C ALA A 144 20.56 -13.89 40.96
N LEU A 145 20.16 -12.70 40.55
CA LEU A 145 21.06 -11.72 39.96
C LEU A 145 20.54 -10.36 40.38
N GLY A 146 21.35 -9.33 40.16
CA GLY A 146 20.85 -8.03 40.59
C GLY A 146 21.78 -6.92 40.20
N CYS A 147 21.52 -5.75 40.82
CA CYS A 147 22.33 -4.55 40.64
C CYS A 147 22.55 -3.89 41.99
N LEU A 148 23.77 -3.49 42.26
CA LEU A 148 24.13 -2.74 43.45
C LEU A 148 24.17 -1.26 43.08
N VAL A 149 23.35 -0.46 43.75
CA VAL A 149 23.17 0.96 43.45
C VAL A 149 23.73 1.72 44.65
N LYS A 150 24.95 2.25 44.52
CA LYS A 150 25.79 2.52 45.68
C LYS A 150 26.25 3.97 45.70
N ASP A 151 26.30 4.55 46.90
CA ASP A 151 26.91 5.85 47.15
C ASP A 151 26.16 7.00 46.47
N TYR A 152 24.85 7.10 46.75
CA TYR A 152 24.08 8.21 46.21
C TYR A 152 23.44 9.02 47.32
N PHE A 153 23.07 10.25 46.97
CA PHE A 153 22.43 11.18 47.91
C PHE A 153 21.70 12.27 47.14
N PRO A 154 20.46 12.61 47.51
CA PRO A 154 19.60 11.99 48.54
C PRO A 154 18.72 10.91 47.92
N GLU A 155 17.82 10.35 48.73
CA GLU A 155 16.71 9.59 48.19
C GLU A 155 15.85 10.50 47.31
N PRO A 156 15.12 9.94 46.34
CA PRO A 156 14.96 8.53 46.00
C PRO A 156 15.69 8.15 44.72
N VAL A 157 15.82 6.86 44.52
CA VAL A 157 16.24 6.29 43.25
C VAL A 157 15.12 5.37 42.79
N THR A 158 14.93 5.25 41.48
CA THR A 158 14.00 4.27 40.94
C THR A 158 14.78 3.23 40.17
N VAL A 159 14.34 1.98 40.27
CA VAL A 159 14.98 0.87 39.59
C VAL A 159 13.90 0.05 38.90
N SER A 160 14.11 -0.25 37.63
CA SER A 160 13.28 -1.21 36.91
C SER A 160 14.19 -2.25 36.27
N TRP A 161 13.56 -3.31 35.74
CA TRP A 161 14.29 -4.37 35.05
C TRP A 161 13.69 -4.56 33.67
N ASN A 162 14.57 -4.62 32.66
CA ASN A 162 14.17 -4.74 31.25
C ASN A 162 13.05 -3.76 30.94
N SER A 163 13.25 -2.52 31.39
CA SER A 163 12.32 -1.41 31.18
C SER A 163 10.93 -1.73 31.70
N GLY A 164 10.85 -2.53 32.76
CA GLY A 164 9.57 -2.84 33.37
C GLY A 164 8.93 -4.13 32.89
N ALA A 165 9.56 -4.84 31.96
CA ALA A 165 9.03 -6.11 31.48
C ALA A 165 9.22 -7.22 32.49
N LEU A 166 10.12 -7.05 33.45
CA LEU A 166 10.43 -8.09 34.43
C LEU A 166 10.07 -7.56 35.81
N THR A 167 9.03 -8.15 36.43
CA THR A 167 8.62 -7.70 37.75
C THR A 167 8.48 -8.86 38.72
N SER A 168 8.19 -10.06 38.20
CA SER A 168 8.05 -11.23 39.06
C SER A 168 9.39 -11.60 39.67
N GLY A 169 9.40 -11.85 40.98
CA GLY A 169 10.60 -12.24 41.68
C GLY A 169 11.57 -11.11 41.95
N VAL A 170 11.17 -9.85 41.75
CA VAL A 170 12.04 -8.71 41.99
C VAL A 170 11.89 -8.24 43.43
N HIS A 171 13.01 -7.98 44.07
CA HIS A 171 13.08 -7.32 45.37
C HIS A 171 14.02 -6.14 45.20
N THR A 172 13.50 -4.92 45.31
CA THR A 172 14.37 -3.75 45.43
C THR A 172 14.39 -3.34 46.88
N PHE A 173 15.54 -3.53 47.52
CA PHE A 173 15.64 -3.34 48.96
C PHE A 173 15.51 -1.86 49.31
N PRO A 174 14.92 -1.55 50.47
CA PRO A 174 14.98 -0.18 50.98
C PRO A 174 16.42 0.31 51.06
N ALA A 175 16.63 1.57 50.66
CA ALA A 175 17.94 2.18 50.78
C ALA A 175 18.33 2.31 52.25
N VAL A 176 19.61 2.12 52.54
CA VAL A 176 20.12 2.21 53.91
C VAL A 176 21.33 3.14 53.90
N LEU A 177 21.35 4.09 54.81
CA LEU A 177 22.52 4.98 54.91
C LEU A 177 23.75 4.19 55.35
N GLN A 178 24.87 4.41 54.66
CA GLN A 178 26.18 3.89 55.02
C GLN A 178 26.89 4.83 55.98
N SER A 179 28.04 4.38 56.50
CA SER A 179 28.82 5.21 57.41
C SER A 179 29.42 6.43 56.72
N SER A 180 29.37 6.50 55.40
CA SER A 180 29.70 7.70 54.63
C SER A 180 28.57 8.73 54.62
N GLY A 181 27.39 8.41 55.15
CA GLY A 181 26.26 9.29 54.99
C GLY A 181 25.60 9.22 53.62
N LEU A 182 26.01 8.28 52.79
CA LEU A 182 25.44 8.07 51.47
C LEU A 182 24.58 6.81 51.46
N TYR A 183 23.57 6.79 50.59
CA TYR A 183 22.68 5.65 50.54
C TYR A 183 23.27 4.55 49.66
N SER A 184 22.83 3.32 49.93
CA SER A 184 23.12 2.19 49.04
C SER A 184 21.94 1.21 49.08
N LEU A 185 21.73 0.53 47.96
CA LEU A 185 20.73 -0.53 47.94
C LEU A 185 21.08 -1.51 46.83
N SER A 186 20.47 -2.69 46.90
CA SER A 186 20.49 -3.64 45.80
C SER A 186 19.07 -3.90 45.33
N SER A 187 18.92 -4.14 44.03
CA SER A 187 17.72 -4.71 43.46
C SER A 187 18.08 -6.07 42.89
N VAL A 188 17.31 -7.09 43.23
CA VAL A 188 17.61 -8.46 42.84
C VAL A 188 16.39 -9.06 42.17
N VAL A 189 16.62 -10.09 41.37
CA VAL A 189 15.54 -10.82 40.74
C VAL A 189 15.96 -12.28 40.69
N THR A 190 14.99 -13.17 40.84
CA THR A 190 15.23 -14.59 40.71
C THR A 190 14.57 -15.05 39.41
N VAL A 191 15.31 -15.85 38.64
CA VAL A 191 14.91 -16.25 37.30
C VAL A 191 15.26 -17.72 37.10
N PRO A 192 14.63 -18.38 36.13
CA PRO A 192 15.04 -19.75 35.82
C PRO A 192 16.49 -19.79 35.38
N SER A 193 17.25 -20.70 35.99
CA SER A 193 18.65 -20.91 35.63
C SER A 193 18.87 -20.97 34.13
N SER A 194 18.05 -21.77 33.44
CA SER A 194 18.25 -22.00 32.02
C SER A 194 18.08 -20.72 31.21
N SER A 195 17.30 -19.76 31.71
CA SER A 195 17.07 -18.53 30.95
C SER A 195 18.36 -17.73 30.75
N LEU A 196 19.35 -17.93 31.61
CA LEU A 196 20.57 -17.12 31.55
C LEU A 196 21.28 -17.28 30.21
N GLY A 197 20.95 -18.31 29.44
CA GLY A 197 21.60 -18.52 28.16
C GLY A 197 21.03 -17.75 26.99
N THR A 198 19.81 -17.21 27.12
CA THR A 198 19.27 -16.43 26.02
C THR A 198 18.59 -15.15 26.43
N GLN A 199 18.23 -14.96 27.69
CA GLN A 199 17.59 -13.72 28.10
C GLN A 199 18.64 -12.79 28.65
N THR A 200 18.65 -11.55 28.16
CA THR A 200 19.50 -10.51 28.71
C THR A 200 18.75 -9.84 29.87
N TYR A 201 19.48 -9.52 30.94
CA TYR A 201 18.90 -8.86 32.09
C TYR A 201 19.60 -7.50 32.27
N ILE A 202 18.81 -6.43 32.28
CA ILE A 202 19.31 -5.07 32.34
C ILE A 202 18.56 -4.35 33.45
N CYS A 203 19.29 -3.74 34.40
CA CYS A 203 18.64 -2.91 35.40
C CYS A 203 18.73 -1.45 34.97
N ASN A 204 17.59 -0.76 35.04
CA ASN A 204 17.46 0.64 34.70
C ASN A 204 17.41 1.42 36.01
N VAL A 205 18.37 2.32 36.20
CA VAL A 205 18.49 3.08 37.44
C VAL A 205 18.36 4.56 37.11
N ASN A 206 17.51 5.27 37.87
CA ASN A 206 17.29 6.69 37.64
C ASN A 206 17.39 7.40 38.99
N HIS A 207 18.33 8.35 39.10
CA HIS A 207 18.51 9.16 40.29
C HIS A 207 18.34 10.61 39.84
N LYS A 208 17.12 11.11 39.95
CA LYS A 208 16.80 12.42 39.41
C LYS A 208 17.55 13.57 40.10
N PRO A 209 17.77 13.55 41.42
CA PRO A 209 18.47 14.70 42.03
C PRO A 209 19.84 14.99 41.44
N SER A 210 20.58 13.97 41.01
CA SER A 210 21.94 14.15 40.48
C SER A 210 22.00 14.03 38.97
N ASN A 211 20.85 13.87 38.31
CA ASN A 211 20.79 13.72 36.86
C ASN A 211 21.57 12.49 36.38
N THR A 212 21.59 11.44 37.20
CA THR A 212 22.23 10.18 36.85
C THR A 212 21.18 9.19 36.36
N LYS A 213 21.40 8.61 35.20
CA LYS A 213 20.48 7.59 34.67
C LYS A 213 21.31 6.56 33.94
N VAL A 214 21.19 5.30 34.35
CA VAL A 214 22.12 4.25 33.96
C VAL A 214 21.31 3.00 33.64
N ASP A 215 21.61 2.36 32.50
CA ASP A 215 21.20 0.98 32.23
C ASP A 215 22.44 0.09 32.36
N LYS A 216 22.35 -0.98 33.14
CA LYS A 216 23.50 -1.85 33.37
C LYS A 216 23.13 -3.28 33.03
N ARG A 217 23.84 -3.86 32.07
CA ARG A 217 23.60 -5.25 31.73
C ARG A 217 24.28 -6.14 32.76
N VAL A 218 23.57 -7.19 33.18
CA VAL A 218 24.06 -8.09 34.22
C VAL A 218 24.31 -9.44 33.55
N GLU A 219 25.58 -9.78 33.34
CA GLU A 219 25.97 -11.01 32.66
C GLU A 219 26.34 -12.10 33.66
N PRO A 220 26.12 -13.36 33.31
CA PRO A 220 26.59 -14.45 34.17
C PRO A 220 28.10 -14.42 34.35
N LYS A 221 28.54 -14.95 35.48
CA LYS A 221 29.95 -15.09 35.81
C LYS A 221 30.24 -16.54 36.17
N SER A 222 31.49 -16.95 36.00
CA SER A 222 31.91 -18.29 36.42
C SER A 222 31.89 -18.41 37.95
N ASP B 1 -6.26 18.24 67.42
CA ASP B 1 -5.55 18.61 68.67
C ASP B 1 -5.57 17.45 69.65
N ILE B 2 -6.49 16.54 69.40
CA ILE B 2 -6.66 15.35 70.21
C ILE B 2 -5.50 14.38 69.95
N VAL B 3 -5.00 13.77 71.02
CA VAL B 3 -3.93 12.78 70.90
C VAL B 3 -4.53 11.43 70.51
N MET B 4 -4.00 10.85 69.43
CA MET B 4 -4.42 9.53 68.97
C MET B 4 -3.29 8.54 69.21
N THR B 5 -3.60 7.40 69.84
CA THR B 5 -2.57 6.47 70.29
C THR B 5 -2.85 5.05 69.82
N GLN B 6 -1.85 4.43 69.21
CA GLN B 6 -1.90 3.04 68.76
C GLN B 6 -0.75 2.33 69.44
N ALA B 7 -1.05 1.67 70.56
CA ALA B 7 0.02 1.18 71.44
C ALA B 7 0.86 0.11 70.77
N ALA B 8 0.27 -0.70 69.90
CA ALA B 8 1.01 -1.78 69.27
C ALA B 8 1.79 -1.29 68.07
N PHE B 9 3.08 -1.67 67.99
CA PHE B 9 3.85 -1.45 66.77
C PHE B 9 3.41 -2.40 65.65
N SER B 10 3.09 -3.65 66.01
CA SER B 10 2.68 -4.61 65.01
C SER B 10 1.62 -5.53 65.60
N ASN B 11 0.87 -6.19 64.71
CA ASN B 11 -0.23 -7.06 65.11
C ASN B 11 -0.12 -8.31 64.25
N PRO B 12 0.62 -9.32 64.70
CA PRO B 12 0.73 -10.57 63.93
C PRO B 12 -0.55 -11.37 64.02
N VAL B 13 -0.98 -11.90 62.88
CA VAL B 13 -2.24 -12.65 62.82
C VAL B 13 -2.07 -13.79 61.83
N THR B 14 -2.85 -14.86 62.02
CA THR B 14 -2.90 -15.92 61.03
C THR B 14 -3.96 -15.62 59.98
N LEU B 15 -3.76 -16.17 58.79
CA LEU B 15 -4.72 -15.97 57.72
C LEU B 15 -6.09 -16.51 58.11
N GLY B 16 -7.13 -15.78 57.70
CA GLY B 16 -8.49 -16.24 57.82
C GLY B 16 -9.17 -15.93 59.14
N ILE B 17 -8.45 -15.39 60.12
CA ILE B 17 -9.08 -15.03 61.39
C ILE B 17 -9.47 -13.56 61.33
N SER B 18 -10.22 -13.12 62.32
CA SER B 18 -10.50 -11.69 62.46
C SER B 18 -9.34 -11.06 63.20
N ALA B 19 -8.79 -9.99 62.64
CA ALA B 19 -7.77 -9.23 63.35
C ALA B 19 -8.42 -8.00 63.98
N SER B 20 -7.78 -7.49 65.03
CA SER B 20 -8.25 -6.27 65.67
C SER B 20 -7.04 -5.39 65.99
N ILE B 21 -7.14 -4.12 65.62
CA ILE B 21 -6.10 -3.13 65.87
C ILE B 21 -6.71 -2.01 66.69
N SER B 22 -6.07 -1.68 67.81
CA SER B 22 -6.64 -0.76 68.80
C SER B 22 -6.18 0.68 68.55
N CYS B 23 -7.05 1.61 68.90
CA CYS B 23 -6.72 3.04 68.86
C CYS B 23 -7.43 3.70 70.04
N ARG B 24 -6.75 4.64 70.70
CA ARG B 24 -7.36 5.39 71.79
C ARG B 24 -7.14 6.88 71.55
N SER B 25 -8.14 7.70 71.95
CA SER B 25 -8.05 9.15 71.81
C SER B 25 -8.08 9.80 73.19
N SER B 26 -7.48 11.00 73.28
CA SER B 26 -7.42 11.68 74.57
C SER B 26 -8.73 12.38 74.92
N LYS B 27 -9.62 12.57 73.94
CA LYS B 27 -10.96 13.10 74.16
C LYS B 27 -11.93 12.32 73.28
N SER B 28 -13.20 12.35 73.68
CA SER B 28 -14.23 11.71 72.89
C SER B 28 -14.25 12.26 71.46
N LEU B 29 -14.33 11.35 70.50
CA LEU B 29 -14.52 11.73 69.10
C LEU B 29 -15.98 11.83 68.71
N LEU B 30 -16.90 11.61 69.67
CA LEU B 30 -18.33 11.67 69.40
C LEU B 30 -18.82 13.10 69.56
N HIS B 31 -19.36 13.66 68.48
CA HIS B 31 -19.98 14.97 68.52
C HIS B 31 -21.41 14.84 69.02
N SER B 32 -21.97 15.97 69.48
CA SER B 32 -23.38 15.96 69.86
C SER B 32 -24.28 15.57 68.70
N ASN B 33 -23.84 15.79 67.46
CA ASN B 33 -24.64 15.44 66.30
C ASN B 33 -24.73 13.94 66.05
N GLY B 34 -24.11 13.11 66.90
CA GLY B 34 -24.19 11.67 66.75
C GLY B 34 -23.09 11.05 65.92
N ILE B 35 -22.20 11.84 65.33
CA ILE B 35 -21.15 11.33 64.45
C ILE B 35 -19.85 11.23 65.24
N THR B 36 -19.16 10.10 65.09
CA THR B 36 -17.83 9.90 65.67
C THR B 36 -16.80 10.17 64.60
N TYR B 37 -15.92 11.14 64.84
CA TYR B 37 -15.04 11.66 63.80
C TYR B 37 -13.72 10.90 63.82
N LEU B 38 -13.85 9.58 63.61
CA LEU B 38 -12.73 8.65 63.57
C LEU B 38 -12.55 8.11 62.16
N TYR B 39 -11.29 7.96 61.73
CA TYR B 39 -10.97 7.50 60.39
C TYR B 39 -9.90 6.42 60.48
N TRP B 40 -9.88 5.53 59.49
CA TRP B 40 -8.83 4.51 59.40
C TRP B 40 -8.21 4.59 58.01
N TYR B 41 -6.89 4.63 57.97
CA TYR B 41 -6.10 4.63 56.74
C TYR B 41 -5.19 3.42 56.73
N LEU B 42 -4.90 2.94 55.53
CA LEU B 42 -3.95 1.86 55.33
C LEU B 42 -2.86 2.31 54.39
N GLN B 43 -1.60 2.05 54.74
CA GLN B 43 -0.49 2.28 53.83
C GLN B 43 0.20 0.94 53.57
N LYS B 44 -0.05 0.39 52.38
CA LYS B 44 0.56 -0.86 51.96
C LYS B 44 1.97 -0.59 51.47
N PRO B 45 2.83 -1.62 51.46
CA PRO B 45 4.24 -1.40 51.08
C PRO B 45 4.34 -0.79 49.69
N GLY B 46 5.03 0.34 49.62
CA GLY B 46 5.25 1.00 48.35
C GLY B 46 4.13 1.89 47.86
N GLN B 47 3.03 2.03 48.59
CA GLN B 47 1.90 2.83 48.17
C GLN B 47 1.71 4.02 49.09
N SER B 48 0.92 4.99 48.63
CA SER B 48 0.47 6.10 49.47
C SER B 48 -0.59 5.59 50.46
N PRO B 49 -0.89 6.36 51.52
CA PRO B 49 -2.00 5.97 52.39
C PRO B 49 -3.31 6.00 51.64
N GLN B 50 -4.23 5.11 52.04
CA GLN B 50 -5.52 5.04 51.39
C GLN B 50 -6.61 4.98 52.45
N LEU B 51 -7.71 5.67 52.19
CA LEU B 51 -8.82 5.68 53.14
C LEU B 51 -9.52 4.32 53.17
N LEU B 52 -9.72 3.79 54.37
CA LEU B 52 -10.55 2.59 54.57
C LEU B 52 -11.95 2.94 55.07
N ILE B 53 -12.01 3.61 56.22
CA ILE B 53 -13.26 3.92 56.89
C ILE B 53 -13.27 5.40 57.26
N TYR B 54 -14.40 6.07 57.05
CA TYR B 54 -14.52 7.46 57.47
C TYR B 54 -15.71 7.64 58.40
N GLN B 55 -15.49 8.45 59.43
CA GLN B 55 -16.49 8.74 60.46
C GLN B 55 -17.05 7.46 61.05
N MET B 56 -16.13 6.55 61.39
CA MET B 56 -16.37 5.33 62.16
C MET B 56 -17.15 4.25 61.40
N SER B 57 -18.21 4.60 60.69
CA SER B 57 -19.14 3.58 60.20
C SER B 57 -19.30 3.52 58.69
N ASN B 58 -18.55 4.31 57.93
CA ASN B 58 -18.70 4.38 56.48
C ASN B 58 -17.48 3.79 55.81
N LEU B 59 -17.70 2.92 54.81
CA LEU B 59 -16.61 2.32 54.06
C LEU B 59 -16.28 3.19 52.86
N ALA B 60 -14.99 3.43 52.64
CA ALA B 60 -14.61 4.14 51.42
C ALA B 60 -14.90 3.29 50.19
N SER B 61 -15.05 3.97 49.06
CA SER B 61 -15.34 3.29 47.81
C SER B 61 -14.22 2.33 47.44
N GLY B 62 -14.61 1.13 47.01
CA GLY B 62 -13.64 0.11 46.64
C GLY B 62 -13.13 -0.74 47.79
N VAL B 63 -13.48 -0.40 49.03
CA VAL B 63 -12.94 -1.12 50.17
C VAL B 63 -13.83 -2.31 50.48
N PRO B 64 -13.28 -3.53 50.57
CA PRO B 64 -14.10 -4.70 50.87
C PRO B 64 -14.81 -4.58 52.21
N ASP B 65 -15.96 -5.23 52.31
CA ASP B 65 -16.83 -5.22 53.48
C ASP B 65 -16.25 -5.96 54.71
N ARG B 66 -15.00 -6.41 54.64
CA ARG B 66 -14.33 -7.08 55.74
C ARG B 66 -13.78 -6.13 56.79
N PHE B 67 -13.84 -4.81 56.57
CA PHE B 67 -13.32 -3.84 57.54
C PHE B 67 -14.47 -3.18 58.30
N SER B 68 -14.34 -3.13 59.62
CA SER B 68 -15.35 -2.48 60.44
C SER B 68 -14.69 -1.88 61.67
N SER B 69 -15.35 -0.86 62.24
CA SER B 69 -14.82 -0.13 63.37
C SER B 69 -15.80 -0.23 64.53
N SER B 70 -15.28 -0.54 65.71
CA SER B 70 -16.07 -0.75 66.92
C SER B 70 -15.51 0.12 68.04
N GLY B 71 -16.22 0.12 69.16
CA GLY B 71 -15.86 0.98 70.26
C GLY B 71 -16.70 2.24 70.27
N SER B 72 -16.50 3.04 71.31
CA SER B 72 -17.18 4.32 71.41
C SER B 72 -16.35 5.26 72.27
N GLY B 73 -16.49 6.55 71.98
CA GLY B 73 -15.91 7.58 72.83
C GLY B 73 -14.45 7.82 72.63
N THR B 74 -13.62 7.12 73.42
CA THR B 74 -12.18 7.25 73.34
C THR B 74 -11.46 5.94 73.05
N ASP B 75 -12.16 4.81 72.98
CA ASP B 75 -11.52 3.52 72.79
C ASP B 75 -12.13 2.84 71.58
N PHE B 76 -11.30 2.57 70.58
CA PHE B 76 -11.81 2.05 69.32
C PHE B 76 -10.96 0.87 68.87
N THR B 77 -11.55 0.11 67.95
CA THR B 77 -10.92 -1.06 67.35
C THR B 77 -11.27 -1.08 65.87
N LEU B 78 -10.26 -1.27 65.03
CA LEU B 78 -10.48 -1.67 63.63
C LEU B 78 -10.53 -3.19 63.57
N ARG B 79 -11.59 -3.74 62.98
CA ARG B 79 -11.70 -5.18 62.84
C ARG B 79 -11.59 -5.55 61.38
N ILE B 80 -10.71 -6.51 61.08
CA ILE B 80 -10.55 -7.03 59.72
C ILE B 80 -11.01 -8.47 59.74
N SER B 81 -12.14 -8.76 59.12
CA SER B 81 -12.62 -10.14 59.13
C SER B 81 -11.91 -10.92 58.04
N ARG B 82 -11.62 -12.19 58.33
CA ARG B 82 -11.00 -13.14 57.39
C ARG B 82 -9.77 -12.53 56.71
N VAL B 83 -8.76 -12.26 57.54
CA VAL B 83 -7.57 -11.56 57.05
C VAL B 83 -6.93 -12.28 55.87
N GLU B 84 -6.55 -11.51 54.86
CA GLU B 84 -5.87 -12.02 53.67
C GLU B 84 -4.42 -11.58 53.65
N ALA B 85 -3.58 -12.30 52.90
CA ALA B 85 -2.17 -11.94 52.81
C ALA B 85 -1.98 -10.53 52.29
N GLU B 86 -2.85 -10.07 51.40
CA GLU B 86 -2.75 -8.75 50.82
C GLU B 86 -3.13 -7.64 51.80
N ASP B 87 -3.58 -7.97 53.01
CA ASP B 87 -3.93 -6.95 53.99
C ASP B 87 -2.72 -6.36 54.70
N VAL B 88 -1.50 -6.89 54.50
CA VAL B 88 -0.35 -6.39 55.25
C VAL B 88 -0.07 -4.93 54.91
N GLY B 89 0.40 -4.20 55.90
CA GLY B 89 0.64 -2.77 55.76
C GLY B 89 0.49 -2.11 57.12
N VAL B 90 0.61 -0.79 57.13
CA VAL B 90 0.49 -0.03 58.37
C VAL B 90 -0.88 0.61 58.42
N TYR B 91 -1.63 0.33 59.50
CA TYR B 91 -2.97 0.85 59.70
C TYR B 91 -2.90 2.04 60.67
N TYR B 92 -3.40 3.19 60.24
CA TYR B 92 -3.43 4.41 61.06
C TYR B 92 -4.86 4.78 61.40
N CYS B 93 -5.11 5.10 62.66
CA CYS B 93 -6.33 5.81 63.02
C CYS B 93 -6.08 7.31 62.94
N ALA B 94 -7.16 8.07 62.82
CA ALA B 94 -7.05 9.51 62.67
C ALA B 94 -8.35 10.12 63.17
N GLN B 95 -8.28 11.41 63.52
CA GLN B 95 -9.49 12.16 63.88
C GLN B 95 -9.43 13.57 63.28
N ASN B 96 -10.61 14.14 63.08
CA ASN B 96 -10.73 15.56 62.74
C ASN B 96 -11.93 16.20 63.43
N LEU B 97 -12.33 15.67 64.59
CA LEU B 97 -13.32 16.37 65.42
C LEU B 97 -12.85 17.78 65.73
N GLU B 98 -11.57 17.92 66.11
CA GLU B 98 -10.90 19.20 66.26
C GLU B 98 -9.75 19.25 65.27
N LEU B 99 -9.57 20.36 64.62
CA LEU B 99 -8.33 20.47 63.87
C LEU B 99 -7.18 20.83 64.82
N PRO B 100 -5.93 20.46 64.46
CA PRO B 100 -5.52 19.77 63.24
C PRO B 100 -5.94 18.31 63.21
N TRP B 101 -6.09 17.72 62.02
CA TRP B 101 -6.09 16.27 61.93
C TRP B 101 -4.94 15.73 62.76
N THR B 102 -5.18 14.64 63.48
CA THR B 102 -4.10 13.95 64.17
C THR B 102 -4.24 12.45 63.92
N PHE B 103 -3.11 11.76 63.95
CA PHE B 103 -3.00 10.37 63.53
C PHE B 103 -2.38 9.57 64.65
N GLY B 104 -2.79 8.31 64.78
CA GLY B 104 -2.07 7.37 65.60
C GLY B 104 -0.70 7.07 65.00
N GLY B 105 0.17 6.47 65.80
CA GLY B 105 1.48 6.16 65.27
C GLY B 105 1.53 4.99 64.32
N GLY B 106 0.39 4.37 64.01
CA GLY B 106 0.36 3.24 63.10
C GLY B 106 0.57 1.92 63.80
N THR B 107 -0.02 0.87 63.22
CA THR B 107 0.22 -0.50 63.66
C THR B 107 0.37 -1.35 62.41
N LYS B 108 1.48 -2.08 62.32
CA LYS B 108 1.75 -2.91 61.15
C LYS B 108 1.06 -4.26 61.29
N LEU B 109 0.19 -4.60 60.36
CA LEU B 109 -0.39 -5.94 60.34
C LEU B 109 0.62 -6.91 59.73
N GLU B 110 0.88 -8.02 60.41
CA GLU B 110 1.85 -9.01 59.95
C GLU B 110 1.17 -10.36 59.86
N ILE B 111 1.39 -11.09 58.75
CA ILE B 111 0.86 -12.44 58.61
C ILE B 111 1.83 -13.41 59.26
N LYS B 112 1.31 -14.22 60.18
CA LYS B 112 2.07 -15.35 60.72
C LYS B 112 1.85 -16.50 59.75
N ARG B 113 2.84 -16.76 58.91
CA ARG B 113 2.79 -17.91 58.03
C ARG B 113 3.73 -18.99 58.56
N THR B 114 3.79 -20.13 57.87
CA THR B 114 4.74 -21.16 58.28
C THR B 114 6.17 -20.65 58.22
N VAL B 115 6.98 -21.11 59.18
CA VAL B 115 8.42 -20.87 59.11
C VAL B 115 8.91 -21.30 57.74
N ALA B 116 9.82 -20.51 57.18
CA ALA B 116 10.40 -20.71 55.85
C ALA B 116 11.85 -20.29 55.95
N ALA B 117 12.75 -21.17 55.60
CA ALA B 117 14.17 -20.81 55.67
C ALA B 117 14.57 -19.91 54.52
N PRO B 118 15.63 -19.12 54.69
CA PRO B 118 16.12 -18.32 53.57
C PRO B 118 16.88 -19.20 52.58
N SER B 119 16.72 -18.91 51.29
CA SER B 119 17.74 -19.32 50.33
C SER B 119 18.87 -18.30 50.40
N VAL B 120 20.10 -18.77 50.55
CA VAL B 120 21.24 -17.89 50.75
C VAL B 120 22.06 -17.84 49.47
N PHE B 121 22.24 -16.64 48.95
CA PHE B 121 22.99 -16.40 47.73
C PHE B 121 24.10 -15.42 48.03
N ILE B 122 25.26 -15.58 47.40
CA ILE B 122 26.36 -14.64 47.64
C ILE B 122 26.92 -14.13 46.30
N PHE B 123 27.29 -12.86 46.28
CA PHE B 123 27.76 -12.18 45.07
C PHE B 123 29.12 -11.57 45.37
N PRO B 124 30.18 -12.03 44.72
CA PRO B 124 31.47 -11.35 44.86
C PRO B 124 31.44 -9.98 44.18
N PRO B 125 32.43 -9.13 44.44
CA PRO B 125 32.46 -7.81 43.78
C PRO B 125 32.62 -7.93 42.27
N SER B 126 32.10 -6.93 41.58
CA SER B 126 32.27 -6.80 40.15
C SER B 126 33.66 -6.30 39.81
N ASP B 127 34.13 -6.64 38.60
CA ASP B 127 35.39 -6.08 38.12
C ASP B 127 35.27 -4.57 38.01
N GLU B 128 34.11 -4.07 37.58
CA GLU B 128 33.92 -2.63 37.49
C GLU B 128 34.14 -1.94 38.83
N GLN B 129 33.56 -2.49 39.90
CA GLN B 129 33.76 -1.86 41.20
C GLN B 129 35.22 -1.96 41.66
N LEU B 130 35.83 -3.13 41.47
CA LEU B 130 37.23 -3.30 41.85
C LEU B 130 38.12 -2.31 41.12
N LYS B 131 37.88 -2.10 39.82
CA LYS B 131 38.65 -1.11 39.07
C LYS B 131 38.59 0.26 39.72
N SER B 132 37.55 0.55 40.49
CA SER B 132 37.41 1.83 41.15
C SER B 132 37.98 1.85 42.57
N GLY B 133 38.55 0.74 43.04
CA GLY B 133 39.26 0.72 44.30
C GLY B 133 38.48 0.27 45.52
N THR B 134 37.27 -0.27 45.35
CA THR B 134 36.51 -0.79 46.49
C THR B 134 35.91 -2.14 46.10
N ALA B 135 35.50 -2.88 47.13
CA ALA B 135 34.95 -4.22 46.93
C ALA B 135 33.74 -4.38 47.84
N SER B 136 32.57 -4.60 47.25
CA SER B 136 31.35 -4.88 48.02
C SER B 136 30.97 -6.33 47.77
N VAL B 137 30.75 -7.07 48.86
CA VAL B 137 30.28 -8.45 48.81
C VAL B 137 28.85 -8.46 49.33
N VAL B 138 27.94 -9.09 48.60
CA VAL B 138 26.52 -9.05 48.94
C VAL B 138 26.04 -10.46 49.24
N CYS B 139 25.42 -10.63 50.40
CA CYS B 139 24.77 -11.87 50.79
C CYS B 139 23.27 -11.63 50.78
N LEU B 140 22.54 -12.48 50.08
CA LEU B 140 21.09 -12.33 49.95
C LEU B 140 20.40 -13.50 50.63
N LEU B 141 19.44 -13.19 51.51
CA LEU B 141 18.60 -14.19 52.14
C LEU B 141 17.23 -14.01 51.51
N ASN B 142 16.79 -15.00 50.73
CA ASN B 142 15.56 -14.82 49.97
C ASN B 142 14.39 -15.60 50.57
N ASN B 143 13.26 -14.92 50.70
CA ASN B 143 11.93 -15.49 50.95
C ASN B 143 11.90 -16.38 52.19
N PHE B 144 11.95 -15.72 53.35
CA PHE B 144 11.97 -16.45 54.61
C PHE B 144 10.94 -15.86 55.56
N TYR B 145 10.65 -16.61 56.62
CA TYR B 145 9.74 -16.20 57.69
C TYR B 145 10.16 -16.99 58.92
N PRO B 146 10.28 -16.37 60.12
CA PRO B 146 9.99 -14.98 60.49
C PRO B 146 11.10 -14.04 60.07
N ARG B 147 10.89 -12.73 60.29
CA ARG B 147 11.84 -11.72 59.85
C ARG B 147 13.19 -11.82 60.56
N GLU B 148 13.21 -12.38 61.76
CA GLU B 148 14.44 -12.39 62.55
C GLU B 148 15.47 -13.32 61.93
N ALA B 149 16.68 -12.81 61.72
CA ALA B 149 17.72 -13.60 61.11
C ALA B 149 19.05 -13.01 61.53
N LYS B 150 20.06 -13.85 61.67
CA LYS B 150 21.39 -13.39 62.03
C LYS B 150 22.34 -13.69 60.87
N VAL B 151 23.01 -12.67 60.35
CA VAL B 151 23.96 -12.85 59.26
C VAL B 151 25.31 -12.35 59.73
N GLN B 152 26.31 -13.21 59.67
CA GLN B 152 27.66 -12.86 60.10
C GLN B 152 28.61 -13.04 58.93
N TRP B 153 29.58 -12.13 58.83
CA TRP B 153 30.60 -12.21 57.81
C TRP B 153 31.88 -12.79 58.41
N LYS B 154 32.46 -13.75 57.71
CA LYS B 154 33.70 -14.38 58.13
C LYS B 154 34.68 -14.30 56.97
N VAL B 155 35.88 -13.80 57.25
CA VAL B 155 36.91 -13.61 56.24
C VAL B 155 38.10 -14.44 56.67
N ASP B 156 38.44 -15.46 55.88
CA ASP B 156 39.45 -16.43 56.25
C ASP B 156 39.22 -17.00 57.64
N ASN B 157 37.96 -17.32 57.93
CA ASN B 157 37.47 -17.86 59.20
C ASN B 157 37.50 -16.85 60.34
N ALA B 158 37.82 -15.60 60.07
CA ALA B 158 37.80 -14.56 61.10
C ALA B 158 36.46 -13.85 61.06
N LEU B 159 35.75 -13.84 62.19
CA LEU B 159 34.49 -13.12 62.27
C LEU B 159 34.73 -11.62 62.12
N GLN B 160 33.93 -10.97 61.29
CA GLN B 160 34.02 -9.53 61.07
C GLN B 160 33.14 -8.79 62.06
N SER B 161 33.72 -7.78 62.72
CA SER B 161 32.98 -6.99 63.68
C SER B 161 32.26 -5.80 63.03
N GLY B 162 32.65 -5.42 61.82
CA GLY B 162 32.04 -4.28 61.19
C GLY B 162 32.10 -4.30 59.67
N ASN B 163 31.90 -3.12 59.08
CA ASN B 163 31.96 -2.87 57.63
C ASN B 163 30.81 -3.49 56.87
N SER B 164 29.70 -3.86 57.52
CA SER B 164 28.56 -4.41 56.80
C SER B 164 27.27 -3.76 57.28
N GLN B 165 26.25 -3.80 56.42
CA GLN B 165 24.94 -3.30 56.80
C GLN B 165 23.86 -4.15 56.12
N GLU B 166 22.69 -4.17 56.74
CA GLU B 166 21.57 -4.99 56.29
C GLU B 166 20.40 -4.14 55.81
N SER B 167 19.62 -4.69 54.90
CA SER B 167 18.32 -4.13 54.56
C SER B 167 17.32 -5.26 54.43
N VAL B 168 16.08 -5.01 54.86
CA VAL B 168 15.04 -6.04 54.85
C VAL B 168 13.81 -5.50 54.12
N THR B 169 13.22 -6.31 53.25
CA THR B 169 11.98 -5.91 52.60
C THR B 169 10.83 -5.89 53.61
N GLU B 170 9.79 -5.14 53.25
CA GLU B 170 8.51 -5.33 53.92
C GLU B 170 7.98 -6.74 53.63
N GLN B 171 7.08 -7.20 54.48
CA GLN B 171 6.50 -8.52 54.24
C GLN B 171 5.76 -8.55 52.90
N ASP B 172 6.03 -9.59 52.11
CA ASP B 172 5.48 -9.67 50.77
C ASP B 172 3.97 -9.91 50.83
N SER B 173 3.23 -9.15 50.00
CA SER B 173 1.77 -9.21 49.99
C SER B 173 1.23 -10.52 49.44
N LYS B 174 2.03 -11.30 48.73
CA LYS B 174 1.51 -12.54 48.15
C LYS B 174 1.97 -13.79 48.87
N ASP B 175 3.25 -13.90 49.25
CA ASP B 175 3.70 -15.13 49.91
C ASP B 175 4.05 -14.93 51.39
N SER B 176 3.89 -13.71 51.93
CA SER B 176 4.06 -13.40 53.34
C SER B 176 5.50 -13.63 53.83
N THR B 177 6.49 -13.55 52.94
CA THR B 177 7.89 -13.72 53.32
C THR B 177 8.63 -12.38 53.36
N TYR B 178 9.81 -12.43 53.95
CA TYR B 178 10.79 -11.35 53.90
C TYR B 178 11.97 -11.77 53.05
N SER B 179 12.72 -10.79 52.59
CA SER B 179 14.05 -11.02 52.03
C SER B 179 14.97 -9.97 52.64
N LEU B 180 16.27 -10.28 52.63
CA LEU B 180 17.25 -9.48 53.35
C LEU B 180 18.54 -9.46 52.57
N SER B 181 19.19 -8.30 52.53
CA SER B 181 20.54 -8.20 51.99
C SER B 181 21.48 -7.84 53.14
N SER B 182 22.68 -8.41 53.10
CA SER B 182 23.77 -7.95 53.96
C SER B 182 24.96 -7.67 53.05
N THR B 183 25.52 -6.47 53.16
CA THR B 183 26.52 -5.99 52.22
C THR B 183 27.77 -5.62 53.01
N LEU B 184 28.87 -6.28 52.72
CA LEU B 184 30.18 -5.99 53.31
C LEU B 184 31.01 -5.21 52.30
N THR B 185 31.52 -4.04 52.70
CA THR B 185 32.27 -3.23 51.76
C THR B 185 33.65 -2.94 52.34
N LEU B 186 34.68 -3.18 51.54
CA LEU B 186 36.07 -3.04 51.96
C LEU B 186 36.80 -2.23 50.90
N SER B 187 37.91 -1.59 51.30
CA SER B 187 38.79 -1.08 50.26
C SER B 187 39.33 -2.26 49.47
N LYS B 188 39.64 -2.01 48.19
CA LYS B 188 40.26 -3.05 47.38
C LYS B 188 41.54 -3.58 48.04
N ALA B 189 42.34 -2.68 48.64
CA ALA B 189 43.53 -3.13 49.34
C ALA B 189 43.21 -4.10 50.47
N ASP B 190 42.18 -3.80 51.28
CA ASP B 190 41.86 -4.73 52.35
C ASP B 190 41.26 -6.03 51.81
N TYR B 191 40.45 -5.92 50.75
CA TYR B 191 39.84 -7.10 50.16
C TYR B 191 40.89 -8.08 49.66
N GLU B 192 41.97 -7.55 49.09
CA GLU B 192 42.99 -8.42 48.50
C GLU B 192 43.96 -8.96 49.53
N LYS B 193 43.76 -8.67 50.81
CA LYS B 193 44.56 -9.29 51.84
C LYS B 193 44.09 -10.70 52.18
N HIS B 194 42.87 -11.06 51.78
CA HIS B 194 42.24 -12.27 52.29
C HIS B 194 41.79 -13.14 51.14
N LYS B 195 41.53 -14.41 51.47
CA LYS B 195 41.19 -15.43 50.49
C LYS B 195 39.70 -15.74 50.49
N VAL B 196 39.15 -16.17 51.62
CA VAL B 196 37.82 -16.77 51.67
C VAL B 196 36.85 -15.76 52.29
N TYR B 197 35.77 -15.48 51.58
CA TYR B 197 34.73 -14.59 52.05
C TYR B 197 33.45 -15.40 52.23
N ALA B 198 32.84 -15.30 53.39
CA ALA B 198 31.73 -16.17 53.75
C ALA B 198 30.68 -15.40 54.54
N CYS B 199 29.40 -15.63 54.23
CA CYS B 199 28.33 -15.17 55.10
C CYS B 199 27.70 -16.39 55.77
N GLU B 200 27.58 -16.32 57.09
CA GLU B 200 27.01 -17.38 57.90
C GLU B 200 25.66 -16.93 58.40
N VAL B 201 24.63 -17.75 58.19
CA VAL B 201 23.24 -17.35 58.38
C VAL B 201 22.63 -18.24 59.44
N THR B 202 21.97 -17.63 60.42
CA THR B 202 21.24 -18.34 61.47
C THR B 202 19.77 -17.96 61.34
N HIS B 203 18.88 -18.93 61.41
CA HIS B 203 17.46 -18.58 61.24
C HIS B 203 16.61 -19.70 61.82
N GLN B 204 15.38 -19.34 62.22
CA GLN B 204 14.46 -20.33 62.78
C GLN B 204 14.29 -21.55 61.87
N GLY B 205 14.27 -21.34 60.57
CA GLY B 205 14.02 -22.46 59.67
C GLY B 205 15.22 -23.32 59.36
N LEU B 206 16.40 -22.95 59.84
CA LEU B 206 17.61 -23.73 59.62
C LEU B 206 17.95 -24.51 60.89
N SER B 207 18.26 -25.79 60.74
CA SER B 207 18.59 -26.61 61.91
C SER B 207 19.96 -26.27 62.46
N SER B 208 20.85 -25.74 61.63
CA SER B 208 22.13 -25.24 62.08
C SER B 208 22.50 -24.05 61.19
N PRO B 209 23.51 -23.27 61.56
CA PRO B 209 23.92 -22.15 60.70
C PRO B 209 24.37 -22.65 59.33
N VAL B 210 24.07 -21.85 58.31
CA VAL B 210 24.45 -22.13 56.94
C VAL B 210 25.46 -21.08 56.51
N THR B 211 26.55 -21.52 55.86
CA THR B 211 27.55 -20.58 55.35
C THR B 211 27.66 -20.74 53.84
N LYS B 212 27.62 -19.61 53.12
CA LYS B 212 27.93 -19.59 51.70
C LYS B 212 29.21 -18.80 51.53
N SER B 213 30.13 -19.32 50.72
CA SER B 213 31.45 -18.71 50.66
C SER B 213 32.00 -18.77 49.26
N PHE B 214 33.00 -17.92 49.01
CA PHE B 214 33.79 -18.06 47.80
C PHE B 214 35.23 -17.72 48.11
N ASN B 215 36.09 -18.13 47.20
CA ASN B 215 37.53 -17.90 47.26
C ASN B 215 37.88 -16.79 46.28
N ARG B 216 38.46 -15.70 46.78
CA ARG B 216 38.72 -14.53 45.94
C ARG B 216 39.59 -14.86 44.73
N GLU C 1 32.04 -42.58 80.04
CA GLU C 1 31.30 -42.80 81.29
C GLU C 1 29.81 -42.56 81.06
N VAL C 2 29.35 -42.90 79.86
CA VAL C 2 27.93 -42.89 79.52
C VAL C 2 27.31 -44.21 79.95
N GLN C 3 26.12 -44.15 80.54
CA GLN C 3 25.36 -45.34 80.87
C GLN C 3 24.06 -45.32 80.08
N LEU C 4 23.72 -46.47 79.47
CA LEU C 4 22.48 -46.65 78.73
C LEU C 4 21.69 -47.79 79.36
N GLN C 5 20.36 -47.63 79.42
CA GLN C 5 19.50 -48.62 80.06
C GLN C 5 18.22 -48.78 79.26
N GLU C 6 18.02 -49.98 78.72
CA GLU C 6 16.80 -50.33 78.01
C GLU C 6 15.70 -50.69 79.00
N SER C 7 14.45 -50.38 78.63
CA SER C 7 13.29 -50.81 79.40
C SER C 7 12.10 -51.03 78.46
N GLY C 8 11.13 -51.81 78.94
CA GLY C 8 9.98 -52.17 78.15
C GLY C 8 9.52 -53.57 78.46
N PRO C 9 8.53 -54.06 77.71
CA PRO C 9 7.93 -55.36 78.06
C PRO C 9 8.83 -56.53 77.70
N SER C 10 8.75 -57.57 78.52
CA SER C 10 9.45 -58.82 78.23
C SER C 10 8.71 -59.68 77.22
N LEU C 11 7.41 -59.46 77.06
CA LEU C 11 6.57 -60.35 76.27
C LEU C 11 5.58 -59.51 75.49
N VAL C 12 5.56 -59.70 74.17
CA VAL C 12 4.65 -58.95 73.28
C VAL C 12 3.92 -59.96 72.41
N LYS C 13 2.64 -59.66 72.10
CA LYS C 13 1.87 -60.60 71.30
C LYS C 13 2.12 -60.39 69.80
N PRO C 14 2.04 -61.47 69.01
CA PRO C 14 2.20 -61.33 67.57
C PRO C 14 1.23 -60.31 67.00
N SER C 15 1.73 -59.49 66.07
CA SER C 15 1.08 -58.41 65.36
C SER C 15 0.98 -57.13 66.19
N GLN C 16 1.32 -57.15 67.48
CA GLN C 16 1.35 -55.93 68.27
C GLN C 16 2.59 -55.10 67.90
N THR C 17 2.62 -53.87 68.42
CA THR C 17 3.80 -53.02 68.27
C THR C 17 4.64 -53.13 69.54
N LEU C 18 5.90 -53.52 69.35
CA LEU C 18 6.88 -53.50 70.44
C LEU C 18 7.45 -52.09 70.59
N SER C 19 7.46 -51.59 71.83
CA SER C 19 8.05 -50.29 72.14
C SER C 19 9.04 -50.46 73.28
N LEU C 20 10.30 -50.07 73.05
CA LEU C 20 11.34 -50.08 74.06
C LEU C 20 11.89 -48.67 74.24
N THR C 21 12.38 -48.38 75.44
CA THR C 21 12.96 -47.07 75.75
C THR C 21 14.39 -47.23 76.23
N CYS C 22 15.26 -46.34 75.80
CA CYS C 22 16.64 -46.27 76.28
C CYS C 22 16.81 -44.97 77.06
N SER C 23 17.11 -45.09 78.35
CA SER C 23 17.40 -43.94 79.20
C SER C 23 18.91 -43.74 79.24
N VAL C 24 19.35 -42.50 79.01
CA VAL C 24 20.77 -42.20 78.84
C VAL C 24 21.20 -41.26 79.97
N THR C 25 22.31 -41.60 80.61
CA THR C 25 22.85 -40.76 81.65
C THR C 25 24.35 -40.61 81.42
N GLY C 26 24.90 -39.45 81.80
CA GLY C 26 26.30 -39.14 81.57
C GLY C 26 26.62 -38.51 80.24
N ASP C 27 25.61 -38.27 79.40
CA ASP C 27 25.76 -37.65 78.09
C ASP C 27 24.38 -37.23 77.63
N SER C 28 24.34 -36.26 76.73
CA SER C 28 23.09 -35.76 76.19
C SER C 28 22.85 -36.36 74.82
N ILE C 29 21.61 -36.80 74.56
CA ILE C 29 21.30 -37.35 73.23
C ILE C 29 21.16 -36.28 72.18
N THR C 30 21.34 -35.00 72.54
CA THR C 30 21.42 -33.92 71.56
C THR C 30 22.82 -33.74 70.99
N SER C 31 23.72 -34.70 71.23
CA SER C 31 24.98 -34.82 70.50
C SER C 31 25.25 -36.30 70.25
N GLY C 32 25.89 -36.62 69.13
CA GLY C 32 26.15 -37.99 68.76
C GLY C 32 24.98 -38.64 68.02
N TYR C 33 25.09 -39.96 67.84
CA TYR C 33 24.05 -40.75 67.18
C TYR C 33 23.64 -41.88 68.09
N TRP C 34 22.36 -42.21 68.09
CA TRP C 34 21.79 -43.08 69.11
C TRP C 34 21.09 -44.26 68.45
N ASN C 35 21.60 -45.47 68.70
CA ASN C 35 21.35 -46.63 67.85
C ASN C 35 20.56 -47.69 68.59
N TRP C 36 19.95 -48.59 67.81
CA TRP C 36 19.34 -49.81 68.30
C TRP C 36 19.93 -51.00 67.54
N ILE C 37 20.32 -52.04 68.28
CA ILE C 37 20.88 -53.27 67.73
C ILE C 37 20.18 -54.41 68.45
N ARG C 38 19.92 -55.51 67.74
CA ARG C 38 19.37 -56.68 68.42
C ARG C 38 20.23 -57.90 68.14
N LYS C 39 20.17 -58.85 69.08
CA LYS C 39 20.92 -60.09 69.04
C LYS C 39 19.91 -61.23 69.09
N PHE C 40 19.82 -61.99 68.01
CA PHE C 40 18.85 -63.07 67.94
C PHE C 40 19.30 -64.24 68.81
N PRO C 41 18.37 -65.13 69.18
CA PRO C 41 18.76 -66.29 70.02
C PRO C 41 19.96 -67.05 69.51
N GLY C 42 20.19 -67.09 68.20
CA GLY C 42 21.36 -67.73 67.65
C GLY C 42 22.64 -66.93 67.68
N ASN C 43 22.64 -65.76 68.35
CA ASN C 43 23.79 -64.84 68.52
C ASN C 43 24.15 -64.04 67.27
N LYS C 44 23.27 -64.00 66.27
CA LYS C 44 23.45 -63.06 65.17
C LYS C 44 23.00 -61.67 65.61
N LEU C 45 23.82 -60.65 65.32
CA LEU C 45 23.51 -59.26 65.61
C LEU C 45 22.89 -58.61 64.37
N GLU C 46 21.89 -57.77 64.59
CA GLU C 46 21.26 -57.01 63.50
C GLU C 46 21.16 -55.55 63.90
N TYR C 47 21.74 -54.67 63.09
CA TYR C 47 21.62 -53.24 63.31
C TYR C 47 20.24 -52.77 62.85
N MET C 48 19.56 -52.00 63.71
CA MET C 48 18.19 -51.62 63.42
C MET C 48 18.07 -50.19 62.91
N GLY C 49 18.76 -49.25 63.53
CA GLY C 49 18.77 -47.88 63.05
C GLY C 49 19.30 -46.95 64.11
N TYR C 50 19.26 -45.64 63.78
CA TYR C 50 19.68 -44.62 64.73
C TYR C 50 18.72 -43.44 64.65
N ILE C 51 18.79 -42.59 65.68
CA ILE C 51 18.27 -41.23 65.63
C ILE C 51 19.45 -40.30 65.91
N SER C 52 19.60 -39.25 65.10
CA SER C 52 20.75 -38.38 65.25
C SER C 52 20.51 -37.35 66.35
N TYR C 53 21.59 -36.65 66.70
CA TYR C 53 21.50 -35.55 67.65
C TYR C 53 20.48 -34.51 67.23
N SER C 54 20.17 -34.43 65.94
CA SER C 54 19.21 -33.44 65.42
C SER C 54 17.81 -34.01 65.27
N GLY C 55 17.61 -35.30 65.53
CA GLY C 55 16.31 -35.92 65.42
C GLY C 55 16.02 -36.58 64.09
N SER C 56 16.97 -36.61 63.16
CA SER C 56 16.79 -37.37 61.94
C SER C 56 17.06 -38.85 62.20
N THR C 57 16.32 -39.70 61.50
CA THR C 57 16.40 -41.14 61.74
C THR C 57 16.88 -41.86 60.49
N TYR C 58 17.64 -42.92 60.72
CA TYR C 58 18.01 -43.88 59.68
C TYR C 58 17.50 -45.25 60.13
N TYR C 59 16.90 -45.98 59.20
CA TYR C 59 16.41 -47.33 59.48
C TYR C 59 17.07 -48.31 58.52
N ASN C 60 17.48 -49.46 59.08
CA ASN C 60 17.93 -50.57 58.25
C ASN C 60 16.84 -50.90 57.22
N PRO C 61 17.18 -50.92 55.91
CA PRO C 61 16.15 -51.18 54.90
C PRO C 61 15.36 -52.46 55.10
N SER C 62 15.93 -53.46 55.77
CA SER C 62 15.19 -54.69 56.02
C SER C 62 14.04 -54.48 57.00
N LEU C 63 14.03 -53.36 57.73
CA LEU C 63 13.01 -53.07 58.73
C LEU C 63 12.17 -51.83 58.45
N LYS C 64 12.62 -50.96 57.55
CA LYS C 64 12.12 -49.59 57.40
C LYS C 64 10.59 -49.48 57.44
N SER C 65 9.89 -50.47 56.89
CA SER C 65 8.43 -50.45 56.86
C SER C 65 7.80 -50.68 58.22
N ARG C 66 8.52 -51.30 59.16
CA ARG C 66 7.94 -51.72 60.42
C ARG C 66 8.45 -50.94 61.62
N ILE C 67 9.39 -50.01 61.44
CA ILE C 67 10.17 -49.46 62.54
C ILE C 67 10.02 -47.95 62.59
N SER C 68 9.97 -47.41 63.80
CA SER C 68 10.12 -45.98 64.07
C SER C 68 11.05 -45.83 65.26
N ILE C 69 11.92 -44.82 65.21
CA ILE C 69 12.70 -44.42 66.38
C ILE C 69 12.28 -43.01 66.73
N THR C 70 12.07 -42.75 68.02
CA THR C 70 11.61 -41.45 68.51
C THR C 70 12.47 -41.02 69.68
N ARG C 71 12.32 -39.75 70.10
CA ARG C 71 13.08 -39.28 71.23
C ARG C 71 12.26 -38.32 72.08
N ASP C 72 12.65 -38.21 73.35
CA ASP C 72 12.17 -37.23 74.32
C ASP C 72 13.42 -36.59 74.90
N THR C 73 13.89 -35.49 74.31
CA THR C 73 15.11 -34.86 74.77
C THR C 73 15.00 -34.31 76.19
N SER C 74 13.79 -33.97 76.64
CA SER C 74 13.64 -33.45 78.00
C SER C 74 13.98 -34.51 79.04
N LYS C 75 13.76 -35.79 78.73
CA LYS C 75 14.09 -36.90 79.61
C LYS C 75 15.39 -37.59 79.23
N ASN C 76 16.06 -37.14 78.17
CA ASN C 76 17.27 -37.78 77.65
C ASN C 76 17.01 -39.26 77.38
N GLN C 77 15.88 -39.54 76.73
CA GLN C 77 15.47 -40.89 76.40
C GLN C 77 15.16 -41.00 74.92
N TYR C 78 15.38 -42.18 74.35
CA TYR C 78 14.91 -42.42 73.00
C TYR C 78 14.37 -43.84 72.91
N SER C 79 13.48 -44.06 71.93
CA SER C 79 12.64 -45.25 71.92
C SER C 79 12.66 -45.91 70.56
N LEU C 80 12.52 -47.24 70.57
CA LEU C 80 12.37 -48.07 69.40
C LEU C 80 10.92 -48.55 69.33
N HIS C 81 10.33 -48.48 68.13
CA HIS C 81 8.97 -48.96 67.92
C HIS C 81 9.00 -49.91 66.74
N LEU C 82 8.53 -51.15 66.94
CA LEU C 82 8.57 -52.17 65.90
C LEU C 82 7.19 -52.77 65.74
N ASN C 83 6.57 -52.53 64.57
CA ASN C 83 5.22 -53.00 64.25
C ASN C 83 5.22 -54.46 63.81
N SER C 84 4.04 -55.08 63.86
CA SER C 84 3.76 -56.37 63.24
C SER C 84 4.78 -57.44 63.65
N VAL C 85 5.01 -57.58 64.95
CA VAL C 85 6.06 -58.49 65.41
C VAL C 85 5.60 -59.94 65.27
N THR C 86 6.57 -60.82 65.07
CA THR C 86 6.38 -62.27 65.11
C THR C 86 7.50 -62.88 65.95
N ALA C 87 7.48 -64.20 66.08
CA ALA C 87 8.57 -64.88 66.77
C ALA C 87 9.93 -64.66 66.12
N GLU C 88 9.96 -64.30 64.83
CA GLU C 88 11.25 -63.96 64.23
C GLU C 88 11.87 -62.70 64.83
N ASP C 89 11.12 -61.95 65.62
CA ASP C 89 11.64 -60.73 66.24
C ASP C 89 12.17 -60.97 67.66
N THR C 90 11.88 -62.13 68.24
CA THR C 90 12.36 -62.43 69.59
C THR C 90 13.88 -62.30 69.64
N ALA C 91 14.37 -61.49 70.58
CA ALA C 91 15.80 -61.17 70.62
C ALA C 91 16.11 -60.40 71.90
N THR C 92 17.41 -60.21 72.15
CA THR C 92 17.88 -59.24 73.12
C THR C 92 18.14 -57.93 72.39
N PHE C 93 17.52 -56.85 72.85
CA PHE C 93 17.62 -55.55 72.20
C PHE C 93 18.57 -54.66 72.99
N TYR C 94 19.48 -54.00 72.28
CA TYR C 94 20.49 -53.13 72.86
C TYR C 94 20.35 -51.72 72.31
N CYS C 95 20.50 -50.72 73.15
CA CYS C 95 20.82 -49.38 72.67
C CYS C 95 22.31 -49.12 72.79
N ALA C 96 22.82 -48.24 71.94
CA ALA C 96 24.25 -47.96 71.91
C ALA C 96 24.48 -46.55 71.37
N ARG C 97 25.50 -45.89 71.90
CA ARG C 97 25.90 -44.58 71.39
C ARG C 97 26.90 -44.74 70.24
N TYR C 98 26.73 -43.92 69.20
CA TYR C 98 27.78 -43.69 68.21
C TYR C 98 28.38 -42.31 68.50
N TYR C 99 29.68 -42.28 68.73
CA TYR C 99 30.41 -41.04 69.00
C TYR C 99 31.31 -40.74 67.80
N GLY C 100 31.29 -39.48 67.35
CA GLY C 100 32.05 -39.07 66.20
C GLY C 100 31.16 -38.47 65.12
N ASP C 101 31.65 -38.52 63.88
CA ASP C 101 30.94 -37.94 62.75
C ASP C 101 30.94 -38.94 61.60
N ASN C 102 30.63 -38.44 60.40
CA ASN C 102 30.50 -39.30 59.22
C ASN C 102 31.84 -39.92 58.81
N TYR C 103 32.95 -39.39 59.31
CA TYR C 103 34.28 -39.88 58.98
C TYR C 103 34.86 -40.76 60.08
N VAL C 104 35.06 -40.19 61.27
CA VAL C 104 35.72 -40.87 62.37
C VAL C 104 34.72 -41.11 63.48
N GLY C 105 34.70 -42.32 64.02
CA GLY C 105 33.87 -42.61 65.17
C GLY C 105 33.56 -44.08 65.27
N ALA C 106 32.84 -44.41 66.34
CA ALA C 106 32.43 -45.79 66.57
C ALA C 106 31.28 -45.83 67.56
N MET C 107 30.60 -46.97 67.56
CA MET C 107 29.58 -47.31 68.54
C MET C 107 30.29 -47.79 69.81
N ASP C 108 30.45 -46.89 70.78
CA ASP C 108 31.33 -47.22 71.89
C ASP C 108 30.59 -47.78 73.10
N TYR C 109 29.63 -47.04 73.63
CA TYR C 109 28.93 -47.47 74.83
C TYR C 109 27.64 -48.19 74.45
N TRP C 110 27.44 -49.38 75.03
CA TRP C 110 26.23 -50.16 74.82
C TRP C 110 25.46 -50.26 76.14
N GLY C 111 24.15 -50.43 76.03
CA GLY C 111 23.33 -50.69 77.19
C GLY C 111 23.49 -52.12 77.67
N GLN C 112 22.66 -52.49 78.64
CA GLN C 112 22.77 -53.83 79.20
C GLN C 112 22.01 -54.86 78.38
N GLY C 113 21.10 -54.44 77.51
CA GLY C 113 20.31 -55.39 76.75
C GLY C 113 19.04 -55.76 77.48
N THR C 114 17.93 -55.87 76.76
CA THR C 114 16.68 -56.33 77.37
C THR C 114 16.07 -57.38 76.47
N SER C 115 15.58 -58.46 77.10
CA SER C 115 15.02 -59.58 76.35
C SER C 115 13.56 -59.31 76.02
N VAL C 116 13.17 -59.55 74.76
CA VAL C 116 11.79 -59.44 74.34
C VAL C 116 11.42 -60.70 73.59
N THR C 117 10.32 -61.33 74.01
CA THR C 117 9.81 -62.56 73.42
C THR C 117 8.44 -62.25 72.83
N VAL C 118 8.20 -62.74 71.62
CA VAL C 118 6.95 -62.52 70.91
C VAL C 118 6.18 -63.83 70.91
N SER C 119 5.06 -63.85 71.64
CA SER C 119 4.23 -65.05 71.72
C SER C 119 2.84 -64.66 72.18
N SER C 120 1.85 -65.44 71.74
CA SER C 120 0.49 -65.24 72.21
C SER C 120 0.25 -65.88 73.58
N ALA C 121 1.21 -66.64 74.08
CA ALA C 121 1.02 -67.35 75.34
C ALA C 121 1.07 -66.38 76.51
N SER C 122 0.42 -66.78 77.60
CA SER C 122 0.39 -65.98 78.81
C SER C 122 1.68 -66.18 79.62
N THR C 123 2.06 -65.16 80.38
CA THR C 123 3.20 -65.29 81.27
C THR C 123 2.94 -66.37 82.32
N LYS C 124 4.03 -66.99 82.79
CA LYS C 124 3.90 -68.05 83.77
C LYS C 124 5.08 -67.99 84.73
N GLY C 125 4.79 -67.93 86.02
CA GLY C 125 5.82 -67.86 87.03
C GLY C 125 6.46 -69.22 87.28
N PRO C 126 7.71 -69.22 87.73
CA PRO C 126 8.40 -70.49 87.96
C PRO C 126 7.95 -71.17 89.24
N SER C 127 8.00 -72.50 89.22
CA SER C 127 8.07 -73.30 90.44
C SER C 127 9.53 -73.44 90.82
N VAL C 128 9.82 -73.38 92.11
CA VAL C 128 11.19 -73.46 92.59
C VAL C 128 11.29 -74.60 93.58
N PHE C 129 12.10 -75.60 93.24
CA PHE C 129 12.28 -76.78 94.06
C PHE C 129 13.74 -76.88 94.51
N PRO C 130 13.98 -77.41 95.71
CA PRO C 130 15.37 -77.57 96.17
C PRO C 130 16.04 -78.75 95.50
N LEU C 131 17.31 -78.58 95.17
CA LEU C 131 18.21 -79.68 94.83
C LEU C 131 18.97 -79.98 96.11
N ALA C 132 18.46 -80.92 96.87
CA ALA C 132 18.91 -81.13 98.25
C ALA C 132 20.24 -81.89 98.26
N PRO C 133 21.23 -81.43 99.03
CA PRO C 133 22.49 -82.18 99.10
C PRO C 133 22.29 -83.50 99.84
N SER C 134 23.14 -84.46 99.48
CA SER C 134 23.17 -85.79 100.09
C SER C 134 24.50 -86.41 99.70
N SER C 135 24.77 -87.60 100.25
CA SER C 135 25.98 -88.31 99.84
C SER C 135 26.02 -88.51 98.32
N LYS C 136 24.85 -88.62 97.69
CA LYS C 136 24.74 -88.67 96.23
C LYS C 136 25.28 -87.43 95.55
N SER C 137 25.50 -86.34 96.30
CA SER C 137 25.99 -85.09 95.73
C SER C 137 27.14 -84.51 96.55
N THR C 138 28.01 -85.37 97.09
CA THR C 138 29.25 -84.92 97.72
C THR C 138 30.44 -85.68 97.16
N SER C 139 31.61 -85.05 97.22
CA SER C 139 32.89 -85.68 96.89
C SER C 139 33.92 -85.23 97.91
N GLY C 140 34.33 -86.14 98.79
CA GLY C 140 35.28 -85.80 99.84
C GLY C 140 34.75 -84.70 100.74
N GLY C 141 35.39 -83.53 100.69
CA GLY C 141 34.95 -82.39 101.48
C GLY C 141 33.97 -81.46 100.78
N THR C 142 33.62 -81.74 99.53
CA THR C 142 32.78 -80.85 98.72
C THR C 142 31.40 -81.48 98.52
N ALA C 143 30.36 -80.68 98.74
CA ALA C 143 29.00 -81.10 98.47
C ALA C 143 28.37 -80.11 97.50
N ALA C 144 27.42 -80.60 96.71
CA ALA C 144 26.69 -79.75 95.76
C ALA C 144 25.24 -79.66 96.19
N LEU C 145 24.66 -78.47 96.03
CA LEU C 145 23.25 -78.25 96.28
C LEU C 145 22.77 -77.22 95.27
N GLY C 146 21.45 -77.06 95.18
CA GLY C 146 20.96 -76.04 94.28
C GLY C 146 19.46 -75.85 94.36
N CYS C 147 18.94 -75.16 93.34
CA CYS C 147 17.51 -74.90 93.18
C CYS C 147 17.13 -75.14 91.74
N LEU C 148 16.05 -75.90 91.54
CA LEU C 148 15.47 -76.14 90.22
C LEU C 148 14.39 -75.11 89.96
N VAL C 149 14.57 -74.29 88.93
CA VAL C 149 13.67 -73.20 88.60
C VAL C 149 12.92 -73.60 87.33
N LYS C 150 11.66 -74.00 87.46
CA LYS C 150 11.00 -74.83 86.46
C LYS C 150 9.70 -74.21 85.97
N ASP C 151 9.44 -74.38 84.66
CA ASP C 151 8.12 -74.09 84.06
C ASP C 151 7.77 -72.60 84.11
N TYR C 152 8.64 -71.76 83.57
CA TYR C 152 8.33 -70.34 83.52
C TYR C 152 8.37 -69.81 82.09
N PHE C 153 7.75 -68.65 81.89
CA PHE C 153 7.71 -68.02 80.58
C PHE C 153 7.34 -66.55 80.72
N PRO C 154 8.03 -65.63 80.01
CA PRO C 154 9.21 -65.82 79.17
C PRO C 154 10.50 -65.65 79.97
N GLU C 155 11.64 -65.65 79.29
CA GLU C 155 12.87 -65.17 79.88
C GLU C 155 12.75 -63.68 80.21
N PRO C 156 13.52 -63.17 81.18
CA PRO C 156 14.53 -63.84 82.01
C PRO C 156 14.10 -64.11 83.46
N VAL C 157 14.84 -64.96 84.14
CA VAL C 157 14.80 -65.06 85.59
C VAL C 157 16.18 -64.64 86.11
N THR C 158 16.19 -64.09 87.31
CA THR C 158 17.43 -63.85 88.04
C THR C 158 17.47 -64.73 89.28
N VAL C 159 18.63 -65.32 89.54
CA VAL C 159 18.83 -66.18 90.71
C VAL C 159 20.02 -65.65 91.49
N SER C 160 19.87 -65.55 92.81
CA SER C 160 20.98 -65.28 93.70
C SER C 160 20.93 -66.28 94.84
N TRP C 161 22.00 -66.31 95.64
CA TRP C 161 22.14 -67.21 96.77
C TRP C 161 22.46 -66.41 98.03
N ASN C 162 21.69 -66.65 99.09
CA ASN C 162 21.85 -65.95 100.36
C ASN C 162 21.90 -64.44 100.14
N SER C 163 21.06 -63.96 99.21
CA SER C 163 20.91 -62.54 98.88
C SER C 163 22.20 -61.94 98.31
N GLY C 164 22.97 -62.75 97.58
CA GLY C 164 24.23 -62.29 97.04
C GLY C 164 25.42 -62.51 97.94
N ALA C 165 25.21 -62.98 99.16
CA ALA C 165 26.35 -63.30 100.03
C ALA C 165 27.15 -64.49 99.52
N LEU C 166 26.57 -65.32 98.65
CA LEU C 166 27.21 -66.52 98.13
C LEU C 166 27.34 -66.38 96.62
N THR C 167 28.59 -66.36 96.13
CA THR C 167 28.82 -66.25 94.69
C THR C 167 29.87 -67.23 94.18
N SER C 168 30.86 -67.58 95.00
CA SER C 168 31.92 -68.45 94.56
C SER C 168 31.46 -69.90 94.50
N GLY C 169 31.82 -70.60 93.42
CA GLY C 169 31.33 -71.95 93.22
C GLY C 169 29.85 -72.04 92.90
N VAL C 170 29.26 -70.99 92.34
CA VAL C 170 27.87 -70.97 91.93
C VAL C 170 27.82 -71.03 90.41
N HIS C 171 27.02 -71.95 89.88
CA HIS C 171 26.74 -72.04 88.45
C HIS C 171 25.24 -71.97 88.26
N THR C 172 24.78 -70.92 87.59
CA THR C 172 23.39 -70.81 87.20
C THR C 172 23.35 -71.10 85.71
N PHE C 173 22.75 -72.21 85.36
CA PHE C 173 22.82 -72.69 84.00
C PHE C 173 21.92 -71.86 83.09
N PRO C 174 22.29 -71.74 81.82
CA PRO C 174 21.38 -71.14 80.83
C PRO C 174 20.05 -71.86 80.82
N ALA C 175 18.97 -71.09 80.76
CA ALA C 175 17.65 -71.68 80.65
C ALA C 175 17.53 -72.43 79.32
N VAL C 176 16.76 -73.52 79.35
CA VAL C 176 16.49 -74.34 78.17
C VAL C 176 14.99 -74.56 78.07
N LEU C 177 14.44 -74.39 76.86
CA LEU C 177 13.03 -74.67 76.66
C LEU C 177 12.76 -76.14 76.83
N GLN C 178 11.69 -76.46 77.56
CA GLN C 178 11.20 -77.83 77.68
C GLN C 178 10.27 -78.16 76.53
N SER C 179 9.87 -79.43 76.45
CA SER C 179 8.93 -79.77 75.37
C SER C 179 7.52 -79.24 75.64
N SER C 180 7.30 -78.58 76.77
CA SER C 180 6.09 -77.84 77.03
C SER C 180 6.12 -76.41 76.49
N GLY C 181 7.27 -75.97 75.96
CA GLY C 181 7.43 -74.59 75.57
C GLY C 181 7.75 -73.64 76.70
N LEU C 182 7.97 -74.16 77.91
CA LEU C 182 8.32 -73.38 79.10
C LEU C 182 9.79 -73.60 79.46
N TYR C 183 10.39 -72.57 80.04
CA TYR C 183 11.81 -72.67 80.37
C TYR C 183 12.03 -73.39 81.69
N SER C 184 13.24 -73.94 81.83
CA SER C 184 13.68 -74.52 83.09
C SER C 184 15.18 -74.33 83.21
N LEU C 185 15.65 -74.10 84.44
CA LEU C 185 17.08 -74.07 84.71
C LEU C 185 17.32 -74.48 86.16
N SER C 186 18.56 -74.82 86.45
CA SER C 186 19.03 -75.06 87.81
C SER C 186 20.14 -74.08 88.13
N SER C 187 20.17 -73.62 89.37
CA SER C 187 21.31 -72.91 89.92
C SER C 187 21.94 -73.80 90.98
N VAL C 188 23.25 -74.02 90.90
CA VAL C 188 23.93 -74.96 91.79
C VAL C 188 25.12 -74.27 92.45
N VAL C 189 25.50 -74.79 93.62
CA VAL C 189 26.68 -74.30 94.31
C VAL C 189 27.38 -75.46 95.02
N THR C 190 28.70 -75.40 95.05
CA THR C 190 29.53 -76.35 95.77
C THR C 190 29.92 -75.72 97.11
N VAL C 191 29.77 -76.50 98.18
CA VAL C 191 30.00 -76.00 99.54
C VAL C 191 30.77 -77.06 100.31
N PRO C 192 31.40 -76.67 101.42
CA PRO C 192 31.96 -77.69 102.31
C PRO C 192 30.86 -78.59 102.83
N SER C 193 31.04 -79.90 102.67
CA SER C 193 30.01 -80.84 103.10
C SER C 193 29.77 -80.77 104.60
N SER C 194 30.78 -80.30 105.36
CA SER C 194 30.61 -80.19 106.81
C SER C 194 29.69 -79.03 107.20
N SER C 195 29.40 -78.11 106.30
CA SER C 195 28.54 -76.98 106.64
C SER C 195 27.07 -77.26 106.44
N LEU C 196 26.71 -78.47 105.98
CA LEU C 196 25.34 -78.73 105.50
C LEU C 196 24.29 -78.42 106.56
N GLY C 197 24.37 -79.11 107.69
CA GLY C 197 23.39 -78.88 108.75
C GLY C 197 23.63 -77.63 109.58
N THR C 198 24.58 -76.80 109.20
CA THR C 198 24.98 -75.64 110.00
C THR C 198 24.69 -74.33 109.30
N GLN C 199 25.27 -74.12 108.12
CA GLN C 199 25.01 -72.93 107.33
C GLN C 199 23.72 -73.11 106.55
N THR C 200 22.88 -72.07 106.56
CA THR C 200 21.65 -72.08 105.77
C THR C 200 21.97 -71.64 104.34
N TYR C 201 21.28 -72.27 103.39
CA TYR C 201 21.41 -71.96 101.98
C TYR C 201 20.02 -71.66 101.42
N ILE C 202 19.85 -70.45 100.89
CA ILE C 202 18.58 -69.95 100.37
C ILE C 202 18.84 -69.44 98.96
N CYS C 203 18.07 -69.92 97.99
CA CYS C 203 18.15 -69.37 96.65
C CYS C 203 17.05 -68.34 96.49
N ASN C 204 17.41 -67.19 95.92
CA ASN C 204 16.48 -66.10 95.68
C ASN C 204 16.18 -66.05 94.18
N VAL C 205 14.91 -66.29 93.82
CA VAL C 205 14.48 -66.33 92.43
C VAL C 205 13.55 -65.16 92.16
N ASN C 206 13.85 -64.39 91.11
CA ASN C 206 13.00 -63.27 90.71
C ASN C 206 12.64 -63.45 89.24
N HIS C 207 11.34 -63.58 88.95
CA HIS C 207 10.79 -63.61 87.59
C HIS C 207 9.89 -62.40 87.40
N LYS C 208 10.49 -61.28 86.99
CA LYS C 208 9.74 -60.04 86.85
C LYS C 208 8.56 -60.13 85.88
N PRO C 209 8.63 -60.81 84.72
CA PRO C 209 7.47 -60.82 83.82
C PRO C 209 6.17 -61.24 84.48
N SER C 210 6.21 -62.15 85.45
CA SER C 210 5.01 -62.60 86.15
C SER C 210 4.92 -62.04 87.57
N ASN C 211 5.80 -61.11 87.94
CA ASN C 211 5.86 -60.56 89.30
C ASN C 211 5.91 -61.69 90.34
N THR C 212 6.81 -62.65 90.09
CA THR C 212 7.05 -63.76 91.00
C THR C 212 8.42 -63.58 91.67
N LYS C 213 8.43 -63.50 92.99
CA LYS C 213 9.67 -63.57 93.75
C LYS C 213 9.54 -64.71 94.74
N VAL C 214 10.57 -65.57 94.78
CA VAL C 214 10.53 -66.80 95.55
C VAL C 214 11.87 -66.98 96.25
N ASP C 215 11.84 -67.17 97.57
CA ASP C 215 13.00 -67.60 98.33
C ASP C 215 12.78 -69.04 98.78
N LYS C 216 13.78 -69.90 98.55
CA LYS C 216 13.63 -71.33 98.79
C LYS C 216 14.82 -71.81 99.61
N ARG C 217 14.53 -72.35 100.80
CA ARG C 217 15.55 -72.95 101.66
C ARG C 217 15.89 -74.35 101.17
N VAL C 218 17.18 -74.65 101.12
CA VAL C 218 17.67 -75.93 100.58
C VAL C 218 18.32 -76.69 101.73
N GLU C 219 17.63 -77.72 102.22
CA GLU C 219 18.13 -78.48 103.37
C GLU C 219 18.63 -79.85 102.93
N PRO C 220 19.60 -80.42 103.66
CA PRO C 220 20.15 -81.72 103.26
C PRO C 220 19.12 -82.83 103.40
N LYS C 221 19.37 -83.91 102.65
CA LYS C 221 18.62 -85.15 102.77
C LYS C 221 19.55 -86.26 103.23
N SER C 222 18.98 -87.24 103.91
CA SER C 222 19.75 -88.39 104.39
C SER C 222 19.47 -89.63 103.54
N ASP D 1 23.92 -54.20 51.95
CA ASP D 1 24.77 -54.18 53.13
C ASP D 1 26.00 -55.07 52.96
N ILE D 2 27.17 -54.54 53.35
CA ILE D 2 28.41 -55.29 53.21
C ILE D 2 28.34 -56.53 54.10
N VAL D 3 28.50 -57.70 53.48
CA VAL D 3 28.45 -58.97 54.20
C VAL D 3 29.76 -59.15 54.96
N MET D 4 29.64 -59.37 56.28
CA MET D 4 30.79 -59.66 57.14
C MET D 4 30.72 -61.13 57.55
N THR D 5 31.86 -61.82 57.44
CA THR D 5 31.87 -63.27 57.55
C THR D 5 33.02 -63.73 58.44
N GLN D 6 32.67 -64.45 59.51
CA GLN D 6 33.63 -65.07 60.44
C GLN D 6 33.36 -66.57 60.41
N ALA D 7 34.18 -67.30 59.64
CA ALA D 7 33.88 -68.69 59.33
C ALA D 7 34.01 -69.60 60.54
N ALA D 8 34.99 -69.32 61.41
CA ALA D 8 35.20 -70.17 62.59
C ALA D 8 34.14 -69.86 63.64
N PHE D 9 33.47 -70.91 64.11
CA PHE D 9 32.57 -70.77 65.25
C PHE D 9 33.36 -70.57 66.54
N SER D 10 34.41 -71.36 66.73
CA SER D 10 35.24 -71.23 67.92
C SER D 10 36.71 -71.22 67.52
N ASN D 11 37.55 -70.71 68.43
CA ASN D 11 38.98 -70.56 68.19
C ASN D 11 39.71 -70.99 69.46
N PRO D 12 40.02 -72.28 69.58
CA PRO D 12 40.74 -72.77 70.76
C PRO D 12 42.19 -72.31 70.74
N VAL D 13 42.67 -71.82 71.89
CA VAL D 13 44.02 -71.29 72.02
C VAL D 13 44.58 -71.70 73.37
N THR D 14 45.92 -71.81 73.44
CA THR D 14 46.55 -72.05 74.74
C THR D 14 46.84 -70.72 75.42
N LEU D 15 46.97 -70.75 76.75
CA LEU D 15 47.25 -69.52 77.47
C LEU D 15 48.62 -68.97 77.11
N GLY D 16 48.71 -67.66 76.99
CA GLY D 16 49.99 -67.00 76.78
C GLY D 16 50.46 -66.89 75.35
N ILE D 17 49.79 -67.55 74.40
CA ILE D 17 50.17 -67.41 73.00
C ILE D 17 49.39 -66.26 72.39
N SER D 18 49.72 -65.91 71.15
CA SER D 18 48.97 -64.95 70.36
C SER D 18 47.84 -65.66 69.63
N ALA D 19 46.62 -65.17 69.80
CA ALA D 19 45.45 -65.70 69.11
C ALA D 19 45.14 -64.84 67.90
N SER D 20 44.57 -65.47 66.87
CA SER D 20 44.17 -64.81 65.63
C SER D 20 42.74 -65.19 65.32
N ILE D 21 41.88 -64.19 65.10
CA ILE D 21 40.49 -64.42 64.75
C ILE D 21 40.24 -63.75 63.40
N SER D 22 39.76 -64.53 62.44
CA SER D 22 39.63 -64.05 61.07
C SER D 22 38.25 -63.44 60.83
N CYS D 23 38.23 -62.44 59.94
CA CYS D 23 37.01 -61.88 59.41
C CYS D 23 37.25 -61.52 57.94
N ARG D 24 36.18 -61.58 57.15
CA ARG D 24 36.26 -61.16 55.75
C ARG D 24 35.00 -60.40 55.38
N SER D 25 35.14 -59.38 54.54
CA SER D 25 34.01 -58.61 54.05
C SER D 25 33.77 -58.90 52.56
N SER D 26 32.53 -58.71 52.13
CA SER D 26 32.17 -58.93 50.73
C SER D 26 32.70 -57.83 49.81
N LYS D 27 33.11 -56.69 50.36
CA LYS D 27 33.77 -55.65 49.58
C LYS D 27 34.74 -54.92 50.48
N SER D 28 35.69 -54.20 49.87
CA SER D 28 36.69 -53.49 50.64
C SER D 28 36.04 -52.57 51.65
N LEU D 29 36.68 -52.45 52.82
CA LEU D 29 36.27 -51.50 53.84
C LEU D 29 37.15 -50.26 53.85
N LEU D 30 38.03 -50.13 52.86
CA LEU D 30 38.95 -48.99 52.77
C LEU D 30 38.29 -47.86 51.98
N HIS D 31 38.05 -46.74 52.65
CA HIS D 31 37.54 -45.54 52.00
C HIS D 31 38.68 -44.75 51.39
N SER D 32 38.36 -43.97 50.36
CA SER D 32 39.37 -43.15 49.70
C SER D 32 40.05 -42.17 50.65
N ASN D 33 39.49 -41.94 51.84
CA ASN D 33 40.11 -41.08 52.84
C ASN D 33 41.21 -41.79 53.63
N GLY D 34 41.59 -43.01 53.24
CA GLY D 34 42.61 -43.75 53.95
C GLY D 34 42.15 -44.42 55.23
N ILE D 35 40.87 -44.35 55.57
CA ILE D 35 40.33 -44.98 56.77
C ILE D 35 39.70 -46.31 56.38
N THR D 36 40.00 -47.37 57.13
CA THR D 36 39.33 -48.65 56.99
C THR D 36 38.24 -48.72 58.06
N TYR D 37 36.99 -48.84 57.63
CA TYR D 37 35.85 -48.75 58.55
C TYR D 37 35.53 -50.14 59.12
N LEU D 38 36.50 -50.64 59.90
CA LEU D 38 36.42 -51.95 60.53
C LEU D 38 36.52 -51.81 62.05
N TYR D 39 35.69 -52.59 62.75
CA TYR D 39 35.58 -52.54 64.21
C TYR D 39 35.57 -53.96 64.74
N TRP D 40 36.04 -54.11 65.98
CA TRP D 40 36.01 -55.38 66.69
C TRP D 40 35.33 -55.18 68.03
N TYR D 41 34.34 -56.04 68.32
CA TYR D 41 33.63 -56.05 69.60
C TYR D 41 33.88 -57.37 70.32
N LEU D 42 33.80 -57.33 71.64
CA LEU D 42 33.88 -58.52 72.47
C LEU D 42 32.65 -58.59 73.34
N GLN D 43 31.99 -59.74 73.34
CA GLN D 43 30.91 -59.99 74.29
C GLN D 43 31.34 -61.12 75.21
N LYS D 44 31.74 -60.77 76.42
CA LYS D 44 32.07 -61.76 77.44
C LYS D 44 30.79 -62.40 77.98
N PRO D 45 30.88 -63.60 78.55
CA PRO D 45 29.68 -64.26 79.07
C PRO D 45 28.95 -63.36 80.07
N GLY D 46 27.66 -63.18 79.84
CA GLY D 46 26.84 -62.40 80.76
C GLY D 46 27.03 -60.90 80.71
N GLN D 47 27.82 -60.39 79.77
CA GLN D 47 28.01 -58.95 79.61
C GLN D 47 27.43 -58.48 78.28
N SER D 48 27.37 -57.16 78.13
CA SER D 48 27.01 -56.56 76.85
C SER D 48 28.22 -56.51 75.93
N PRO D 49 28.01 -56.33 74.62
CA PRO D 49 29.15 -56.11 73.72
C PRO D 49 29.98 -54.92 74.18
N GLN D 50 31.28 -55.02 73.91
CA GLN D 50 32.26 -54.03 74.35
C GLN D 50 33.17 -53.72 73.18
N LEU D 51 33.34 -52.44 72.87
CA LEU D 51 34.22 -52.04 71.78
C LEU D 51 35.67 -52.35 72.14
N LEU D 52 36.39 -52.97 71.19
CA LEU D 52 37.82 -53.23 71.34
C LEU D 52 38.67 -52.34 70.45
N ILE D 53 38.34 -52.29 69.17
CA ILE D 53 39.12 -51.55 68.18
C ILE D 53 38.13 -50.90 67.22
N TYR D 54 38.39 -49.65 66.86
CA TYR D 54 37.53 -49.00 65.87
C TYR D 54 38.37 -48.44 64.74
N GLN D 55 37.82 -48.56 63.53
CA GLN D 55 38.50 -48.12 62.31
C GLN D 55 39.90 -48.75 62.24
N MET D 56 39.95 -50.01 62.64
CA MET D 56 41.07 -50.94 62.43
C MET D 56 42.29 -50.66 63.30
N SER D 57 42.64 -49.39 63.52
CA SER D 57 43.92 -49.05 64.13
C SER D 57 43.80 -48.23 65.40
N ASN D 58 42.60 -48.08 65.96
CA ASN D 58 42.40 -47.29 67.16
C ASN D 58 41.89 -48.21 68.28
N LEU D 59 42.52 -48.10 69.45
CA LEU D 59 42.12 -48.89 70.61
C LEU D 59 41.09 -48.14 71.43
N ALA D 60 40.01 -48.82 71.81
CA ALA D 60 39.03 -48.20 72.69
C ALA D 60 39.62 -48.01 74.10
N SER D 61 39.12 -47.02 74.81
CA SER D 61 39.66 -46.68 76.12
C SER D 61 39.52 -47.85 77.08
N GLY D 62 40.56 -48.08 77.88
CA GLY D 62 40.57 -49.15 78.85
C GLY D 62 40.92 -50.51 78.31
N VAL D 63 40.85 -50.72 77.00
CA VAL D 63 41.27 -52.00 76.43
C VAL D 63 42.78 -52.13 76.58
N PRO D 64 43.31 -53.26 77.06
CA PRO D 64 44.77 -53.43 77.12
C PRO D 64 45.36 -53.48 75.71
N ASP D 65 46.64 -53.14 75.64
CA ASP D 65 47.35 -53.09 74.35
C ASP D 65 47.57 -54.49 73.70
N ARG D 66 46.96 -55.56 74.20
CA ARG D 66 47.11 -56.87 73.58
C ARG D 66 46.18 -57.09 72.39
N PHE D 67 45.50 -56.04 71.92
CA PHE D 67 44.57 -56.18 70.82
C PHE D 67 45.03 -55.34 69.64
N SER D 68 45.15 -55.97 68.47
CA SER D 68 45.49 -55.25 67.26
C SER D 68 44.75 -55.89 66.09
N SER D 69 44.73 -55.17 64.98
CA SER D 69 43.96 -55.60 63.81
C SER D 69 44.83 -55.41 62.58
N SER D 70 44.95 -56.45 61.76
CA SER D 70 45.71 -56.39 60.53
C SER D 70 44.86 -56.89 59.38
N GLY D 71 45.34 -56.68 58.16
CA GLY D 71 44.66 -57.16 56.97
C GLY D 71 44.62 -56.11 55.87
N SER D 72 44.14 -56.55 54.71
CA SER D 72 44.10 -55.69 53.54
C SER D 72 42.74 -55.01 53.39
N GLY D 73 42.05 -55.29 52.29
CA GLY D 73 40.78 -54.63 52.01
C GLY D 73 39.56 -55.46 52.35
N THR D 74 39.66 -56.79 52.16
CA THR D 74 38.57 -57.70 52.45
C THR D 74 38.93 -58.81 53.44
N ASP D 75 40.18 -58.88 53.88
CA ASP D 75 40.63 -59.99 54.73
C ASP D 75 41.35 -59.43 55.94
N PHE D 76 40.83 -59.73 57.13
CA PHE D 76 41.31 -59.08 58.35
C PHE D 76 41.49 -60.12 59.44
N THR D 77 42.31 -59.77 60.43
CA THR D 77 42.52 -60.62 61.59
C THR D 77 42.57 -59.77 62.84
N LEU D 78 41.93 -60.26 63.90
CA LEU D 78 42.09 -59.71 65.23
C LEU D 78 43.24 -60.45 65.91
N ARG D 79 44.26 -59.70 66.31
CA ARG D 79 45.41 -60.27 67.03
C ARG D 79 45.24 -60.03 68.51
N ILE D 80 45.23 -61.11 69.29
CA ILE D 80 45.26 -61.03 70.76
C ILE D 80 46.59 -61.62 71.22
N SER D 81 47.47 -60.78 71.75
CA SER D 81 48.76 -61.27 72.23
C SER D 81 48.64 -61.75 73.67
N ARG D 82 49.42 -62.78 73.99
CA ARG D 82 49.46 -63.38 75.33
C ARG D 82 48.07 -63.55 75.92
N VAL D 83 47.29 -64.42 75.30
CA VAL D 83 45.92 -64.67 75.71
C VAL D 83 45.85 -65.00 77.19
N GLU D 84 44.84 -64.46 77.86
CA GLU D 84 44.57 -64.75 79.26
C GLU D 84 43.25 -65.49 79.38
N ALA D 85 43.06 -66.14 80.53
CA ALA D 85 41.84 -66.91 80.74
C ALA D 85 40.61 -66.02 80.71
N GLU D 86 40.75 -64.75 81.11
CA GLU D 86 39.64 -63.80 81.11
C GLU D 86 39.30 -63.30 79.70
N ASP D 87 40.04 -63.68 78.67
CA ASP D 87 39.73 -63.25 77.31
C ASP D 87 38.59 -64.04 76.68
N VAL D 88 38.07 -65.07 77.35
CA VAL D 88 37.03 -65.89 76.73
C VAL D 88 35.79 -65.04 76.46
N GLY D 89 35.13 -65.34 75.35
CA GLY D 89 33.99 -64.58 74.90
C GLY D 89 33.85 -64.73 73.41
N VAL D 90 32.83 -64.05 72.88
CA VAL D 90 32.56 -64.06 71.44
C VAL D 90 33.10 -62.77 70.86
N TYR D 91 33.94 -62.88 69.83
CA TYR D 91 34.53 -61.74 69.15
C TYR D 91 33.82 -61.51 67.83
N TYR D 92 33.32 -60.29 67.64
CA TYR D 92 32.57 -59.90 66.45
C TYR D 92 33.33 -58.84 65.66
N CYS D 93 33.45 -59.03 64.35
CA CYS D 93 33.84 -57.92 63.49
C CYS D 93 32.60 -57.19 63.01
N ALA D 94 32.78 -55.94 62.59
CA ALA D 94 31.68 -55.10 62.13
C ALA D 94 32.21 -54.07 61.16
N GLN D 95 31.31 -53.52 60.35
CA GLN D 95 31.65 -52.46 59.42
C GLN D 95 30.55 -51.40 59.42
N ASN D 96 30.93 -50.15 59.10
CA ASN D 96 29.96 -49.11 58.79
C ASN D 96 30.43 -48.21 57.62
N LEU D 97 31.24 -48.75 56.72
CA LEU D 97 31.57 -48.03 55.50
C LEU D 97 30.30 -47.68 54.74
N GLU D 98 29.39 -48.65 54.61
CA GLU D 98 28.04 -48.46 54.10
C GLU D 98 27.04 -48.84 55.19
N LEU D 99 25.92 -48.13 55.24
CA LEU D 99 24.90 -48.48 56.23
C LEU D 99 23.93 -49.50 55.66
N PRO D 100 23.28 -50.30 56.51
CA PRO D 100 23.43 -50.37 57.96
C PRO D 100 24.74 -50.99 58.39
N TRP D 101 25.19 -50.68 59.61
CA TRP D 101 26.18 -51.51 60.28
C TRP D 101 25.87 -52.98 60.06
N THR D 102 26.90 -53.77 59.75
CA THR D 102 26.74 -55.20 59.66
C THR D 102 27.80 -55.86 60.51
N PHE D 103 27.48 -57.04 61.02
CA PHE D 103 28.36 -57.77 61.92
C PHE D 103 28.61 -59.16 61.37
N GLY D 104 29.83 -59.67 61.60
CA GLY D 104 30.07 -61.09 61.44
C GLY D 104 29.28 -61.89 62.48
N GLY D 105 29.26 -63.20 62.28
CA GLY D 105 28.47 -64.06 63.13
C GLY D 105 29.09 -64.38 64.47
N GLY D 106 30.31 -63.94 64.70
CA GLY D 106 30.97 -64.16 65.97
C GLY D 106 31.89 -65.36 65.92
N THR D 107 32.99 -65.27 66.68
CA THR D 107 33.89 -66.40 66.89
C THR D 107 34.20 -66.47 68.38
N LYS D 108 33.91 -67.61 68.99
CA LYS D 108 34.11 -67.79 70.42
C LYS D 108 35.56 -68.17 70.69
N LEU D 109 36.22 -67.42 71.56
CA LEU D 109 37.57 -67.77 71.99
C LEU D 109 37.46 -68.80 73.12
N GLU D 110 38.18 -69.91 72.98
CA GLU D 110 38.12 -70.99 73.97
C GLU D 110 39.54 -71.29 74.45
N ILE D 111 39.72 -71.38 75.76
CA ILE D 111 41.03 -71.70 76.33
C ILE D 111 41.20 -73.22 76.36
N LYS D 112 42.31 -73.69 75.77
CA LYS D 112 42.68 -75.10 75.86
C LYS D 112 43.50 -75.29 77.13
N ARG D 113 42.87 -75.82 78.19
CA ARG D 113 43.57 -76.18 79.42
C ARG D 113 43.75 -77.70 79.49
N THR D 114 44.39 -78.17 80.57
CA THR D 114 44.54 -79.61 80.74
C THR D 114 43.18 -80.27 80.87
N VAL D 115 43.09 -81.50 80.36
CA VAL D 115 41.90 -82.30 80.57
C VAL D 115 41.60 -82.38 82.08
N ALA D 116 40.31 -82.36 82.41
CA ALA D 116 39.86 -82.40 83.81
C ALA D 116 38.54 -83.16 83.85
N ALA D 117 38.49 -84.23 84.63
CA ALA D 117 37.29 -85.04 84.71
C ALA D 117 36.18 -84.29 85.44
N PRO D 118 34.92 -84.55 85.09
CA PRO D 118 33.82 -83.98 85.87
C PRO D 118 33.66 -84.67 87.21
N SER D 119 33.32 -83.89 88.24
CA SER D 119 32.68 -84.45 89.43
C SER D 119 31.20 -84.64 89.13
N VAL D 120 30.66 -85.81 89.48
CA VAL D 120 29.30 -86.17 89.11
C VAL D 120 28.44 -86.24 90.36
N PHE D 121 27.36 -85.47 90.36
CA PHE D 121 26.42 -85.40 91.47
C PHE D 121 25.04 -85.70 90.92
N ILE D 122 24.19 -86.32 91.75
CA ILE D 122 22.83 -86.63 91.35
C ILE D 122 21.87 -86.17 92.43
N PHE D 123 20.70 -85.67 92.02
CA PHE D 123 19.73 -85.10 92.94
C PHE D 123 18.39 -85.79 92.71
N PRO D 124 17.81 -86.44 93.72
CA PRO D 124 16.46 -86.99 93.58
C PRO D 124 15.43 -85.87 93.52
N PRO D 125 14.22 -86.17 93.02
CA PRO D 125 13.16 -85.15 93.07
C PRO D 125 12.82 -84.78 94.51
N SER D 126 12.44 -83.52 94.68
CA SER D 126 12.06 -83.02 96.00
C SER D 126 10.68 -83.53 96.40
N ASP D 127 10.38 -83.43 97.70
CA ASP D 127 9.05 -83.79 98.18
C ASP D 127 8.01 -82.81 97.66
N GLU D 128 8.34 -81.53 97.60
CA GLU D 128 7.39 -80.53 97.11
C GLU D 128 6.99 -80.81 95.67
N GLN D 129 7.97 -81.08 94.80
CA GLN D 129 7.64 -81.38 93.41
C GLN D 129 6.77 -82.62 93.32
N LEU D 130 7.16 -83.68 94.05
CA LEU D 130 6.41 -84.93 93.99
C LEU D 130 4.95 -84.73 94.37
N LYS D 131 4.69 -83.84 95.33
CA LYS D 131 3.31 -83.51 95.69
C LYS D 131 2.58 -82.82 94.55
N SER D 132 3.29 -82.04 93.74
CA SER D 132 2.64 -81.37 92.61
C SER D 132 2.34 -82.31 91.45
N GLY D 133 2.82 -83.55 91.50
CA GLY D 133 2.49 -84.55 90.51
C GLY D 133 3.57 -84.87 89.51
N THR D 134 4.75 -84.26 89.60
CA THR D 134 5.85 -84.49 88.68
C THR D 134 7.14 -84.76 89.45
N ALA D 135 8.14 -85.29 88.75
CA ALA D 135 9.41 -85.67 89.36
C ALA D 135 10.56 -85.36 88.42
N SER D 136 11.49 -84.52 88.87
CA SER D 136 12.67 -84.16 88.10
C SER D 136 13.91 -84.68 88.81
N VAL D 137 14.73 -85.43 88.07
CA VAL D 137 16.02 -85.93 88.55
C VAL D 137 17.11 -85.14 87.81
N VAL D 138 18.09 -84.65 88.57
CA VAL D 138 19.12 -83.78 88.01
C VAL D 138 20.49 -84.44 88.20
N CYS D 139 21.24 -84.55 87.12
CA CYS D 139 22.63 -84.99 87.15
C CYS D 139 23.54 -83.81 86.86
N LEU D 140 24.49 -83.54 87.76
CA LEU D 140 25.38 -82.40 87.64
C LEU D 140 26.80 -82.89 87.36
N LEU D 141 27.41 -82.36 86.30
CA LEU D 141 28.81 -82.59 85.97
C LEU D 141 29.54 -81.27 86.24
N ASN D 142 30.48 -81.29 87.18
CA ASN D 142 31.08 -80.05 87.64
C ASN D 142 32.54 -79.95 87.22
N ASN D 143 32.89 -78.80 86.62
CA ASN D 143 34.27 -78.34 86.47
C ASN D 143 35.12 -79.33 85.66
N PHE D 144 34.81 -79.41 84.38
CA PHE D 144 35.49 -80.37 83.51
C PHE D 144 35.96 -79.68 82.24
N TYR D 145 36.89 -80.34 81.56
CA TYR D 145 37.42 -79.87 80.28
C TYR D 145 37.95 -81.11 79.57
N PRO D 146 37.66 -81.30 78.27
CA PRO D 146 36.94 -80.41 77.33
C PRO D 146 35.42 -80.41 77.52
N ARG D 147 34.72 -79.60 76.71
CA ARG D 147 33.26 -79.48 76.83
C ARG D 147 32.54 -80.77 76.49
N GLU D 148 33.11 -81.57 75.59
CA GLU D 148 32.43 -82.80 75.15
C GLU D 148 32.25 -83.77 76.30
N ALA D 149 31.02 -84.27 76.44
CA ALA D 149 30.68 -85.24 77.47
C ALA D 149 29.42 -85.96 77.01
N LYS D 150 29.28 -87.21 77.41
CA LYS D 150 28.06 -87.97 77.16
C LYS D 150 27.42 -88.33 78.49
N VAL D 151 26.15 -87.99 78.64
CA VAL D 151 25.38 -88.28 79.84
C VAL D 151 24.15 -89.08 79.43
N GLN D 152 24.07 -90.32 79.87
CA GLN D 152 22.93 -91.18 79.60
C GLN D 152 22.19 -91.48 80.89
N TRP D 153 20.87 -91.49 80.81
CA TRP D 153 20.04 -91.89 81.93
C TRP D 153 19.69 -93.36 81.81
N LYS D 154 19.69 -94.05 82.95
CA LYS D 154 19.26 -95.45 83.01
C LYS D 154 18.35 -95.60 84.22
N VAL D 155 17.16 -96.16 84.00
CA VAL D 155 16.20 -96.41 85.07
C VAL D 155 15.97 -97.92 85.14
N ASP D 156 16.14 -98.49 86.34
CA ASP D 156 16.05 -99.94 86.57
C ASP D 156 16.92 -100.71 85.56
N ASN D 157 18.08 -100.16 85.24
CA ASN D 157 19.08 -100.63 84.27
C ASN D 157 18.69 -100.34 82.82
N ALA D 158 17.58 -99.66 82.55
CA ALA D 158 17.10 -99.47 81.18
C ALA D 158 17.49 -98.08 80.68
N LEU D 159 18.13 -98.06 79.51
CA LEU D 159 18.60 -96.80 78.94
C LEU D 159 17.43 -95.96 78.44
N GLN D 160 17.53 -94.65 78.64
CA GLN D 160 16.52 -93.69 78.22
C GLN D 160 17.10 -92.78 77.14
N SER D 161 16.23 -92.35 76.20
CA SER D 161 16.64 -91.48 75.08
C SER D 161 15.50 -90.47 74.85
N GLY D 162 15.53 -89.39 75.62
CA GLY D 162 14.38 -88.51 75.77
C GLY D 162 13.92 -88.43 77.22
N ASN D 163 12.97 -87.53 77.44
CA ASN D 163 12.56 -87.07 78.76
C ASN D 163 13.69 -86.40 79.51
N SER D 164 14.79 -86.05 78.84
CA SER D 164 15.91 -85.36 79.46
C SER D 164 16.39 -84.22 78.58
N GLN D 165 16.95 -83.19 79.21
CA GLN D 165 17.57 -82.10 78.46
C GLN D 165 18.79 -81.61 79.22
N GLU D 166 19.76 -81.08 78.47
CA GLU D 166 21.02 -80.64 79.03
C GLU D 166 21.17 -79.13 78.93
N SER D 167 21.94 -78.58 79.86
CA SER D 167 22.40 -77.21 79.73
C SER D 167 23.85 -77.16 80.19
N VAL D 168 24.65 -76.32 79.53
CA VAL D 168 26.08 -76.23 79.81
C VAL D 168 26.46 -74.79 80.03
N THR D 169 27.35 -74.55 80.99
CA THR D 169 27.82 -73.18 81.18
C THR D 169 28.76 -72.77 80.05
N GLU D 170 28.92 -71.46 79.89
CA GLU D 170 30.07 -70.99 79.13
C GLU D 170 31.33 -71.32 79.92
N GLN D 171 32.47 -71.29 79.22
CA GLN D 171 33.74 -71.60 79.85
C GLN D 171 34.07 -70.59 80.94
N ASP D 172 34.41 -71.11 82.11
CA ASP D 172 34.72 -70.26 83.25
C ASP D 172 35.92 -69.37 82.96
N SER D 173 35.78 -68.07 83.26
CA SER D 173 36.86 -67.10 83.00
C SER D 173 38.05 -67.25 83.92
N LYS D 174 37.97 -68.07 84.97
CA LYS D 174 39.08 -68.25 85.89
C LYS D 174 39.73 -69.62 85.78
N ASP D 175 38.97 -70.71 85.85
CA ASP D 175 39.57 -72.03 85.80
C ASP D 175 39.41 -72.71 84.44
N SER D 176 38.80 -72.03 83.47
CA SER D 176 38.67 -72.50 82.09
C SER D 176 37.95 -73.85 82.00
N THR D 177 37.04 -74.14 82.93
CA THR D 177 36.27 -75.38 82.90
C THR D 177 34.83 -75.11 82.52
N TYR D 178 34.12 -76.20 82.25
CA TYR D 178 32.69 -76.20 82.00
C TYR D 178 31.99 -76.92 83.15
N SER D 179 30.68 -76.66 83.27
CA SER D 179 29.82 -77.50 84.07
C SER D 179 28.55 -77.74 83.26
N LEU D 180 27.87 -78.85 83.59
CA LEU D 180 26.75 -79.32 82.78
C LEU D 180 25.69 -79.88 83.71
N SER D 181 24.44 -79.63 83.37
CA SER D 181 23.29 -80.23 84.03
C SER D 181 22.57 -81.12 83.03
N SER D 182 22.07 -82.25 83.49
CA SER D 182 21.14 -83.06 82.71
C SER D 182 19.95 -83.35 83.61
N THR D 183 18.75 -83.09 83.09
CA THR D 183 17.54 -83.14 83.88
C THR D 183 16.56 -84.08 83.22
N LEU D 184 16.19 -85.15 83.92
CA LEU D 184 15.18 -86.11 83.49
C LEU D 184 13.89 -85.82 84.26
N THR D 185 12.81 -85.59 83.54
CA THR D 185 11.53 -85.27 84.17
C THR D 185 10.47 -86.27 83.72
N LEU D 186 9.75 -86.81 84.70
CA LEU D 186 8.67 -87.77 84.49
C LEU D 186 7.47 -87.32 85.31
N SER D 187 6.29 -87.82 84.92
CA SER D 187 5.16 -87.72 85.83
C SER D 187 5.47 -88.51 87.10
N LYS D 188 4.76 -88.16 88.18
CA LYS D 188 4.96 -88.91 89.41
C LYS D 188 4.57 -90.38 89.21
N ALA D 189 3.53 -90.62 88.40
CA ALA D 189 3.09 -91.99 88.15
C ALA D 189 4.17 -92.81 87.44
N ASP D 190 4.79 -92.24 86.42
CA ASP D 190 5.87 -92.95 85.73
C ASP D 190 7.10 -93.09 86.63
N TYR D 191 7.39 -92.04 87.42
CA TYR D 191 8.51 -92.09 88.36
C TYR D 191 8.38 -93.29 89.31
N GLU D 192 7.20 -93.46 89.90
CA GLU D 192 6.97 -94.50 90.90
C GLU D 192 6.75 -95.89 90.30
N LYS D 193 7.13 -96.11 89.05
CA LYS D 193 7.14 -97.44 88.47
C LYS D 193 8.51 -98.11 88.59
N HIS D 194 9.55 -97.34 88.92
CA HIS D 194 10.92 -97.84 88.88
C HIS D 194 11.61 -97.56 90.20
N LYS D 195 12.73 -98.26 90.41
CA LYS D 195 13.46 -98.18 91.68
C LYS D 195 14.80 -97.46 91.57
N VAL D 196 15.66 -97.85 90.64
CA VAL D 196 17.02 -97.30 90.59
C VAL D 196 17.11 -96.33 89.41
N TYR D 197 17.50 -95.10 89.72
CA TYR D 197 17.72 -94.03 88.76
C TYR D 197 19.20 -93.70 88.73
N ALA D 198 19.81 -93.74 87.54
CA ALA D 198 21.24 -93.55 87.41
C ALA D 198 21.57 -92.67 86.22
N CYS D 199 22.60 -91.83 86.36
CA CYS D 199 23.19 -91.15 85.21
C CYS D 199 24.60 -91.69 85.00
N GLU D 200 24.90 -92.05 83.75
CA GLU D 200 26.16 -92.64 83.35
C GLU D 200 26.90 -91.61 82.49
N VAL D 201 28.13 -91.31 82.89
CA VAL D 201 28.91 -90.20 82.32
C VAL D 201 30.13 -90.76 81.63
N THR D 202 30.34 -90.35 80.38
CA THR D 202 31.54 -90.64 79.61
C THR D 202 32.24 -89.32 79.31
N HIS D 203 33.56 -89.29 79.50
CA HIS D 203 34.33 -88.06 79.34
C HIS D 203 35.81 -88.38 79.17
N GLN D 204 36.50 -87.50 78.44
CA GLN D 204 37.90 -87.70 78.12
C GLN D 204 38.75 -87.94 79.38
N GLY D 205 38.44 -87.26 80.48
CA GLY D 205 39.24 -87.37 81.68
C GLY D 205 38.95 -88.57 82.54
N LEU D 206 37.96 -89.37 82.16
CA LEU D 206 37.59 -90.58 82.87
C LEU D 206 38.12 -91.79 82.12
N SER D 207 38.75 -92.73 82.84
CA SER D 207 39.28 -93.91 82.17
C SER D 207 38.16 -94.86 81.74
N SER D 208 37.03 -94.82 82.42
CA SER D 208 35.86 -95.62 82.06
C SER D 208 34.62 -94.85 82.45
N PRO D 209 33.45 -95.22 81.93
CA PRO D 209 32.22 -94.51 82.32
C PRO D 209 32.00 -94.58 83.83
N VAL D 210 31.39 -93.51 84.36
CA VAL D 210 31.05 -93.39 85.77
C VAL D 210 29.53 -93.23 85.90
N THR D 211 28.93 -93.99 86.82
CA THR D 211 27.50 -93.91 87.07
C THR D 211 27.25 -93.49 88.52
N LYS D 212 26.33 -92.54 88.70
CA LYS D 212 25.83 -92.13 90.00
C LYS D 212 24.34 -92.46 90.04
N SER D 213 23.90 -93.10 91.11
CA SER D 213 22.55 -93.63 91.17
C SER D 213 21.96 -93.46 92.56
N PHE D 214 20.64 -93.62 92.64
CA PHE D 214 19.95 -93.73 93.91
C PHE D 214 18.77 -94.68 93.74
N ASN D 215 18.19 -95.07 94.87
CA ASN D 215 16.97 -95.88 94.89
C ASN D 215 15.84 -95.03 95.43
N ARG D 216 14.72 -95.03 94.71
CA ARG D 216 13.61 -94.12 95.01
C ARG D 216 13.02 -94.31 96.41
N GLU E 1 32.93 -44.65 35.78
CA GLU E 1 32.95 -44.92 37.22
C GLU E 1 31.57 -44.80 37.86
N VAL E 2 30.66 -44.03 37.25
CA VAL E 2 29.27 -43.99 37.67
C VAL E 2 28.47 -44.88 36.73
N GLN E 3 27.55 -45.66 37.30
CA GLN E 3 26.74 -46.60 36.57
C GLN E 3 25.29 -46.19 36.75
N LEU E 4 24.52 -46.20 35.68
CA LEU E 4 23.09 -45.92 35.74
C LEU E 4 22.33 -47.08 35.13
N GLN E 5 21.24 -47.48 35.76
CA GLN E 5 20.50 -48.67 35.33
C GLN E 5 19.01 -48.36 35.36
N GLU E 6 18.37 -48.33 34.19
CA GLU E 6 16.94 -48.15 34.09
C GLU E 6 16.21 -49.45 34.40
N SER E 7 15.04 -49.34 35.02
CA SER E 7 14.21 -50.53 35.23
C SER E 7 12.74 -50.13 35.16
N GLY E 8 11.91 -51.14 34.92
CA GLY E 8 10.49 -50.92 34.84
C GLY E 8 9.86 -51.89 33.86
N PRO E 9 8.55 -51.81 33.69
CA PRO E 9 7.86 -52.74 32.77
C PRO E 9 8.29 -52.53 31.34
N SER E 10 8.38 -53.65 30.60
CA SER E 10 8.65 -53.60 29.17
C SER E 10 7.39 -53.34 28.35
N LEU E 11 6.22 -53.48 28.95
CA LEU E 11 4.96 -53.38 28.24
C LEU E 11 3.98 -52.63 29.14
N VAL E 12 3.33 -51.61 28.58
CA VAL E 12 2.34 -50.80 29.28
C VAL E 12 1.12 -50.64 28.38
N LYS E 13 -0.08 -50.68 28.97
CA LYS E 13 -1.29 -50.53 28.16
C LYS E 13 -1.52 -49.06 27.83
N PRO E 14 -2.04 -48.79 26.64
CA PRO E 14 -2.40 -47.42 26.30
C PRO E 14 -3.37 -46.86 27.33
N SER E 15 -3.20 -45.58 27.61
CA SER E 15 -3.94 -44.71 28.53
C SER E 15 -3.40 -44.84 29.96
N GLN E 16 -2.55 -45.83 30.24
CA GLN E 16 -1.99 -45.97 31.57
C GLN E 16 -0.82 -45.01 31.78
N THR E 17 -0.38 -44.92 33.03
CA THR E 17 0.83 -44.19 33.36
C THR E 17 2.04 -45.12 33.32
N LEU E 18 3.06 -44.70 32.61
CA LEU E 18 4.33 -45.41 32.49
C LEU E 18 5.25 -44.92 33.59
N SER E 19 5.83 -45.84 34.37
CA SER E 19 6.78 -45.48 35.41
C SER E 19 8.08 -46.24 35.23
N LEU E 20 9.20 -45.52 35.23
CA LEU E 20 10.53 -46.13 35.15
C LEU E 20 11.36 -45.60 36.30
N THR E 21 12.34 -46.41 36.72
CA THR E 21 13.30 -46.01 37.74
C THR E 21 14.73 -46.11 37.21
N CYS E 22 15.55 -45.14 37.60
CA CYS E 22 16.99 -45.16 37.31
C CYS E 22 17.74 -45.34 38.62
N SER E 23 18.49 -46.45 38.73
CA SER E 23 19.33 -46.71 39.90
C SER E 23 20.76 -46.26 39.61
N VAL E 24 21.33 -45.45 40.50
CA VAL E 24 22.63 -44.84 40.26
C VAL E 24 23.62 -45.42 41.26
N THR E 25 24.79 -45.82 40.76
CA THR E 25 25.88 -46.30 41.61
C THR E 25 27.15 -45.58 41.22
N GLY E 26 28.03 -45.34 42.21
CA GLY E 26 29.27 -44.66 41.97
C GLY E 26 29.19 -43.15 42.08
N ASP E 27 28.01 -42.60 42.34
CA ASP E 27 27.81 -41.17 42.49
C ASP E 27 26.49 -41.01 43.24
N SER E 28 26.33 -39.88 43.91
CA SER E 28 25.12 -39.60 44.66
C SER E 28 24.25 -38.63 43.89
N ILE E 29 22.93 -38.89 43.88
CA ILE E 29 22.05 -38.00 43.13
C ILE E 29 21.80 -36.69 43.85
N THR E 30 22.37 -36.49 45.03
CA THR E 30 22.29 -35.21 45.72
C THR E 30 23.39 -34.25 45.27
N SER E 31 24.14 -34.61 44.23
CA SER E 31 24.94 -33.65 43.47
C SER E 31 24.70 -33.88 41.99
N GLY E 32 24.77 -32.80 41.21
CA GLY E 32 24.56 -32.89 39.79
C GLY E 32 23.09 -32.82 39.39
N TYR E 33 22.86 -33.11 38.11
CA TYR E 33 21.53 -33.07 37.52
C TYR E 33 21.27 -34.41 36.85
N TRP E 34 20.03 -34.88 36.94
CA TRP E 34 19.75 -36.28 36.63
C TRP E 34 18.60 -36.34 35.64
N ASN E 35 18.85 -36.93 34.46
CA ASN E 35 18.06 -36.66 33.28
C ASN E 35 17.37 -37.92 32.78
N TRP E 36 16.32 -37.69 31.99
CA TRP E 36 15.63 -38.72 31.21
C TRP E 36 15.61 -38.31 29.75
N ILE E 37 15.97 -39.24 28.88
CA ILE E 37 15.96 -39.06 27.43
C ILE E 37 15.34 -40.30 26.82
N ARG E 38 14.62 -40.15 25.72
CA ARG E 38 14.13 -41.33 25.02
C ARG E 38 14.53 -41.30 23.56
N LYS E 39 14.70 -42.49 22.98
CA LYS E 39 15.02 -42.68 21.57
C LYS E 39 13.87 -43.41 20.93
N PHE E 40 13.20 -42.76 19.97
CA PHE E 40 12.07 -43.40 19.31
C PHE E 40 12.56 -44.50 18.37
N PRO E 41 11.67 -45.43 17.98
CA PRO E 41 12.12 -46.55 17.12
C PRO E 41 12.82 -46.11 15.84
N GLY E 42 12.55 -44.89 15.37
CA GLY E 42 13.28 -44.36 14.23
C GLY E 42 14.59 -43.63 14.52
N ASN E 43 15.13 -43.73 15.73
CA ASN E 43 16.41 -43.17 16.22
C ASN E 43 16.37 -41.68 16.55
N LYS E 44 15.22 -41.02 16.52
CA LYS E 44 15.14 -39.64 16.97
C LYS E 44 15.24 -39.60 18.50
N LEU E 45 16.05 -38.68 19.03
CA LEU E 45 16.20 -38.49 20.48
C LEU E 45 15.36 -37.33 20.96
N GLU E 46 14.69 -37.51 22.11
CA GLU E 46 13.89 -36.45 22.72
C GLU E 46 14.29 -36.32 24.18
N TYR E 47 14.75 -35.14 24.55
CA TYR E 47 15.02 -34.83 25.95
C TYR E 47 13.70 -34.71 26.73
N MET E 48 13.60 -35.37 27.88
CA MET E 48 12.37 -35.36 28.66
C MET E 48 12.43 -34.40 29.83
N GLY E 49 13.49 -34.44 30.63
CA GLY E 49 13.62 -33.48 31.71
C GLY E 49 14.67 -33.92 32.71
N TYR E 50 14.77 -33.15 33.80
CA TYR E 50 15.74 -33.50 34.83
C TYR E 50 15.14 -33.32 36.21
N ILE E 51 15.80 -33.94 37.18
CA ILE E 51 15.63 -33.61 38.59
C ILE E 51 17.01 -33.21 39.10
N SER E 52 17.08 -32.09 39.81
CA SER E 52 18.35 -31.55 40.25
C SER E 52 18.79 -32.18 41.57
N TYR E 53 20.02 -31.84 41.96
CA TYR E 53 20.57 -32.28 43.23
C TYR E 53 19.67 -31.89 44.41
N SER E 54 18.86 -30.85 44.23
CA SER E 54 18.00 -30.31 45.28
C SER E 54 16.59 -30.87 45.23
N GLY E 55 16.28 -31.70 44.25
CA GLY E 55 14.92 -32.20 44.06
C GLY E 55 14.04 -31.36 43.17
N SER E 56 14.49 -30.19 42.70
CA SER E 56 13.74 -29.42 41.75
C SER E 56 13.75 -30.11 40.39
N THR E 57 12.80 -29.73 39.54
CA THR E 57 12.58 -30.44 38.30
C THR E 57 12.42 -29.48 37.13
N TYR E 58 12.85 -29.94 35.96
CA TYR E 58 12.66 -29.25 34.71
C TYR E 58 12.10 -30.26 33.73
N TYR E 59 11.07 -29.87 33.00
CA TYR E 59 10.44 -30.72 32.00
C TYR E 59 10.46 -30.04 30.64
N ASN E 60 10.77 -30.83 29.61
CA ASN E 60 10.61 -30.36 28.24
C ASN E 60 9.19 -29.80 28.05
N PRO E 61 9.05 -28.56 27.57
CA PRO E 61 7.70 -27.99 27.43
C PRO E 61 6.78 -28.82 26.54
N SER E 62 7.32 -29.59 25.61
CA SER E 62 6.46 -30.45 24.79
C SER E 62 5.91 -31.64 25.56
N LEU E 63 6.43 -31.90 26.75
CA LEU E 63 5.99 -33.01 27.59
C LEU E 63 5.49 -32.58 28.96
N LYS E 64 5.61 -31.30 29.31
CA LYS E 64 5.41 -30.87 30.69
C LYS E 64 4.06 -31.33 31.25
N SER E 65 3.00 -31.24 30.44
CA SER E 65 1.69 -31.63 30.96
C SER E 65 1.53 -33.14 31.13
N ARG E 66 2.49 -33.94 30.67
CA ARG E 66 2.36 -35.39 30.76
C ARG E 66 3.41 -36.09 31.61
N ILE E 67 4.38 -35.38 32.20
CA ILE E 67 5.42 -36.08 32.95
C ILE E 67 5.58 -35.54 34.36
N SER E 68 6.08 -36.41 35.23
CA SER E 68 6.55 -36.08 36.57
C SER E 68 7.87 -36.80 36.76
N ILE E 69 8.82 -36.16 37.42
CA ILE E 69 10.05 -36.83 37.84
C ILE E 69 10.13 -36.79 39.37
N THR E 70 10.48 -37.92 39.96
CA THR E 70 10.60 -38.05 41.42
C THR E 70 11.97 -38.62 41.76
N ARG E 71 12.33 -38.58 43.04
CA ARG E 71 13.56 -39.24 43.46
C ARG E 71 13.38 -39.88 44.83
N ASP E 72 14.26 -40.83 45.12
CA ASP E 72 14.38 -41.43 46.45
C ASP E 72 15.86 -41.35 46.82
N THR E 73 16.24 -40.34 47.60
CA THR E 73 17.65 -40.16 47.92
C THR E 73 18.19 -41.29 48.80
N SER E 74 17.34 -41.93 49.62
CA SER E 74 17.87 -43.03 50.42
C SER E 74 18.25 -44.23 49.53
N LYS E 75 17.52 -44.44 48.44
CA LYS E 75 17.85 -45.52 47.52
C LYS E 75 18.78 -45.07 46.39
N ASN E 76 19.05 -43.77 46.30
CA ASN E 76 19.86 -43.20 45.22
C ASN E 76 19.26 -43.57 43.86
N GLN E 77 17.94 -43.39 43.75
CA GLN E 77 17.19 -43.68 42.55
C GLN E 77 16.35 -42.46 42.18
N TYR E 78 16.04 -42.31 40.90
CA TYR E 78 15.02 -41.36 40.51
C TYR E 78 14.16 -41.96 39.42
N SER E 79 12.97 -41.40 39.26
CA SER E 79 11.94 -42.07 38.48
C SER E 79 11.26 -41.11 37.51
N LEU E 80 10.76 -41.70 36.43
CA LEU E 80 10.02 -41.00 35.40
C LEU E 80 8.60 -41.53 35.40
N HIS E 81 7.62 -40.63 35.42
CA HIS E 81 6.21 -41.00 35.25
C HIS E 81 5.68 -40.27 34.03
N LEU E 82 5.13 -41.01 33.08
CA LEU E 82 4.66 -40.47 31.82
C LEU E 82 3.18 -40.83 31.67
N ASN E 83 2.33 -39.80 31.66
CA ASN E 83 0.88 -40.00 31.71
C ASN E 83 0.28 -40.40 30.36
N SER E 84 -0.82 -41.14 30.42
CA SER E 84 -1.78 -41.33 29.32
C SER E 84 -1.07 -41.78 28.03
N VAL E 85 -0.30 -42.88 28.13
CA VAL E 85 0.61 -43.22 27.03
C VAL E 85 -0.16 -43.82 25.85
N THR E 86 0.45 -43.69 24.66
CA THR E 86 -0.04 -44.32 23.43
C THR E 86 1.15 -44.98 22.73
N ALA E 87 0.87 -45.68 21.62
CA ALA E 87 1.95 -46.21 20.79
C ALA E 87 2.95 -45.15 20.36
N GLU E 88 2.58 -43.87 20.32
CA GLU E 88 3.56 -42.83 20.00
C GLU E 88 4.65 -42.71 21.05
N ASP E 89 4.48 -43.30 22.23
CA ASP E 89 5.48 -43.23 23.29
C ASP E 89 6.43 -44.41 23.32
N THR E 90 6.16 -45.44 22.53
CA THR E 90 7.05 -46.59 22.45
C THR E 90 8.45 -46.12 22.05
N ALA E 91 9.46 -46.56 22.82
CA ALA E 91 10.80 -45.98 22.72
C ALA E 91 11.73 -46.73 23.66
N THR E 92 13.02 -46.45 23.49
CA THR E 92 14.03 -46.82 24.46
C THR E 92 14.27 -45.63 25.35
N PHE E 93 14.14 -45.83 26.66
CA PHE E 93 14.27 -44.75 27.63
C PHE E 93 15.64 -44.86 28.29
N TYR E 94 16.35 -43.73 28.36
CA TYR E 94 17.67 -43.62 28.95
C TYR E 94 17.65 -42.67 30.12
N CYS E 95 18.35 -43.02 31.20
CA CYS E 95 18.72 -41.99 32.16
C CYS E 95 20.20 -41.63 31.95
N ALA E 96 20.54 -40.40 32.33
CA ALA E 96 21.89 -39.90 32.09
C ALA E 96 22.21 -38.82 33.12
N ARG E 97 23.48 -38.76 33.49
CA ARG E 97 23.95 -37.71 34.41
C ARG E 97 24.37 -36.48 33.64
N TYR E 98 24.00 -35.30 34.16
CA TYR E 98 24.63 -34.05 33.76
C TYR E 98 25.63 -33.66 34.84
N TYR E 99 26.87 -33.47 34.45
CA TYR E 99 27.95 -33.13 35.37
C TYR E 99 28.36 -31.69 35.09
N GLY E 100 28.41 -30.86 36.12
CA GLY E 100 28.76 -29.46 35.93
C GLY E 100 27.73 -28.49 36.45
N ASP E 101 27.73 -27.26 35.92
CA ASP E 101 26.82 -26.24 36.38
C ASP E 101 26.17 -25.58 35.16
N ASN E 102 25.57 -24.42 35.39
CA ASN E 102 24.87 -23.72 34.33
C ASN E 102 25.80 -23.24 33.22
N TYR E 103 27.08 -23.11 33.52
CA TYR E 103 28.06 -22.48 32.65
C TYR E 103 28.85 -23.53 31.87
N VAL E 104 29.38 -24.53 32.56
CA VAL E 104 30.22 -25.55 31.95
C VAL E 104 29.75 -26.92 32.41
N GLY E 105 29.55 -27.84 31.48
CA GLY E 105 29.25 -29.21 31.83
C GLY E 105 28.74 -29.96 30.62
N ALA E 106 28.35 -31.20 30.88
CA ALA E 106 27.79 -32.04 29.82
C ALA E 106 27.02 -33.20 30.41
N MET E 107 26.12 -33.74 29.60
CA MET E 107 25.47 -35.01 29.91
C MET E 107 26.48 -36.10 29.56
N ASP E 108 27.11 -36.71 30.56
CA ASP E 108 28.29 -37.51 30.28
C ASP E 108 28.02 -39.01 30.36
N TYR E 109 27.56 -39.52 31.49
CA TYR E 109 27.31 -40.95 31.61
C TYR E 109 25.84 -41.27 31.35
N TRP E 110 25.58 -42.19 30.43
CA TRP E 110 24.22 -42.64 30.11
C TRP E 110 24.01 -44.07 30.63
N GLY E 111 22.77 -44.40 30.94
CA GLY E 111 22.43 -45.75 31.32
C GLY E 111 22.46 -46.69 30.12
N GLN E 112 22.07 -47.94 30.35
CA GLN E 112 22.06 -48.88 29.25
C GLN E 112 20.78 -48.79 28.41
N GLY E 113 19.76 -48.11 28.89
CA GLY E 113 18.54 -47.95 28.13
C GLY E 113 17.60 -49.10 28.40
N THR E 114 16.29 -48.83 28.41
CA THR E 114 15.30 -49.89 28.60
C THR E 114 14.18 -49.68 27.61
N SER E 115 13.76 -50.77 26.94
CA SER E 115 12.68 -50.67 25.97
C SER E 115 11.32 -50.67 26.66
N VAL E 116 10.42 -49.81 26.19
CA VAL E 116 9.03 -49.82 26.64
C VAL E 116 8.14 -49.78 25.42
N THR E 117 7.21 -50.72 25.34
CA THR E 117 6.27 -50.79 24.23
C THR E 117 4.88 -50.52 24.78
N VAL E 118 4.10 -49.70 24.08
CA VAL E 118 2.76 -49.38 24.53
C VAL E 118 1.78 -50.13 23.66
N SER E 119 1.05 -51.07 24.26
CA SER E 119 0.09 -51.91 23.57
C SER E 119 -0.80 -52.59 24.59
N SER E 120 -2.06 -52.84 24.18
CA SER E 120 -2.99 -53.58 25.00
C SER E 120 -2.82 -55.10 24.87
N ALA E 121 -1.96 -55.57 23.98
CA ALA E 121 -1.80 -57.00 23.79
C ALA E 121 -1.08 -57.63 24.99
N SER E 122 -1.30 -58.93 25.16
CA SER E 122 -0.66 -59.68 26.22
C SER E 122 0.77 -60.06 25.83
N THR E 123 1.63 -60.23 26.83
CA THR E 123 2.97 -60.73 26.56
C THR E 123 2.89 -62.14 25.97
N LYS E 124 3.89 -62.49 25.17
CA LYS E 124 3.93 -63.82 24.56
C LYS E 124 5.39 -64.24 24.51
N GLY E 125 5.67 -65.43 25.03
CA GLY E 125 7.02 -65.97 25.00
C GLY E 125 7.35 -66.60 23.66
N PRO E 126 8.63 -66.64 23.31
CA PRO E 126 9.03 -67.12 21.98
C PRO E 126 9.02 -68.64 21.89
N SER E 127 8.84 -69.12 20.67
CA SER E 127 9.25 -70.46 20.28
C SER E 127 10.70 -70.38 19.83
N VAL E 128 11.48 -71.42 20.14
CA VAL E 128 12.89 -71.47 19.76
C VAL E 128 13.10 -72.75 18.97
N PHE E 129 13.52 -72.61 17.73
CA PHE E 129 13.72 -73.73 16.82
C PHE E 129 15.16 -73.74 16.32
N PRO E 130 15.72 -74.92 16.13
CA PRO E 130 17.09 -75.00 15.61
C PRO E 130 17.16 -74.65 14.13
N LEU E 131 18.25 -73.99 13.76
CA LEU E 131 18.64 -73.81 12.37
C LEU E 131 19.82 -74.78 12.17
N ALA E 132 19.52 -75.98 11.68
CA ALA E 132 20.54 -77.02 11.79
C ALA E 132 21.60 -76.85 10.71
N PRO E 133 22.86 -77.08 11.04
CA PRO E 133 23.90 -77.04 9.99
C PRO E 133 23.79 -78.25 9.09
N SER E 134 24.00 -78.03 7.80
CA SER E 134 24.03 -79.09 6.82
C SER E 134 24.91 -78.62 5.66
N SER E 135 25.07 -79.46 4.64
CA SER E 135 25.79 -79.03 3.45
C SER E 135 25.14 -77.81 2.83
N LYS E 136 23.83 -77.64 3.04
CA LYS E 136 23.12 -76.46 2.56
C LYS E 136 23.54 -75.21 3.31
N SER E 137 24.22 -75.34 4.45
CA SER E 137 24.68 -74.17 5.19
C SER E 137 26.18 -74.23 5.45
N THR E 138 26.95 -74.88 4.57
CA THR E 138 28.40 -74.86 4.66
C THR E 138 29.01 -74.38 3.35
N SER E 139 30.21 -73.82 3.46
CA SER E 139 31.00 -73.43 2.28
C SER E 139 32.45 -73.80 2.59
N GLY E 140 32.90 -74.92 2.02
CA GLY E 140 34.24 -75.39 2.28
C GLY E 140 34.40 -75.87 3.71
N GLY E 141 35.11 -75.10 4.52
CA GLY E 141 35.33 -75.42 5.92
C GLY E 141 34.52 -74.61 6.92
N THR E 142 33.55 -73.82 6.44
CA THR E 142 32.75 -72.95 7.29
C THR E 142 31.30 -73.37 7.24
N ALA E 143 30.75 -73.75 8.39
CA ALA E 143 29.34 -74.11 8.52
C ALA E 143 28.62 -73.03 9.30
N ALA E 144 27.38 -72.74 8.90
CA ALA E 144 26.52 -71.83 9.65
C ALA E 144 25.41 -72.64 10.33
N LEU E 145 25.06 -72.21 11.55
CA LEU E 145 23.99 -72.82 12.32
C LEU E 145 23.38 -71.72 13.16
N GLY E 146 22.21 -71.99 13.73
CA GLY E 146 21.62 -70.94 14.54
C GLY E 146 20.37 -71.38 15.26
N CYS E 147 19.66 -70.39 15.78
CA CYS E 147 18.38 -70.58 16.43
C CYS E 147 17.40 -69.55 15.90
N LEU E 148 16.17 -70.00 15.65
CA LEU E 148 15.09 -69.13 15.24
C LEU E 148 14.23 -68.87 16.46
N VAL E 149 14.08 -67.60 16.82
CA VAL E 149 13.39 -67.18 18.04
C VAL E 149 12.14 -66.43 17.57
N LYS E 150 10.99 -67.09 17.62
CA LYS E 150 9.84 -66.73 16.82
C LYS E 150 8.62 -66.47 17.68
N ASP E 151 7.81 -65.48 17.28
CA ASP E 151 6.46 -65.24 17.83
C ASP E 151 6.50 -64.80 19.30
N TYR E 152 7.29 -63.76 19.59
CA TYR E 152 7.26 -63.22 20.95
C TYR E 152 6.84 -61.75 20.94
N PHE E 153 6.43 -61.29 22.11
CA PHE E 153 6.01 -59.90 22.31
C PHE E 153 6.11 -59.55 23.79
N PRO E 154 6.65 -58.38 24.15
CA PRO E 154 7.29 -57.37 23.31
C PRO E 154 8.81 -57.61 23.26
N GLU E 155 9.54 -56.70 22.63
CA GLU E 155 10.98 -56.67 22.82
C GLU E 155 11.28 -56.35 24.28
N PRO E 156 12.45 -56.76 24.80
CA PRO E 156 13.55 -57.43 24.11
C PRO E 156 13.67 -58.90 24.47
N VAL E 157 14.52 -59.57 23.71
CA VAL E 157 14.96 -60.93 23.99
C VAL E 157 16.49 -60.91 24.00
N THR E 158 17.09 -61.71 24.86
CA THR E 158 18.53 -61.87 24.88
C THR E 158 18.89 -63.28 24.39
N VAL E 159 19.95 -63.38 23.60
CA VAL E 159 20.42 -64.66 23.09
C VAL E 159 21.91 -64.78 23.36
N SER E 160 22.33 -65.94 23.85
CA SER E 160 23.74 -66.23 23.97
C SER E 160 23.97 -67.63 23.44
N TRP E 161 25.24 -67.98 23.26
CA TRP E 161 25.64 -69.28 22.75
C TRP E 161 26.62 -69.93 23.71
N ASN E 162 26.36 -71.18 24.08
CA ASN E 162 27.18 -71.92 25.03
C ASN E 162 27.45 -71.08 26.27
N SER E 163 26.44 -70.30 26.67
CA SER E 163 26.44 -69.49 27.88
C SER E 163 27.50 -68.38 27.84
N GLY E 164 27.72 -67.82 26.66
CA GLY E 164 28.64 -66.72 26.48
C GLY E 164 30.04 -67.11 26.05
N ALA E 165 30.33 -68.41 25.96
CA ALA E 165 31.66 -68.85 25.55
C ALA E 165 31.91 -68.65 24.06
N LEU E 166 30.86 -68.53 23.25
CA LEU E 166 30.98 -68.41 21.80
C LEU E 166 30.46 -67.05 21.39
N THR E 167 31.34 -66.22 20.83
CA THR E 167 30.96 -64.89 20.35
C THR E 167 31.50 -64.62 18.95
N SER E 168 32.63 -65.25 18.61
CA SER E 168 33.24 -64.99 17.31
C SER E 168 32.33 -65.43 16.18
N GLY E 169 32.08 -64.53 15.25
CA GLY E 169 31.23 -64.80 14.10
C GLY E 169 29.75 -64.85 14.41
N VAL E 170 29.33 -64.65 15.66
CA VAL E 170 27.91 -64.66 15.98
C VAL E 170 27.24 -63.43 15.38
N HIS E 171 26.07 -63.64 14.80
CA HIS E 171 25.21 -62.56 14.35
C HIS E 171 23.84 -62.81 14.98
N THR E 172 23.39 -61.92 15.83
CA THR E 172 22.00 -61.97 16.29
C THR E 172 21.26 -60.85 15.59
N PHE E 173 20.34 -61.21 14.70
CA PHE E 173 19.70 -60.22 13.86
C PHE E 173 18.73 -59.36 14.68
N PRO E 174 18.60 -58.08 14.32
CA PRO E 174 17.51 -57.27 14.88
C PRO E 174 16.17 -57.96 14.72
N ALA E 175 15.35 -57.89 15.78
CA ALA E 175 13.99 -58.42 15.68
C ALA E 175 13.17 -57.62 14.68
N VAL E 176 12.27 -58.31 13.99
CA VAL E 176 11.42 -57.68 12.98
C VAL E 176 9.99 -58.12 13.23
N LEU E 177 9.06 -57.18 13.25
CA LEU E 177 7.65 -57.53 13.40
C LEU E 177 7.15 -58.32 12.20
N GLN E 178 6.46 -59.43 12.47
CA GLN E 178 5.78 -60.22 11.45
C GLN E 178 4.40 -59.63 11.17
N SER E 179 3.70 -60.21 10.17
CA SER E 179 2.35 -59.72 9.91
C SER E 179 1.36 -60.10 11.00
N SER E 180 1.76 -60.93 11.96
CA SER E 180 0.98 -61.21 13.15
C SER E 180 1.14 -60.14 14.22
N GLY E 181 2.02 -59.17 14.04
CA GLY E 181 2.32 -58.22 15.10
C GLY E 181 3.24 -58.75 16.18
N LEU E 182 3.83 -59.92 15.98
CA LEU E 182 4.79 -60.51 16.91
C LEU E 182 6.19 -60.44 16.33
N TYR E 183 7.18 -60.43 17.20
CA TYR E 183 8.56 -60.33 16.75
C TYR E 183 9.11 -61.70 16.37
N SER E 184 10.12 -61.68 15.49
CA SER E 184 10.91 -62.87 15.19
C SER E 184 12.34 -62.45 14.91
N LEU E 185 13.29 -63.30 15.30
CA LEU E 185 14.67 -63.09 14.88
C LEU E 185 15.37 -64.43 14.81
N SER E 186 16.56 -64.41 14.20
CA SER E 186 17.46 -65.54 14.21
C SER E 186 18.79 -65.08 14.79
N SER E 187 19.45 -65.98 15.51
CA SER E 187 20.84 -65.81 15.92
C SER E 187 21.63 -66.89 15.23
N VAL E 188 22.69 -66.51 14.53
CA VAL E 188 23.49 -67.48 13.79
C VAL E 188 24.95 -67.39 14.21
N VAL E 189 25.65 -68.49 14.03
CA VAL E 189 27.07 -68.57 14.33
C VAL E 189 27.71 -69.35 13.19
N THR E 190 28.91 -68.94 12.78
CA THR E 190 29.69 -69.69 11.80
C THR E 190 30.87 -70.33 12.53
N VAL E 191 31.11 -71.60 12.22
CA VAL E 191 32.11 -72.40 12.93
C VAL E 191 32.85 -73.27 11.91
N PRO E 192 34.00 -73.82 12.33
CA PRO E 192 34.67 -74.81 11.47
C PRO E 192 33.78 -76.03 11.24
N SER E 193 33.69 -76.44 9.97
CA SER E 193 32.89 -77.61 9.61
C SER E 193 33.22 -78.82 10.47
N SER E 194 34.51 -79.13 10.59
CA SER E 194 34.91 -80.35 11.31
C SER E 194 34.52 -80.30 12.78
N SER E 195 34.36 -79.10 13.36
CA SER E 195 34.01 -79.01 14.77
C SER E 195 32.65 -79.63 15.06
N LEU E 196 31.80 -79.79 14.05
CA LEU E 196 30.44 -80.28 14.28
C LEU E 196 30.42 -81.72 14.80
N GLY E 197 31.55 -82.42 14.73
CA GLY E 197 31.61 -83.77 15.25
C GLY E 197 31.83 -83.86 16.74
N THR E 198 32.38 -82.82 17.37
CA THR E 198 32.69 -82.93 18.78
C THR E 198 32.19 -81.77 19.63
N GLN E 199 32.00 -80.60 19.03
CA GLN E 199 31.49 -79.48 19.80
C GLN E 199 29.98 -79.48 19.75
N THR E 200 29.37 -79.25 20.90
CA THR E 200 27.93 -79.05 21.00
C THR E 200 27.64 -77.56 20.97
N TYR E 201 26.61 -77.19 20.23
CA TYR E 201 26.18 -75.79 20.14
C TYR E 201 24.79 -75.69 20.74
N ILE E 202 24.65 -74.80 21.72
CA ILE E 202 23.39 -74.59 22.44
C ILE E 202 23.13 -73.10 22.47
N CYS E 203 21.95 -72.68 22.02
CA CYS E 203 21.57 -71.28 22.13
C CYS E 203 20.72 -71.08 23.37
N ASN E 204 21.01 -70.02 24.11
CA ASN E 204 20.30 -69.67 25.33
C ASN E 204 19.47 -68.42 25.05
N VAL E 205 18.15 -68.54 25.25
CA VAL E 205 17.21 -67.47 24.93
C VAL E 205 16.48 -67.10 26.21
N ASN E 206 16.41 -65.80 26.47
CA ASN E 206 15.74 -65.28 27.66
C ASN E 206 14.79 -64.17 27.23
N HIS E 207 13.51 -64.35 27.50
CA HIS E 207 12.47 -63.35 27.24
C HIS E 207 11.84 -63.03 28.59
N LYS E 208 12.40 -62.03 29.25
CA LYS E 208 11.96 -61.67 30.59
C LYS E 208 10.49 -61.25 30.67
N PRO E 209 9.92 -60.50 29.71
CA PRO E 209 8.52 -60.07 29.88
C PRO E 209 7.54 -61.22 30.02
N SER E 210 7.84 -62.39 29.46
CA SER E 210 6.95 -63.55 29.56
C SER E 210 7.48 -64.58 30.53
N ASN E 211 8.61 -64.30 31.19
CA ASN E 211 9.33 -65.26 32.00
C ASN E 211 9.53 -66.58 31.26
N THR E 212 9.99 -66.45 30.02
CA THR E 212 10.38 -67.58 29.19
C THR E 212 11.90 -67.63 29.13
N LYS E 213 12.48 -68.74 29.57
CA LYS E 213 13.90 -68.98 29.39
C LYS E 213 14.07 -70.37 28.81
N VAL E 214 14.93 -70.49 27.79
CA VAL E 214 14.97 -71.67 26.94
C VAL E 214 16.40 -71.89 26.47
N ASP E 215 16.91 -73.12 26.63
CA ASP E 215 18.14 -73.57 25.99
C ASP E 215 17.78 -74.56 24.89
N LYS E 216 18.37 -74.41 23.71
CA LYS E 216 18.06 -75.29 22.59
C LYS E 216 19.37 -75.78 21.99
N ARG E 217 19.60 -77.09 22.05
CA ARG E 217 20.78 -77.64 21.39
C ARG E 217 20.52 -77.72 19.90
N VAL E 218 21.53 -77.40 19.11
CA VAL E 218 21.39 -77.33 17.66
C VAL E 218 22.27 -78.42 17.08
N GLU E 219 21.65 -79.44 16.51
CA GLU E 219 22.44 -80.57 16.05
C GLU E 219 22.50 -80.63 14.53
N PRO E 220 23.57 -81.17 13.97
CA PRO E 220 23.68 -81.29 12.51
C PRO E 220 22.53 -82.10 11.92
N LYS E 221 22.23 -81.81 10.65
CA LYS E 221 21.20 -82.49 9.89
C LYS E 221 21.76 -82.91 8.53
N SER E 222 21.22 -83.99 7.99
CA SER E 222 21.65 -84.47 6.67
C SER E 222 21.39 -83.43 5.58
N ASP F 1 12.59 -25.54 21.62
CA ASP F 1 13.56 -24.46 21.48
C ASP F 1 14.42 -24.64 20.21
N ILE F 2 15.74 -24.67 20.36
CA ILE F 2 16.64 -24.59 19.22
C ILE F 2 16.59 -25.88 18.39
N VAL F 3 16.33 -25.73 17.09
CA VAL F 3 16.26 -26.88 16.20
C VAL F 3 17.67 -27.26 15.77
N MET F 4 18.01 -28.54 15.93
CA MET F 4 19.30 -29.07 15.48
C MET F 4 19.04 -30.00 14.29
N THR F 5 19.79 -29.80 13.21
CA THR F 5 19.51 -30.49 11.94
C THR F 5 20.75 -31.17 11.41
N GLN F 6 20.62 -32.47 11.12
CA GLN F 6 21.68 -33.25 10.46
C GLN F 6 21.07 -33.74 9.16
N ALA F 7 21.38 -33.06 8.07
CA ALA F 7 20.70 -33.31 6.81
C ALA F 7 20.96 -34.72 6.31
N ALA F 8 22.18 -35.23 6.49
CA ALA F 8 22.55 -36.51 5.93
C ALA F 8 22.07 -37.66 6.81
N PHE F 9 21.43 -38.67 6.18
CA PHE F 9 21.14 -39.91 6.88
C PHE F 9 22.41 -40.70 7.15
N SER F 10 23.36 -40.65 6.22
CA SER F 10 24.56 -41.47 6.35
C SER F 10 25.71 -40.72 5.69
N ASN F 11 26.93 -41.09 6.07
CA ASN F 11 28.15 -40.45 5.56
C ASN F 11 29.13 -41.58 5.26
N PRO F 12 29.10 -42.11 4.03
CA PRO F 12 30.05 -43.17 3.67
C PRO F 12 31.44 -42.59 3.48
N VAL F 13 32.44 -43.27 4.04
CA VAL F 13 33.83 -42.82 3.98
C VAL F 13 34.76 -44.02 3.80
N THR F 14 35.92 -43.76 3.19
CA THR F 14 36.93 -44.80 3.12
C THR F 14 37.83 -44.73 4.36
N LEU F 15 38.39 -45.88 4.73
CA LEU F 15 39.31 -45.95 5.84
C LEU F 15 40.46 -44.99 5.67
N GLY F 16 40.86 -44.34 6.78
CA GLY F 16 42.08 -43.57 6.82
C GLY F 16 41.96 -42.11 6.39
N ILE F 17 40.84 -41.69 5.83
CA ILE F 17 40.66 -40.29 5.45
C ILE F 17 39.95 -39.57 6.58
N SER F 18 39.90 -38.25 6.48
CA SER F 18 39.13 -37.46 7.44
C SER F 18 37.66 -37.42 7.00
N ALA F 19 36.78 -37.81 7.90
CA ALA F 19 35.35 -37.70 7.67
C ALA F 19 34.86 -36.40 8.27
N SER F 20 33.79 -35.85 7.69
CA SER F 20 33.12 -34.68 8.25
C SER F 20 31.62 -34.91 8.26
N ILE F 21 31.00 -34.65 9.40
CA ILE F 21 29.56 -34.78 9.57
C ILE F 21 29.01 -33.41 9.94
N SER F 22 28.01 -32.95 9.20
CA SER F 22 27.52 -31.59 9.39
C SER F 22 26.34 -31.54 10.34
N CYS F 23 26.18 -30.39 10.99
CA CYS F 23 25.05 -30.12 11.88
C CYS F 23 24.79 -28.63 11.79
N ARG F 24 23.52 -28.23 11.83
CA ARG F 24 23.12 -26.83 11.78
C ARG F 24 22.09 -26.54 12.86
N SER F 25 22.19 -25.37 13.48
CA SER F 25 21.24 -24.95 14.50
C SER F 25 20.40 -23.78 14.00
N SER F 26 19.18 -23.66 14.50
CA SER F 26 18.29 -22.59 14.08
C SER F 26 18.63 -21.25 14.74
N LYS F 27 19.49 -21.27 15.75
CA LYS F 27 19.97 -20.09 16.45
C LYS F 27 21.41 -20.32 16.82
N SER F 28 22.14 -19.22 17.01
CA SER F 28 23.54 -19.33 17.38
C SER F 28 23.69 -20.05 18.70
N LEU F 29 24.63 -20.99 18.76
CA LEU F 29 24.96 -21.69 20.00
C LEU F 29 26.06 -20.99 20.78
N LEU F 30 26.57 -19.87 20.28
CA LEU F 30 27.63 -19.13 20.95
C LEU F 30 26.99 -18.15 21.93
N HIS F 31 27.30 -18.32 23.20
CA HIS F 31 26.88 -17.39 24.23
C HIS F 31 27.82 -16.18 24.24
N SER F 32 27.34 -15.09 24.82
CA SER F 32 28.21 -13.93 24.98
C SER F 32 29.43 -14.26 25.83
N ASN F 33 29.35 -15.28 26.68
CA ASN F 33 30.49 -15.69 27.49
C ASN F 33 31.58 -16.38 26.68
N GLY F 34 31.41 -16.53 25.37
CA GLY F 34 32.46 -17.09 24.53
C GLY F 34 32.41 -18.59 24.34
N ILE F 35 31.46 -19.27 24.97
CA ILE F 35 31.35 -20.73 24.91
C ILE F 35 30.27 -21.09 23.91
N THR F 36 30.56 -22.09 23.06
CA THR F 36 29.58 -22.62 22.12
C THR F 36 29.02 -23.91 22.72
N TYR F 37 27.70 -23.94 22.94
CA TYR F 37 27.04 -24.98 23.71
C TYR F 37 26.62 -26.11 22.78
N LEU F 38 27.61 -26.66 22.08
CA LEU F 38 27.44 -27.72 21.09
C LEU F 38 28.09 -28.99 21.61
N TYR F 39 27.44 -30.14 21.39
CA TYR F 39 27.90 -31.43 21.87
C TYR F 39 27.80 -32.45 20.75
N TRP F 40 28.69 -33.44 20.78
CA TRP F 40 28.63 -34.58 19.86
C TRP F 40 28.58 -35.86 20.66
N TYR F 41 27.62 -36.72 20.31
CA TYR F 41 27.47 -38.04 20.91
C TYR F 41 27.59 -39.10 19.83
N LEU F 42 28.07 -40.28 20.22
CA LEU F 42 28.17 -41.43 19.32
C LEU F 42 27.39 -42.59 19.91
N GLN F 43 26.52 -43.22 19.11
CA GLN F 43 25.89 -44.48 19.52
C GLN F 43 26.36 -45.59 18.57
N LYS F 44 27.26 -46.43 19.06
CA LYS F 44 27.73 -47.57 18.29
C LYS F 44 26.70 -48.70 18.35
N PRO F 45 26.71 -49.60 17.36
CA PRO F 45 25.75 -50.71 17.35
C PRO F 45 25.78 -51.49 18.65
N GLY F 46 24.62 -51.60 19.30
CA GLY F 46 24.53 -52.35 20.53
C GLY F 46 24.92 -51.63 21.80
N GLN F 47 25.21 -50.33 21.74
CA GLN F 47 25.63 -49.58 22.91
C GLN F 47 24.72 -48.39 23.15
N SER F 48 24.83 -47.83 24.36
CA SER F 48 24.20 -46.57 24.68
C SER F 48 24.96 -45.41 24.04
N PRO F 49 24.33 -44.23 23.91
CA PRO F 49 25.07 -43.06 23.46
C PRO F 49 26.26 -42.79 24.36
N GLN F 50 27.33 -42.27 23.77
CA GLN F 50 28.56 -41.95 24.48
C GLN F 50 28.96 -40.52 24.13
N LEU F 51 29.39 -39.76 25.13
CA LEU F 51 29.83 -38.39 24.85
C LEU F 51 31.18 -38.42 24.16
N LEU F 52 31.30 -37.66 23.06
CA LEU F 52 32.58 -37.45 22.37
C LEU F 52 33.19 -36.10 22.69
N ILE F 53 32.43 -35.04 22.44
CA ILE F 53 32.91 -33.67 22.54
C ILE F 53 31.86 -32.86 23.29
N TYR F 54 32.31 -32.02 24.21
CA TYR F 54 31.37 -31.15 24.90
C TYR F 54 31.81 -29.71 24.77
N GLN F 55 30.81 -28.83 24.60
CA GLN F 55 31.03 -27.38 24.44
C GLN F 55 32.06 -27.09 23.36
N MET F 56 31.87 -27.77 22.22
CA MET F 56 32.54 -27.54 20.94
C MET F 56 34.01 -27.97 20.95
N SER F 57 34.75 -27.69 22.01
CA SER F 57 36.21 -27.79 21.96
C SER F 57 36.82 -28.75 22.97
N ASN F 58 36.03 -29.45 23.77
CA ASN F 58 36.54 -30.31 24.83
C ASN F 58 36.28 -31.77 24.51
N LEU F 59 37.31 -32.60 24.59
CA LEU F 59 37.16 -34.03 24.37
C LEU F 59 36.76 -34.72 25.67
N ALA F 60 35.76 -35.59 25.59
CA ALA F 60 35.41 -36.38 26.75
C ALA F 60 36.54 -37.33 27.11
N SER F 61 36.51 -37.80 28.36
CA SER F 61 37.55 -38.69 28.86
C SER F 61 37.55 -40.00 28.09
N GLY F 62 38.73 -40.46 27.71
CA GLY F 62 38.87 -41.69 26.96
C GLY F 62 38.66 -41.57 25.47
N VAL F 63 38.28 -40.40 24.97
CA VAL F 63 37.99 -40.24 23.55
C VAL F 63 39.26 -39.92 22.80
N PRO F 64 39.59 -40.64 21.72
CA PRO F 64 40.83 -40.37 20.99
C PRO F 64 40.86 -38.98 20.38
N ASP F 65 42.07 -38.41 20.33
CA ASP F 65 42.32 -37.07 19.80
C ASP F 65 42.00 -36.93 18.26
N ARG F 66 41.44 -37.96 17.62
CA ARG F 66 41.05 -37.86 16.23
C ARG F 66 39.72 -37.13 16.02
N PHE F 67 38.97 -36.80 17.07
CA PHE F 67 37.69 -36.12 16.92
C PHE F 67 37.86 -34.63 17.23
N SER F 68 37.32 -33.78 16.36
CA SER F 68 37.37 -32.34 16.57
C SER F 68 36.12 -31.72 15.96
N SER F 69 35.80 -30.52 16.44
CA SER F 69 34.58 -29.83 16.01
C SER F 69 34.95 -28.44 15.53
N SER F 70 34.30 -28.01 14.45
CA SER F 70 34.58 -26.72 13.85
C SER F 70 33.29 -26.07 13.39
N GLY F 71 33.42 -24.88 12.83
CA GLY F 71 32.29 -24.05 12.48
C GLY F 71 32.07 -22.97 13.51
N SER F 72 31.05 -22.15 13.24
CA SER F 72 30.73 -21.09 14.18
C SER F 72 29.26 -20.73 14.06
N GLY F 73 28.67 -20.38 15.19
CA GLY F 73 27.33 -19.84 15.24
C GLY F 73 26.24 -20.87 15.04
N THR F 74 25.92 -21.14 13.77
CA THR F 74 24.84 -22.02 13.40
C THR F 74 25.25 -23.16 12.47
N ASP F 75 26.49 -23.18 11.98
CA ASP F 75 26.93 -24.20 11.02
C ASP F 75 28.16 -24.88 11.59
N PHE F 76 28.07 -26.18 11.87
CA PHE F 76 29.16 -26.90 12.51
C PHE F 76 29.45 -28.18 11.75
N THR F 77 30.65 -28.71 11.98
CA THR F 77 31.01 -30.03 11.46
C THR F 77 31.82 -30.79 12.50
N LEU F 78 31.53 -32.08 12.62
CA LEU F 78 32.40 -32.99 13.36
C LEU F 78 33.43 -33.56 12.39
N ARG F 79 34.70 -33.49 12.78
CA ARG F 79 35.76 -34.05 11.94
C ARG F 79 36.38 -35.25 12.63
N ILE F 80 36.49 -36.35 11.90
CA ILE F 80 37.08 -37.58 12.39
C ILE F 80 38.33 -37.82 11.56
N SER F 81 39.49 -37.58 12.12
CA SER F 81 40.70 -37.81 11.35
C SER F 81 41.01 -39.31 11.29
N ARG F 82 41.56 -39.73 10.15
CA ARG F 82 42.01 -41.11 9.94
C ARG F 82 40.96 -42.13 10.43
N VAL F 83 39.81 -42.11 9.76
CA VAL F 83 38.67 -42.95 10.14
C VAL F 83 39.08 -44.41 10.25
N GLU F 84 38.61 -45.07 11.31
CA GLU F 84 38.83 -46.49 11.55
C GLU F 84 37.51 -47.25 11.41
N ALA F 85 37.63 -48.56 11.19
CA ALA F 85 36.44 -49.39 11.04
C ALA F 85 35.56 -49.34 12.28
N GLU F 86 36.17 -49.24 13.46
CA GLU F 86 35.42 -49.25 14.71
C GLU F 86 34.70 -47.92 14.96
N ASP F 87 34.85 -46.93 14.07
CA ASP F 87 34.16 -45.66 14.22
C ASP F 87 32.68 -45.72 13.79
N VAL F 88 32.22 -46.83 13.20
CA VAL F 88 30.87 -46.82 12.65
C VAL F 88 29.84 -46.70 13.77
N GLY F 89 28.72 -46.08 13.44
CA GLY F 89 27.68 -45.79 14.42
C GLY F 89 26.97 -44.51 14.02
N VAL F 90 26.04 -44.09 14.87
CA VAL F 90 25.24 -42.91 14.60
C VAL F 90 25.81 -41.76 15.42
N TYR F 91 26.17 -40.67 14.74
CA TYR F 91 26.72 -39.48 15.36
C TYR F 91 25.62 -38.45 15.50
N TYR F 92 25.37 -37.98 16.73
CA TYR F 92 24.37 -36.95 17.01
C TYR F 92 25.04 -35.67 17.47
N CYS F 93 24.60 -34.54 16.91
CA CYS F 93 24.91 -33.26 17.55
C CYS F 93 23.81 -32.91 18.57
N ALA F 94 24.15 -32.03 19.51
CA ALA F 94 23.17 -31.62 20.49
C ALA F 94 23.51 -30.23 20.98
N GLN F 95 22.52 -29.55 21.56
CA GLN F 95 22.79 -28.27 22.21
C GLN F 95 22.02 -28.20 23.52
N ASN F 96 22.53 -27.35 24.42
CA ASN F 96 21.81 -26.97 25.63
C ASN F 96 22.03 -25.50 25.98
N LEU F 97 22.29 -24.65 24.98
CA LEU F 97 22.31 -23.21 25.24
C LEU F 97 20.99 -22.77 25.83
N GLU F 98 19.89 -23.23 25.24
CA GLU F 98 18.55 -23.13 25.79
C GLU F 98 18.05 -24.52 26.13
N LEU F 99 17.39 -24.67 27.28
CA LEU F 99 16.67 -25.91 27.47
C LEU F 99 15.35 -25.87 26.70
N PRO F 100 14.81 -27.03 26.29
CA PRO F 100 15.35 -28.37 26.56
C PRO F 100 16.59 -28.70 25.73
N TRP F 101 17.41 -29.64 26.18
CA TRP F 101 18.39 -30.22 25.26
C TRP F 101 17.67 -30.59 23.97
N THR F 102 18.31 -30.33 22.84
CA THR F 102 17.78 -30.84 21.57
C THR F 102 18.91 -31.49 20.80
N PHE F 103 18.54 -32.45 19.96
CA PHE F 103 19.46 -33.31 19.23
C PHE F 103 19.18 -33.27 17.74
N GLY F 104 20.23 -33.37 16.95
CA GLY F 104 20.07 -33.62 15.54
C GLY F 104 19.52 -35.02 15.32
N GLY F 105 19.06 -35.26 14.10
CA GLY F 105 18.49 -36.56 13.75
C GLY F 105 19.48 -37.68 13.63
N GLY F 106 20.77 -37.41 13.79
CA GLY F 106 21.80 -38.43 13.66
C GLY F 106 22.26 -38.60 12.23
N THR F 107 23.53 -38.97 12.07
CA THR F 107 24.12 -39.32 10.78
C THR F 107 24.95 -40.57 11.00
N LYS F 108 24.66 -41.62 10.24
CA LYS F 108 25.35 -42.89 10.41
C LYS F 108 26.65 -42.86 9.61
N LEU F 109 27.78 -43.04 10.30
CA LEU F 109 29.05 -43.21 9.60
C LEU F 109 29.12 -44.62 9.03
N GLU F 110 29.43 -44.73 7.73
CA GLU F 110 29.53 -46.04 7.08
C GLU F 110 30.89 -46.17 6.41
N ILE F 111 31.52 -47.34 6.55
CA ILE F 111 32.81 -47.60 5.89
C ILE F 111 32.54 -48.12 4.49
N LYS F 112 33.13 -47.45 3.50
CA LYS F 112 33.14 -47.96 2.13
C LYS F 112 34.35 -48.90 2.04
N ARG F 113 34.08 -50.20 2.08
CA ARG F 113 35.13 -51.20 1.90
C ARG F 113 34.96 -51.84 0.53
N THR F 114 35.87 -52.76 0.18
CA THR F 114 35.72 -53.45 -1.09
C THR F 114 34.40 -54.21 -1.14
N VAL F 115 33.83 -54.27 -2.34
CA VAL F 115 32.67 -55.13 -2.58
C VAL F 115 33.03 -56.53 -2.11
N ALA F 116 32.07 -57.18 -1.46
CA ALA F 116 32.21 -58.53 -0.93
C ALA F 116 30.89 -59.23 -1.16
N ALA F 117 30.94 -60.39 -1.81
CA ALA F 117 29.70 -61.11 -2.08
C ALA F 117 29.20 -61.82 -0.82
N PRO F 118 27.90 -62.08 -0.73
CA PRO F 118 27.39 -62.87 0.40
C PRO F 118 27.70 -64.33 0.19
N SER F 119 28.05 -65.01 1.28
CA SER F 119 27.91 -66.45 1.30
C SER F 119 26.44 -66.74 1.61
N VAL F 120 25.81 -67.58 0.80
CA VAL F 120 24.37 -67.82 0.92
C VAL F 120 24.15 -69.20 1.54
N PHE F 121 23.45 -69.23 2.67
CA PHE F 121 23.16 -70.46 3.40
C PHE F 121 21.65 -70.60 3.53
N ILE F 122 21.14 -71.85 3.48
CA ILE F 122 19.71 -72.05 3.61
C ILE F 122 19.41 -73.14 4.64
N PHE F 123 18.36 -72.90 5.44
CA PHE F 123 17.98 -73.78 6.54
C PHE F 123 16.54 -74.24 6.34
N PRO F 124 16.29 -75.53 6.16
CA PRO F 124 14.90 -76.01 6.14
C PRO F 124 14.28 -75.91 7.51
N PRO F 125 12.96 -76.09 7.62
CA PRO F 125 12.31 -76.04 8.93
C PRO F 125 12.73 -77.21 9.82
N SER F 126 12.69 -76.96 11.12
CA SER F 126 12.94 -77.99 12.11
C SER F 126 11.74 -78.92 12.24
N ASP F 127 12.01 -80.16 12.63
CA ASP F 127 10.92 -81.06 12.97
C ASP F 127 10.10 -80.50 14.12
N GLU F 128 10.75 -79.85 15.08
CA GLU F 128 10.02 -79.23 16.19
C GLU F 128 8.95 -78.28 15.68
N GLN F 129 9.33 -77.35 14.79
CA GLN F 129 8.36 -76.40 14.27
C GLN F 129 7.29 -77.09 13.44
N LEU F 130 7.69 -78.06 12.61
CA LEU F 130 6.70 -78.74 11.78
C LEU F 130 5.66 -79.45 12.63
N LYS F 131 6.09 -80.05 13.74
CA LYS F 131 5.14 -80.68 14.67
C LYS F 131 4.12 -79.68 15.19
N SER F 132 4.46 -78.40 15.25
CA SER F 132 3.53 -77.38 15.71
C SER F 132 2.67 -76.82 14.58
N GLY F 133 2.83 -77.29 13.35
CA GLY F 133 1.96 -76.92 12.27
C GLY F 133 2.39 -75.77 11.37
N THR F 134 3.63 -75.29 11.50
CA THR F 134 4.11 -74.24 10.60
C THR F 134 5.51 -74.58 10.13
N ALA F 135 5.94 -73.90 9.07
CA ALA F 135 7.24 -74.17 8.46
C ALA F 135 7.92 -72.86 8.15
N SER F 136 9.09 -72.61 8.75
CA SER F 136 9.89 -71.45 8.44
C SER F 136 11.17 -71.89 7.74
N VAL F 137 11.46 -71.26 6.61
CA VAL F 137 12.70 -71.48 5.87
C VAL F 137 13.52 -70.21 5.98
N VAL F 138 14.80 -70.34 6.33
CA VAL F 138 15.65 -69.18 6.55
C VAL F 138 16.77 -69.19 5.52
N CYS F 139 16.94 -68.07 4.83
CA CYS F 139 18.06 -67.87 3.92
C CYS F 139 18.98 -66.83 4.56
N LEU F 140 20.26 -67.19 4.70
CA LEU F 140 21.23 -66.32 5.35
C LEU F 140 22.22 -65.82 4.32
N LEU F 141 22.41 -64.51 4.26
CA LEU F 141 23.44 -63.90 3.42
C LEU F 141 24.50 -63.37 4.37
N ASN F 142 25.70 -63.94 4.34
CA ASN F 142 26.70 -63.64 5.35
C ASN F 142 27.83 -62.80 4.79
N ASN F 143 28.19 -61.73 5.53
CA ASN F 143 29.41 -60.94 5.37
C ASN F 143 29.57 -60.41 3.94
N PHE F 144 28.73 -59.43 3.62
CA PHE F 144 28.76 -58.84 2.29
C PHE F 144 28.82 -57.32 2.39
N TYR F 145 29.16 -56.70 1.28
CA TYR F 145 29.19 -55.24 1.13
C TYR F 145 29.03 -54.94 -0.35
N PRO F 146 28.19 -53.98 -0.77
CA PRO F 146 27.38 -53.04 0.03
C PRO F 146 26.13 -53.67 0.62
N ARG F 147 25.37 -52.86 1.37
CA ARG F 147 24.21 -53.38 2.09
C ARG F 147 23.11 -53.83 1.12
N GLU F 148 23.05 -53.23 -0.06
CA GLU F 148 21.95 -53.48 -0.97
C GLU F 148 22.02 -54.90 -1.49
N ALA F 149 20.91 -55.62 -1.39
CA ALA F 149 20.87 -57.00 -1.86
C ALA F 149 19.42 -57.33 -2.15
N LYS F 150 19.21 -58.20 -3.12
CA LYS F 150 17.86 -58.63 -3.48
C LYS F 150 17.74 -60.12 -3.22
N VAL F 151 16.73 -60.52 -2.45
CA VAL F 151 16.54 -61.92 -2.09
C VAL F 151 15.11 -62.29 -2.44
N GLN F 152 14.96 -63.28 -3.31
CA GLN F 152 13.65 -63.71 -3.77
C GLN F 152 13.48 -65.18 -3.47
N TRP F 153 12.26 -65.56 -3.08
CA TRP F 153 11.94 -66.95 -2.81
C TRP F 153 11.24 -67.55 -4.00
N LYS F 154 11.64 -68.75 -4.36
CA LYS F 154 11.01 -69.49 -5.43
C LYS F 154 10.66 -70.87 -4.91
N VAL F 155 9.41 -71.27 -5.13
CA VAL F 155 8.91 -72.54 -4.65
C VAL F 155 8.43 -73.31 -5.87
N ASP F 156 9.06 -74.46 -6.14
CA ASP F 156 8.86 -75.18 -7.39
C ASP F 156 8.91 -74.24 -8.59
N ASN F 157 9.93 -73.37 -8.60
CA ASN F 157 10.20 -72.40 -9.64
C ASN F 157 9.17 -71.28 -9.71
N ALA F 158 8.25 -71.21 -8.76
CA ALA F 158 7.27 -70.14 -8.71
C ALA F 158 7.76 -69.03 -7.79
N LEU F 159 7.94 -67.83 -8.33
CA LEU F 159 8.32 -66.69 -7.51
C LEU F 159 7.24 -66.38 -6.50
N GLN F 160 7.63 -66.28 -5.23
CA GLN F 160 6.71 -65.97 -4.14
C GLN F 160 6.59 -64.47 -3.96
N SER F 161 5.36 -63.97 -3.94
CA SER F 161 5.10 -62.54 -3.81
C SER F 161 5.03 -62.09 -2.37
N GLY F 162 4.89 -63.02 -1.43
CA GLY F 162 4.79 -62.66 -0.03
C GLY F 162 5.23 -63.78 0.89
N ASN F 163 4.87 -63.61 2.17
CA ASN F 163 5.14 -64.52 3.28
C ASN F 163 6.60 -64.50 3.72
N SER F 164 7.41 -63.52 3.33
CA SER F 164 8.78 -63.47 3.81
C SER F 164 9.11 -62.08 4.35
N GLN F 165 10.13 -62.04 5.22
CA GLN F 165 10.61 -60.79 5.76
C GLN F 165 12.11 -60.87 5.96
N GLU F 166 12.76 -59.71 5.94
CA GLU F 166 14.20 -59.61 6.00
C GLU F 166 14.65 -58.85 7.25
N SER F 167 15.83 -59.21 7.75
CA SER F 167 16.50 -58.41 8.77
C SER F 167 17.96 -58.26 8.39
N VAL F 168 18.55 -57.09 8.64
CA VAL F 168 19.93 -56.82 8.27
C VAL F 168 20.68 -56.32 9.49
N THR F 169 21.89 -56.83 9.68
CA THR F 169 22.71 -56.35 10.79
C THR F 169 23.21 -54.94 10.53
N GLU F 170 23.61 -54.26 11.60
CA GLU F 170 24.39 -53.06 11.39
C GLU F 170 25.76 -53.42 10.83
N GLN F 171 26.42 -52.43 10.23
CA GLN F 171 27.74 -52.69 9.66
C GLN F 171 28.72 -53.12 10.74
N ASP F 172 29.43 -54.21 10.47
CA ASP F 172 30.31 -54.82 11.46
C ASP F 172 31.49 -53.91 11.74
N SER F 173 31.82 -53.75 13.02
CA SER F 173 32.87 -52.82 13.43
C SER F 173 34.26 -53.35 13.14
N LYS F 174 34.39 -54.64 12.85
CA LYS F 174 35.69 -55.24 12.55
C LYS F 174 35.94 -55.40 11.05
N ASP F 175 35.04 -56.04 10.30
CA ASP F 175 35.27 -56.30 8.88
C ASP F 175 34.43 -55.45 7.93
N SER F 176 33.61 -54.53 8.46
CA SER F 176 32.85 -53.55 7.68
C SER F 176 31.81 -54.20 6.76
N THR F 177 31.35 -55.40 7.12
CA THR F 177 30.33 -56.09 6.31
C THR F 177 28.96 -56.05 6.98
N TYR F 178 27.98 -56.46 6.19
CA TYR F 178 26.62 -56.68 6.66
C TYR F 178 26.31 -58.17 6.53
N SER F 179 25.30 -58.63 7.30
CA SER F 179 24.71 -59.93 7.06
C SER F 179 23.21 -59.74 7.08
N LEU F 180 22.49 -60.67 6.46
CA LEU F 180 21.06 -60.48 6.26
C LEU F 180 20.37 -61.82 6.39
N SER F 181 19.18 -61.82 6.97
CA SER F 181 18.34 -63.01 6.99
C SER F 181 17.09 -62.74 6.18
N SER F 182 16.61 -63.75 5.47
CA SER F 182 15.30 -63.70 4.84
C SER F 182 14.56 -64.96 5.28
N THR F 183 13.35 -64.79 5.81
CA THR F 183 12.63 -65.88 6.46
C THR F 183 11.27 -65.99 5.81
N LEU F 184 11.00 -67.13 5.19
CA LEU F 184 9.71 -67.44 4.58
C LEU F 184 8.96 -68.37 5.52
N THR F 185 7.72 -68.02 5.88
CA THR F 185 6.96 -68.84 6.80
C THR F 185 5.64 -69.23 6.16
N LEU F 186 5.36 -70.53 6.16
CA LEU F 186 4.14 -71.08 5.60
C LEU F 186 3.46 -71.95 6.65
N SER F 187 2.16 -72.16 6.48
CA SER F 187 1.55 -73.25 7.23
C SER F 187 2.16 -74.57 6.77
N LYS F 188 2.20 -75.54 7.68
CA LYS F 188 2.64 -76.88 7.29
C LYS F 188 1.86 -77.37 6.08
N ALA F 189 0.54 -77.15 6.06
CA ALA F 189 -0.26 -77.59 4.94
C ALA F 189 0.23 -77.01 3.61
N ASP F 190 0.54 -75.71 3.58
CA ASP F 190 1.02 -75.10 2.34
C ASP F 190 2.44 -75.56 2.02
N TYR F 191 3.27 -75.71 3.05
CA TYR F 191 4.65 -76.16 2.85
C TYR F 191 4.69 -77.51 2.16
N GLU F 192 3.81 -78.42 2.56
CA GLU F 192 3.82 -79.78 2.03
C GLU F 192 3.15 -79.88 0.65
N LYS F 193 2.67 -78.80 0.07
CA LYS F 193 2.18 -78.84 -1.30
C LYS F 193 3.28 -78.78 -2.33
N HIS F 194 4.51 -78.44 -1.94
CA HIS F 194 5.56 -78.14 -2.90
C HIS F 194 6.80 -78.93 -2.56
N LYS F 195 7.70 -79.04 -3.55
CA LYS F 195 8.91 -79.84 -3.43
C LYS F 195 10.15 -78.99 -3.20
N VAL F 196 10.44 -78.04 -4.08
CA VAL F 196 11.73 -77.36 -4.11
C VAL F 196 11.58 -75.95 -3.54
N TYR F 197 12.38 -75.64 -2.54
CA TYR F 197 12.40 -74.32 -1.90
C TYR F 197 13.74 -73.68 -2.18
N ALA F 198 13.74 -72.50 -2.78
CA ALA F 198 14.97 -71.85 -3.22
C ALA F 198 14.98 -70.37 -2.88
N CYS F 199 16.12 -69.87 -2.39
CA CYS F 199 16.31 -68.43 -2.28
C CYS F 199 17.30 -68.00 -3.35
N GLU F 200 16.91 -66.99 -4.13
CA GLU F 200 17.72 -66.47 -5.22
C GLU F 200 18.23 -65.08 -4.82
N VAL F 201 19.54 -64.90 -4.88
CA VAL F 201 20.21 -63.72 -4.35
C VAL F 201 20.87 -62.97 -5.49
N THR F 202 20.65 -61.65 -5.53
CA THR F 202 21.26 -60.73 -6.46
C THR F 202 22.08 -59.73 -5.66
N HIS F 203 23.32 -59.48 -6.07
CA HIS F 203 24.17 -58.59 -5.29
C HIS F 203 25.30 -58.06 -6.16
N GLN F 204 25.79 -56.87 -5.82
CA GLN F 204 26.90 -56.27 -6.57
C GLN F 204 28.08 -57.24 -6.72
N GLY F 205 28.34 -58.03 -5.69
CA GLY F 205 29.51 -58.90 -5.71
C GLY F 205 29.35 -60.16 -6.53
N LEU F 206 28.15 -60.43 -7.02
CA LEU F 206 27.85 -61.65 -7.75
C LEU F 206 27.71 -61.31 -9.24
N SER F 207 28.36 -62.11 -10.09
CA SER F 207 28.29 -61.80 -11.52
C SER F 207 26.93 -62.16 -12.12
N SER F 208 26.20 -63.07 -11.48
CA SER F 208 24.82 -63.34 -11.84
C SER F 208 24.11 -63.78 -10.57
N PRO F 209 22.77 -63.87 -10.60
CA PRO F 209 22.06 -64.31 -9.39
C PRO F 209 22.47 -65.72 -8.98
N VAL F 210 22.52 -65.94 -7.67
CA VAL F 210 22.85 -67.22 -7.08
C VAL F 210 21.60 -67.80 -6.42
N THR F 211 21.34 -69.08 -6.62
CA THR F 211 20.21 -69.73 -5.94
C THR F 211 20.70 -70.86 -5.07
N LYS F 212 20.24 -70.90 -3.82
CA LYS F 212 20.45 -72.03 -2.95
C LYS F 212 19.09 -72.67 -2.69
N SER F 213 19.03 -74.00 -2.75
CA SER F 213 17.73 -74.65 -2.74
C SER F 213 17.82 -76.00 -2.06
N PHE F 214 16.67 -76.48 -1.62
CA PHE F 214 16.58 -77.85 -1.14
C PHE F 214 15.24 -78.43 -1.58
N ASN F 215 15.19 -79.75 -1.59
CA ASN F 215 14.00 -80.52 -1.94
C ASN F 215 13.38 -81.03 -0.66
N ARG F 216 12.12 -80.66 -0.40
CA ARG F 216 11.47 -81.01 0.87
C ARG F 216 11.46 -82.52 1.14
N GLU G 1 8.68 -99.44 -86.81
CA GLU G 1 9.47 -99.96 -87.93
C GLU G 1 10.52 -98.97 -88.42
N VAL G 2 10.49 -97.76 -87.89
CA VAL G 2 11.46 -96.74 -88.26
C VAL G 2 12.67 -96.83 -87.34
N GLN G 3 13.86 -96.79 -87.92
CA GLN G 3 15.09 -96.74 -87.16
C GLN G 3 15.77 -95.40 -87.40
N LEU G 4 16.35 -94.85 -86.33
CA LEU G 4 17.13 -93.63 -86.40
C LEU G 4 18.55 -93.92 -85.90
N GLN G 5 19.54 -93.37 -86.59
CA GLN G 5 20.94 -93.61 -86.22
C GLN G 5 21.74 -92.33 -86.29
N GLU G 6 22.26 -91.90 -85.14
CA GLU G 6 23.14 -90.75 -85.04
C GLU G 6 24.56 -91.13 -85.44
N SER G 7 25.27 -90.17 -86.06
CA SER G 7 26.69 -90.33 -86.34
C SER G 7 27.39 -88.99 -86.25
N GLY G 8 28.70 -89.04 -86.07
CA GLY G 8 29.47 -87.83 -85.91
C GLY G 8 30.66 -88.05 -85.00
N PRO G 9 31.40 -87.00 -84.70
CA PRO G 9 32.64 -87.14 -83.93
C PRO G 9 32.35 -87.42 -82.47
N SER G 10 33.21 -88.22 -81.86
CA SER G 10 33.16 -88.47 -80.41
C SER G 10 33.79 -87.35 -79.61
N LEU G 11 34.66 -86.57 -80.24
CA LEU G 11 35.46 -85.58 -79.53
C LEU G 11 35.50 -84.33 -80.38
N VAL G 12 35.18 -83.18 -79.78
CA VAL G 12 35.22 -81.90 -80.47
C VAL G 12 35.97 -80.92 -79.59
N LYS G 13 36.74 -80.02 -80.23
CA LYS G 13 37.51 -79.07 -79.45
C LYS G 13 36.66 -77.86 -79.05
N PRO G 14 36.96 -77.24 -77.92
CA PRO G 14 36.20 -76.06 -77.51
C PRO G 14 36.25 -74.98 -78.58
N SER G 15 35.12 -74.30 -78.75
CA SER G 15 34.84 -73.22 -79.69
C SER G 15 34.63 -73.74 -81.11
N GLN G 16 34.86 -75.02 -81.40
CA GLN G 16 34.56 -75.57 -82.72
C GLN G 16 33.05 -75.75 -82.88
N THR G 17 32.63 -76.08 -84.10
CA THR G 17 31.22 -76.41 -84.36
C THR G 17 31.07 -77.92 -84.37
N LEU G 18 30.18 -78.43 -83.51
CA LEU G 18 29.82 -79.84 -83.54
C LEU G 18 28.75 -80.09 -84.61
N SER G 19 28.96 -81.08 -85.47
CA SER G 19 27.94 -81.49 -86.42
C SER G 19 27.66 -82.99 -86.28
N LEU G 20 26.38 -83.31 -86.10
CA LEU G 20 25.93 -84.70 -86.03
C LEU G 20 24.89 -84.92 -87.12
N THR G 21 24.77 -86.16 -87.57
CA THR G 21 23.80 -86.53 -88.59
C THR G 21 22.91 -87.64 -88.04
N CYS G 22 21.62 -87.57 -88.37
CA CYS G 22 20.68 -88.63 -88.08
C CYS G 22 20.22 -89.25 -89.40
N SER G 23 20.48 -90.53 -89.57
CA SER G 23 20.03 -91.27 -90.75
C SER G 23 18.76 -92.02 -90.39
N VAL G 24 17.72 -91.84 -91.20
CA VAL G 24 16.38 -92.35 -90.91
C VAL G 24 16.06 -93.44 -91.93
N THR G 25 15.56 -94.57 -91.44
CA THR G 25 15.14 -95.65 -92.31
C THR G 25 13.77 -96.12 -91.82
N GLY G 26 12.94 -96.59 -92.77
CA GLY G 26 11.60 -97.04 -92.46
C GLY G 26 10.55 -95.95 -92.45
N ASP G 27 10.93 -94.71 -92.74
CA ASP G 27 10.03 -93.58 -92.77
C ASP G 27 10.77 -92.46 -93.49
N SER G 28 10.00 -91.52 -94.05
CA SER G 28 10.56 -90.42 -94.82
C SER G 28 10.51 -89.15 -93.98
N ILE G 29 11.61 -88.37 -94.01
CA ILE G 29 11.64 -87.17 -93.17
C ILE G 29 10.83 -86.05 -93.79
N THR G 30 10.22 -86.31 -94.96
CA THR G 30 9.28 -85.37 -95.56
C THR G 30 7.87 -85.52 -95.02
N SER G 31 7.68 -86.29 -93.94
CA SER G 31 6.47 -86.26 -93.14
C SER G 31 6.88 -86.31 -91.67
N GLY G 32 6.10 -85.64 -90.82
CA GLY G 32 6.38 -85.62 -89.39
C GLY G 32 7.40 -84.54 -89.03
N TYR G 33 7.88 -84.61 -87.80
CA TYR G 33 8.82 -83.63 -87.29
C TYR G 33 10.02 -84.36 -86.72
N TRP G 34 11.21 -83.76 -86.88
CA TRP G 34 12.46 -84.49 -86.68
C TRP G 34 13.34 -83.71 -85.71
N ASN G 35 13.62 -84.33 -84.56
CA ASN G 35 14.04 -83.63 -83.36
C ASN G 35 15.44 -84.03 -82.95
N TRP G 36 16.06 -83.15 -82.16
CA TRP G 36 17.31 -83.42 -81.47
C TRP G 36 17.10 -83.14 -79.98
N ILE G 37 17.57 -84.07 -79.14
CA ILE G 37 17.50 -83.99 -77.70
C ILE G 37 18.86 -84.45 -77.19
N ARG G 38 19.34 -83.86 -76.09
CA ARG G 38 20.57 -84.35 -75.49
C ARG G 38 20.35 -84.68 -74.02
N LYS G 39 21.17 -85.61 -73.53
CA LYS G 39 21.16 -86.05 -72.14
C LYS G 39 22.52 -85.72 -71.53
N PHE G 40 22.53 -84.83 -70.54
CA PHE G 40 23.79 -84.41 -69.95
C PHE G 40 24.33 -85.54 -69.05
N PRO G 41 25.61 -85.47 -68.68
CA PRO G 41 26.17 -86.56 -67.86
C PRO G 41 25.41 -86.79 -66.57
N GLY G 42 24.80 -85.77 -66.00
CA GLY G 42 23.96 -85.94 -64.82
C GLY G 42 22.55 -86.40 -65.09
N ASN G 43 22.24 -86.90 -66.29
CA ASN G 43 20.96 -87.49 -66.71
C ASN G 43 19.84 -86.48 -66.93
N LYS G 44 20.13 -85.18 -66.94
CA LYS G 44 19.15 -84.18 -67.33
C LYS G 44 19.00 -84.20 -68.86
N LEU G 45 17.76 -84.17 -69.34
CA LEU G 45 17.45 -84.14 -70.77
C LEU G 45 17.14 -82.72 -71.21
N GLU G 46 17.63 -82.33 -72.38
CA GLU G 46 17.38 -81.00 -72.93
C GLU G 46 16.93 -81.10 -74.37
N TYR G 47 15.75 -80.57 -74.65
CA TYR G 47 15.25 -80.54 -76.02
C TYR G 47 15.95 -79.44 -76.80
N MET G 48 16.49 -79.79 -77.97
CA MET G 48 17.28 -78.82 -78.72
C MET G 48 16.49 -78.15 -79.84
N GLY G 49 15.69 -78.92 -80.58
CA GLY G 49 14.86 -78.34 -81.62
C GLY G 49 14.42 -79.40 -82.61
N TYR G 50 13.77 -78.93 -83.68
CA TYR G 50 13.30 -79.82 -84.73
C TYR G 50 13.45 -79.15 -86.09
N ILE G 51 13.37 -79.97 -87.12
CA ILE G 51 13.10 -79.53 -88.49
C ILE G 51 11.82 -80.23 -88.95
N SER G 52 10.91 -79.47 -89.55
CA SER G 52 9.63 -80.03 -89.92
C SER G 52 9.71 -80.76 -91.26
N TYR G 53 8.64 -81.49 -91.58
CA TYR G 53 8.55 -82.16 -92.89
C TYR G 53 8.73 -81.19 -94.05
N SER G 54 8.45 -79.91 -93.83
CA SER G 54 8.57 -78.86 -94.85
C SER G 54 9.90 -78.13 -94.80
N GLY G 55 10.75 -78.42 -93.80
CA GLY G 55 12.06 -77.80 -93.70
C GLY G 55 12.14 -76.60 -92.78
N SER G 56 11.04 -76.23 -92.12
CA SER G 56 11.07 -75.17 -91.12
C SER G 56 11.69 -75.69 -89.84
N THR G 57 12.42 -74.81 -89.15
CA THR G 57 13.11 -75.23 -87.94
C THR G 57 12.58 -74.46 -86.74
N TYR G 58 12.61 -75.14 -85.60
CA TYR G 58 12.36 -74.53 -84.31
C TYR G 58 13.56 -74.85 -83.44
N TYR G 59 14.07 -73.85 -82.73
CA TYR G 59 15.21 -74.01 -81.85
C TYR G 59 14.82 -73.64 -80.43
N ASN G 60 15.25 -74.45 -79.47
CA ASN G 60 15.12 -74.07 -78.06
C ASN G 60 15.77 -72.70 -77.84
N PRO G 61 15.02 -71.71 -77.30
CA PRO G 61 15.62 -70.37 -77.12
C PRO G 61 16.90 -70.35 -76.31
N SER G 62 17.14 -71.35 -75.46
CA SER G 62 18.41 -71.39 -74.72
C SER G 62 19.60 -71.60 -75.65
N LEU G 63 19.37 -72.09 -76.87
CA LEU G 63 20.42 -72.43 -77.82
C LEU G 63 20.38 -71.64 -79.11
N LYS G 64 19.31 -70.86 -79.35
CA LYS G 64 19.01 -70.33 -80.68
C LYS G 64 20.19 -69.62 -81.32
N SER G 65 21.02 -68.96 -80.51
CA SER G 65 22.19 -68.26 -81.03
C SER G 65 23.21 -69.20 -81.67
N ARG G 66 23.26 -70.44 -81.20
CA ARG G 66 24.38 -71.33 -81.45
C ARG G 66 24.03 -72.52 -82.33
N ILE G 67 22.77 -72.70 -82.70
CA ILE G 67 22.30 -73.97 -83.24
C ILE G 67 21.75 -73.77 -84.64
N SER G 68 21.96 -74.79 -85.48
CA SER G 68 21.28 -74.88 -86.77
C SER G 68 20.90 -76.33 -86.97
N ILE G 69 19.73 -76.58 -87.52
CA ILE G 69 19.34 -77.91 -87.97
C ILE G 69 19.14 -77.85 -89.47
N THR G 70 19.65 -78.87 -90.18
CA THR G 70 19.59 -78.92 -91.65
C THR G 70 19.12 -80.30 -92.08
N ARG G 71 18.75 -80.44 -93.36
CA ARG G 71 18.36 -81.76 -93.84
C ARG G 71 18.89 -81.98 -95.26
N ASP G 72 18.99 -83.26 -95.62
CA ASP G 72 19.28 -83.74 -96.97
C ASP G 72 18.20 -84.77 -97.27
N THR G 73 17.08 -84.31 -97.83
CA THR G 73 15.96 -85.22 -98.08
C THR G 73 16.31 -86.33 -99.05
N SER G 74 17.32 -86.15 -99.91
CA SER G 74 17.66 -87.21 -100.87
C SER G 74 18.29 -88.40 -100.18
N LYS G 75 18.96 -88.19 -99.05
CA LYS G 75 19.56 -89.25 -98.26
C LYS G 75 18.71 -89.62 -97.04
N ASN G 76 17.57 -88.94 -96.86
CA ASN G 76 16.71 -89.15 -95.70
C ASN G 76 17.51 -88.96 -94.42
N GLN G 77 18.29 -87.88 -94.37
CA GLN G 77 19.14 -87.54 -93.25
C GLN G 77 18.86 -86.12 -92.78
N TYR G 78 19.03 -85.87 -91.49
CA TYR G 78 19.03 -84.48 -91.02
C TYR G 78 20.11 -84.33 -89.96
N SER G 79 20.56 -83.08 -89.77
CA SER G 79 21.79 -82.83 -89.03
C SER G 79 21.60 -81.72 -88.01
N LEU G 80 22.36 -81.84 -86.92
CA LEU G 80 22.46 -80.85 -85.86
C LEU G 80 23.82 -80.18 -85.95
N HIS G 81 23.84 -78.85 -85.87
CA HIS G 81 25.08 -78.10 -85.88
C HIS G 81 25.06 -77.20 -84.67
N LEU G 82 26.11 -77.27 -83.85
CA LEU G 82 26.14 -76.51 -82.60
C LEU G 82 27.50 -75.82 -82.52
N ASN G 83 27.49 -74.49 -82.55
CA ASN G 83 28.76 -73.76 -82.56
C ASN G 83 29.18 -73.37 -81.16
N SER G 84 30.44 -72.90 -81.07
CA SER G 84 30.99 -72.37 -79.84
C SER G 84 30.86 -73.34 -78.66
N VAL G 85 31.23 -74.62 -78.89
CA VAL G 85 30.96 -75.62 -77.85
C VAL G 85 31.94 -75.46 -76.70
N THR G 86 31.49 -75.86 -75.51
CA THR G 86 32.34 -75.95 -74.33
C THR G 86 32.06 -77.28 -73.64
N ALA G 87 32.76 -77.56 -72.54
CA ALA G 87 32.48 -78.78 -71.79
C ALA G 87 31.06 -78.81 -71.25
N GLU G 88 30.37 -77.67 -71.17
CA GLU G 88 28.97 -77.71 -70.78
C GLU G 88 28.10 -78.38 -71.83
N ASP G 89 28.63 -78.64 -73.03
CA ASP G 89 27.87 -79.29 -74.09
C ASP G 89 28.09 -80.79 -74.17
N THR G 90 29.10 -81.32 -73.46
CA THR G 90 29.33 -82.77 -73.44
C THR G 90 28.07 -83.49 -73.01
N ALA G 91 27.62 -84.44 -73.83
CA ALA G 91 26.34 -85.11 -73.59
C ALA G 91 26.20 -86.30 -74.53
N THR G 92 25.16 -87.10 -74.30
CA THR G 92 24.69 -88.05 -75.28
C THR G 92 23.58 -87.38 -76.10
N PHE G 93 23.77 -87.33 -77.42
CA PHE G 93 22.80 -86.68 -78.30
C PHE G 93 21.94 -87.73 -78.96
N TYR G 94 20.62 -87.48 -78.98
CA TYR G 94 19.64 -88.36 -79.59
C TYR G 94 18.87 -87.61 -80.66
N CYS G 95 18.59 -88.30 -81.76
CA CYS G 95 17.52 -87.85 -82.64
C CYS G 95 16.25 -88.64 -82.33
N ALA G 96 15.12 -88.06 -82.72
CA ALA G 96 13.85 -88.69 -82.41
C ALA G 96 12.78 -88.15 -83.35
N ARG G 97 11.82 -89.01 -83.68
CA ARG G 97 10.70 -88.62 -84.53
C ARG G 97 9.54 -88.12 -83.68
N TYR G 98 8.89 -87.04 -84.15
CA TYR G 98 7.58 -86.65 -83.65
C TYR G 98 6.56 -87.00 -84.71
N TYR G 99 5.56 -87.79 -84.34
CA TYR G 99 4.51 -88.23 -85.24
C TYR G 99 3.20 -87.58 -84.80
N GLY G 100 2.59 -86.83 -85.71
CA GLY G 100 1.32 -86.19 -85.41
C GLY G 100 1.33 -84.76 -85.90
N ASP G 101 0.50 -83.93 -85.27
CA ASP G 101 0.38 -82.53 -85.66
C ASP G 101 0.46 -81.66 -84.42
N ASN G 102 -0.01 -80.42 -84.55
CA ASN G 102 0.04 -79.47 -83.43
C ASN G 102 -0.88 -79.86 -82.29
N TYR G 103 -1.82 -80.79 -82.51
CA TYR G 103 -2.80 -81.19 -81.51
C TYR G 103 -2.49 -82.55 -80.90
N VAL G 104 -2.37 -83.58 -81.74
CA VAL G 104 -2.23 -84.96 -81.28
C VAL G 104 -0.92 -85.53 -81.84
N GLY G 105 -0.10 -86.09 -80.97
CA GLY G 105 1.14 -86.71 -81.39
C GLY G 105 2.10 -86.91 -80.24
N ALA G 106 3.27 -87.46 -80.60
CA ALA G 106 4.31 -87.72 -79.60
C ALA G 106 5.62 -87.99 -80.31
N MET G 107 6.72 -87.75 -79.57
CA MET G 107 8.03 -88.24 -79.99
C MET G 107 8.10 -89.73 -79.68
N ASP G 108 7.91 -90.56 -80.71
CA ASP G 108 7.72 -91.99 -80.46
C ASP G 108 9.00 -92.79 -80.66
N TYR G 109 9.75 -92.57 -81.74
CA TYR G 109 10.92 -93.38 -82.03
C TYR G 109 12.18 -92.56 -81.78
N TRP G 110 13.09 -93.10 -80.98
CA TRP G 110 14.35 -92.44 -80.66
C TRP G 110 15.50 -93.20 -81.30
N GLY G 111 16.58 -92.48 -81.56
CA GLY G 111 17.80 -93.11 -82.04
C GLY G 111 18.54 -93.81 -80.92
N GLN G 112 19.75 -94.27 -81.24
CA GLN G 112 20.57 -95.01 -80.29
C GLN G 112 21.31 -94.09 -79.30
N GLY G 113 21.47 -92.81 -79.65
CA GLY G 113 22.28 -91.90 -78.86
C GLY G 113 23.73 -91.95 -79.28
N THR G 114 24.39 -90.80 -79.38
CA THR G 114 25.82 -90.80 -79.63
C THR G 114 26.49 -89.87 -78.63
N SER G 115 27.61 -90.32 -78.08
CA SER G 115 28.32 -89.55 -77.06
C SER G 115 29.24 -88.53 -77.74
N VAL G 116 29.18 -87.28 -77.28
CA VAL G 116 30.09 -86.23 -77.74
C VAL G 116 30.72 -85.57 -76.53
N THR G 117 32.03 -85.48 -76.53
CA THR G 117 32.81 -84.87 -75.47
C THR G 117 33.55 -83.67 -76.03
N VAL G 118 33.53 -82.56 -75.30
CA VAL G 118 34.18 -81.33 -75.72
C VAL G 118 35.42 -81.16 -74.87
N SER G 119 36.59 -81.25 -75.49
CA SER G 119 37.87 -81.10 -74.82
C SER G 119 38.96 -80.77 -75.83
N SER G 120 39.93 -79.97 -75.40
CA SER G 120 41.13 -79.74 -76.22
C SER G 120 42.11 -80.90 -76.18
N ALA G 121 41.91 -81.87 -75.29
CA ALA G 121 42.86 -82.95 -75.16
C ALA G 121 42.78 -83.90 -76.35
N SER G 122 43.89 -84.56 -76.63
CA SER G 122 43.99 -85.53 -77.71
C SER G 122 43.35 -86.85 -77.30
N THR G 123 42.83 -87.59 -78.28
CA THR G 123 42.30 -88.92 -78.01
C THR G 123 43.40 -89.84 -77.49
N LYS G 124 43.02 -90.82 -76.68
CA LYS G 124 43.98 -91.78 -76.14
C LYS G 124 43.33 -93.15 -76.09
N GLY G 125 44.00 -94.13 -76.69
CA GLY G 125 43.52 -95.50 -76.67
C GLY G 125 43.81 -96.20 -75.35
N PRO G 126 43.01 -97.20 -75.00
CA PRO G 126 43.15 -97.86 -73.70
C PRO G 126 44.29 -98.86 -73.66
N SER G 127 44.88 -99.00 -72.48
CA SER G 127 45.64 -100.20 -72.13
C SER G 127 44.66 -101.22 -71.60
N VAL G 128 44.87 -102.48 -71.99
CA VAL G 128 43.96 -103.55 -71.57
C VAL G 128 44.81 -104.58 -70.84
N PHE G 129 44.44 -104.84 -69.59
CA PHE G 129 45.20 -105.74 -68.71
C PHE G 129 44.30 -106.87 -68.21
N PRO G 130 44.82 -108.08 -68.05
CA PRO G 130 43.97 -109.16 -67.55
C PRO G 130 43.72 -109.01 -66.06
N LEU G 131 42.51 -109.37 -65.64
CA LEU G 131 42.18 -109.58 -64.23
C LEU G 131 42.19 -111.09 -64.06
N ALA G 132 43.31 -111.62 -63.58
CA ALA G 132 43.55 -113.04 -63.65
C ALA G 132 42.80 -113.77 -62.55
N PRO G 133 42.12 -114.87 -62.86
CA PRO G 133 41.52 -115.67 -61.80
C PRO G 133 42.58 -116.40 -61.00
N SER G 134 42.28 -116.59 -59.72
CA SER G 134 43.13 -117.28 -58.77
C SER G 134 42.23 -117.69 -57.61
N SER G 135 42.82 -118.38 -56.63
CA SER G 135 42.05 -118.67 -55.42
C SER G 135 41.55 -117.40 -54.75
N LYS G 136 42.19 -116.25 -55.01
CA LYS G 136 41.74 -114.97 -54.48
C LYS G 136 40.44 -114.50 -55.12
N SER G 137 40.03 -115.10 -56.25
CA SER G 137 38.82 -114.69 -56.96
C SER G 137 37.88 -115.86 -57.22
N THR G 138 37.94 -116.90 -56.38
CA THR G 138 37.01 -118.03 -56.49
C THR G 138 36.21 -118.19 -55.20
N SER G 139 34.93 -118.53 -55.36
CA SER G 139 34.05 -118.92 -54.26
C SER G 139 33.41 -120.24 -54.61
N GLY G 140 33.88 -121.32 -53.99
CA GLY G 140 33.31 -122.62 -54.24
C GLY G 140 33.56 -123.06 -55.66
N GLY G 141 32.48 -123.32 -56.40
CA GLY G 141 32.59 -123.70 -57.79
C GLY G 141 32.69 -122.55 -58.78
N THR G 142 32.65 -121.31 -58.31
CA THR G 142 32.61 -120.12 -59.16
C THR G 142 33.90 -119.31 -59.03
N ALA G 143 34.46 -118.91 -60.16
CA ALA G 143 35.62 -118.05 -60.22
C ALA G 143 35.26 -116.78 -60.97
N ALA G 144 35.91 -115.68 -60.62
CA ALA G 144 35.75 -114.42 -61.35
C ALA G 144 37.03 -114.11 -62.11
N LEU G 145 36.88 -113.56 -63.31
CA LEU G 145 38.00 -113.08 -64.09
C LEU G 145 37.54 -111.84 -64.84
N GLY G 146 38.48 -111.12 -65.44
CA GLY G 146 38.08 -109.95 -66.19
C GLY G 146 39.22 -109.31 -66.95
N CYS G 147 38.93 -108.10 -67.44
CA CYS G 147 39.90 -107.26 -68.11
C CYS G 147 39.76 -105.84 -67.57
N LEU G 148 40.88 -105.22 -67.28
CA LEU G 148 40.94 -103.82 -66.88
C LEU G 148 41.21 -102.97 -68.11
N VAL G 149 40.30 -102.05 -68.41
CA VAL G 149 40.40 -101.21 -69.61
C VAL G 149 40.70 -99.79 -69.12
N LYS G 150 41.95 -99.37 -69.26
CA LYS G 150 42.50 -98.28 -68.47
C LYS G 150 43.07 -97.16 -69.34
N ASP G 151 42.86 -95.92 -68.90
CA ASP G 151 43.55 -94.74 -69.43
C ASP G 151 43.19 -94.44 -70.89
N TYR G 152 41.89 -94.30 -71.15
CA TYR G 152 41.44 -93.92 -72.49
C TYR G 152 40.64 -92.63 -72.44
N PHE G 153 40.53 -92.00 -73.62
CA PHE G 153 39.77 -90.77 -73.74
C PHE G 153 39.40 -90.57 -75.20
N PRO G 154 38.16 -90.18 -75.53
CA PRO G 154 37.02 -90.02 -74.63
C PRO G 154 36.19 -91.29 -74.58
N GLU G 155 35.02 -91.22 -73.95
CA GLU G 155 34.02 -92.26 -74.11
C GLU G 155 33.56 -92.33 -75.56
N PRO G 156 33.05 -93.49 -76.02
CA PRO G 156 32.86 -94.75 -75.32
C PRO G 156 33.83 -95.85 -75.73
N VAL G 157 33.84 -96.93 -74.95
CA VAL G 157 34.48 -98.19 -75.36
C VAL G 157 33.42 -99.26 -75.37
N THR G 158 33.63 -100.28 -76.20
CA THR G 158 32.79 -101.47 -76.19
C THR G 158 33.66 -102.65 -75.79
N VAL G 159 33.12 -103.52 -74.95
CA VAL G 159 33.80 -104.71 -74.48
C VAL G 159 32.89 -105.90 -74.74
N SER G 160 33.45 -106.98 -75.28
CA SER G 160 32.74 -108.24 -75.37
C SER G 160 33.69 -109.35 -74.96
N TRP G 161 33.13 -110.54 -74.75
CA TRP G 161 33.88 -111.70 -74.30
C TRP G 161 33.70 -112.85 -75.29
N ASN G 162 34.82 -113.45 -75.70
CA ASN G 162 34.82 -114.56 -76.64
C ASN G 162 33.95 -114.22 -77.86
N SER G 163 34.17 -113.00 -78.37
CA SER G 163 33.48 -112.50 -79.57
C SER G 163 31.96 -112.59 -79.42
N GLY G 164 31.46 -112.32 -78.22
CA GLY G 164 30.03 -112.35 -77.97
C GLY G 164 29.46 -113.70 -77.59
N ALA G 165 30.26 -114.76 -77.60
CA ALA G 165 29.75 -116.06 -77.20
C ALA G 165 29.47 -116.12 -75.69
N LEU G 166 30.19 -115.33 -74.89
CA LEU G 166 30.05 -115.32 -73.45
C LEU G 166 29.32 -114.05 -73.02
N THR G 167 28.14 -114.21 -72.42
CA THR G 167 27.37 -113.05 -71.96
C THR G 167 26.79 -113.23 -70.56
N SER G 168 26.54 -114.46 -70.14
CA SER G 168 25.90 -114.68 -68.84
C SER G 168 26.93 -114.53 -67.72
N GLY G 169 26.56 -113.79 -66.68
CA GLY G 169 27.50 -113.50 -65.62
C GLY G 169 28.50 -112.42 -65.95
N VAL G 170 28.28 -111.65 -67.01
CA VAL G 170 29.19 -110.58 -67.41
C VAL G 170 28.71 -109.27 -66.80
N HIS G 171 29.63 -108.53 -66.18
CA HIS G 171 29.39 -107.15 -65.74
C HIS G 171 30.48 -106.27 -66.33
N THR G 172 30.09 -105.34 -67.21
CA THR G 172 31.00 -104.32 -67.68
C THR G 172 30.63 -103.05 -66.94
N PHE G 173 31.51 -102.59 -66.06
CA PHE G 173 31.18 -101.49 -65.18
C PHE G 173 31.15 -100.19 -65.97
N PRO G 174 30.32 -99.23 -65.54
CA PRO G 174 30.40 -97.89 -66.12
C PRO G 174 31.79 -97.32 -65.95
N ALA G 175 32.25 -96.62 -66.98
CA ALA G 175 33.56 -95.98 -66.92
C ALA G 175 33.54 -94.85 -65.90
N VAL G 176 34.67 -94.66 -65.24
CA VAL G 176 34.82 -93.61 -64.24
C VAL G 176 36.10 -92.83 -64.56
N LEU G 177 36.00 -91.50 -64.54
CA LEU G 177 37.20 -90.68 -64.72
C LEU G 177 38.16 -90.90 -63.57
N GLN G 178 39.44 -91.02 -63.92
CA GLN G 178 40.53 -91.07 -62.95
C GLN G 178 41.04 -89.67 -62.66
N SER G 179 41.93 -89.56 -61.68
CA SER G 179 42.45 -88.21 -61.40
C SER G 179 43.39 -87.71 -62.49
N SER G 180 43.69 -88.52 -63.50
CA SER G 180 44.41 -88.08 -64.69
C SER G 180 43.49 -87.45 -65.74
N GLY G 181 42.18 -87.48 -65.53
CA GLY G 181 41.25 -87.06 -66.56
C GLY G 181 40.95 -88.09 -67.62
N LEU G 182 41.47 -89.32 -67.49
CA LEU G 182 41.23 -90.41 -68.42
C LEU G 182 40.29 -91.44 -67.80
N TYR G 183 39.55 -92.15 -68.64
CA TYR G 183 38.58 -93.12 -68.15
C TYR G 183 39.24 -94.45 -67.81
N SER G 184 38.59 -95.18 -66.91
CA SER G 184 38.98 -96.56 -66.62
C SER G 184 37.73 -97.37 -66.32
N LEU G 185 37.73 -98.63 -66.73
CA LEU G 185 36.66 -99.55 -66.35
C LEU G 185 37.20 -100.97 -66.35
N SER G 186 36.48 -101.85 -65.66
CA SER G 186 36.74 -103.27 -65.75
C SER G 186 35.51 -103.97 -66.32
N SER G 187 35.74 -105.02 -67.08
CA SER G 187 34.69 -105.96 -67.44
C SER G 187 35.02 -107.29 -66.77
N VAL G 188 34.03 -107.88 -66.09
CA VAL G 188 34.26 -109.11 -65.33
C VAL G 188 33.20 -110.14 -65.68
N VAL G 189 33.55 -111.40 -65.44
CA VAL G 189 32.61 -112.48 -65.67
C VAL G 189 32.88 -113.56 -64.63
N THR G 190 31.82 -114.20 -64.17
CA THR G 190 31.91 -115.35 -63.28
C THR G 190 31.76 -116.62 -64.10
N VAL G 191 32.64 -117.59 -63.85
CA VAL G 191 32.70 -118.83 -64.64
C VAL G 191 32.88 -119.99 -63.67
N PRO G 192 32.62 -121.22 -64.14
CA PRO G 192 32.97 -122.39 -63.32
C PRO G 192 34.46 -122.41 -63.03
N SER G 193 34.80 -122.56 -61.75
CA SER G 193 36.21 -122.62 -61.37
C SER G 193 36.93 -123.77 -62.09
N SER G 194 36.22 -124.87 -62.34
CA SER G 194 36.85 -126.03 -62.98
C SER G 194 37.23 -125.76 -64.43
N SER G 195 36.62 -124.76 -65.08
CA SER G 195 36.93 -124.48 -66.49
C SER G 195 38.23 -123.71 -66.67
N LEU G 196 38.83 -123.21 -65.60
CA LEU G 196 40.07 -122.44 -65.73
C LEU G 196 41.20 -123.35 -66.20
N GLY G 197 41.91 -122.91 -67.23
CA GLY G 197 42.91 -123.74 -67.87
C GLY G 197 42.37 -124.70 -68.92
N THR G 198 41.04 -124.74 -69.11
CA THR G 198 40.42 -125.52 -70.16
C THR G 198 39.70 -124.62 -71.16
N GLN G 199 38.73 -123.83 -70.71
CA GLN G 199 38.08 -122.88 -71.58
C GLN G 199 38.93 -121.63 -71.71
N THR G 200 39.08 -121.16 -72.94
CA THR G 200 39.81 -119.92 -73.20
C THR G 200 38.89 -118.72 -72.98
N TYR G 201 39.41 -117.68 -72.34
CA TYR G 201 38.65 -116.46 -72.07
C TYR G 201 39.39 -115.28 -72.69
N ILE G 202 38.72 -114.59 -73.61
CA ILE G 202 39.25 -113.45 -74.34
C ILE G 202 38.31 -112.28 -74.16
N CYS G 203 38.84 -111.12 -73.79
CA CYS G 203 38.02 -109.91 -73.82
C CYS G 203 38.38 -109.12 -75.08
N ASN G 204 37.36 -108.67 -75.78
CA ASN G 204 37.52 -107.90 -77.01
C ASN G 204 37.17 -106.45 -76.69
N VAL G 205 38.13 -105.56 -76.89
CA VAL G 205 37.97 -104.15 -76.55
C VAL G 205 38.07 -103.32 -77.82
N ASN G 206 37.09 -102.45 -78.04
CA ASN G 206 37.07 -101.56 -79.20
C ASN G 206 36.92 -100.13 -78.73
N HIS G 207 37.89 -99.28 -79.02
CA HIS G 207 37.82 -97.84 -78.74
C HIS G 207 37.86 -97.12 -80.09
N LYS G 208 36.68 -96.90 -80.69
CA LYS G 208 36.63 -96.26 -81.99
C LYS G 208 37.29 -94.88 -82.04
N PRO G 209 37.10 -93.97 -81.07
CA PRO G 209 37.70 -92.63 -81.23
C PRO G 209 39.20 -92.63 -81.47
N SER G 210 39.94 -93.64 -81.00
CA SER G 210 41.38 -93.75 -81.23
C SER G 210 41.73 -94.85 -82.24
N ASN G 211 40.73 -95.47 -82.86
CA ASN G 211 40.94 -96.62 -83.74
C ASN G 211 41.80 -97.68 -83.07
N THR G 212 41.42 -98.04 -81.84
CA THR G 212 42.11 -99.06 -81.08
C THR G 212 41.19 -100.26 -80.93
N LYS G 213 41.64 -101.42 -81.39
CA LYS G 213 40.96 -102.68 -81.08
C LYS G 213 42.00 -103.61 -80.46
N VAL G 214 41.61 -104.27 -79.36
CA VAL G 214 42.54 -105.08 -78.58
C VAL G 214 41.81 -106.34 -78.15
N ASP G 215 42.44 -107.50 -78.36
CA ASP G 215 41.99 -108.76 -77.80
C ASP G 215 43.00 -109.21 -76.76
N LYS G 216 42.52 -109.53 -75.56
CA LYS G 216 43.39 -109.89 -74.45
C LYS G 216 42.95 -111.23 -73.88
N ARG G 217 43.85 -112.22 -73.93
CA ARG G 217 43.58 -113.50 -73.29
C ARG G 217 43.80 -113.39 -71.80
N VAL G 218 42.87 -113.94 -71.02
CA VAL G 218 42.93 -113.89 -69.57
C VAL G 218 43.18 -115.29 -69.04
N GLU G 219 44.35 -115.47 -68.43
CA GLU G 219 44.81 -116.77 -67.99
C GLU G 219 44.93 -116.82 -66.47
N PRO G 220 44.74 -118.00 -65.88
CA PRO G 220 44.81 -118.12 -64.41
C PRO G 220 46.19 -117.78 -63.85
N LYS G 221 46.18 -117.38 -62.59
CA LYS G 221 47.38 -117.26 -61.76
C LYS G 221 47.31 -118.25 -60.61
N SER G 222 48.47 -118.76 -60.20
CA SER G 222 48.53 -119.60 -59.01
C SER G 222 48.95 -118.76 -57.80
N ASP H 1 8.66 -74.81 -72.12
CA ASP H 1 9.29 -73.87 -71.20
C ASP H 1 8.70 -74.03 -69.80
N ILE H 2 7.68 -74.88 -69.72
CA ILE H 2 7.06 -75.24 -68.45
C ILE H 2 8.04 -76.11 -67.67
N VAL H 3 8.20 -75.81 -66.38
CA VAL H 3 9.10 -76.58 -65.54
C VAL H 3 8.43 -77.89 -65.15
N MET H 4 9.10 -79.01 -65.37
CA MET H 4 8.64 -80.34 -65.00
C MET H 4 9.53 -80.85 -63.88
N THR H 5 8.93 -81.29 -62.77
CA THR H 5 9.69 -81.63 -61.58
C THR H 5 9.34 -83.03 -61.11
N GLN H 6 10.36 -83.84 -60.89
CA GLN H 6 10.25 -85.17 -60.29
C GLN H 6 11.12 -85.16 -59.04
N ALA H 7 10.47 -84.87 -57.90
CA ALA H 7 11.23 -84.66 -56.67
C ALA H 7 12.01 -85.89 -56.27
N ALA H 8 11.49 -87.08 -56.56
CA ALA H 8 12.13 -88.31 -56.13
C ALA H 8 13.28 -88.71 -57.05
N PHE H 9 14.45 -89.00 -56.46
CA PHE H 9 15.55 -89.54 -57.25
C PHE H 9 15.31 -91.01 -57.56
N SER H 10 14.81 -91.77 -56.58
CA SER H 10 14.51 -93.17 -56.80
C SER H 10 13.20 -93.50 -56.12
N ASN H 11 12.61 -94.62 -56.56
CA ASN H 11 11.31 -95.09 -56.07
C ASN H 11 11.44 -96.58 -55.84
N PRO H 12 11.87 -96.99 -54.64
CA PRO H 12 11.94 -98.43 -54.34
C PRO H 12 10.56 -99.04 -54.21
N VAL H 13 10.39 -100.23 -54.78
CA VAL H 13 9.11 -100.93 -54.75
C VAL H 13 9.37 -102.42 -54.62
N THR H 14 8.39 -103.14 -54.08
CA THR H 14 8.48 -104.60 -54.09
C THR H 14 7.80 -105.15 -55.34
N LEU H 15 8.23 -106.34 -55.76
CA LEU H 15 7.68 -106.94 -56.96
C LEU H 15 6.20 -107.24 -56.81
N GLY H 16 5.45 -107.08 -57.90
CA GLY H 16 4.05 -107.47 -57.94
C GLY H 16 3.07 -106.46 -57.38
N ILE H 17 3.56 -105.35 -56.80
CA ILE H 17 2.68 -104.32 -56.29
C ILE H 17 2.62 -103.19 -57.31
N SER H 18 1.64 -102.31 -57.15
CA SER H 18 1.55 -101.12 -57.98
C SER H 18 2.54 -100.06 -57.52
N ALA H 19 3.31 -99.54 -58.47
CA ALA H 19 4.22 -98.44 -58.20
C ALA H 19 3.61 -97.14 -58.71
N SER H 20 4.02 -96.03 -58.09
CA SER H 20 3.54 -94.72 -58.51
C SER H 20 4.72 -93.75 -58.50
N ILE H 21 4.91 -93.08 -59.64
CA ILE H 21 5.99 -92.10 -59.79
C ILE H 21 5.35 -90.76 -60.05
N SER H 22 5.75 -89.75 -59.29
CA SER H 22 5.08 -88.46 -59.30
C SER H 22 5.82 -87.46 -60.20
N CYS H 23 5.05 -86.54 -60.77
CA CYS H 23 5.58 -85.46 -61.59
C CYS H 23 4.71 -84.23 -61.34
N ARG H 24 5.34 -83.06 -61.38
CA ARG H 24 4.64 -81.81 -61.15
C ARG H 24 5.10 -80.81 -62.21
N SER H 25 4.15 -80.06 -62.77
CA SER H 25 4.46 -79.02 -63.75
C SER H 25 4.26 -77.65 -63.11
N SER H 26 4.96 -76.65 -63.67
CA SER H 26 4.83 -75.29 -63.17
C SER H 26 3.58 -74.58 -63.68
N LYS H 27 2.89 -75.18 -64.64
CA LYS H 27 1.69 -74.63 -65.25
C LYS H 27 0.84 -75.80 -65.71
N SER H 28 -0.49 -75.61 -65.70
CA SER H 28 -1.39 -76.65 -66.18
C SER H 28 -0.98 -77.11 -67.57
N LEU H 29 -1.03 -78.43 -67.78
CA LEU H 29 -0.78 -79.02 -69.10
C LEU H 29 -2.07 -79.27 -69.85
N LEU H 30 -3.20 -78.79 -69.33
CA LEU H 30 -4.51 -78.99 -69.96
C LEU H 30 -4.79 -77.86 -70.94
N HIS H 31 -4.93 -78.20 -72.21
CA HIS H 31 -5.30 -77.25 -73.24
C HIS H 31 -6.83 -77.13 -73.33
N SER H 32 -7.30 -75.99 -73.82
CA SER H 32 -8.74 -75.78 -73.97
C SER H 32 -9.40 -76.85 -74.83
N ASN H 33 -8.65 -77.52 -75.70
CA ASN H 33 -9.19 -78.57 -76.54
C ASN H 33 -9.44 -79.88 -75.80
N GLY H 34 -9.19 -79.92 -74.49
CA GLY H 34 -9.44 -81.12 -73.70
C GLY H 34 -8.27 -82.07 -73.57
N ILE H 35 -7.15 -81.80 -74.24
CA ILE H 35 -5.99 -82.69 -74.24
C ILE H 35 -4.99 -82.21 -73.20
N THR H 36 -4.50 -83.13 -72.39
CA THR H 36 -3.42 -82.83 -71.44
C THR H 36 -2.10 -83.26 -72.09
N TYR H 37 -1.18 -82.31 -72.24
CA TYR H 37 0.02 -82.54 -73.03
C TYR H 37 1.14 -83.11 -72.16
N LEU H 38 0.85 -84.28 -71.58
CA LEU H 38 1.77 -84.97 -70.69
C LEU H 38 2.23 -86.28 -71.32
N TYR H 39 3.51 -86.59 -71.13
CA TYR H 39 4.14 -87.78 -71.70
C TYR H 39 4.98 -88.46 -70.63
N TRP H 40 5.12 -89.78 -70.76
CA TRP H 40 6.01 -90.55 -69.91
C TRP H 40 6.95 -91.37 -70.76
N TYR H 41 8.26 -91.29 -70.46
CA TYR H 41 9.31 -92.05 -71.12
C TYR H 41 10.03 -92.93 -70.09
N LEU H 42 10.56 -94.06 -70.58
CA LEU H 42 11.37 -94.96 -69.77
C LEU H 42 12.71 -95.15 -70.45
N GLN H 43 13.80 -94.99 -69.71
CA GLN H 43 15.14 -95.34 -70.19
C GLN H 43 15.65 -96.48 -69.33
N LYS H 44 15.61 -97.70 -69.86
CA LYS H 44 16.18 -98.85 -69.18
C LYS H 44 17.69 -98.80 -69.27
N PRO H 45 18.41 -99.49 -68.39
CA PRO H 45 19.87 -99.44 -68.43
C PRO H 45 20.41 -99.88 -69.78
N GLY H 46 21.32 -99.07 -70.33
CA GLY H 46 21.95 -99.36 -71.60
C GLY H 46 21.12 -99.08 -72.83
N GLN H 47 19.86 -98.68 -72.69
CA GLN H 47 18.96 -98.47 -73.82
C GLN H 47 18.66 -96.99 -74.03
N SER H 48 18.09 -96.69 -75.20
CA SER H 48 17.56 -95.36 -75.49
C SER H 48 16.24 -95.15 -74.77
N PRO H 49 15.81 -93.90 -74.62
CA PRO H 49 14.48 -93.63 -74.05
C PRO H 49 13.38 -94.23 -74.92
N GLN H 50 12.30 -94.62 -74.26
CA GLN H 50 11.19 -95.33 -74.88
C GLN H 50 9.88 -94.70 -74.44
N LEU H 51 9.03 -94.34 -75.40
CA LEU H 51 7.73 -93.76 -75.07
C LEU H 51 6.85 -94.80 -74.39
N LEU H 52 6.25 -94.42 -73.27
CA LEU H 52 5.28 -95.27 -72.58
C LEU H 52 3.85 -94.80 -72.80
N ILE H 53 3.59 -93.52 -72.54
CA ILE H 53 2.27 -92.94 -72.54
C ILE H 53 2.36 -91.56 -73.19
N TYR H 54 1.45 -91.24 -74.09
CA TYR H 54 1.45 -89.91 -74.67
C TYR H 54 0.11 -89.22 -74.45
N GLN H 55 0.19 -87.92 -74.17
CA GLN H 55 -0.97 -87.06 -73.97
C GLN H 55 -1.91 -87.67 -72.92
N MET H 56 -1.30 -88.07 -71.81
CA MET H 56 -1.97 -88.47 -70.57
C MET H 56 -2.59 -89.87 -70.64
N SER H 57 -3.35 -90.18 -71.70
CA SER H 57 -4.20 -91.36 -71.64
C SER H 57 -4.05 -92.28 -72.84
N ASN H 58 -2.97 -92.16 -73.60
CA ASN H 58 -2.74 -93.02 -74.77
C ASN H 58 -1.51 -93.88 -74.51
N LEU H 59 -1.65 -95.18 -74.74
CA LEU H 59 -0.56 -96.13 -74.57
C LEU H 59 0.22 -96.25 -75.88
N ALA H 60 1.54 -96.17 -75.81
CA ALA H 60 2.34 -96.37 -77.01
C ALA H 60 2.24 -97.82 -77.50
N SER H 61 2.47 -98.00 -78.80
CA SER H 61 2.45 -99.34 -79.38
C SER H 61 3.47 -100.24 -78.71
N GLY H 62 3.06 -101.47 -78.44
CA GLY H 62 3.95 -102.46 -77.86
C GLY H 62 4.28 -102.28 -76.41
N VAL H 63 3.69 -101.30 -75.73
CA VAL H 63 3.89 -101.09 -74.31
C VAL H 63 2.86 -101.95 -73.57
N PRO H 64 3.27 -102.71 -72.55
CA PRO H 64 2.29 -103.47 -71.77
C PRO H 64 1.21 -102.55 -71.20
N ASP H 65 0.02 -103.09 -71.08
CA ASP H 65 -1.07 -102.35 -70.46
C ASP H 65 -0.96 -102.31 -68.93
N ARG H 66 0.25 -102.21 -68.41
CA ARG H 66 0.47 -102.05 -66.98
C ARG H 66 0.83 -100.62 -66.60
N PHE H 67 0.79 -99.70 -67.57
CA PHE H 67 1.15 -98.30 -67.37
C PHE H 67 -0.08 -97.44 -67.55
N SER H 68 -0.33 -96.56 -66.58
CA SER H 68 -1.43 -95.62 -66.68
C SER H 68 -1.01 -94.30 -66.06
N SER H 69 -1.73 -93.24 -66.38
CA SER H 69 -1.39 -91.91 -65.88
C SER H 69 -2.64 -91.27 -65.29
N SER H 70 -2.50 -90.64 -64.14
CA SER H 70 -3.60 -89.89 -63.54
C SER H 70 -3.06 -88.57 -63.00
N GLY H 71 -3.97 -87.64 -62.77
CA GLY H 71 -3.56 -86.36 -62.22
C GLY H 71 -4.43 -85.24 -62.71
N SER H 72 -4.23 -84.05 -62.12
CA SER H 72 -5.05 -82.92 -62.34
C SER H 72 -4.38 -82.00 -63.42
N GLY H 73 -4.15 -80.73 -63.17
CA GLY H 73 -3.52 -79.89 -64.19
C GLY H 73 -2.02 -79.75 -64.02
N THR H 74 -1.55 -79.78 -62.76
CA THR H 74 -0.14 -79.66 -62.46
C THR H 74 0.42 -80.79 -61.62
N ASP H 75 -0.40 -81.79 -61.24
CA ASP H 75 0.05 -82.86 -60.35
C ASP H 75 -0.29 -84.20 -60.99
N PHE H 76 0.73 -84.98 -61.33
CA PHE H 76 0.51 -86.21 -62.10
C PHE H 76 1.24 -87.37 -61.45
N THR H 77 0.74 -88.57 -61.71
CA THR H 77 1.42 -89.78 -61.25
C THR H 77 1.38 -90.81 -62.36
N LEU H 78 2.50 -91.47 -62.59
CA LEU H 78 2.57 -92.66 -63.42
C LEU H 78 2.33 -93.88 -62.54
N ARG H 79 1.36 -94.69 -62.90
CA ARG H 79 1.05 -95.90 -62.16
C ARG H 79 1.55 -97.12 -62.93
N ILE H 80 2.35 -97.95 -62.26
CA ILE H 80 2.81 -99.21 -62.86
C ILE H 80 2.16 -100.34 -62.08
N SER H 81 1.23 -101.05 -62.71
CA SER H 81 0.60 -102.17 -62.01
C SER H 81 1.51 -103.39 -62.05
N ARG H 82 1.55 -104.12 -60.93
CA ARG H 82 2.20 -105.41 -60.84
C ARG H 82 3.65 -105.34 -61.34
N VAL H 83 4.44 -104.54 -60.62
CA VAL H 83 5.82 -104.30 -60.99
C VAL H 83 6.57 -105.60 -61.22
N GLU H 84 7.36 -105.64 -62.29
CA GLU H 84 8.25 -106.74 -62.60
C GLU H 84 9.69 -106.27 -62.48
N ALA H 85 10.59 -107.25 -62.31
CA ALA H 85 12.02 -106.91 -62.16
C ALA H 85 12.57 -106.21 -63.39
N GLU H 86 12.04 -106.54 -64.57
CA GLU H 86 12.46 -105.91 -65.80
C GLU H 86 11.95 -104.47 -65.95
N ASP H 87 11.17 -103.95 -65.00
CA ASP H 87 10.70 -102.57 -65.06
C ASP H 87 11.74 -101.55 -64.59
N VAL H 88 12.89 -101.99 -64.06
CA VAL H 88 13.88 -101.04 -63.58
C VAL H 88 14.37 -100.14 -64.70
N GLY H 89 14.67 -98.91 -64.34
CA GLY H 89 15.07 -97.89 -65.30
C GLY H 89 14.68 -96.53 -64.75
N VAL H 90 14.96 -95.50 -65.53
CA VAL H 90 14.66 -94.12 -65.14
C VAL H 90 13.40 -93.71 -65.89
N TYR H 91 12.39 -93.27 -65.15
CA TYR H 91 11.12 -92.83 -65.71
C TYR H 91 11.09 -91.31 -65.77
N TYR H 92 10.79 -90.76 -66.96
CA TYR H 92 10.79 -89.31 -67.19
C TYR H 92 9.39 -88.84 -67.56
N CYS H 93 8.93 -87.75 -66.92
CA CYS H 93 7.77 -87.06 -67.46
C CYS H 93 8.22 -85.95 -68.41
N ALA H 94 7.30 -85.52 -69.27
CA ALA H 94 7.60 -84.49 -70.27
C ALA H 94 6.31 -83.78 -70.68
N GLN H 95 6.48 -82.56 -71.21
CA GLN H 95 5.35 -81.80 -71.75
C GLN H 95 5.78 -81.17 -73.06
N ASN H 96 4.78 -80.89 -73.91
CA ASN H 96 4.97 -80.03 -75.08
C ASN H 96 3.76 -79.14 -75.32
N LEU H 97 3.00 -78.82 -74.26
CA LEU H 97 1.95 -77.82 -74.39
C LEU H 97 2.53 -76.50 -74.89
N GLU H 98 3.66 -76.10 -74.33
CA GLU H 98 4.46 -74.98 -74.84
C GLU H 98 5.86 -75.48 -75.18
N LEU H 99 6.37 -75.08 -76.36
CA LEU H 99 7.74 -75.43 -76.70
C LEU H 99 8.73 -74.50 -75.97
N PRO H 100 9.96 -74.98 -75.71
CA PRO H 100 10.51 -76.30 -76.03
C PRO H 100 9.86 -77.42 -75.20
N TRP H 101 9.85 -78.65 -75.72
CA TRP H 101 9.65 -79.81 -74.85
C TRP H 101 10.51 -79.67 -73.62
N THR H 102 9.95 -80.00 -72.45
CA THR H 102 10.76 -80.03 -71.24
C THR H 102 10.51 -81.34 -70.52
N PHE H 103 11.51 -81.77 -69.76
CA PHE H 103 11.52 -83.09 -69.14
C PHE H 103 11.74 -82.93 -67.65
N GLY H 104 11.10 -83.77 -66.86
CA GLY H 104 11.49 -83.90 -65.46
C GLY H 104 12.86 -84.53 -65.37
N GLY H 105 13.44 -84.48 -64.16
CA GLY H 105 14.78 -84.97 -63.95
C GLY H 105 14.90 -86.47 -63.88
N GLY H 106 13.77 -87.16 -63.93
CA GLY H 106 13.76 -88.61 -63.90
C GLY H 106 13.65 -89.14 -62.49
N THR H 107 13.06 -90.33 -62.39
CA THR H 107 12.97 -91.08 -61.14
C THR H 107 13.32 -92.53 -61.43
N LYS H 108 14.30 -93.05 -60.70
CA LYS H 108 14.77 -94.41 -60.95
C LYS H 108 13.89 -95.39 -60.19
N LEU H 109 13.30 -96.34 -60.89
CA LEU H 109 12.54 -97.40 -60.22
C LEU H 109 13.53 -98.45 -59.73
N GLU H 110 13.40 -98.83 -58.45
CA GLU H 110 14.34 -99.75 -57.82
C GLU H 110 13.55 -100.90 -57.22
N ILE H 111 13.97 -102.14 -57.47
CA ILE H 111 13.28 -103.29 -56.91
C ILE H 111 13.86 -103.58 -55.53
N LYS H 112 12.99 -103.64 -54.53
CA LYS H 112 13.39 -104.12 -53.21
C LYS H 112 13.28 -105.64 -53.18
N ARG H 113 14.43 -106.33 -53.19
CA ARG H 113 14.49 -107.78 -53.03
C ARG H 113 15.10 -108.11 -51.67
N THR H 114 15.16 -109.40 -51.36
CA THR H 114 15.83 -109.81 -50.13
C THR H 114 17.28 -109.34 -50.08
N VAL H 115 17.74 -109.01 -48.87
CA VAL H 115 19.15 -108.71 -48.67
C VAL H 115 19.99 -109.87 -49.20
N ALA H 116 21.14 -109.54 -49.78
CA ALA H 116 22.03 -110.53 -50.38
C ALA H 116 23.45 -110.03 -50.21
N ALA H 117 24.30 -110.83 -49.59
CA ALA H 117 25.67 -110.40 -49.32
C ALA H 117 26.49 -110.44 -50.61
N PRO H 118 27.50 -109.59 -50.73
CA PRO H 118 28.39 -109.69 -51.90
C PRO H 118 29.34 -110.87 -51.77
N SER H 119 29.62 -111.52 -52.90
CA SER H 119 30.82 -112.32 -53.01
C SER H 119 31.98 -111.37 -53.30
N VAL H 120 33.11 -111.54 -52.62
CA VAL H 120 34.22 -110.60 -52.70
C VAL H 120 35.40 -111.30 -53.35
N PHE H 121 35.95 -110.68 -54.39
CA PHE H 121 37.05 -111.22 -55.16
C PHE H 121 38.13 -110.14 -55.26
N ILE H 122 39.40 -110.54 -55.22
CA ILE H 122 40.49 -109.58 -55.34
C ILE H 122 41.42 -110.02 -56.46
N PHE H 123 41.97 -109.05 -57.20
CA PHE H 123 42.80 -109.33 -58.36
C PHE H 123 44.13 -108.60 -58.22
N PRO H 124 45.25 -109.30 -58.18
CA PRO H 124 46.56 -108.63 -58.16
C PRO H 124 46.83 -107.94 -59.48
N PRO H 125 47.78 -106.99 -59.50
CA PRO H 125 48.20 -106.39 -60.78
C PRO H 125 48.74 -107.44 -61.73
N SER H 126 48.52 -107.20 -63.03
CA SER H 126 49.07 -108.06 -64.07
C SER H 126 50.57 -107.78 -64.26
N ASP H 127 51.28 -108.80 -64.74
CA ASP H 127 52.69 -108.60 -65.09
C ASP H 127 52.83 -107.60 -66.21
N GLU H 128 51.90 -107.62 -67.18
CA GLU H 128 51.94 -106.67 -68.28
C GLU H 128 51.87 -105.23 -67.76
N GLN H 129 50.98 -104.97 -66.80
CA GLN H 129 50.87 -103.61 -66.26
C GLN H 129 52.12 -103.24 -65.47
N LEU H 130 52.61 -104.17 -64.64
CA LEU H 130 53.81 -103.92 -63.84
C LEU H 130 54.98 -103.52 -64.73
N LYS H 131 55.16 -104.23 -65.84
CA LYS H 131 56.22 -103.88 -66.78
C LYS H 131 56.06 -102.46 -67.34
N SER H 132 54.85 -101.91 -67.29
CA SER H 132 54.62 -100.53 -67.75
C SER H 132 54.79 -99.51 -66.64
N GLY H 133 55.02 -99.92 -65.40
CA GLY H 133 55.38 -99.02 -64.33
C GLY H 133 54.28 -98.60 -63.39
N THR H 134 53.08 -99.18 -63.50
CA THR H 134 51.98 -98.91 -62.58
C THR H 134 51.38 -100.23 -62.11
N ALA H 135 50.53 -100.13 -61.08
CA ALA H 135 49.94 -101.31 -60.45
C ALA H 135 48.52 -100.99 -60.02
N SER H 136 47.56 -101.70 -60.58
CA SER H 136 46.16 -101.58 -60.22
C SER H 136 45.71 -102.86 -59.53
N VAL H 137 45.12 -102.71 -58.35
CA VAL H 137 44.51 -103.81 -57.61
C VAL H 137 43.01 -103.60 -57.68
N VAL H 138 42.27 -104.65 -58.04
CA VAL H 138 40.82 -104.54 -58.22
C VAL H 138 40.13 -105.44 -57.21
N CYS H 139 39.19 -104.87 -56.47
CA CYS H 139 38.31 -105.63 -55.57
C CYS H 139 36.91 -105.64 -56.17
N LEU H 140 36.32 -106.83 -56.28
CA LEU H 140 35.01 -106.97 -56.91
C LEU H 140 34.01 -107.47 -55.88
N LEU H 141 32.88 -106.77 -55.77
CA LEU H 141 31.75 -107.21 -54.95
C LEU H 141 30.65 -107.65 -55.89
N ASN H 142 30.31 -108.93 -55.89
CA ASN H 142 29.40 -109.46 -56.89
C ASN H 142 28.02 -109.77 -56.31
N ASN H 143 26.98 -109.29 -56.98
CA ASN H 143 25.60 -109.74 -56.83
C ASN H 143 25.11 -109.57 -55.39
N PHE H 144 24.89 -108.32 -55.02
CA PHE H 144 24.48 -107.99 -53.67
C PHE H 144 23.30 -107.03 -53.69
N TYR H 145 22.63 -106.95 -52.55
CA TYR H 145 21.53 -106.02 -52.33
C TYR H 145 21.44 -105.78 -50.83
N PRO H 146 21.28 -104.54 -50.35
CA PRO H 146 21.07 -103.30 -51.11
C PRO H 146 22.34 -102.72 -51.73
N ARG H 147 22.20 -101.58 -52.43
CA ARG H 147 23.34 -101.01 -53.14
C ARG H 147 24.42 -100.52 -52.18
N GLU H 148 24.02 -100.07 -50.99
CA GLU H 148 24.98 -99.51 -50.04
C GLU H 148 26.00 -100.54 -49.60
N ALA H 149 27.27 -100.16 -49.67
CA ALA H 149 28.37 -101.02 -49.24
C ALA H 149 29.54 -100.12 -48.90
N LYS H 150 30.43 -100.61 -48.03
CA LYS H 150 31.64 -99.88 -47.66
C LYS H 150 32.83 -100.76 -48.03
N VAL H 151 33.73 -100.23 -48.86
CA VAL H 151 34.90 -100.95 -49.31
C VAL H 151 36.13 -100.13 -48.96
N GLN H 152 37.01 -100.69 -48.14
CA GLN H 152 38.20 -100.00 -47.68
C GLN H 152 39.43 -100.78 -48.09
N TRP H 153 40.45 -100.08 -48.53
CA TRP H 153 41.73 -100.69 -48.88
C TRP H 153 42.65 -100.63 -47.67
N LYS H 154 43.28 -101.76 -47.37
CA LYS H 154 44.30 -101.81 -46.33
C LYS H 154 45.57 -102.37 -46.94
N VAL H 155 46.67 -101.65 -46.76
CA VAL H 155 47.98 -102.05 -47.27
C VAL H 155 48.92 -102.23 -46.09
N ASP H 156 49.42 -103.45 -45.90
CA ASP H 156 50.21 -103.82 -44.72
C ASP H 156 49.51 -103.33 -43.45
N ASN H 157 48.19 -103.52 -43.39
CA ASN H 157 47.28 -103.17 -42.29
C ASN H 157 47.06 -101.67 -42.14
N ALA H 158 47.60 -100.82 -43.01
CA ALA H 158 47.40 -99.39 -42.92
C ALA H 158 46.23 -98.99 -43.83
N LEU H 159 45.20 -98.40 -43.25
CA LEU H 159 44.05 -97.98 -44.03
C LEU H 159 44.46 -96.95 -45.06
N GLN H 160 44.00 -97.12 -46.29
CA GLN H 160 44.38 -96.24 -47.38
C GLN H 160 43.38 -95.10 -47.50
N SER H 161 43.90 -93.88 -47.58
CA SER H 161 43.05 -92.69 -47.59
C SER H 161 42.56 -92.36 -48.99
N GLY H 162 43.42 -92.49 -50.00
CA GLY H 162 43.00 -92.34 -51.38
C GLY H 162 43.58 -93.41 -52.29
N ASN H 163 43.78 -93.02 -53.54
CA ASN H 163 44.30 -93.83 -54.64
C ASN H 163 43.28 -94.85 -55.13
N SER H 164 42.00 -94.75 -54.76
CA SER H 164 41.02 -95.74 -55.23
C SER H 164 39.77 -95.07 -55.78
N GLN H 165 39.04 -95.80 -56.63
CA GLN H 165 37.75 -95.32 -57.11
C GLN H 165 36.84 -96.50 -57.35
N GLU H 166 35.55 -96.25 -57.22
CA GLU H 166 34.52 -97.29 -57.31
C GLU H 166 33.64 -97.07 -58.54
N SER H 167 33.12 -98.16 -59.06
CA SER H 167 32.07 -98.11 -60.04
C SER H 167 31.02 -99.15 -59.66
N VAL H 168 29.75 -98.85 -59.90
CA VAL H 168 28.65 -99.73 -59.54
C VAL H 168 27.78 -99.98 -60.76
N THR H 169 27.32 -101.22 -60.93
CA THR H 169 26.38 -101.47 -62.02
C THR H 169 25.01 -100.86 -61.71
N GLU H 170 24.21 -100.71 -62.77
CA GLU H 170 22.80 -100.52 -62.54
C GLU H 170 22.21 -101.80 -61.98
N GLN H 171 21.01 -101.68 -61.43
CA GLN H 171 20.37 -102.85 -60.84
C GLN H 171 19.98 -103.82 -61.94
N ASP H 172 20.35 -105.08 -61.73
CA ASP H 172 20.16 -106.09 -62.74
C ASP H 172 18.67 -106.41 -62.91
N SER H 173 18.20 -106.38 -64.15
CA SER H 173 16.78 -106.63 -64.45
C SER H 173 16.34 -108.07 -64.23
N LYS H 174 17.25 -109.00 -63.98
CA LYS H 174 16.85 -110.38 -63.76
C LYS H 174 16.89 -110.76 -62.28
N ASP H 175 17.99 -110.48 -61.58
CA ASP H 175 18.12 -110.90 -60.19
C ASP H 175 18.07 -109.73 -59.22
N SER H 176 17.88 -108.51 -59.72
CA SER H 176 17.68 -107.31 -58.88
C SER H 176 18.86 -107.03 -57.98
N THR H 177 20.06 -107.49 -58.35
CA THR H 177 21.26 -107.21 -57.56
C THR H 177 22.14 -106.17 -58.22
N TYR H 178 23.10 -105.70 -57.45
CA TYR H 178 24.16 -104.82 -57.88
C TYR H 178 25.49 -105.56 -57.85
N SER H 179 26.46 -105.03 -58.62
CA SER H 179 27.86 -105.43 -58.46
C SER H 179 28.70 -104.16 -58.45
N LEU H 180 29.90 -104.28 -57.86
CA LEU H 180 30.72 -103.11 -57.57
C LEU H 180 32.19 -103.46 -57.74
N SER H 181 32.94 -102.54 -58.35
CA SER H 181 34.39 -102.64 -58.43
C SER H 181 34.98 -101.51 -57.62
N SER H 182 36.10 -101.79 -56.94
CA SER H 182 36.90 -100.75 -56.33
C SER H 182 38.33 -101.00 -56.80
N THR H 183 38.98 -99.95 -57.30
CA THR H 183 40.27 -100.10 -57.97
C THR H 183 41.26 -99.17 -57.30
N LEU H 184 42.33 -99.75 -56.76
CA LEU H 184 43.43 -99.04 -56.12
C LEU H 184 44.60 -99.03 -57.09
N THR H 185 45.11 -97.85 -57.43
CA THR H 185 46.18 -97.77 -58.42
C THR H 185 47.36 -97.00 -57.82
N LEU H 186 48.55 -97.60 -57.91
CA LEU H 186 49.79 -97.04 -57.41
C LEU H 186 50.84 -97.11 -58.51
N SER H 187 51.88 -96.28 -58.39
CA SER H 187 53.07 -96.53 -59.18
C SER H 187 53.68 -97.87 -58.77
N LYS H 188 54.47 -98.44 -59.68
CA LYS H 188 55.12 -99.70 -59.35
C LYS H 188 56.03 -99.52 -58.14
N ALA H 189 56.74 -98.38 -58.06
CA ALA H 189 57.64 -98.14 -56.94
C ALA H 189 56.89 -98.13 -55.60
N ASP H 190 55.72 -97.48 -55.55
CA ASP H 190 54.95 -97.48 -54.32
C ASP H 190 54.36 -98.85 -54.03
N TYR H 191 53.90 -99.55 -55.08
CA TYR H 191 53.36 -100.89 -54.93
C TYR H 191 54.34 -101.81 -54.21
N GLU H 192 55.60 -101.81 -54.66
CA GLU H 192 56.62 -102.73 -54.17
C GLU H 192 57.22 -102.29 -52.84
N LYS H 193 56.70 -101.23 -52.23
CA LYS H 193 57.11 -100.90 -50.87
C LYS H 193 56.36 -101.69 -49.81
N HIS H 194 55.30 -102.40 -50.19
CA HIS H 194 54.43 -103.07 -49.22
C HIS H 194 54.22 -104.51 -49.63
N LYS H 195 53.68 -105.30 -48.69
CA LYS H 195 53.55 -106.74 -48.87
C LYS H 195 52.10 -107.22 -49.01
N VAL H 196 51.22 -106.87 -48.07
CA VAL H 196 49.87 -107.42 -48.08
C VAL H 196 48.90 -106.32 -48.50
N TYR H 197 48.09 -106.63 -49.51
CA TYR H 197 47.04 -105.77 -50.04
C TYR H 197 45.70 -106.41 -49.74
N ALA H 198 44.78 -105.63 -49.17
CA ALA H 198 43.51 -106.18 -48.70
C ALA H 198 42.37 -105.20 -48.97
N CYS H 199 41.22 -105.72 -49.40
CA CYS H 199 40.00 -104.92 -49.37
C CYS H 199 39.09 -105.46 -48.27
N GLU H 200 38.58 -104.54 -47.44
CA GLU H 200 37.70 -104.86 -46.33
C GLU H 200 36.30 -104.38 -46.69
N VAL H 201 35.32 -105.28 -46.63
CA VAL H 201 33.99 -105.03 -47.14
C VAL H 201 32.99 -105.10 -45.99
N THR H 202 32.14 -104.10 -45.90
CA THR H 202 31.06 -104.01 -44.91
C THR H 202 29.76 -103.90 -45.69
N HIS H 203 28.74 -104.64 -45.26
CA HIS H 203 27.49 -104.68 -46.01
C HIS H 203 26.39 -105.27 -45.15
N GLN H 204 25.15 -104.87 -45.45
CA GLN H 204 24.00 -105.30 -44.66
C GLN H 204 23.91 -106.82 -44.55
N GLY H 205 24.29 -107.53 -45.62
CA GLY H 205 24.13 -108.98 -45.61
C GLY H 205 25.24 -109.75 -44.94
N LEU H 206 26.30 -109.06 -44.54
CA LEU H 206 27.42 -109.66 -43.83
C LEU H 206 27.26 -109.43 -42.34
N SER H 207 27.45 -110.47 -41.54
CA SER H 207 27.33 -110.29 -40.10
C SER H 207 28.48 -109.48 -39.54
N SER H 208 29.63 -109.48 -40.21
CA SER H 208 30.78 -108.67 -39.79
C SER H 208 31.62 -108.38 -41.04
N PRO H 209 32.55 -107.43 -40.96
CA PRO H 209 33.39 -107.12 -42.12
C PRO H 209 34.13 -108.34 -42.67
N VAL H 210 34.21 -108.40 -43.99
CA VAL H 210 34.95 -109.43 -44.70
C VAL H 210 36.15 -108.78 -45.37
N THR H 211 37.33 -109.39 -45.21
CA THR H 211 38.53 -108.91 -45.89
C THR H 211 39.08 -110.00 -46.79
N LYS H 212 39.43 -109.62 -48.03
CA LYS H 212 40.12 -110.48 -48.98
C LYS H 212 41.47 -109.85 -49.28
N SER H 213 42.52 -110.67 -49.31
CA SER H 213 43.86 -110.11 -49.38
C SER H 213 44.80 -111.05 -50.11
N PHE H 214 45.94 -110.50 -50.54
CA PHE H 214 47.04 -111.28 -51.09
C PHE H 214 48.36 -110.65 -50.64
N ASN H 215 49.42 -111.45 -50.71
CA ASN H 215 50.79 -110.99 -50.47
C ASN H 215 51.49 -110.79 -51.81
N ARG H 216 52.12 -109.64 -51.98
CA ARG H 216 52.68 -109.27 -53.28
C ARG H 216 53.74 -110.24 -53.80
N GLU I 1 -15.31 60.52 87.50
CA GLU I 1 -15.49 59.45 88.47
C GLU I 1 -16.94 59.30 88.91
N VAL I 2 -17.88 59.93 88.21
CA VAL I 2 -19.29 59.88 88.63
C VAL I 2 -20.04 58.98 87.69
N GLN I 3 -21.01 58.26 88.24
CA GLN I 3 -21.81 57.29 87.53
C GLN I 3 -23.27 57.66 87.74
N LEU I 4 -24.05 57.69 86.65
CA LEU I 4 -25.46 58.00 86.73
C LEU I 4 -26.24 56.85 86.13
N GLN I 5 -27.30 56.41 86.80
CA GLN I 5 -28.03 55.22 86.39
C GLN I 5 -29.53 55.48 86.41
N GLU I 6 -30.14 55.51 85.23
CA GLU I 6 -31.58 55.69 85.10
C GLU I 6 -32.29 54.38 85.41
N SER I 7 -33.46 54.49 86.04
CA SER I 7 -34.29 53.32 86.29
C SER I 7 -35.76 53.69 86.25
N GLY I 8 -36.59 52.69 86.01
CA GLY I 8 -38.01 52.88 85.94
C GLY I 8 -38.63 51.97 84.90
N PRO I 9 -39.95 52.02 84.76
CA PRO I 9 -40.63 51.12 83.82
C PRO I 9 -40.25 51.41 82.37
N SER I 10 -40.14 50.34 81.59
CA SER I 10 -39.88 50.47 80.16
C SER I 10 -41.15 50.70 79.35
N LEU I 11 -42.32 50.50 79.94
CA LEU I 11 -43.58 50.58 79.25
C LEU I 11 -44.54 51.35 80.14
N VAL I 12 -45.21 52.37 79.57
CA VAL I 12 -46.19 53.17 80.29
C VAL I 12 -47.41 53.35 79.40
N LYS I 13 -48.63 53.28 80.00
CA LYS I 13 -49.84 53.44 79.20
C LYS I 13 -50.10 54.91 78.90
N PRO I 14 -50.64 55.21 77.71
CA PRO I 14 -51.02 56.58 77.39
C PRO I 14 -51.96 57.13 78.45
N SER I 15 -51.82 58.42 78.72
CA SER I 15 -52.50 59.26 79.70
C SER I 15 -51.94 59.08 81.13
N GLN I 16 -51.09 58.08 81.38
CA GLN I 16 -50.53 57.91 82.71
C GLN I 16 -49.35 58.86 82.93
N THR I 17 -48.89 58.91 84.18
CA THR I 17 -47.67 59.64 84.54
C THR I 17 -46.45 58.71 84.43
N LEU I 18 -45.46 59.16 83.68
CA LEU I 18 -44.20 58.45 83.53
C LEU I 18 -43.27 58.94 84.64
N SER I 19 -42.70 58.02 85.41
CA SER I 19 -41.72 58.38 86.44
C SER I 19 -40.43 57.60 86.22
N LEU I 20 -39.29 58.31 86.27
CA LEU I 20 -37.97 57.68 86.22
C LEU I 20 -37.13 58.22 87.37
N THR I 21 -36.13 57.44 87.75
CA THR I 21 -35.20 57.82 88.81
C THR I 21 -33.78 57.74 88.30
N CYS I 22 -32.94 58.71 88.70
CA CYS I 22 -31.51 58.69 88.40
C CYS I 22 -30.77 58.48 89.70
N SER I 23 -30.01 57.38 89.78
CA SER I 23 -29.17 57.09 90.93
C SER I 23 -27.74 57.53 90.62
N VAL I 24 -27.20 58.40 91.46
CA VAL I 24 -25.88 59.01 91.26
C VAL I 24 -24.92 58.40 92.26
N THR I 25 -23.75 57.98 91.79
CA THR I 25 -22.66 57.53 92.65
C THR I 25 -21.37 58.25 92.24
N GLY I 26 -20.47 58.45 93.20
CA GLY I 26 -19.23 59.15 92.94
C GLY I 26 -19.33 60.65 93.03
N ASP I 27 -20.54 61.19 93.21
CA ASP I 27 -20.73 62.63 93.42
C ASP I 27 -21.99 62.78 94.27
N SER I 28 -22.13 63.94 94.90
CA SER I 28 -23.32 64.24 95.69
C SER I 28 -24.24 65.18 94.90
N ILE I 29 -25.54 64.88 94.92
CA ILE I 29 -26.45 65.77 94.18
C ILE I 29 -26.71 67.07 94.93
N THR I 30 -26.11 67.26 96.11
CA THR I 30 -26.19 68.52 96.82
C THR I 30 -25.09 69.50 96.38
N SER I 31 -24.37 69.21 95.30
CA SER I 31 -23.64 70.24 94.58
C SER I 31 -23.82 70.02 93.08
N GLY I 32 -23.74 71.10 92.33
CA GLY I 32 -23.93 71.02 90.89
C GLY I 32 -25.40 71.02 90.52
N TYR I 33 -25.66 70.73 89.25
CA TYR I 33 -27.00 70.74 88.67
C TYR I 33 -27.25 69.41 87.98
N TRP I 34 -28.47 68.91 88.07
CA TRP I 34 -28.78 67.51 87.76
C TRP I 34 -29.93 67.48 86.76
N ASN I 35 -29.67 66.94 85.57
CA ASN I 35 -30.48 67.23 84.39
C ASN I 35 -31.17 65.97 83.86
N TRP I 36 -32.22 66.21 83.10
CA TRP I 36 -32.90 65.18 82.32
C TRP I 36 -32.95 65.63 80.86
N ILE I 37 -32.60 64.70 79.97
CA ILE I 37 -32.62 64.92 78.52
C ILE I 37 -33.22 63.67 77.90
N ARG I 38 -33.97 63.83 76.81
CA ARG I 38 -34.45 62.64 76.12
C ARG I 38 -34.07 62.67 74.64
N LYS I 39 -33.92 61.48 74.08
CA LYS I 39 -33.55 61.28 72.68
C LYS I 39 -34.70 60.54 72.00
N PHE I 40 -35.37 61.20 71.06
CA PHE I 40 -36.51 60.59 70.39
C PHE I 40 -36.04 59.52 69.42
N PRO I 41 -36.93 58.62 68.97
CA PRO I 41 -36.50 57.52 68.09
C PRO I 41 -35.75 57.97 66.85
N GLY I 42 -36.04 59.15 66.33
CA GLY I 42 -35.29 59.66 65.20
C GLY I 42 -34.02 60.43 65.54
N ASN I 43 -33.53 60.31 66.78
CA ASN I 43 -32.26 60.87 67.29
C ASN I 43 -32.29 62.37 67.56
N LYS I 44 -33.45 63.00 67.59
CA LYS I 44 -33.53 64.37 68.08
C LYS I 44 -33.41 64.39 69.59
N LEU I 45 -32.63 65.33 70.12
CA LEU I 45 -32.42 65.49 71.55
C LEU I 45 -33.26 66.65 72.09
N GLU I 46 -33.90 66.45 73.24
CA GLU I 46 -34.69 67.50 73.87
C GLU I 46 -34.29 67.62 75.34
N TYR I 47 -33.83 68.80 75.72
CA TYR I 47 -33.54 69.08 77.11
C TYR I 47 -34.86 69.21 77.88
N MET I 48 -34.98 68.51 79.01
CA MET I 48 -36.22 68.57 79.78
C MET I 48 -36.14 69.51 80.98
N GLY I 49 -35.11 69.40 81.81
CA GLY I 49 -34.96 70.35 82.90
C GLY I 49 -33.86 69.93 83.85
N TYR I 50 -33.76 70.66 84.97
CA TYR I 50 -32.78 70.33 85.99
C TYR I 50 -33.38 70.51 87.38
N ILE I 51 -32.74 69.87 88.34
CA ILE I 51 -32.89 70.19 89.75
C ILE I 51 -31.51 70.57 90.26
N SER I 52 -31.42 71.69 90.96
CA SER I 52 -30.13 72.20 91.41
C SER I 52 -29.72 71.57 92.74
N TYR I 53 -28.49 71.90 93.15
CA TYR I 53 -27.95 71.48 94.43
C TYR I 53 -28.81 71.92 95.60
N SER I 54 -29.61 72.96 95.43
CA SER I 54 -30.49 73.45 96.49
C SER I 54 -31.89 72.85 96.41
N GLY I 55 -32.17 72.04 95.40
CA GLY I 55 -33.51 71.53 95.20
C GLY I 55 -34.43 72.40 94.36
N SER I 56 -33.99 73.57 93.92
CA SER I 56 -34.79 74.37 93.01
C SER I 56 -34.79 73.71 91.62
N THR I 57 -35.77 74.07 90.79
CA THR I 57 -35.95 73.37 89.53
C THR I 57 -36.11 74.36 88.37
N TYR I 58 -35.68 73.90 87.21
CA TYR I 58 -35.88 74.60 85.95
C TYR I 58 -36.47 73.61 84.96
N TYR I 59 -37.51 74.03 84.25
CA TYR I 59 -38.12 73.19 83.22
C TYR I 59 -38.09 73.89 81.86
N ASN I 60 -37.76 73.13 80.82
CA ASN I 60 -37.95 73.59 79.46
C ASN I 60 -39.37 74.15 79.29
N PRO I 61 -39.53 75.39 78.83
CA PRO I 61 -40.90 75.94 78.72
C PRO I 61 -41.82 75.11 77.86
N SER I 62 -41.29 74.37 76.89
CA SER I 62 -42.12 73.50 76.07
C SER I 62 -42.68 72.31 76.83
N LEU I 63 -42.15 72.02 78.02
CA LEU I 63 -42.56 70.88 78.83
C LEU I 63 -43.02 71.29 80.22
N LYS I 64 -42.91 72.58 80.57
CA LYS I 64 -43.14 73.01 81.95
C LYS I 64 -44.49 72.56 82.47
N SER I 65 -45.54 72.63 81.64
CA SER I 65 -46.86 72.26 82.14
C SER I 65 -47.03 70.75 82.31
N ARG I 66 -46.05 69.91 81.96
CA ARG I 66 -46.21 68.47 82.04
C ARG I 66 -45.18 67.76 82.90
N ILE I 67 -44.25 68.49 83.53
CA ILE I 67 -43.10 67.86 84.15
C ILE I 67 -42.96 68.33 85.59
N SER I 68 -42.46 67.43 86.44
CA SER I 68 -41.97 67.73 87.78
C SER I 68 -40.65 67.00 87.97
N ILE I 69 -39.71 67.62 88.65
CA ILE I 69 -38.47 66.97 89.05
C ILE I 69 -38.39 67.01 90.58
N THR I 70 -38.03 65.88 91.17
CA THR I 70 -37.94 65.74 92.62
C THR I 70 -36.58 65.15 92.97
N ARG I 71 -36.23 65.18 94.25
CA ARG I 71 -34.99 64.52 94.64
C ARG I 71 -35.14 63.92 96.03
N ASP I 72 -34.23 63.00 96.33
CA ASP I 72 -34.12 62.38 97.65
C ASP I 72 -32.63 62.43 98.00
N THR I 73 -32.24 63.39 98.84
CA THR I 73 -30.82 63.55 99.11
C THR I 73 -30.27 62.42 99.96
N SER I 74 -31.10 61.74 100.74
CA SER I 74 -30.58 60.64 101.55
C SER I 74 -30.20 59.45 100.69
N LYS I 75 -30.86 59.27 99.55
CA LYS I 75 -30.55 58.21 98.62
C LYS I 75 -29.67 58.67 97.47
N ASN I 76 -29.35 59.97 97.42
CA ASN I 76 -28.57 60.54 96.33
C ASN I 76 -29.19 60.20 94.98
N GLN I 77 -30.50 60.41 94.87
CA GLN I 77 -31.26 60.14 93.66
C GLN I 77 -32.13 61.34 93.31
N TYR I 78 -32.45 61.48 92.02
CA TYR I 78 -33.47 62.45 91.62
C TYR I 78 -34.35 61.84 90.53
N SER I 79 -35.55 62.38 90.38
CA SER I 79 -36.60 61.74 89.60
C SER I 79 -37.25 62.73 88.64
N LEU I 80 -37.75 62.18 87.54
CA LEU I 80 -38.50 62.89 86.53
C LEU I 80 -39.92 62.34 86.54
N HIS I 81 -40.91 63.24 86.55
CA HIS I 81 -42.31 62.87 86.38
C HIS I 81 -42.85 63.60 85.16
N LEU I 82 -43.35 62.85 84.19
CA LEU I 82 -43.85 63.41 82.92
C LEU I 82 -45.32 63.05 82.80
N ASN I 83 -46.18 64.08 82.80
CA ASN I 83 -47.63 63.86 82.87
C ASN I 83 -48.25 63.49 81.53
N SER I 84 -49.34 62.71 81.60
CA SER I 84 -50.30 62.58 80.51
C SER I 84 -49.63 62.15 79.21
N VAL I 85 -48.85 61.06 79.30
CA VAL I 85 -47.93 60.72 78.21
C VAL I 85 -48.71 60.15 77.02
N THR I 86 -48.11 60.26 75.85
CA THR I 86 -48.61 59.64 74.62
C THR I 86 -47.44 59.01 73.88
N ALA I 87 -47.73 58.35 72.76
CA ALA I 87 -46.65 57.80 71.94
C ALA I 87 -45.65 58.87 71.49
N GLU I 88 -46.02 60.16 71.50
CA GLU I 88 -45.05 61.20 71.17
C GLU I 88 -43.92 61.31 72.20
N ASP I 89 -44.11 60.75 73.39
CA ASP I 89 -43.10 60.79 74.43
C ASP I 89 -42.16 59.59 74.41
N THR I 90 -42.44 58.58 73.59
CA THR I 90 -41.54 57.42 73.47
C THR I 90 -40.15 57.89 73.08
N ALA I 91 -39.13 57.46 73.85
CA ALA I 91 -37.79 58.04 73.75
C ALA I 91 -36.84 57.29 74.68
N THR I 92 -35.55 57.53 74.46
CA THR I 92 -34.54 57.13 75.45
C THR I 92 -34.28 58.32 76.36
N PHE I 93 -34.41 58.11 77.67
CA PHE I 93 -34.30 59.18 78.64
C PHE I 93 -32.94 59.10 79.30
N TYR I 94 -32.24 60.23 79.40
CA TYR I 94 -30.91 60.31 79.99
C TYR I 94 -30.92 61.26 81.17
N CYS I 95 -30.24 60.89 82.25
CA CYS I 95 -29.84 61.90 83.20
C CYS I 95 -28.37 62.30 82.95
N ALA I 96 -28.01 63.51 83.38
CA ALA I 96 -26.66 64.00 83.17
C ALA I 96 -26.32 65.09 84.18
N ARG I 97 -25.05 65.13 84.56
CA ARG I 97 -24.58 66.14 85.51
C ARG I 97 -24.15 67.38 84.76
N TYR I 98 -24.49 68.56 85.31
CA TYR I 98 -23.86 69.81 84.90
C TYR I 98 -22.86 70.21 85.97
N TYR I 99 -21.60 70.34 85.59
CA TYR I 99 -20.53 70.72 86.52
C TYR I 99 -20.12 72.16 86.20
N GLY I 100 -20.07 73.01 87.22
CA GLY I 100 -19.72 74.39 86.98
C GLY I 100 -20.74 75.32 87.58
N ASP I 101 -20.75 76.57 87.11
CA ASP I 101 -21.68 77.58 87.59
C ASP I 101 -22.33 78.27 86.39
N ASN I 102 -22.90 79.45 86.63
CA ASN I 102 -23.64 80.16 85.60
C ASN I 102 -22.75 80.63 84.45
N TYR I 103 -21.45 80.77 84.70
CA TYR I 103 -20.49 81.38 83.80
C TYR I 103 -19.65 80.34 83.06
N VAL I 104 -19.12 79.34 83.76
CA VAL I 104 -18.26 78.32 83.17
C VAL I 104 -18.73 76.94 83.62
N GLY I 105 -18.91 76.04 82.68
CA GLY I 105 -19.27 74.67 83.01
C GLY I 105 -19.82 73.94 81.79
N ALA I 106 -20.26 72.71 82.04
CA ALA I 106 -20.81 71.89 80.96
C ALA I 106 -21.56 70.72 81.56
N MET I 107 -22.46 70.15 80.75
CA MET I 107 -23.06 68.86 81.06
C MET I 107 -22.02 67.79 80.71
N ASP I 108 -21.37 67.22 81.72
CA ASP I 108 -20.23 66.37 81.38
C ASP I 108 -20.58 64.89 81.39
N TYR I 109 -20.95 64.33 82.54
CA TYR I 109 -21.21 62.90 82.64
C TYR I 109 -22.68 62.60 82.38
N TRP I 110 -22.96 61.71 81.42
CA TRP I 110 -24.32 61.26 81.13
C TRP I 110 -24.52 59.84 81.64
N GLY I 111 -25.77 59.50 81.96
CA GLY I 111 -26.10 58.15 82.34
C GLY I 111 -26.10 57.25 81.13
N GLN I 112 -26.47 55.98 81.35
CA GLN I 112 -26.50 55.05 80.23
C GLN I 112 -27.76 55.18 79.40
N GLY I 113 -28.78 55.82 79.92
CA GLY I 113 -30.04 56.00 79.18
C GLY I 113 -30.96 54.82 79.41
N THR I 114 -32.26 55.10 79.44
CA THR I 114 -33.28 54.06 79.61
C THR I 114 -34.42 54.28 78.62
N SER I 115 -34.81 53.21 77.96
CA SER I 115 -35.90 53.28 76.98
C SER I 115 -37.24 53.31 77.69
N VAL I 116 -38.13 54.21 77.26
CA VAL I 116 -39.52 54.20 77.69
C VAL I 116 -40.42 54.24 76.46
N THR I 117 -41.35 53.30 76.39
CA THR I 117 -42.31 53.21 75.30
C THR I 117 -43.70 53.46 75.86
N VAL I 118 -44.47 54.32 75.21
CA VAL I 118 -45.81 54.66 75.65
C VAL I 118 -46.79 53.91 74.75
N SER I 119 -47.49 52.93 75.33
CA SER I 119 -48.46 52.11 74.60
C SER I 119 -49.36 51.41 75.60
N SER I 120 -50.61 51.20 75.19
CA SER I 120 -51.57 50.46 76.00
C SER I 120 -51.38 48.96 75.89
N ALA I 121 -50.52 48.48 75.00
CA ALA I 121 -50.35 47.06 74.79
C ALA I 121 -49.64 46.41 75.97
N SER I 122 -49.95 45.13 76.20
CA SER I 122 -49.26 44.34 77.23
C SER I 122 -47.85 43.95 76.77
N THR I 123 -46.95 43.77 77.74
CA THR I 123 -45.64 43.26 77.41
C THR I 123 -45.72 41.87 76.81
N LYS I 124 -44.73 41.54 75.98
CA LYS I 124 -44.63 40.21 75.41
C LYS I 124 -43.16 39.81 75.40
N GLY I 125 -42.84 38.60 75.90
CA GLY I 125 -41.48 38.15 75.85
C GLY I 125 -41.12 37.52 74.50
N PRO I 126 -39.83 37.53 74.16
CA PRO I 126 -39.42 36.95 72.88
C PRO I 126 -39.43 35.44 72.87
N SER I 127 -39.67 34.88 71.68
CA SER I 127 -39.20 33.54 71.36
C SER I 127 -37.75 33.64 70.91
N VAL I 128 -36.93 32.66 71.27
CA VAL I 128 -35.52 32.66 70.92
C VAL I 128 -35.26 31.39 70.11
N PHE I 129 -34.93 31.56 68.83
CA PHE I 129 -34.71 30.43 67.95
C PHE I 129 -33.26 30.42 67.48
N PRO I 130 -32.67 29.23 67.30
CA PRO I 130 -31.30 29.17 66.80
C PRO I 130 -31.23 29.48 65.32
N LEU I 131 -30.16 30.18 64.94
CA LEU I 131 -29.75 30.30 63.54
C LEU I 131 -28.55 29.35 63.40
N ALA I 132 -28.84 28.14 62.96
CA ALA I 132 -27.84 27.08 63.08
C ALA I 132 -26.77 27.23 61.99
N PRO I 133 -25.50 27.05 62.33
CA PRO I 133 -24.47 27.07 61.28
C PRO I 133 -24.55 25.80 60.44
N SER I 134 -24.34 26.00 59.14
CA SER I 134 -24.33 24.92 58.16
C SER I 134 -23.43 25.37 57.01
N SER I 135 -23.32 24.54 55.98
CA SER I 135 -22.55 24.97 54.81
C SER I 135 -23.17 26.21 54.20
N LYS I 136 -24.48 26.39 54.35
CA LYS I 136 -25.19 27.56 53.83
C LYS I 136 -24.82 28.84 54.56
N SER I 137 -24.18 28.73 55.72
CA SER I 137 -23.72 29.87 56.49
C SER I 137 -22.22 29.83 56.73
N THR I 138 -21.46 29.14 55.87
CA THR I 138 -20.00 29.15 55.97
C THR I 138 -19.38 29.60 54.66
N SER I 139 -18.17 30.12 54.79
CA SER I 139 -17.33 30.48 53.65
C SER I 139 -15.89 30.16 54.04
N GLY I 140 -15.31 29.16 53.38
CA GLY I 140 -13.96 28.72 53.70
C GLY I 140 -13.83 28.21 55.13
N GLY I 141 -13.05 28.90 55.95
CA GLY I 141 -12.92 28.58 57.36
C GLY I 141 -13.78 29.40 58.31
N THR I 142 -14.74 30.16 57.79
CA THR I 142 -15.54 31.10 58.57
C THR I 142 -17.00 30.69 58.50
N ALA I 143 -17.61 30.47 59.67
CA ALA I 143 -18.99 30.04 59.78
C ALA I 143 -19.77 31.08 60.60
N ALA I 144 -21.00 31.36 60.18
CA ALA I 144 -21.88 32.25 60.93
C ALA I 144 -22.97 31.44 61.59
N LEU I 145 -23.34 31.86 62.81
CA LEU I 145 -24.41 31.26 63.57
C LEU I 145 -25.05 32.39 64.37
N GLY I 146 -26.23 32.13 64.94
CA GLY I 146 -26.83 33.21 65.68
C GLY I 146 -28.08 32.76 66.41
N CYS I 147 -28.80 33.76 66.92
CA CYS I 147 -30.10 33.55 67.55
C CYS I 147 -31.08 34.58 67.03
N LEU I 148 -32.29 34.12 66.73
CA LEU I 148 -33.38 34.98 66.29
C LEU I 148 -34.25 35.26 67.51
N VAL I 149 -34.38 36.53 67.87
CA VAL I 149 -35.04 36.96 69.10
C VAL I 149 -36.31 37.66 68.65
N LYS I 150 -37.43 36.95 68.67
CA LYS I 150 -38.58 37.28 67.84
C LYS I 150 -39.82 37.54 68.67
N ASP I 151 -40.57 38.57 68.27
CA ASP I 151 -41.94 38.83 68.74
C ASP I 151 -41.98 39.29 70.20
N TYR I 152 -41.22 40.34 70.52
CA TYR I 152 -41.22 40.86 71.89
C TYR I 152 -41.65 42.32 71.90
N PHE I 153 -42.00 42.81 73.12
CA PHE I 153 -42.46 44.17 73.29
C PHE I 153 -42.43 44.54 74.77
N PRO I 154 -41.89 45.71 75.14
CA PRO I 154 -41.24 46.70 74.27
C PRO I 154 -39.73 46.48 74.25
N GLU I 155 -39.00 47.40 73.62
CA GLU I 155 -37.57 47.45 73.81
C GLU I 155 -37.28 47.74 75.28
N PRO I 156 -36.10 47.34 75.79
CA PRO I 156 -34.97 46.71 75.14
C PRO I 156 -34.84 45.24 75.49
N VAL I 157 -34.04 44.53 74.73
CA VAL I 157 -33.58 43.21 75.09
C VAL I 157 -32.06 43.28 75.13
N THR I 158 -31.44 42.45 75.94
CA THR I 158 -29.99 42.34 75.94
C THR I 158 -29.62 40.94 75.48
N VAL I 159 -28.57 40.85 74.69
CA VAL I 159 -28.10 39.57 74.19
C VAL I 159 -26.60 39.50 74.47
N SER I 160 -26.16 38.37 75.01
CA SER I 160 -24.74 38.09 75.09
C SER I 160 -24.52 36.68 74.57
N TRP I 161 -23.24 36.33 74.42
CA TRP I 161 -22.85 35.01 73.95
C TRP I 161 -21.90 34.39 74.96
N ASN I 162 -22.16 33.14 75.33
CA ASN I 162 -21.32 32.40 76.27
C ASN I 162 -21.07 33.24 77.52
N SER I 163 -22.13 33.88 77.98
CA SER I 163 -22.13 34.72 79.18
C SER I 163 -21.10 35.84 79.11
N GLY I 164 -20.88 36.38 77.90
CA GLY I 164 -19.96 37.48 77.73
C GLY I 164 -18.54 37.07 77.37
N ALA I 165 -18.25 35.77 77.33
CA ALA I 165 -16.91 35.34 76.94
C ALA I 165 -16.65 35.51 75.45
N LEU I 166 -17.69 35.64 74.63
CA LEU I 166 -17.55 35.74 73.19
C LEU I 166 -18.07 37.09 72.74
N THR I 167 -17.18 37.94 72.22
CA THR I 167 -17.58 39.26 71.74
C THR I 167 -17.05 39.54 70.34
N SER I 168 -15.92 38.93 69.98
CA SER I 168 -15.31 39.17 68.68
C SER I 168 -16.19 38.62 67.56
N GLY I 169 -16.49 39.45 66.57
CA GLY I 169 -17.28 39.03 65.43
C GLY I 169 -18.77 39.01 65.66
N VAL I 170 -19.25 39.56 66.77
CA VAL I 170 -20.67 39.56 67.11
C VAL I 170 -21.32 40.80 66.50
N HIS I 171 -22.45 40.59 65.82
CA HIS I 171 -23.32 41.67 65.38
C HIS I 171 -24.69 41.40 66.01
N THR I 172 -25.13 42.25 66.91
CA THR I 172 -26.52 42.20 67.36
C THR I 172 -27.27 43.31 66.65
N PHE I 173 -28.16 42.93 65.73
CA PHE I 173 -28.80 43.92 64.89
C PHE I 173 -29.77 44.78 65.70
N PRO I 174 -29.93 46.05 65.30
CA PRO I 174 -31.01 46.85 65.89
C PRO I 174 -32.35 46.15 65.71
N ALA I 175 -33.19 46.23 66.74
CA ALA I 175 -34.53 45.69 66.63
C ALA I 175 -35.36 46.48 65.63
N VAL I 176 -36.22 45.79 64.90
CA VAL I 176 -37.08 46.42 63.90
C VAL I 176 -38.51 45.97 64.17
N LEU I 177 -39.44 46.93 64.23
CA LEU I 177 -40.85 46.57 64.37
C LEU I 177 -41.34 45.78 63.16
N GLN I 178 -42.07 44.70 63.43
CA GLN I 178 -42.76 43.89 62.44
C GLN I 178 -44.16 44.43 62.20
N SER I 179 -44.85 43.87 61.19
CA SER I 179 -46.20 44.35 60.92
C SER I 179 -47.18 43.94 62.00
N SER I 180 -46.76 43.09 62.93
CA SER I 180 -47.53 42.80 64.15
C SER I 180 -47.37 43.86 65.22
N GLY I 181 -46.49 44.83 65.02
CA GLY I 181 -46.23 45.80 66.07
C GLY I 181 -45.29 45.28 67.14
N LEU I 182 -44.71 44.11 66.93
CA LEU I 182 -43.76 43.50 67.85
C LEU I 182 -42.34 43.57 67.27
N TYR I 183 -41.35 43.65 68.16
CA TYR I 183 -39.98 43.76 67.69
C TYR I 183 -39.40 42.39 67.33
N SER I 184 -38.36 42.42 66.49
CA SER I 184 -37.60 41.21 66.21
C SER I 184 -36.17 41.61 65.90
N LEU I 185 -35.23 40.76 66.29
CA LEU I 185 -33.83 41.00 65.92
C LEU I 185 -33.11 39.68 65.89
N SER I 186 -31.97 39.66 65.21
CA SER I 186 -31.03 38.55 65.28
C SER I 186 -29.72 39.05 65.86
N SER I 187 -29.04 38.17 66.58
CA SER I 187 -27.65 38.36 66.96
C SER I 187 -26.86 37.24 66.30
N VAL I 188 -25.77 37.60 65.61
CA VAL I 188 -24.99 36.63 64.87
C VAL I 188 -23.53 36.74 65.29
N VAL I 189 -22.80 35.67 65.08
CA VAL I 189 -21.36 35.67 65.34
C VAL I 189 -20.71 34.82 64.27
N THR I 190 -19.50 35.21 63.87
CA THR I 190 -18.70 34.42 62.95
C THR I 190 -17.55 33.81 63.75
N VAL I 191 -17.31 32.52 63.53
CA VAL I 191 -16.35 31.73 64.29
C VAL I 191 -15.60 30.83 63.33
N PRO I 192 -14.44 30.33 63.72
CA PRO I 192 -13.74 29.36 62.86
C PRO I 192 -14.60 28.13 62.66
N SER I 193 -14.65 27.67 61.40
CA SER I 193 -15.46 26.50 61.07
C SER I 193 -15.11 25.30 61.95
N SER I 194 -13.81 25.07 62.18
CA SER I 194 -13.39 23.90 62.93
C SER I 194 -13.86 23.94 64.38
N SER I 195 -14.03 25.14 64.93
CA SER I 195 -14.38 25.28 66.35
C SER I 195 -15.74 24.66 66.64
N LEU I 196 -16.62 24.57 65.64
CA LEU I 196 -17.95 24.00 65.86
C LEU I 196 -17.89 22.58 66.40
N GLY I 197 -16.73 21.91 66.30
CA GLY I 197 -16.61 20.54 66.76
C GLY I 197 -16.44 20.38 68.25
N THR I 198 -15.93 21.40 68.94
CA THR I 198 -15.79 21.28 70.39
C THR I 198 -16.19 22.51 71.17
N GLN I 199 -16.47 23.63 70.54
CA GLN I 199 -16.94 24.81 71.25
C GLN I 199 -18.46 24.83 71.20
N THR I 200 -19.08 25.01 72.35
CA THR I 200 -20.53 25.19 72.40
C THR I 200 -20.84 26.67 72.39
N TYR I 201 -21.85 27.05 71.61
CA TYR I 201 -22.24 28.44 71.46
C TYR I 201 -23.65 28.62 72.03
N ILE I 202 -23.78 29.53 72.99
CA ILE I 202 -25.04 29.77 73.68
C ILE I 202 -25.33 31.26 73.68
N CYS I 203 -26.53 31.65 73.24
CA CYS I 203 -26.92 33.05 73.32
C CYS I 203 -27.76 33.24 74.58
N ASN I 204 -27.42 34.24 75.36
CA ASN I 204 -28.12 34.62 76.56
C ASN I 204 -29.01 35.82 76.23
N VAL I 205 -30.32 35.67 76.39
CA VAL I 205 -31.29 36.70 76.05
C VAL I 205 -32.02 37.11 77.32
N ASN I 206 -32.10 38.42 77.56
CA ASN I 206 -32.79 38.92 78.74
C ASN I 206 -33.75 40.01 78.30
N HIS I 207 -35.03 39.82 78.58
CA HIS I 207 -36.07 40.82 78.27
C HIS I 207 -36.72 41.16 79.61
N LYS I 208 -36.20 42.19 80.27
CA LYS I 208 -36.68 42.52 81.60
C LYS I 208 -38.15 42.92 81.67
N PRO I 209 -38.73 43.65 80.71
CA PRO I 209 -40.14 44.03 80.88
C PRO I 209 -41.08 42.86 81.01
N SER I 210 -40.80 41.73 80.35
CA SER I 210 -41.70 40.58 80.40
C SER I 210 -41.23 39.50 81.36
N ASN I 211 -40.11 39.71 82.05
CA ASN I 211 -39.52 38.71 82.95
C ASN I 211 -39.12 37.44 82.20
N THR I 212 -38.70 37.59 80.96
CA THR I 212 -38.24 36.49 80.13
C THR I 212 -36.72 36.47 80.11
N LYS I 213 -36.12 35.32 80.43
CA LYS I 213 -34.68 35.20 80.38
C LYS I 213 -34.35 33.80 79.92
N VAL I 214 -33.58 33.69 78.82
CA VAL I 214 -33.45 32.45 78.08
C VAL I 214 -31.99 32.26 77.68
N ASP I 215 -31.45 31.06 77.90
CA ASP I 215 -30.18 30.64 77.32
C ASP I 215 -30.47 29.60 76.25
N LYS I 216 -29.99 29.81 75.03
CA LYS I 216 -30.32 28.91 73.92
C LYS I 216 -29.03 28.40 73.29
N ARG I 217 -28.85 27.08 73.32
CA ARG I 217 -27.69 26.50 72.64
C ARG I 217 -27.94 26.45 71.14
N VAL I 218 -26.91 26.78 70.36
CA VAL I 218 -27.02 26.85 68.91
C VAL I 218 -26.15 25.74 68.34
N GLU I 219 -26.77 24.68 67.86
CA GLU I 219 -26.01 23.55 67.37
C GLU I 219 -25.95 23.53 65.85
N PRO I 220 -24.86 23.01 65.30
CA PRO I 220 -24.74 22.94 63.83
C PRO I 220 -25.84 22.07 63.23
N LYS I 221 -26.12 22.32 61.96
CA LYS I 221 -27.08 21.54 61.18
C LYS I 221 -26.42 21.03 59.92
N SER I 222 -27.15 20.20 59.18
CA SER I 222 -26.68 19.69 57.88
C SER I 222 -27.04 20.67 56.76
N ASP J 1 -33.08 78.20 74.12
CA ASP J 1 -34.21 78.69 73.32
C ASP J 1 -33.74 78.95 71.89
N ILE J 2 -32.42 79.09 71.78
CA ILE J 2 -31.78 79.32 70.51
C ILE J 2 -31.89 78.07 69.63
N VAL J 3 -32.18 78.28 68.35
CA VAL J 3 -32.28 77.15 67.42
C VAL J 3 -30.89 76.77 66.94
N MET J 4 -30.53 75.50 67.09
CA MET J 4 -29.26 74.94 66.63
C MET J 4 -29.53 74.03 65.43
N THR J 5 -28.80 74.25 64.33
CA THR J 5 -29.06 73.54 63.08
C THR J 5 -27.80 72.87 62.55
N GLN J 6 -27.90 71.58 62.25
CA GLN J 6 -26.84 70.81 61.59
C GLN J 6 -27.42 70.27 60.29
N ALA J 7 -27.13 70.97 59.19
CA ALA J 7 -27.84 70.70 57.94
C ALA J 7 -27.59 69.29 57.44
N ALA J 8 -26.37 68.78 57.60
CA ALA J 8 -25.99 67.50 57.01
C ALA J 8 -26.47 66.35 57.88
N PHE J 9 -27.08 65.35 57.25
CA PHE J 9 -27.37 64.09 57.95
C PHE J 9 -26.10 63.31 58.21
N SER J 10 -25.17 63.30 57.25
CA SER J 10 -23.96 62.50 57.37
C SER J 10 -22.83 63.27 56.73
N ASN J 11 -21.60 62.91 57.12
CA ASN J 11 -20.40 63.53 56.56
C ASN J 11 -19.43 62.40 56.27
N PRO J 12 -19.42 61.87 55.05
CA PRO J 12 -18.44 60.84 54.70
C PRO J 12 -17.06 61.45 54.52
N VAL J 13 -16.05 60.76 55.04
CA VAL J 13 -14.67 61.24 55.01
C VAL J 13 -13.75 60.05 54.83
N THR J 14 -12.61 60.27 54.18
CA THR J 14 -11.59 59.23 54.13
C THR J 14 -10.70 59.30 55.37
N LEU J 15 -10.13 58.16 55.72
CA LEU J 15 -9.23 58.09 56.86
C LEU J 15 -8.05 59.06 56.70
N GLY J 16 -7.68 59.72 57.80
CA GLY J 16 -6.46 60.49 57.85
C GLY J 16 -6.59 61.94 57.43
N ILE J 17 -7.69 62.34 56.82
CA ILE J 17 -7.87 63.75 56.46
C ILE J 17 -8.55 64.47 57.62
N SER J 18 -8.55 65.80 57.56
CA SER J 18 -9.34 66.59 58.48
C SER J 18 -10.80 66.56 58.04
N ALA J 19 -11.70 66.36 58.99
CA ALA J 19 -13.13 66.43 58.73
C ALA J 19 -13.68 67.69 59.38
N SER J 20 -14.75 68.22 58.79
CA SER J 20 -15.42 69.39 59.33
C SER J 20 -16.92 69.14 59.34
N ILE J 21 -17.55 69.42 60.47
CA ILE J 21 -18.99 69.28 60.65
C ILE J 21 -19.54 70.64 61.06
N SER J 22 -20.55 71.11 60.33
CA SER J 22 -21.02 72.47 60.52
C SER J 22 -22.21 72.52 61.48
N CYS J 23 -22.35 73.65 62.14
CA CYS J 23 -23.47 73.94 63.02
C CYS J 23 -23.75 75.43 62.91
N ARG J 24 -25.04 75.80 62.97
CA ARG J 24 -25.47 77.19 62.93
C ARG J 24 -26.49 77.44 64.03
N SER J 25 -26.43 78.62 64.65
CA SER J 25 -27.37 79.02 65.69
C SER J 25 -28.22 80.19 65.22
N SER J 26 -29.43 80.31 65.77
CA SER J 26 -30.32 81.39 65.36
C SER J 26 -29.95 82.72 66.00
N LYS J 27 -29.14 82.70 67.06
CA LYS J 27 -28.62 83.89 67.72
C LYS J 27 -27.16 83.66 68.04
N SER J 28 -26.43 84.77 68.23
CA SER J 28 -25.04 84.66 68.63
C SER J 28 -24.90 83.92 69.96
N LEU J 29 -23.93 83.01 70.03
CA LEU J 29 -23.62 82.29 71.25
C LEU J 29 -22.50 82.97 72.04
N LEU J 30 -21.99 84.09 71.56
CA LEU J 30 -20.95 84.85 72.26
C LEU J 30 -21.61 85.81 73.25
N HIS J 31 -21.27 85.64 74.53
CA HIS J 31 -21.70 86.55 75.57
C HIS J 31 -20.76 87.76 75.62
N SER J 32 -21.20 88.81 76.32
CA SER J 32 -20.32 89.96 76.49
C SER J 32 -19.07 89.58 77.26
N ASN J 33 -19.15 88.54 78.11
CA ASN J 33 -17.98 88.14 78.89
C ASN J 33 -16.86 87.53 78.05
N GLY J 34 -17.05 87.38 76.74
CA GLY J 34 -16.01 86.83 75.88
C GLY J 34 -16.12 85.34 75.62
N ILE J 35 -17.07 84.65 76.24
CA ILE J 35 -17.20 83.21 76.12
C ILE J 35 -18.30 82.87 75.13
N THR J 36 -18.04 81.89 74.27
CA THR J 36 -19.02 81.37 73.32
C THR J 36 -19.57 80.07 73.89
N TYR J 37 -20.88 80.04 74.15
CA TYR J 37 -21.52 78.96 74.89
C TYR J 37 -21.96 77.84 73.93
N LEU J 38 -20.96 77.30 73.23
CA LEU J 38 -21.14 76.24 72.25
C LEU J 38 -20.47 74.96 72.76
N TYR J 39 -21.14 73.82 72.57
CA TYR J 39 -20.63 72.52 73.04
C TYR J 39 -20.72 71.52 71.91
N TRP J 40 -19.85 70.51 71.94
CA TRP J 40 -19.91 69.41 70.98
C TRP J 40 -19.95 68.10 71.73
N TYR J 41 -20.91 67.25 71.37
CA TYR J 41 -21.09 65.92 71.94
C TYR J 41 -20.96 64.87 70.84
N LEU J 42 -20.48 63.70 71.23
CA LEU J 42 -20.39 62.57 70.32
C LEU J 42 -21.15 61.39 70.93
N GLN J 43 -21.99 60.75 70.11
CA GLN J 43 -22.64 59.50 70.51
C GLN J 43 -22.16 58.41 69.57
N LYS J 44 -21.26 57.56 70.09
CA LYS J 44 -20.75 56.43 69.32
C LYS J 44 -21.77 55.31 69.35
N PRO J 45 -21.69 54.38 68.38
CA PRO J 45 -22.66 53.28 68.35
C PRO J 45 -22.66 52.52 69.67
N GLY J 46 -23.83 52.43 70.29
CA GLY J 46 -23.98 51.65 71.49
C GLY J 46 -23.63 52.36 72.78
N GLN J 47 -23.20 53.61 72.73
CA GLN J 47 -22.81 54.35 73.91
C GLN J 47 -23.76 55.52 74.17
N SER J 48 -23.68 56.08 75.38
CA SER J 48 -24.31 57.34 75.69
C SER J 48 -23.55 58.50 75.06
N PRO J 49 -24.18 59.67 74.93
CA PRO J 49 -23.43 60.84 74.47
C PRO J 49 -22.25 61.15 75.38
N GLN J 50 -21.20 61.69 74.77
CA GLN J 50 -19.94 61.99 75.45
C GLN J 50 -19.57 63.43 75.12
N LEU J 51 -19.18 64.20 76.14
CA LEU J 51 -18.75 65.57 75.88
C LEU J 51 -17.39 65.57 75.19
N LEU J 52 -17.27 66.34 74.10
CA LEU J 52 -15.99 66.52 73.42
C LEU J 52 -15.36 67.88 73.75
N ILE J 53 -16.10 68.95 73.50
CA ILE J 53 -15.63 70.31 73.67
C ILE J 53 -16.69 71.10 74.41
N TYR J 54 -16.27 71.92 75.37
CA TYR J 54 -17.20 72.80 76.06
C TYR J 54 -16.78 74.26 75.93
N GLN J 55 -17.77 75.12 75.74
CA GLN J 55 -17.59 76.57 75.59
C GLN J 55 -16.57 76.89 74.49
N MET J 56 -16.76 76.21 73.36
CA MET J 56 -16.04 76.47 72.11
C MET J 56 -14.58 76.01 72.13
N SER J 57 -13.82 76.34 73.17
CA SER J 57 -12.37 76.22 73.09
C SER J 57 -11.75 75.28 74.10
N ASN J 58 -12.54 74.54 74.88
CA ASN J 58 -11.99 73.67 75.90
C ASN J 58 -12.28 72.20 75.58
N LEU J 59 -11.24 71.36 75.66
CA LEU J 59 -11.38 69.94 75.47
C LEU J 59 -11.78 69.25 76.77
N ALA J 60 -12.74 68.34 76.69
CA ALA J 60 -13.08 67.56 77.86
C ALA J 60 -11.97 66.58 78.20
N SER J 61 -11.97 66.16 79.46
CA SER J 61 -10.96 65.23 79.95
C SER J 61 -10.98 63.93 79.16
N GLY J 62 -9.82 63.50 78.71
CA GLY J 62 -9.70 62.26 77.97
C GLY J 62 -9.89 62.37 76.48
N VAL J 63 -10.27 63.54 75.97
CA VAL J 63 -10.55 63.71 74.55
C VAL J 63 -9.25 63.98 73.83
N PRO J 64 -8.94 63.26 72.74
CA PRO J 64 -7.69 63.53 72.00
C PRO J 64 -7.66 64.95 71.45
N ASP J 65 -6.44 65.47 71.31
CA ASP J 65 -6.19 66.82 70.82
C ASP J 65 -6.53 67.00 69.31
N ARG J 66 -7.18 66.03 68.69
CA ARG J 66 -7.56 66.12 67.28
C ARG J 66 -8.87 66.87 67.05
N PHE J 67 -9.57 67.27 68.11
CA PHE J 67 -10.86 67.94 67.99
C PHE J 67 -10.72 69.43 68.31
N SER J 68 -11.23 70.28 67.43
CA SER J 68 -11.25 71.71 67.69
C SER J 68 -12.52 72.31 67.09
N SER J 69 -12.86 73.50 67.56
CA SER J 69 -14.06 74.19 67.10
C SER J 69 -13.66 75.57 66.60
N SER J 70 -14.21 75.94 65.44
CA SER J 70 -13.96 77.24 64.82
C SER J 70 -15.28 77.93 64.50
N GLY J 71 -15.16 79.18 64.09
CA GLY J 71 -16.31 80.01 63.79
C GLY J 71 -16.50 81.07 64.85
N SER J 72 -17.51 81.89 64.62
CA SER J 72 -17.85 82.91 65.59
C SER J 72 -19.32 83.28 65.44
N GLY J 73 -19.93 83.62 66.57
CA GLY J 73 -21.27 84.15 66.57
C GLY J 73 -22.36 83.13 66.31
N THR J 74 -22.65 82.87 65.05
CA THR J 74 -23.75 82.01 64.66
C THR J 74 -23.36 80.87 63.73
N ASP J 75 -22.11 80.83 63.24
CA ASP J 75 -21.70 79.82 62.28
C ASP J 75 -20.46 79.15 62.79
N PHE J 76 -20.53 77.83 63.00
CA PHE J 76 -19.44 77.12 63.64
C PHE J 76 -19.13 75.84 62.89
N THR J 77 -17.93 75.33 63.13
CA THR J 77 -17.53 74.05 62.59
C THR J 77 -16.76 73.29 63.66
N LEU J 78 -17.04 72.00 63.75
CA LEU J 78 -16.19 71.07 64.50
C LEU J 78 -15.16 70.51 63.53
N ARG J 79 -13.89 70.59 63.90
CA ARG J 79 -12.81 70.08 63.07
C ARG J 79 -12.22 68.85 63.74
N ILE J 80 -12.13 67.75 62.99
CA ILE J 80 -11.51 66.53 63.48
C ILE J 80 -10.25 66.32 62.65
N SER J 81 -9.09 66.47 63.26
CA SER J 81 -7.85 66.26 62.51
C SER J 81 -7.55 64.77 62.43
N ARG J 82 -7.00 64.36 61.30
CA ARG J 82 -6.52 62.98 61.07
C ARG J 82 -7.56 61.94 61.51
N VAL J 83 -8.70 61.96 60.80
CA VAL J 83 -9.83 61.13 61.20
C VAL J 83 -9.41 59.66 61.30
N GLU J 84 -9.90 59.01 62.36
CA GLU J 84 -9.68 57.60 62.61
C GLU J 84 -10.99 56.84 62.49
N ALA J 85 -10.87 55.54 62.21
CA ALA J 85 -12.05 54.69 62.05
C ALA J 85 -12.94 54.73 63.28
N GLU J 86 -12.33 54.86 64.45
CA GLU J 86 -13.05 54.85 65.71
C GLU J 86 -13.78 56.16 65.97
N ASP J 87 -13.63 57.17 65.09
CA ASP J 87 -14.34 58.43 65.24
C ASP J 87 -15.81 58.35 64.78
N VAL J 88 -16.26 57.23 64.22
CA VAL J 88 -17.62 57.21 63.68
C VAL J 88 -18.64 57.35 64.81
N GLY J 89 -19.75 57.98 64.49
CA GLY J 89 -20.79 58.24 65.45
C GLY J 89 -21.52 59.51 65.06
N VAL J 90 -22.47 59.91 65.88
CA VAL J 90 -23.27 61.09 65.61
C VAL J 90 -22.73 62.25 66.45
N TYR J 91 -22.36 63.33 65.78
CA TYR J 91 -21.83 64.53 66.43
C TYR J 91 -22.93 65.57 66.56
N TYR J 92 -23.17 66.04 67.79
CA TYR J 92 -24.18 67.07 68.07
C TYR J 92 -23.52 68.35 68.56
N CYS J 93 -23.96 69.48 68.01
CA CYS J 93 -23.65 70.75 68.66
C CYS J 93 -24.76 71.08 69.65
N ALA J 94 -24.44 71.96 70.59
CA ALA J 94 -25.38 72.32 71.64
C ALA J 94 -25.03 73.71 72.14
N GLN J 95 -26.01 74.37 72.76
CA GLN J 95 -25.75 75.68 73.37
C GLN J 95 -26.51 75.77 74.70
N ASN J 96 -25.99 76.61 75.59
CA ASN J 96 -26.70 76.94 76.81
C ASN J 96 -26.49 78.41 77.18
N LEU J 97 -26.23 79.26 76.18
CA LEU J 97 -26.22 80.70 76.44
C LEU J 97 -27.54 81.13 77.05
N GLU J 98 -28.65 80.65 76.48
CA GLU J 98 -29.98 80.78 77.05
C GLU J 98 -30.54 79.39 77.32
N LEU J 99 -31.12 79.19 78.49
CA LEU J 99 -31.87 77.95 78.71
C LEU J 99 -33.20 78.00 77.95
N PRO J 100 -33.75 76.84 77.54
CA PRO J 100 -33.21 75.50 77.71
C PRO J 100 -31.98 75.23 76.85
N TRP J 101 -31.12 74.31 77.31
CA TRP J 101 -30.16 73.71 76.39
C TRP J 101 -30.90 73.31 75.12
N THR J 102 -30.29 73.58 73.97
CA THR J 102 -30.81 73.10 72.69
C THR J 102 -29.68 72.47 71.90
N PHE J 103 -30.05 71.52 71.05
CA PHE J 103 -29.10 70.66 70.35
C PHE J 103 -29.38 70.70 68.86
N GLY J 104 -28.31 70.61 68.06
CA GLY J 104 -28.48 70.36 66.65
C GLY J 104 -29.05 68.97 66.44
N GLY J 105 -29.52 68.73 65.21
CA GLY J 105 -30.06 67.41 64.94
C GLY J 105 -29.05 66.30 64.78
N GLY J 106 -27.76 66.60 64.89
CA GLY J 106 -26.74 65.57 64.72
C GLY J 106 -26.28 65.45 63.29
N THR J 107 -25.00 65.11 63.14
CA THR J 107 -24.42 64.72 61.87
C THR J 107 -23.60 63.46 62.07
N LYS J 108 -23.87 62.42 61.28
CA LYS J 108 -23.18 61.16 61.42
C LYS J 108 -21.86 61.18 60.66
N LEU J 109 -20.73 60.98 61.33
CA LEU J 109 -19.46 60.84 60.64
C LEU J 109 -19.38 59.43 60.05
N GLU J 110 -19.08 59.33 58.75
CA GLU J 110 -19.00 58.05 58.07
C GLU J 110 -17.63 57.91 57.42
N ILE J 111 -17.00 56.74 57.56
CA ILE J 111 -15.69 56.49 56.93
C ILE J 111 -15.92 55.96 55.54
N LYS J 112 -15.31 56.60 54.55
CA LYS J 112 -15.30 56.09 53.18
C LYS J 112 -14.11 55.14 53.10
N ARG J 113 -14.37 53.83 53.14
CA ARG J 113 -13.34 52.83 52.96
C ARG J 113 -13.50 52.19 51.59
N THR J 114 -12.59 51.29 51.24
CA THR J 114 -12.69 50.59 49.97
C THR J 114 -14.01 49.83 49.89
N VAL J 115 -14.56 49.74 48.68
CA VAL J 115 -15.70 48.88 48.46
C VAL J 115 -15.36 47.47 48.95
N ALA J 116 -16.34 46.83 49.58
CA ALA J 116 -16.19 45.49 50.14
C ALA J 116 -17.52 44.78 49.92
N ALA J 117 -17.47 43.63 49.25
CA ALA J 117 -18.70 42.88 48.98
C ALA J 117 -19.19 42.21 50.24
N PRO J 118 -20.49 41.92 50.33
CA PRO J 118 -20.98 41.14 51.47
C PRO J 118 -20.65 39.67 51.30
N SER J 119 -20.33 39.01 52.41
CA SER J 119 -20.47 37.56 52.47
C SER J 119 -21.92 37.24 52.76
N VAL J 120 -22.53 36.36 51.98
CA VAL J 120 -23.97 36.13 52.11
C VAL J 120 -24.19 34.76 52.71
N PHE J 121 -24.93 34.72 53.81
CA PHE J 121 -25.23 33.50 54.53
C PHE J 121 -26.74 33.35 54.67
N ILE J 122 -27.24 32.13 54.61
CA ILE J 122 -28.69 31.93 54.73
C ILE J 122 -28.96 30.88 55.80
N PHE J 123 -30.02 31.11 56.57
CA PHE J 123 -30.41 30.26 57.70
C PHE J 123 -31.85 29.80 57.47
N PRO J 124 -32.09 28.51 57.30
CA PRO J 124 -33.49 28.02 57.25
C PRO J 124 -34.13 28.13 58.62
N PRO J 125 -35.45 27.98 58.71
CA PRO J 125 -36.09 28.04 60.02
C PRO J 125 -35.69 26.87 60.90
N SER J 126 -35.74 27.09 62.20
CA SER J 126 -35.47 26.06 63.18
C SER J 126 -36.67 25.13 63.34
N ASP J 127 -36.40 23.88 63.75
CA ASP J 127 -37.50 22.97 64.07
C ASP J 127 -38.36 23.55 65.18
N GLU J 128 -37.71 24.16 66.18
CA GLU J 128 -38.44 24.77 67.29
C GLU J 128 -39.48 25.77 66.79
N GLN J 129 -39.07 26.69 65.92
CA GLN J 129 -40.04 27.65 65.40
C GLN J 129 -41.11 26.96 64.57
N LEU J 130 -40.72 26.03 63.70
CA LEU J 130 -41.71 25.34 62.88
C LEU J 130 -42.77 24.67 63.74
N LYS J 131 -42.35 24.03 64.83
CA LYS J 131 -43.30 23.39 65.74
C LYS J 131 -44.32 24.38 66.29
N SER J 132 -43.96 25.66 66.39
CA SER J 132 -44.89 26.70 66.83
C SER J 132 -45.77 27.23 65.70
N GLY J 133 -45.58 26.78 64.46
CA GLY J 133 -46.46 27.14 63.37
C GLY J 133 -46.03 28.27 62.47
N THR J 134 -44.80 28.78 62.61
CA THR J 134 -44.31 29.82 61.71
C THR J 134 -42.90 29.46 61.24
N ALA J 135 -42.44 30.17 60.22
CA ALA J 135 -41.13 29.88 59.62
C ALA J 135 -40.47 31.20 59.25
N SER J 136 -39.29 31.45 59.82
CA SER J 136 -38.51 32.64 59.50
C SER J 136 -37.24 32.19 58.79
N VAL J 137 -36.95 32.78 57.62
CA VAL J 137 -35.71 32.55 56.90
C VAL J 137 -34.87 33.81 57.05
N VAL J 138 -33.60 33.67 57.42
CA VAL J 138 -32.75 34.84 57.64
C VAL J 138 -31.62 34.82 56.63
N CYS J 139 -31.45 35.93 55.92
CA CYS J 139 -30.34 36.14 55.01
C CYS J 139 -29.43 37.17 55.66
N LEU J 140 -28.16 36.83 55.83
CA LEU J 140 -27.21 37.73 56.46
C LEU J 140 -26.21 38.21 55.40
N LEU J 141 -26.02 39.52 55.31
CA LEU J 141 -24.96 40.12 54.51
C LEU J 141 -23.91 40.64 55.48
N ASN J 142 -22.71 40.07 55.43
CA ASN J 142 -21.71 40.38 56.45
C ASN J 142 -20.56 41.22 55.89
N ASN J 143 -20.24 42.31 56.60
CA ASN J 143 -19.00 43.10 56.46
C ASN J 143 -18.83 43.62 55.03
N PHE J 144 -19.66 44.60 54.71
CA PHE J 144 -19.62 45.19 53.38
C PHE J 144 -19.57 46.72 53.45
N TYR J 145 -19.21 47.33 52.32
CA TYR J 145 -19.17 48.78 52.20
C TYR J 145 -19.35 49.04 50.71
N PRO J 146 -20.21 49.98 50.28
CA PRO J 146 -21.02 50.91 51.05
C PRO J 146 -22.29 50.29 51.64
N ARG J 147 -23.05 51.08 52.40
CA ARG J 147 -24.21 50.56 53.09
C ARG J 147 -25.30 50.13 52.13
N GLU J 148 -25.36 50.76 50.96
CA GLU J 148 -26.47 50.50 50.06
C GLU J 148 -26.39 49.07 49.53
N ALA J 149 -27.49 48.34 49.64
CA ALA J 149 -27.55 46.97 49.15
C ALA J 149 -28.99 46.64 48.80
N LYS J 150 -29.17 45.70 47.88
CA LYS J 150 -30.51 45.26 47.49
C LYS J 150 -30.60 43.77 47.79
N VAL J 151 -31.60 43.38 48.58
CA VAL J 151 -31.79 41.98 48.93
C VAL J 151 -33.23 41.61 48.58
N GLN J 152 -33.39 40.62 47.71
CA GLN J 152 -34.71 40.20 47.29
C GLN J 152 -34.89 38.72 47.62
N TRP J 153 -36.12 38.35 47.99
CA TRP J 153 -36.44 36.96 48.27
C TRP J 153 -37.11 36.34 47.05
N LYS J 154 -36.66 35.16 46.69
CA LYS J 154 -37.27 34.41 45.61
C LYS J 154 -37.65 33.04 46.13
N VAL J 155 -38.92 32.68 45.96
CA VAL J 155 -39.45 31.42 46.44
C VAL J 155 -39.91 30.65 45.21
N ASP J 156 -39.25 29.52 44.93
CA ASP J 156 -39.43 28.78 43.68
C ASP J 156 -39.38 29.72 42.47
N ASN J 157 -38.32 30.54 42.43
CA ASN J 157 -38.03 31.49 41.36
C ASN J 157 -39.04 32.62 41.26
N ALA J 158 -39.99 32.72 42.18
CA ALA J 158 -40.97 33.81 42.20
C ALA J 158 -40.50 34.88 43.17
N LEU J 159 -40.33 36.11 42.66
CA LEU J 159 -39.98 37.23 43.52
C LEU J 159 -41.10 37.48 44.53
N GLN J 160 -40.71 37.68 45.79
CA GLN J 160 -41.64 38.00 46.86
C GLN J 160 -41.77 39.50 47.01
N SER J 161 -43.01 39.99 47.04
CA SER J 161 -43.25 41.42 47.20
C SER J 161 -43.30 41.85 48.65
N GLY J 162 -43.41 40.92 49.59
CA GLY J 162 -43.56 41.30 50.97
C GLY J 162 -43.10 40.24 51.94
N ASN J 163 -43.52 40.41 53.19
CA ASN J 163 -43.28 39.49 54.30
C ASN J 163 -41.83 39.45 54.76
N SER J 164 -41.02 40.45 54.41
CA SER J 164 -39.64 40.49 54.87
C SER J 164 -39.31 41.87 55.41
N GLN J 165 -38.29 41.93 56.26
CA GLN J 165 -37.81 43.21 56.74
C GLN J 165 -36.31 43.13 56.97
N GLU J 166 -35.67 44.30 56.90
CA GLU J 166 -34.22 44.44 57.00
C GLU J 166 -33.82 45.18 58.26
N SER J 167 -32.63 44.84 58.78
CA SER J 167 -31.97 45.66 59.79
C SER J 167 -30.50 45.79 59.41
N VAL J 168 -29.92 46.98 59.64
CA VAL J 168 -28.53 47.25 59.30
C VAL J 168 -27.81 47.74 60.55
N THR J 169 -26.58 47.25 60.74
CA THR J 169 -25.77 47.74 61.85
C THR J 169 -25.27 49.15 61.55
N GLU J 170 -24.86 49.85 62.60
CA GLU J 170 -24.10 51.06 62.39
C GLU J 170 -22.73 50.69 61.83
N GLN J 171 -22.06 51.68 61.27
CA GLN J 171 -20.75 51.38 60.70
C GLN J 171 -19.78 50.97 61.80
N ASP J 172 -19.03 49.91 61.54
CA ASP J 172 -18.16 49.31 62.54
C ASP J 172 -16.97 50.20 62.84
N SER J 173 -16.70 50.41 64.12
CA SER J 173 -15.62 51.26 64.62
C SER J 173 -14.24 50.74 64.26
N LYS J 174 -14.10 49.45 63.92
CA LYS J 174 -12.79 48.91 63.63
C LYS J 174 -12.52 48.74 62.14
N ASP J 175 -13.43 48.09 61.42
CA ASP J 175 -13.19 47.78 60.02
C ASP J 175 -14.03 48.62 59.06
N SER J 176 -14.85 49.53 59.58
CA SER J 176 -15.61 50.50 58.78
C SER J 176 -16.62 49.85 57.84
N THR J 177 -17.06 48.63 58.15
CA THR J 177 -18.09 47.94 57.37
C THR J 177 -19.47 48.02 58.03
N TYR J 178 -20.47 47.64 57.24
CA TYR J 178 -21.82 47.38 57.68
C TYR J 178 -22.11 45.89 57.61
N SER J 179 -23.13 45.47 58.35
CA SER J 179 -23.75 44.18 58.13
C SER J 179 -25.26 44.38 58.11
N LEU J 180 -25.96 43.42 57.50
CA LEU J 180 -27.39 43.57 57.25
C LEU J 180 -28.06 42.22 57.43
N SER J 181 -29.27 42.22 58.00
CA SER J 181 -30.09 41.03 58.01
C SER J 181 -31.35 41.32 57.20
N SER J 182 -31.82 40.31 56.48
CA SER J 182 -33.14 40.38 55.88
C SER J 182 -33.85 39.11 56.29
N THR J 183 -35.07 39.25 56.86
CA THR J 183 -35.77 38.13 57.45
C THR J 183 -37.13 38.00 56.78
N LEU J 184 -37.37 36.84 56.16
CA LEU J 184 -38.65 36.49 55.55
C LEU J 184 -39.42 35.61 56.52
N THR J 185 -40.64 36.00 56.90
CA THR J 185 -41.41 35.18 57.83
C THR J 185 -42.75 34.82 57.21
N LEU J 186 -43.08 33.54 57.27
CA LEU J 186 -44.29 32.98 56.69
C LEU J 186 -44.97 32.10 57.71
N SER J 187 -46.27 31.92 57.58
CA SER J 187 -46.90 30.84 58.33
C SER J 187 -46.30 29.52 57.88
N LYS J 188 -46.33 28.53 58.77
CA LYS J 188 -45.82 27.23 58.39
C LYS J 188 -46.58 26.65 57.21
N ALA J 189 -47.89 26.92 57.12
CA ALA J 189 -48.67 26.44 55.99
C ALA J 189 -48.19 27.03 54.67
N ASP J 190 -47.87 28.33 54.66
CA ASP J 190 -47.36 28.94 53.43
C ASP J 190 -45.95 28.45 53.13
N TYR J 191 -45.11 28.33 54.16
CA TYR J 191 -43.74 27.87 53.98
C TYR J 191 -43.70 26.48 53.34
N GLU J 192 -44.65 25.61 53.70
CA GLU J 192 -44.63 24.27 53.17
C GLU J 192 -45.26 24.15 51.79
N LYS J 193 -45.75 25.23 51.22
CA LYS J 193 -46.23 25.18 49.85
C LYS J 193 -45.10 25.21 48.83
N HIS J 194 -43.89 25.58 49.24
CA HIS J 194 -42.83 25.86 48.28
C HIS J 194 -41.58 25.06 48.62
N LYS J 195 -40.70 24.94 47.64
CA LYS J 195 -39.50 24.13 47.78
C LYS J 195 -38.23 24.94 47.94
N VAL J 196 -37.94 25.89 47.04
CA VAL J 196 -36.64 26.56 47.00
C VAL J 196 -36.79 27.95 47.60
N TYR J 197 -35.98 28.26 48.61
CA TYR J 197 -35.95 29.57 49.24
C TYR J 197 -34.61 30.21 48.95
N ALA J 198 -34.62 31.44 48.44
CA ALA J 198 -33.39 32.07 47.96
C ALA J 198 -33.39 33.54 48.27
N CYS J 199 -32.23 34.07 48.71
CA CYS J 199 -32.06 35.52 48.77
C CYS J 199 -31.07 35.93 47.71
N GLU J 200 -31.44 36.95 46.94
CA GLU J 200 -30.63 37.46 45.86
C GLU J 200 -30.12 38.84 46.25
N VAL J 201 -28.81 39.03 46.15
CA VAL J 201 -28.13 40.18 46.72
C VAL J 201 -27.47 40.95 45.59
N THR J 202 -27.72 42.25 45.54
CA THR J 202 -27.05 43.15 44.61
C THR J 202 -26.24 44.14 45.42
N HIS J 203 -25.00 44.39 45.01
CA HIS J 203 -24.16 45.30 45.77
C HIS J 203 -23.04 45.81 44.89
N GLN J 204 -22.57 47.01 45.21
CA GLN J 204 -21.46 47.64 44.48
C GLN J 204 -20.25 46.71 44.32
N GLY J 205 -19.93 45.95 45.36
CA GLY J 205 -18.77 45.08 45.28
C GLY J 205 -18.96 43.79 44.52
N LEU J 206 -20.19 43.50 44.07
CA LEU J 206 -20.47 42.28 43.34
C LEU J 206 -20.60 42.60 41.86
N SER J 207 -19.95 41.79 41.01
CA SER J 207 -20.02 42.04 39.58
C SER J 207 -21.36 41.63 39.00
N SER J 208 -22.10 40.75 39.67
CA SER J 208 -23.47 40.45 39.31
C SER J 208 -24.20 40.01 40.57
N PRO J 209 -25.53 39.88 40.52
CA PRO J 209 -26.25 39.40 41.69
C PRO J 209 -25.76 38.04 42.15
N VAL J 210 -25.76 37.85 43.46
CA VAL J 210 -25.40 36.59 44.07
C VAL J 210 -26.65 36.02 44.75
N THR J 211 -26.89 34.73 44.53
CA THR J 211 -28.04 34.05 45.12
C THR J 211 -27.56 32.95 46.06
N LYS J 212 -28.09 32.94 47.28
CA LYS J 212 -27.89 31.84 48.21
C LYS J 212 -29.25 31.21 48.46
N SER J 213 -29.30 29.87 48.44
CA SER J 213 -30.60 29.21 48.47
C SER J 213 -30.51 27.90 49.23
N PHE J 214 -31.67 27.40 49.64
CA PHE J 214 -31.77 26.04 50.12
C PHE J 214 -33.10 25.46 49.66
N ASN J 215 -33.16 24.13 49.63
CA ASN J 215 -34.36 23.39 49.28
C ASN J 215 -34.98 22.89 50.57
N ARG J 216 -36.21 23.31 50.86
CA ARG J 216 -36.86 22.96 52.12
C ARG J 216 -36.94 21.44 52.33
N GLU K 1 -51.43 103.65 -32.93
CA GLU K 1 -51.08 104.09 -34.29
C GLU K 1 -50.13 105.28 -34.27
N VAL K 2 -49.84 105.80 -33.07
CA VAL K 2 -48.96 106.94 -32.94
C VAL K 2 -47.54 106.45 -32.69
N GLN K 3 -46.58 107.13 -33.29
CA GLN K 3 -45.17 106.79 -33.22
C GLN K 3 -44.43 107.97 -32.60
N LEU K 4 -43.51 107.69 -31.68
CA LEU K 4 -42.71 108.74 -31.07
C LEU K 4 -41.25 108.37 -31.22
N GLN K 5 -40.42 109.37 -31.56
CA GLN K 5 -39.01 109.12 -31.80
C GLN K 5 -38.18 110.20 -31.11
N GLU K 6 -37.38 109.81 -30.13
CA GLU K 6 -36.45 110.72 -29.47
C GLU K 6 -35.23 110.93 -30.35
N SER K 7 -34.67 112.15 -30.32
CA SER K 7 -33.39 112.39 -30.97
C SER K 7 -32.61 113.43 -30.21
N GLY K 8 -31.31 113.46 -30.47
CA GLY K 8 -30.40 114.37 -29.81
C GLY K 8 -29.03 113.74 -29.63
N PRO K 9 -28.11 114.46 -29.00
CA PRO K 9 -26.75 113.95 -28.87
C PRO K 9 -26.70 112.74 -27.95
N SER K 10 -25.79 111.83 -28.27
CA SER K 10 -25.55 110.68 -27.41
C SER K 10 -24.58 110.98 -26.28
N LEU K 11 -23.88 112.11 -26.37
CA LEU K 11 -22.82 112.49 -25.43
C LEU K 11 -22.91 113.98 -25.21
N VAL K 12 -22.92 114.39 -23.94
CA VAL K 12 -22.96 115.79 -23.56
C VAL K 12 -21.92 116.00 -22.47
N LYS K 13 -21.24 117.16 -22.49
CA LYS K 13 -20.23 117.39 -21.48
C LYS K 13 -20.87 117.85 -20.17
N PRO K 14 -20.31 117.44 -19.03
CA PRO K 14 -20.80 117.96 -17.75
C PRO K 14 -20.82 119.48 -17.75
N SER K 15 -21.86 120.04 -17.11
CA SER K 15 -22.14 121.47 -16.91
C SER K 15 -22.91 122.06 -18.07
N GLN K 16 -22.97 121.35 -19.19
CA GLN K 16 -23.71 121.84 -20.35
C GLN K 16 -25.21 121.59 -20.18
N THR K 17 -26.00 122.19 -21.06
CA THR K 17 -27.41 121.91 -21.17
C THR K 17 -27.65 120.80 -22.17
N LEU K 18 -28.40 119.78 -21.76
CA LEU K 18 -28.77 118.67 -22.62
C LEU K 18 -30.10 119.01 -23.28
N SER K 19 -30.19 118.83 -24.60
CA SER K 19 -31.45 119.06 -25.32
C SER K 19 -31.81 117.83 -26.14
N LEU K 20 -33.04 117.36 -25.97
CA LEU K 20 -33.56 116.24 -26.75
C LEU K 20 -34.84 116.68 -27.42
N THR K 21 -35.16 116.02 -28.53
CA THR K 21 -36.40 116.28 -29.24
C THR K 21 -37.17 114.98 -29.42
N CYS K 22 -38.50 115.08 -29.33
CA CYS K 22 -39.41 113.97 -29.61
C CYS K 22 -40.22 114.31 -30.85
N SER K 23 -40.05 113.53 -31.91
CA SER K 23 -40.85 113.69 -33.12
C SER K 23 -42.05 112.75 -33.06
N VAL K 24 -43.25 113.30 -33.29
CA VAL K 24 -44.49 112.55 -33.13
C VAL K 24 -45.14 112.38 -34.49
N THR K 25 -45.60 111.17 -34.77
CA THR K 25 -46.33 110.88 -36.01
C THR K 25 -47.59 110.11 -35.67
N GLY K 26 -48.64 110.34 -36.46
CA GLY K 26 -49.91 109.64 -36.27
C GLY K 26 -50.84 110.27 -35.26
N ASP K 27 -50.43 111.37 -34.63
CA ASP K 27 -51.23 112.11 -33.66
C ASP K 27 -50.63 113.50 -33.66
N SER K 28 -51.45 114.49 -33.33
CA SER K 28 -50.99 115.87 -33.23
C SER K 28 -50.76 116.23 -31.76
N ILE K 29 -49.67 116.96 -31.49
CA ILE K 29 -49.38 117.34 -30.11
C ILE K 29 -50.25 118.48 -29.61
N THR K 30 -51.15 119.01 -30.45
CA THR K 30 -52.14 119.98 -30.01
C THR K 30 -53.37 119.32 -29.40
N SER K 31 -53.34 118.01 -29.18
CA SER K 31 -54.27 117.33 -28.29
C SER K 31 -53.48 116.38 -27.41
N GLY K 32 -53.96 116.18 -26.19
CA GLY K 32 -53.31 115.30 -25.25
C GLY K 32 -52.22 115.99 -24.45
N TYR K 33 -51.44 115.19 -23.73
CA TYR K 33 -50.35 115.65 -22.90
C TYR K 33 -49.10 114.87 -23.28
N TRP K 34 -47.95 115.54 -23.29
CA TRP K 34 -46.77 114.97 -23.92
C TRP K 34 -45.60 115.00 -22.94
N ASN K 35 -45.03 113.83 -22.67
CA ASN K 35 -44.28 113.59 -21.45
C ASN K 35 -42.83 113.24 -21.76
N TRP K 36 -41.98 113.48 -20.77
CA TRP K 36 -40.59 113.01 -20.74
C TRP K 36 -40.37 112.20 -19.48
N ILE K 37 -39.74 111.05 -19.65
CA ILE K 37 -39.41 110.13 -18.57
C ILE K 37 -37.99 109.64 -18.84
N ARG K 38 -37.23 109.41 -17.78
CA ARG K 38 -35.92 108.82 -17.99
C ARG K 38 -35.74 107.58 -17.13
N LYS K 39 -34.90 106.66 -17.62
CA LYS K 39 -34.59 105.42 -16.94
C LYS K 39 -33.09 105.42 -16.65
N PHE K 40 -32.73 105.43 -15.37
CA PHE K 40 -31.33 105.45 -15.01
C PHE K 40 -30.67 104.10 -15.29
N PRO K 41 -29.31 104.07 -15.38
CA PRO K 41 -28.63 102.82 -15.72
C PRO K 41 -29.00 101.64 -14.82
N GLY K 42 -29.45 101.91 -13.59
CA GLY K 42 -29.94 100.85 -12.74
C GLY K 42 -31.42 100.51 -12.85
N ASN K 43 -32.12 100.99 -13.88
CA ASN K 43 -33.54 100.71 -14.21
C ASN K 43 -34.54 101.46 -13.35
N LYS K 44 -34.11 102.43 -12.53
CA LYS K 44 -35.06 103.29 -11.85
C LYS K 44 -35.67 104.27 -12.87
N LEU K 45 -36.99 104.47 -12.80
CA LEU K 45 -37.69 105.39 -13.69
C LEU K 45 -37.99 106.70 -12.98
N GLU K 46 -37.80 107.82 -13.67
CA GLU K 46 -38.09 109.13 -13.10
C GLU K 46 -38.92 109.94 -14.09
N TYR K 47 -40.12 110.33 -13.67
CA TYR K 47 -40.96 111.23 -14.46
C TYR K 47 -40.37 112.63 -14.44
N MET K 48 -40.20 113.22 -15.62
CA MET K 48 -39.61 114.55 -15.71
C MET K 48 -40.65 115.65 -15.86
N GLY K 49 -41.65 115.50 -16.72
CA GLY K 49 -42.69 116.51 -16.81
C GLY K 49 -43.45 116.37 -18.11
N TYR K 50 -44.35 117.34 -18.35
CA TYR K 50 -45.14 117.31 -19.57
C TYR K 50 -45.30 118.71 -20.14
N ILE K 51 -45.68 118.73 -21.41
CA ILE K 51 -46.21 119.93 -22.06
C ILE K 51 -47.60 119.55 -22.58
N SER K 52 -48.59 120.39 -22.26
CA SER K 52 -49.97 120.10 -22.56
C SER K 52 -50.31 120.47 -24.01
N TYR K 53 -51.52 120.07 -24.44
CA TYR K 53 -52.00 120.43 -25.77
C TYR K 53 -51.96 121.93 -25.99
N SER K 54 -52.02 122.71 -24.90
CA SER K 54 -52.07 124.17 -24.96
C SER K 54 -50.71 124.81 -24.86
N GLY K 55 -49.65 124.01 -24.67
CA GLY K 55 -48.32 124.54 -24.46
C GLY K 55 -47.96 124.85 -23.02
N SER K 56 -48.89 124.68 -22.08
CA SER K 56 -48.53 124.81 -20.68
C SER K 56 -47.68 123.62 -20.25
N THR K 57 -46.97 123.78 -19.14
CA THR K 57 -45.98 122.77 -18.73
C THR K 57 -46.14 122.44 -17.25
N TYR K 58 -45.76 121.20 -16.94
CA TYR K 58 -45.65 120.72 -15.58
C TYR K 58 -44.28 120.08 -15.46
N TYR K 59 -43.57 120.37 -14.37
CA TYR K 59 -42.27 119.76 -14.11
C TYR K 59 -42.28 119.05 -12.76
N ASN K 60 -41.66 117.87 -12.73
CA ASN K 60 -41.42 117.20 -11.46
C ASN K 60 -40.72 118.17 -10.49
N PRO K 61 -41.25 118.37 -9.29
CA PRO K 61 -40.61 119.33 -8.37
C PRO K 61 -39.15 119.01 -8.05
N SER K 62 -38.73 117.75 -8.12
CA SER K 62 -37.32 117.46 -7.90
C SER K 62 -36.44 117.91 -9.05
N LEU K 63 -37.04 118.28 -10.19
CA LEU K 63 -36.32 118.71 -11.37
C LEU K 63 -36.67 120.11 -11.81
N LYS K 64 -37.69 120.72 -11.21
CA LYS K 64 -38.26 121.98 -11.71
C LYS K 64 -37.18 123.02 -11.99
N SER K 65 -36.23 123.17 -11.08
CA SER K 65 -35.24 124.23 -11.25
C SER K 65 -34.24 123.95 -12.36
N ARG K 66 -34.24 122.75 -12.93
CA ARG K 66 -33.26 122.37 -13.93
C ARG K 66 -33.81 122.04 -15.30
N ILE K 67 -35.13 122.07 -15.51
CA ILE K 67 -35.65 121.65 -16.82
C ILE K 67 -36.54 122.73 -17.44
N SER K 68 -36.60 122.68 -18.77
CA SER K 68 -37.58 123.40 -19.58
C SER K 68 -38.10 122.43 -20.63
N ILE K 69 -39.38 122.55 -20.96
CA ILE K 69 -39.96 121.80 -22.06
C ILE K 69 -40.55 122.80 -23.05
N THR K 70 -40.26 122.60 -24.33
CA THR K 70 -40.76 123.46 -25.39
C THR K 70 -41.45 122.61 -26.43
N ARG K 71 -42.13 123.26 -27.37
CA ARG K 71 -42.69 122.52 -28.48
C ARG K 71 -42.60 123.34 -29.76
N ASP K 72 -42.77 122.64 -30.87
CA ASP K 72 -42.87 123.25 -32.21
C ASP K 72 -44.07 122.60 -32.87
N THR K 73 -45.21 123.29 -32.85
CA THR K 73 -46.43 122.66 -33.37
C THR K 73 -46.39 122.49 -34.88
N SER K 74 -45.64 123.34 -35.60
CA SER K 74 -45.57 123.13 -37.05
C SER K 74 -44.80 121.86 -37.40
N LYS K 75 -43.79 121.52 -36.61
CA LYS K 75 -43.06 120.28 -36.81
C LYS K 75 -43.65 119.11 -36.06
N ASN K 76 -44.64 119.35 -35.21
CA ASN K 76 -45.21 118.31 -34.35
C ASN K 76 -44.11 117.62 -33.53
N GLN K 77 -43.27 118.44 -32.91
CA GLN K 77 -42.18 117.98 -32.06
C GLN K 77 -42.23 118.72 -30.74
N TYR K 78 -41.71 118.09 -29.69
CA TYR K 78 -41.49 118.81 -28.44
C TYR K 78 -40.14 118.39 -27.88
N SER K 79 -39.57 119.26 -27.03
CA SER K 79 -38.17 119.12 -26.63
C SER K 79 -38.01 119.22 -25.13
N LEU K 80 -36.94 118.59 -24.64
CA LEU K 80 -36.53 118.61 -23.25
C LEU K 80 -35.18 119.31 -23.15
N HIS K 81 -35.07 120.28 -22.24
CA HIS K 81 -33.80 120.92 -21.94
C HIS K 81 -33.50 120.70 -20.47
N LEU K 82 -32.34 120.13 -20.18
CA LEU K 82 -31.93 119.76 -18.84
C LEU K 82 -30.63 120.48 -18.53
N ASN K 83 -30.66 121.38 -17.54
CA ASN K 83 -29.55 122.29 -17.25
C ASN K 83 -28.44 121.59 -16.46
N SER K 84 -27.21 122.04 -16.68
CA SER K 84 -26.07 121.81 -15.77
C SER K 84 -25.87 120.33 -15.47
N VAL K 85 -25.77 119.51 -16.52
CA VAL K 85 -25.83 118.06 -16.34
C VAL K 85 -24.54 117.53 -15.73
N THR K 86 -24.66 116.40 -15.04
CA THR K 86 -23.52 115.64 -14.53
C THR K 86 -23.73 114.16 -14.87
N ALA K 87 -22.73 113.32 -14.54
CA ALA K 87 -22.87 111.88 -14.70
C ALA K 87 -24.11 111.32 -14.01
N GLU K 88 -24.64 112.01 -13.00
CA GLU K 88 -25.87 111.53 -12.37
C GLU K 88 -27.07 111.59 -13.31
N ASP K 89 -26.96 112.28 -14.45
CA ASP K 89 -28.04 112.40 -15.43
C ASP K 89 -27.97 111.40 -16.56
N THR K 90 -26.85 110.69 -16.70
CA THR K 90 -26.73 109.65 -17.71
C THR K 90 -27.89 108.68 -17.57
N ALA K 91 -28.59 108.41 -18.68
CA ALA K 91 -29.86 107.70 -18.59
C ALA K 91 -30.37 107.45 -19.99
N THR K 92 -31.40 106.60 -20.09
CA THR K 92 -32.18 106.49 -21.32
C THR K 92 -33.39 107.39 -21.17
N PHE K 93 -33.57 108.29 -22.12
CA PHE K 93 -34.67 109.26 -22.10
C PHE K 93 -35.77 108.78 -23.04
N TYR K 94 -37.00 108.77 -22.53
CA TYR K 94 -38.19 108.37 -23.27
C TYR K 94 -39.15 109.54 -23.36
N CYS K 95 -39.75 109.71 -24.54
CA CYS K 95 -40.97 110.52 -24.58
C CYS K 95 -42.17 109.59 -24.67
N ALA K 96 -43.31 110.06 -24.16
CA ALA K 96 -44.50 109.23 -24.10
C ALA K 96 -45.74 110.10 -24.12
N ARG K 97 -46.81 109.59 -24.73
CA ARG K 97 -48.08 110.31 -24.78
C ARG K 97 -48.93 109.96 -23.56
N TYR K 98 -49.60 110.97 -23.00
CA TYR K 98 -50.72 110.74 -22.10
C TYR K 98 -52.01 111.00 -22.86
N TYR K 99 -52.92 110.04 -22.81
CA TYR K 99 -54.20 110.11 -23.51
C TYR K 99 -55.30 110.13 -22.46
N GLY K 100 -56.20 111.11 -22.54
CA GLY K 100 -57.29 111.22 -21.59
C GLY K 100 -57.33 112.61 -20.98
N ASP K 101 -57.91 112.71 -19.79
CA ASP K 101 -58.07 113.99 -19.12
C ASP K 101 -57.64 113.83 -17.66
N ASN K 102 -58.07 114.79 -16.83
CA ASN K 102 -57.66 114.80 -15.43
C ASN K 102 -58.24 113.62 -14.66
N TYR K 103 -59.25 112.97 -15.20
CA TYR K 103 -60.03 111.96 -14.48
C TYR K 103 -59.74 110.55 -14.96
N VAL K 104 -59.73 110.32 -16.27
CA VAL K 104 -59.44 109.02 -16.83
C VAL K 104 -58.39 109.17 -17.92
N GLY K 105 -57.40 108.27 -17.92
CA GLY K 105 -56.39 108.28 -18.95
C GLY K 105 -55.17 107.48 -18.52
N ALA K 106 -54.18 107.46 -19.43
CA ALA K 106 -52.93 106.76 -19.15
C ALA K 106 -51.83 107.24 -20.08
N MET K 107 -50.58 107.04 -19.66
CA MET K 107 -49.45 107.18 -20.56
C MET K 107 -49.37 105.90 -21.39
N ASP K 108 -49.81 105.97 -22.64
CA ASP K 108 -49.99 104.74 -23.39
C ASP K 108 -48.84 104.47 -24.36
N TYR K 109 -48.54 105.38 -25.27
CA TYR K 109 -47.52 105.13 -26.29
C TYR K 109 -46.20 105.76 -25.88
N TRP K 110 -45.14 104.95 -25.85
CA TRP K 110 -43.79 105.39 -25.52
C TRP K 110 -42.91 105.36 -26.76
N GLY K 111 -41.92 106.25 -26.79
CA GLY K 111 -40.93 106.22 -27.85
C GLY K 111 -39.97 105.07 -27.65
N GLN K 112 -38.96 105.00 -28.52
CA GLN K 112 -38.01 103.90 -28.40
C GLN K 112 -36.93 104.17 -27.36
N GLY K 113 -36.77 105.40 -26.91
CA GLY K 113 -35.75 105.69 -25.93
C GLY K 113 -34.47 106.11 -26.61
N THR K 114 -33.75 107.05 -26.02
CA THR K 114 -32.44 107.42 -26.55
C THR K 114 -31.47 107.53 -25.39
N SER K 115 -30.28 106.95 -25.58
CA SER K 115 -29.26 107.00 -24.54
C SER K 115 -28.54 108.35 -24.56
N VAL K 116 -28.33 108.94 -23.39
CA VAL K 116 -27.46 110.11 -23.26
C VAL K 116 -26.45 109.82 -22.17
N THR K 117 -25.17 110.03 -22.47
CA THR K 117 -24.10 109.84 -21.51
C THR K 117 -23.44 111.19 -21.24
N VAL K 118 -23.23 111.51 -19.97
CA VAL K 118 -22.64 112.79 -19.60
C VAL K 118 -21.18 112.56 -19.25
N SER K 119 -20.29 113.06 -20.10
CA SER K 119 -18.86 112.89 -19.88
C SER K 119 -18.10 113.90 -20.71
N SER K 120 -16.95 114.33 -20.19
CA SER K 120 -16.08 115.22 -20.92
C SER K 120 -15.19 114.50 -21.93
N ALA K 121 -15.22 113.17 -21.97
CA ALA K 121 -14.35 112.41 -22.86
C ALA K 121 -14.82 112.52 -24.31
N SER K 122 -13.90 112.28 -25.23
CA SER K 122 -14.22 112.36 -26.65
C SER K 122 -14.86 111.06 -27.13
N THR K 123 -15.68 111.16 -28.18
CA THR K 123 -16.21 109.93 -28.78
C THR K 123 -15.06 109.08 -29.29
N LYS K 124 -15.26 107.76 -29.28
CA LYS K 124 -14.28 106.83 -29.82
C LYS K 124 -15.01 105.70 -30.54
N GLY K 125 -14.62 105.43 -31.78
CA GLY K 125 -15.26 104.37 -32.53
C GLY K 125 -14.66 103.01 -32.19
N PRO K 126 -15.43 101.95 -32.39
CA PRO K 126 -14.95 100.62 -32.00
C PRO K 126 -13.93 100.04 -32.97
N SER K 127 -13.11 99.15 -32.42
CA SER K 127 -12.45 98.12 -33.21
C SER K 127 -13.37 96.91 -33.31
N VAL K 128 -13.38 96.27 -34.47
CA VAL K 128 -14.20 95.07 -34.68
C VAL K 128 -13.28 93.94 -35.10
N PHE K 129 -13.23 92.88 -34.30
CA PHE K 129 -12.36 91.74 -34.52
C PHE K 129 -13.19 90.46 -34.67
N PRO K 130 -12.78 89.54 -35.55
CA PRO K 130 -13.52 88.28 -35.69
C PRO K 130 -13.30 87.36 -34.49
N LEU K 131 -14.37 86.66 -34.13
CA LEU K 131 -14.33 85.51 -33.21
C LEU K 131 -14.48 84.28 -34.11
N ALA K 132 -13.35 83.66 -34.47
CA ALA K 132 -13.40 82.70 -35.58
C ALA K 132 -13.91 81.35 -35.10
N PRO K 133 -14.79 80.71 -35.86
CA PRO K 133 -15.21 79.36 -35.48
C PRO K 133 -14.07 78.38 -35.69
N SER K 134 -13.93 77.47 -34.73
CA SER K 134 -12.95 76.38 -34.83
C SER K 134 -13.51 75.18 -34.07
N SER K 135 -12.70 74.12 -33.98
CA SER K 135 -13.10 72.99 -33.14
C SER K 135 -13.27 73.42 -31.69
N LYS K 136 -12.54 74.44 -31.25
CA LYS K 136 -12.69 74.98 -29.89
C LYS K 136 -14.02 75.71 -29.69
N SER K 137 -14.77 75.99 -30.75
CA SER K 137 -16.06 76.65 -30.61
C SER K 137 -17.19 75.85 -31.25
N THR K 138 -17.03 74.53 -31.34
CA THR K 138 -18.08 73.69 -31.89
C THR K 138 -18.36 72.51 -30.97
N SER K 139 -19.63 72.10 -30.94
CA SER K 139 -20.11 70.94 -30.18
C SER K 139 -20.92 70.08 -31.14
N GLY K 140 -20.30 69.02 -31.65
CA GLY K 140 -21.00 68.13 -32.55
C GLY K 140 -21.29 68.78 -33.89
N GLY K 141 -22.55 69.15 -34.13
CA GLY K 141 -22.95 69.84 -35.34
C GLY K 141 -23.23 71.31 -35.17
N THR K 142 -22.87 71.91 -34.04
CA THR K 142 -23.15 73.31 -33.75
C THR K 142 -21.83 74.04 -33.56
N ALA K 143 -21.61 75.08 -34.36
CA ALA K 143 -20.43 75.92 -34.27
C ALA K 143 -20.84 77.31 -33.82
N ALA K 144 -20.04 77.93 -32.96
CA ALA K 144 -20.25 79.33 -32.59
C ALA K 144 -19.19 80.21 -33.22
N LEU K 145 -19.59 81.41 -33.63
CA LEU K 145 -18.69 82.40 -34.21
C LEU K 145 -19.24 83.77 -33.84
N GLY K 146 -18.42 84.80 -34.02
CA GLY K 146 -18.92 86.10 -33.63
C GLY K 146 -18.01 87.23 -34.04
N CYS K 147 -18.33 88.41 -33.50
CA CYS K 147 -17.50 89.61 -33.63
C CYS K 147 -17.31 90.26 -32.27
N LEU K 148 -16.07 90.65 -31.97
CA LEU K 148 -15.71 91.39 -30.78
C LEU K 148 -15.69 92.87 -31.12
N VAL K 149 -16.51 93.66 -30.46
CA VAL K 149 -16.70 95.07 -30.76
C VAL K 149 -16.15 95.82 -29.56
N LYS K 150 -14.92 96.36 -29.70
CA LYS K 150 -14.09 96.72 -28.56
C LYS K 150 -13.71 98.19 -28.57
N ASP K 151 -13.63 98.77 -27.37
CA ASP K 151 -13.00 100.09 -27.14
C ASP K 151 -13.75 101.22 -27.82
N TYR K 152 -15.06 101.31 -27.58
CA TYR K 152 -15.83 102.42 -28.10
C TYR K 152 -16.45 103.24 -26.97
N PHE K 153 -16.86 104.46 -27.32
CA PHE K 153 -17.49 105.35 -26.35
C PHE K 153 -18.25 106.45 -27.08
N PRO K 154 -19.49 106.79 -26.69
CA PRO K 154 -20.35 106.15 -25.68
C PRO K 154 -21.22 105.06 -26.28
N GLU K 155 -22.12 104.51 -25.48
CA GLU K 155 -23.21 103.71 -26.02
C GLU K 155 -24.10 104.59 -26.90
N PRO K 156 -24.82 103.99 -27.88
CA PRO K 156 -24.92 102.58 -28.20
C PRO K 156 -24.21 102.23 -29.49
N VAL K 157 -24.09 100.95 -29.72
CA VAL K 157 -23.67 100.42 -31.00
C VAL K 157 -24.77 99.48 -31.49
N THR K 158 -24.89 99.34 -32.80
CA THR K 158 -25.81 98.38 -33.40
C THR K 158 -25.00 97.32 -34.14
N VAL K 159 -25.41 96.07 -34.00
CA VAL K 159 -24.77 94.95 -34.68
C VAL K 159 -25.85 94.15 -35.39
N SER K 160 -25.60 93.83 -36.66
CA SER K 160 -26.45 92.89 -37.36
C SER K 160 -25.55 91.88 -38.08
N TRP K 161 -26.15 90.80 -38.54
CA TRP K 161 -25.43 89.71 -39.20
C TRP K 161 -26.00 89.49 -40.60
N ASN K 162 -25.13 89.48 -41.60
CA ASN K 162 -25.53 89.33 -43.00
C ASN K 162 -26.67 90.29 -43.33
N SER K 163 -26.55 91.51 -42.80
CA SER K 163 -27.51 92.60 -43.04
C SER K 163 -28.91 92.24 -42.56
N GLY K 164 -29.00 91.41 -41.53
CA GLY K 164 -30.28 91.06 -40.92
C GLY K 164 -30.87 89.75 -41.39
N ALA K 165 -30.27 89.08 -42.36
CA ALA K 165 -30.78 87.79 -42.82
C ALA K 165 -30.62 86.72 -41.74
N LEU K 166 -29.55 86.82 -40.94
CA LEU K 166 -29.26 85.85 -39.91
C LEU K 166 -29.65 86.45 -38.56
N THR K 167 -30.64 85.84 -37.90
CA THR K 167 -31.10 86.36 -36.62
C THR K 167 -31.31 85.24 -35.61
N SER K 168 -31.63 84.04 -36.08
CA SER K 168 -31.83 82.93 -35.16
C SER K 168 -30.50 82.50 -34.55
N GLY K 169 -30.54 82.14 -33.26
CA GLY K 169 -29.33 81.74 -32.57
C GLY K 169 -28.28 82.83 -32.58
N VAL K 170 -28.69 84.09 -32.36
CA VAL K 170 -27.79 85.23 -32.22
C VAL K 170 -27.93 85.77 -30.81
N HIS K 171 -26.79 86.02 -30.15
CA HIS K 171 -26.75 86.71 -28.88
C HIS K 171 -25.82 87.89 -29.05
N THR K 172 -26.33 89.12 -28.88
CA THR K 172 -25.48 90.30 -28.81
C THR K 172 -25.44 90.74 -27.35
N PHE K 173 -24.29 90.57 -26.70
CA PHE K 173 -24.21 90.77 -25.26
C PHE K 173 -24.34 92.25 -24.92
N PRO K 174 -24.91 92.56 -23.76
CA PRO K 174 -24.88 93.95 -23.27
C PRO K 174 -23.44 94.43 -23.19
N ALA K 175 -23.23 95.69 -23.58
CA ALA K 175 -21.92 96.30 -23.44
C ALA K 175 -21.53 96.41 -21.97
N VAL K 176 -20.25 96.22 -21.69
CA VAL K 176 -19.72 96.34 -20.35
C VAL K 176 -18.52 97.29 -20.39
N LEU K 177 -18.48 98.24 -19.46
CA LEU K 177 -17.32 99.13 -19.36
C LEU K 177 -16.08 98.34 -18.97
N GLN K 178 -14.97 98.60 -19.66
CA GLN K 178 -13.68 98.05 -19.31
C GLN K 178 -12.98 98.96 -18.32
N SER K 179 -11.82 98.51 -17.82
CA SER K 179 -11.12 99.38 -16.87
C SER K 179 -10.51 100.60 -17.56
N SER K 180 -10.59 100.68 -18.89
CA SER K 180 -10.22 101.89 -19.63
C SER K 180 -11.34 102.91 -19.64
N GLY K 181 -12.52 102.55 -19.15
CA GLY K 181 -13.68 103.41 -19.27
C GLY K 181 -14.33 103.37 -20.64
N LEU K 182 -13.90 102.46 -21.52
CA LEU K 182 -14.48 102.25 -22.84
C LEU K 182 -15.33 100.99 -22.84
N TYR K 183 -16.35 100.97 -23.69
CA TYR K 183 -17.22 99.80 -23.75
C TYR K 183 -16.63 98.71 -24.62
N SER K 184 -17.07 97.47 -24.36
CA SER K 184 -16.77 96.35 -25.23
C SER K 184 -17.93 95.38 -25.20
N LEU K 185 -18.18 94.72 -26.33
CA LEU K 185 -19.16 93.63 -26.35
C LEU K 185 -18.79 92.65 -27.45
N SER K 186 -19.41 91.48 -27.37
CA SER K 186 -19.35 90.49 -28.44
C SER K 186 -20.76 90.20 -28.94
N SER K 187 -20.86 89.94 -30.24
CA SER K 187 -22.09 89.43 -30.82
C SER K 187 -21.75 88.05 -31.36
N VAL K 188 -22.53 87.04 -31.00
CA VAL K 188 -22.22 85.68 -31.37
C VAL K 188 -23.42 85.04 -32.03
N VAL K 189 -23.16 84.07 -32.91
CA VAL K 189 -24.21 83.31 -33.56
C VAL K 189 -23.81 81.84 -33.53
N THR K 190 -24.79 80.96 -33.38
CA THR K 190 -24.52 79.53 -33.49
C THR K 190 -25.15 79.02 -34.79
N VAL K 191 -24.40 78.20 -35.53
CA VAL K 191 -24.81 77.74 -36.85
C VAL K 191 -24.44 76.28 -37.01
N PRO K 192 -25.05 75.59 -37.98
CA PRO K 192 -24.58 74.25 -38.35
C PRO K 192 -23.11 74.26 -38.76
N SER K 193 -22.34 73.36 -38.13
CA SER K 193 -20.95 73.14 -38.48
C SER K 193 -20.72 73.07 -39.98
N SER K 194 -21.52 72.25 -40.66
CA SER K 194 -21.33 72.02 -42.08
C SER K 194 -21.52 73.30 -42.89
N SER K 195 -22.32 74.25 -42.40
CA SER K 195 -22.57 75.46 -43.18
C SER K 195 -21.31 76.30 -43.36
N LEU K 196 -20.30 76.11 -42.50
CA LEU K 196 -19.11 76.94 -42.56
C LEU K 196 -18.34 76.77 -43.85
N GLY K 197 -18.61 75.73 -44.63
CA GLY K 197 -17.92 75.54 -45.89
C GLY K 197 -18.54 76.29 -47.04
N THR K 198 -19.78 76.73 -46.87
CA THR K 198 -20.53 77.32 -47.96
C THR K 198 -21.03 78.71 -47.66
N GLN K 199 -21.45 78.98 -46.43
CA GLN K 199 -22.07 80.25 -46.09
C GLN K 199 -21.02 81.21 -45.53
N THR K 200 -21.08 82.45 -46.01
CA THR K 200 -20.25 83.52 -45.49
C THR K 200 -20.99 84.21 -44.36
N TYR K 201 -20.25 84.56 -43.31
CA TYR K 201 -20.80 85.26 -42.16
C TYR K 201 -20.10 86.60 -42.00
N ILE K 202 -20.88 87.67 -41.95
CA ILE K 202 -20.38 89.03 -41.87
C ILE K 202 -21.16 89.75 -40.78
N CYS K 203 -20.46 90.34 -39.82
CA CYS K 203 -21.13 91.18 -38.84
C CYS K 203 -21.05 92.63 -39.29
N ASN K 204 -22.17 93.34 -39.19
CA ASN K 204 -22.26 94.74 -39.55
C ASN K 204 -22.37 95.54 -38.27
N VAL K 205 -21.47 96.49 -38.08
CA VAL K 205 -21.37 97.27 -36.85
C VAL K 205 -21.48 98.75 -37.18
N ASN K 206 -22.38 99.44 -36.50
CA ASN K 206 -22.60 100.87 -36.71
C ASN K 206 -22.51 101.57 -35.35
N HIS K 207 -21.58 102.49 -35.22
CA HIS K 207 -21.45 103.31 -34.02
C HIS K 207 -21.65 104.76 -34.45
N LYS K 208 -22.88 105.23 -34.33
CA LYS K 208 -23.27 106.52 -34.84
C LYS K 208 -22.53 107.69 -34.17
N PRO K 209 -22.31 107.69 -32.85
CA PRO K 209 -21.63 108.85 -32.24
C PRO K 209 -20.28 109.17 -32.86
N SER K 210 -19.55 108.16 -33.33
CA SER K 210 -18.25 108.39 -33.95
C SER K 210 -18.29 108.28 -35.47
N ASN K 211 -19.47 108.15 -36.04
CA ASN K 211 -19.63 107.99 -37.49
C ASN K 211 -18.79 106.82 -38.00
N THR K 212 -18.86 105.71 -37.26
CA THR K 212 -18.13 104.51 -37.58
C THR K 212 -19.12 103.45 -38.07
N LYS K 213 -18.87 102.92 -39.27
CA LYS K 213 -19.60 101.78 -39.79
C LYS K 213 -18.58 100.79 -40.33
N VAL K 214 -18.72 99.52 -39.95
CA VAL K 214 -17.72 98.51 -40.23
C VAL K 214 -18.43 97.21 -40.56
N ASP K 215 -18.00 96.54 -41.63
CA ASP K 215 -18.37 95.16 -41.91
C ASP K 215 -17.14 94.29 -41.69
N LYS K 216 -17.33 93.15 -41.03
CA LYS K 216 -16.22 92.24 -40.75
C LYS K 216 -16.60 90.83 -41.14
N ARG K 217 -15.90 90.26 -42.12
CA ARG K 217 -16.13 88.87 -42.47
C ARG K 217 -15.49 87.97 -41.42
N VAL K 218 -16.22 86.95 -40.99
CA VAL K 218 -15.73 86.04 -39.96
C VAL K 218 -15.53 84.69 -40.62
N GLU K 219 -14.27 84.30 -40.81
CA GLU K 219 -14.02 83.05 -41.50
C GLU K 219 -13.43 82.01 -40.55
N PRO K 220 -13.62 80.72 -40.86
CA PRO K 220 -13.14 79.67 -39.96
C PRO K 220 -11.63 79.70 -39.79
N LYS K 221 -11.19 79.18 -38.65
CA LYS K 221 -9.78 79.11 -38.29
C LYS K 221 -9.43 77.68 -37.89
N SER K 222 -8.18 77.31 -38.15
CA SER K 222 -7.65 75.97 -37.84
C SER K 222 -7.95 75.52 -36.41
N ASP L 1 -46.13 112.19 -6.34
CA ASP L 1 -45.31 112.46 -5.15
C ASP L 1 -45.41 111.30 -4.15
N ILE L 2 -46.30 110.38 -4.47
CA ILE L 2 -46.52 109.20 -3.66
C ILE L 2 -45.39 108.20 -3.91
N VAL L 3 -44.82 107.67 -2.83
CA VAL L 3 -43.78 106.65 -2.99
C VAL L 3 -44.43 105.33 -3.41
N MET L 4 -43.92 104.75 -4.51
CA MET L 4 -44.33 103.45 -5.01
C MET L 4 -43.18 102.47 -4.78
N THR L 5 -43.49 101.32 -4.17
CA THR L 5 -42.46 100.40 -3.71
C THR L 5 -42.71 98.99 -4.24
N GLN L 6 -41.67 98.39 -4.82
CA GLN L 6 -41.72 97.00 -5.28
C GLN L 6 -40.53 96.32 -4.61
N ALA L 7 -40.80 95.67 -3.48
CA ALA L 7 -39.70 95.15 -2.66
C ALA L 7 -38.89 94.10 -3.39
N ALA L 8 -39.54 93.26 -4.19
CA ALA L 8 -38.85 92.16 -4.85
C ALA L 8 -38.05 92.68 -6.04
N PHE L 9 -36.75 92.32 -6.07
CA PHE L 9 -35.97 92.52 -7.29
C PHE L 9 -36.45 91.61 -8.40
N SER L 10 -36.77 90.36 -8.07
CA SER L 10 -37.16 89.41 -9.09
C SER L 10 -38.25 88.50 -8.53
N ASN L 11 -38.96 87.84 -9.45
CA ASN L 11 -40.08 86.97 -9.08
C ASN L 11 -39.97 85.71 -9.94
N PRO L 12 -39.19 84.72 -9.49
CA PRO L 12 -39.09 83.48 -10.27
C PRO L 12 -40.36 82.67 -10.19
N VAL L 13 -40.81 82.15 -11.33
CA VAL L 13 -42.07 81.42 -11.41
C VAL L 13 -41.92 80.26 -12.40
N THR L 14 -42.69 79.21 -12.17
CA THR L 14 -42.71 78.12 -13.14
C THR L 14 -43.76 78.42 -14.20
N LEU L 15 -43.54 77.86 -15.38
CA LEU L 15 -44.49 78.03 -16.48
C LEU L 15 -45.87 77.51 -16.10
N GLY L 16 -46.90 78.23 -16.54
CA GLY L 16 -48.26 77.77 -16.41
C GLY L 16 -48.95 78.08 -15.09
N ILE L 17 -48.23 78.60 -14.09
CA ILE L 17 -48.88 78.96 -12.84
C ILE L 17 -49.25 80.43 -12.88
N SER L 18 -50.01 80.89 -11.89
CA SER L 18 -50.32 82.29 -11.75
C SER L 18 -49.19 82.98 -11.00
N ALA L 19 -48.64 84.03 -11.57
CA ALA L 19 -47.61 84.79 -10.91
C ALA L 19 -48.25 86.01 -10.25
N SER L 20 -47.63 86.46 -9.15
CA SER L 20 -48.09 87.66 -8.46
C SER L 20 -46.90 88.56 -8.17
N ILE L 21 -47.02 89.83 -8.54
CA ILE L 21 -45.99 90.83 -8.30
C ILE L 21 -46.60 91.93 -7.45
N SER L 22 -45.97 92.22 -6.31
CA SER L 22 -46.54 93.14 -5.35
C SER L 22 -46.04 94.56 -5.56
N CYS L 23 -46.87 95.52 -5.15
CA CYS L 23 -46.54 96.94 -5.18
C CYS L 23 -47.27 97.57 -4.00
N ARG L 24 -46.64 98.55 -3.35
CA ARG L 24 -47.25 99.28 -2.24
C ARG L 24 -47.06 100.78 -2.44
N SER L 25 -48.10 101.55 -2.12
CA SER L 25 -48.04 103.01 -2.20
C SER L 25 -47.99 103.61 -0.81
N SER L 26 -47.40 104.81 -0.70
CA SER L 26 -47.28 105.47 0.59
C SER L 26 -48.57 106.15 1.01
N LYS L 27 -49.48 106.38 0.07
CA LYS L 27 -50.81 106.91 0.34
C LYS L 27 -51.81 106.14 -0.51
N SER L 28 -53.08 106.23 -0.15
CA SER L 28 -54.10 105.54 -0.92
C SER L 28 -54.17 106.09 -2.33
N LEU L 29 -54.23 105.18 -3.30
CA LEU L 29 -54.41 105.55 -4.69
C LEU L 29 -55.86 105.64 -5.08
N LEU L 30 -56.78 105.39 -4.15
CA LEU L 30 -58.20 105.40 -4.42
C LEU L 30 -58.74 106.81 -4.17
N HIS L 31 -59.28 107.44 -5.21
CA HIS L 31 -59.85 108.76 -5.08
C HIS L 31 -61.29 108.65 -4.58
N SER L 32 -61.82 109.78 -4.10
CA SER L 32 -63.22 109.83 -3.71
C SER L 32 -64.16 109.49 -4.88
N ASN L 33 -63.72 109.69 -6.13
CA ASN L 33 -64.55 109.36 -7.29
C ASN L 33 -64.64 107.85 -7.57
N GLY L 34 -63.97 107.02 -6.78
CA GLY L 34 -64.05 105.59 -6.97
C GLY L 34 -62.95 104.98 -7.83
N ILE L 35 -62.10 105.79 -8.46
CA ILE L 35 -61.06 105.29 -9.34
C ILE L 35 -59.77 105.15 -8.55
N THR L 36 -59.09 104.01 -8.74
CA THR L 36 -57.76 103.78 -8.20
C THR L 36 -56.73 104.08 -9.29
N TYR L 37 -55.87 105.05 -9.03
CA TYR L 37 -54.99 105.62 -10.03
C TYR L 37 -53.67 104.85 -10.09
N LEU L 38 -53.80 103.55 -10.34
CA LEU L 38 -52.69 102.60 -10.40
C LEU L 38 -52.50 102.11 -11.82
N TYR L 39 -51.22 101.96 -12.24
CA TYR L 39 -50.90 101.51 -13.59
C TYR L 39 -49.82 100.45 -13.50
N TRP L 40 -49.80 99.54 -14.48
CA TRP L 40 -48.74 98.55 -14.61
C TRP L 40 -48.13 98.65 -16.00
N TYR L 41 -46.79 98.68 -16.04
CA TYR L 41 -46.03 98.71 -17.28
C TYR L 41 -45.10 97.50 -17.34
N LEU L 42 -44.80 97.06 -18.56
CA LEU L 42 -43.87 95.97 -18.78
C LEU L 42 -42.77 96.44 -19.73
N GLN L 43 -41.53 96.25 -19.35
CA GLN L 43 -40.41 96.47 -20.27
C GLN L 43 -39.73 95.12 -20.53
N LYS L 44 -39.99 94.55 -21.70
CA LYS L 44 -39.34 93.32 -22.13
C LYS L 44 -37.92 93.63 -22.57
N PRO L 45 -37.02 92.65 -22.55
CA PRO L 45 -35.63 92.91 -22.95
C PRO L 45 -35.56 93.50 -24.34
N GLY L 46 -34.86 94.63 -24.45
CA GLY L 46 -34.66 95.30 -25.72
C GLY L 46 -35.82 96.14 -26.21
N GLN L 47 -36.89 96.27 -25.43
CA GLN L 47 -38.04 97.07 -25.85
C GLN L 47 -38.21 98.26 -24.91
N SER L 48 -39.05 99.22 -25.36
CA SER L 48 -39.53 100.29 -24.52
C SER L 48 -40.62 99.79 -23.57
N PRO L 49 -40.88 100.50 -22.48
CA PRO L 49 -42.01 100.15 -21.63
C PRO L 49 -43.30 100.10 -22.43
N GLN L 50 -44.19 99.20 -22.03
CA GLN L 50 -45.48 99.02 -22.67
C GLN L 50 -46.54 99.03 -21.59
N LEU L 51 -47.63 99.76 -21.83
CA LEU L 51 -48.74 99.78 -20.88
C LEU L 51 -49.45 98.44 -20.86
N LEU L 52 -49.68 97.91 -19.66
CA LEU L 52 -50.50 96.71 -19.48
C LEU L 52 -51.90 97.04 -18.97
N ILE L 53 -51.97 97.73 -17.83
CA ILE L 53 -53.20 97.99 -17.10
C ILE L 53 -53.20 99.45 -16.69
N TYR L 54 -54.32 100.14 -16.90
CA TYR L 54 -54.44 101.52 -16.46
C TYR L 54 -55.62 101.66 -15.52
N GLN L 55 -55.42 102.46 -14.46
CA GLN L 55 -56.44 102.74 -13.45
C GLN L 55 -57.00 101.44 -12.87
N MET L 56 -56.08 100.49 -12.68
CA MET L 56 -56.22 99.26 -11.91
C MET L 56 -57.05 98.18 -12.57
N SER L 57 -58.11 98.56 -13.29
CA SER L 57 -59.06 97.58 -13.78
C SER L 57 -59.25 97.56 -15.29
N ASN L 58 -58.46 98.33 -16.04
CA ASN L 58 -58.62 98.41 -17.49
C ASN L 58 -57.41 97.83 -18.18
N LEU L 59 -57.64 96.97 -19.16
CA LEU L 59 -56.57 96.38 -19.97
C LEU L 59 -56.25 97.26 -21.16
N ALA L 60 -54.96 97.54 -21.37
CA ALA L 60 -54.56 98.25 -22.56
C ALA L 60 -54.84 97.42 -23.81
N SER L 61 -54.96 98.11 -24.94
CA SER L 61 -55.27 97.45 -26.20
C SER L 61 -54.17 96.47 -26.60
N GLY L 62 -54.58 95.29 -27.05
CA GLY L 62 -53.64 94.27 -27.43
C GLY L 62 -53.11 93.43 -26.30
N VAL L 63 -53.36 93.79 -25.05
CA VAL L 63 -52.82 93.05 -23.92
C VAL L 63 -53.73 91.85 -23.64
N PRO L 64 -53.19 90.63 -23.58
CA PRO L 64 -54.05 89.46 -23.33
C PRO L 64 -54.68 89.47 -21.95
N ASP L 65 -55.81 88.78 -21.85
CA ASP L 65 -56.68 88.76 -20.68
C ASP L 65 -56.06 88.05 -19.47
N ARG L 66 -54.81 87.60 -19.57
CA ARG L 66 -54.13 86.94 -18.47
C ARG L 66 -53.62 87.89 -17.40
N PHE L 67 -53.66 89.20 -17.63
CA PHE L 67 -53.16 90.17 -16.65
C PHE L 67 -54.32 90.80 -15.90
N SER L 68 -54.19 90.88 -14.58
CA SER L 68 -55.22 91.51 -13.76
C SER L 68 -54.56 92.10 -12.53
N SER L 69 -55.26 93.03 -11.90
CA SER L 69 -54.73 93.77 -10.77
C SER L 69 -55.71 93.71 -9.62
N SER L 70 -55.19 93.58 -8.40
CA SER L 70 -56.02 93.41 -7.22
C SER L 70 -55.41 94.18 -6.06
N GLY L 71 -56.09 94.08 -4.91
CA GLY L 71 -55.73 94.88 -3.76
C GLY L 71 -56.53 96.16 -3.72
N SER L 72 -56.33 96.91 -2.64
CA SER L 72 -57.06 98.15 -2.46
C SER L 72 -56.24 99.13 -1.64
N GLY L 73 -56.35 100.40 -1.98
CA GLY L 73 -55.75 101.47 -1.21
C GLY L 73 -54.27 101.63 -1.41
N THR L 74 -53.48 100.88 -0.64
CA THR L 74 -52.02 100.99 -0.66
C THR L 74 -51.30 99.69 -0.93
N ASP L 75 -52.02 98.56 -1.07
CA ASP L 75 -51.39 97.26 -1.26
C ASP L 75 -51.99 96.61 -2.48
N PHE L 76 -51.17 96.41 -3.52
CA PHE L 76 -51.68 95.89 -4.78
C PHE L 76 -50.83 94.72 -5.26
N THR L 77 -51.43 93.93 -6.13
CA THR L 77 -50.70 92.86 -6.80
C THR L 77 -51.10 92.82 -8.27
N LEU L 78 -50.10 92.61 -9.11
CA LEU L 78 -50.31 92.24 -10.49
C LEU L 78 -50.38 90.72 -10.56
N ARG L 79 -51.46 90.20 -11.13
CA ARG L 79 -51.59 88.76 -11.32
C ARG L 79 -51.42 88.43 -12.79
N ILE L 80 -50.57 87.46 -13.09
CA ILE L 80 -50.37 86.96 -14.44
C ILE L 80 -50.83 85.52 -14.44
N SER L 81 -51.95 85.23 -15.09
CA SER L 81 -52.43 83.86 -15.10
C SER L 81 -51.70 83.06 -16.18
N ARG L 82 -51.41 81.80 -15.85
CA ARG L 82 -50.79 80.85 -16.78
C ARG L 82 -49.56 81.45 -17.48
N VAL L 83 -48.54 81.71 -16.66
CA VAL L 83 -47.35 82.41 -17.13
C VAL L 83 -46.70 81.72 -18.32
N GLU L 84 -46.28 82.52 -19.31
CA GLU L 84 -45.61 82.02 -20.50
C GLU L 84 -44.17 82.50 -20.52
N ALA L 85 -43.34 81.79 -21.31
CA ALA L 85 -41.94 82.14 -21.39
C ALA L 85 -41.74 83.55 -21.92
N GLU L 86 -42.65 84.01 -22.77
CA GLU L 86 -42.53 85.32 -23.38
C GLU L 86 -42.88 86.44 -22.41
N ASP L 87 -43.33 86.11 -21.20
CA ASP L 87 -43.70 87.12 -20.21
C ASP L 87 -42.50 87.74 -19.50
N VAL L 88 -41.27 87.25 -19.73
CA VAL L 88 -40.15 87.74 -18.94
C VAL L 88 -39.88 89.19 -19.28
N GLY L 89 -39.45 89.94 -18.27
CA GLY L 89 -39.20 91.36 -18.39
C GLY L 89 -39.37 92.01 -17.04
N VAL L 90 -39.27 93.33 -17.01
CA VAL L 90 -39.39 94.07 -15.77
C VAL L 90 -40.77 94.70 -15.71
N TYR L 91 -41.49 94.38 -14.64
CA TYR L 91 -42.85 94.88 -14.41
C TYR L 91 -42.78 96.05 -13.42
N TYR L 92 -43.31 97.21 -13.83
CA TYR L 92 -43.33 98.41 -13.00
C TYR L 92 -44.77 98.78 -12.64
N CYS L 93 -45.01 99.10 -11.37
CA CYS L 93 -46.23 99.81 -11.02
C CYS L 93 -45.99 101.32 -11.10
N ALA L 94 -47.09 102.07 -11.13
CA ALA L 94 -46.97 103.52 -11.23
C ALA L 94 -48.29 104.13 -10.77
N GLN L 95 -48.23 105.40 -10.36
CA GLN L 95 -49.42 106.13 -9.96
C GLN L 95 -49.37 107.55 -10.51
N ASN L 96 -50.55 108.13 -10.69
CA ASN L 96 -50.66 109.56 -11.00
C ASN L 96 -51.88 110.18 -10.32
N LEU L 97 -52.28 109.64 -9.16
CA LEU L 97 -53.27 110.31 -8.34
C LEU L 97 -52.81 111.72 -7.99
N GLU L 98 -51.53 111.84 -7.57
CA GLU L 98 -50.84 113.12 -7.45
C GLU L 98 -49.70 113.16 -8.46
N LEU L 99 -49.51 114.31 -9.09
CA LEU L 99 -48.28 114.44 -9.85
C LEU L 99 -47.12 114.76 -8.90
N PRO L 100 -45.87 114.43 -9.27
CA PRO L 100 -45.47 113.78 -10.53
C PRO L 100 -45.88 112.32 -10.55
N TRP L 101 -46.05 111.75 -11.74
CA TRP L 101 -46.04 110.31 -11.89
C TRP L 101 -44.89 109.74 -11.10
N THR L 102 -45.13 108.64 -10.40
CA THR L 102 -44.04 107.94 -9.72
C THR L 102 -44.17 106.45 -10.01
N PHE L 103 -43.03 105.79 -10.01
CA PHE L 103 -42.90 104.40 -10.42
C PHE L 103 -42.27 103.58 -9.32
N GLY L 104 -42.72 102.33 -9.17
CA GLY L 104 -41.97 101.39 -8.38
C GLY L 104 -40.62 101.08 -9.03
N GLY L 105 -39.75 100.43 -8.27
CA GLY L 105 -38.45 100.12 -8.80
C GLY L 105 -38.39 98.97 -9.77
N GLY L 106 -39.51 98.34 -10.08
CA GLY L 106 -39.56 97.23 -11.01
C GLY L 106 -39.31 95.90 -10.32
N THR L 107 -39.89 94.85 -10.88
CA THR L 107 -39.64 93.48 -10.44
C THR L 107 -39.50 92.65 -11.71
N LYS L 108 -38.40 91.92 -11.82
CA LYS L 108 -38.11 91.14 -13.02
C LYS L 108 -38.78 89.77 -12.89
N LEU L 109 -39.70 89.47 -13.80
CA LEU L 109 -40.25 88.12 -13.85
C LEU L 109 -39.23 87.18 -14.47
N GLU L 110 -38.95 86.06 -13.80
CA GLU L 110 -37.97 85.09 -14.26
C GLU L 110 -38.63 83.71 -14.32
N ILE L 111 -38.38 82.98 -15.41
CA ILE L 111 -38.91 81.62 -15.56
C ILE L 111 -37.94 80.65 -14.91
N LYS L 112 -38.44 79.85 -13.96
CA LYS L 112 -37.70 78.69 -13.50
C LYS L 112 -37.95 77.56 -14.48
N ARG L 113 -36.95 77.21 -15.27
CA ARG L 113 -36.98 76.06 -16.15
C ARG L 113 -36.03 75.00 -15.60
N THR L 114 -35.94 73.85 -16.28
CA THR L 114 -35.00 72.83 -15.84
C THR L 114 -33.56 73.37 -15.88
N VAL L 115 -32.73 72.87 -14.96
CA VAL L 115 -31.31 73.16 -15.03
C VAL L 115 -30.79 72.74 -16.39
N ALA L 116 -29.90 73.55 -16.95
CA ALA L 116 -29.35 73.36 -18.28
C ALA L 116 -27.90 73.80 -18.21
N ALA L 117 -26.98 72.93 -18.59
CA ALA L 117 -25.56 73.28 -18.49
C ALA L 117 -25.17 74.18 -19.65
N PRO L 118 -24.11 74.98 -19.47
CA PRO L 118 -23.62 75.77 -20.60
C PRO L 118 -22.87 74.89 -21.57
N SER L 119 -23.03 75.18 -22.87
CA SER L 119 -22.02 74.75 -23.83
C SER L 119 -20.92 75.78 -23.78
N VAL L 120 -19.67 75.34 -23.65
CA VAL L 120 -18.56 76.28 -23.43
C VAL L 120 -17.71 76.32 -24.69
N PHE L 121 -17.55 77.52 -25.25
CA PHE L 121 -16.77 77.73 -26.45
C PHE L 121 -15.68 78.74 -26.15
N ILE L 122 -14.52 78.61 -26.82
CA ILE L 122 -13.42 79.53 -26.56
C ILE L 122 -12.85 80.02 -27.88
N PHE L 123 -12.47 81.30 -27.91
CA PHE L 123 -12.01 81.97 -29.12
C PHE L 123 -10.63 82.58 -28.84
N PRO L 124 -9.58 82.16 -29.52
CA PRO L 124 -8.29 82.86 -29.39
C PRO L 124 -8.34 84.22 -30.07
N PRO L 125 -7.37 85.09 -29.78
CA PRO L 125 -7.34 86.42 -30.41
C PRO L 125 -7.21 86.33 -31.92
N SER L 126 -7.73 87.34 -32.59
CA SER L 126 -7.57 87.46 -34.03
C SER L 126 -6.18 87.97 -34.38
N ASP L 127 -5.71 87.63 -35.57
CA ASP L 127 -4.45 88.22 -36.05
C ASP L 127 -4.59 89.72 -36.19
N GLU L 128 -5.77 90.21 -36.58
CA GLU L 128 -5.98 91.65 -36.69
C GLU L 128 -5.71 92.33 -35.35
N GLN L 129 -6.30 91.80 -34.26
CA GLN L 129 -6.06 92.42 -32.96
C GLN L 129 -4.61 92.25 -32.52
N LEU L 130 -4.03 91.07 -32.71
CA LEU L 130 -2.63 90.88 -32.33
C LEU L 130 -1.72 91.87 -33.07
N LYS L 131 -1.99 92.09 -34.35
CA LYS L 131 -1.21 93.05 -35.12
C LYS L 131 -1.27 94.45 -34.50
N SER L 132 -2.37 94.78 -33.80
CA SER L 132 -2.48 96.07 -33.14
C SER L 132 -1.90 96.07 -31.73
N GLY L 133 -1.35 94.95 -31.27
CA GLY L 133 -0.63 94.92 -30.02
C GLY L 133 -1.39 94.48 -28.79
N THR L 134 -2.61 93.96 -28.93
CA THR L 134 -3.36 93.45 -27.78
C THR L 134 -3.94 92.09 -28.12
N ALA L 135 -4.36 91.35 -27.10
CA ALA L 135 -4.89 90.00 -27.27
C ALA L 135 -6.10 89.83 -26.36
N SER L 136 -7.27 89.63 -26.95
CA SER L 136 -8.48 89.31 -26.21
C SER L 136 -8.86 87.86 -26.46
N VAL L 137 -9.09 87.12 -25.38
CA VAL L 137 -9.56 85.73 -25.44
C VAL L 137 -10.99 85.71 -24.91
N VAL L 138 -11.90 85.10 -25.65
CA VAL L 138 -13.32 85.12 -25.30
C VAL L 138 -13.77 83.70 -24.99
N CYS L 139 -14.39 83.53 -23.82
CA CYS L 139 -15.01 82.28 -23.41
C CYS L 139 -16.52 82.50 -23.42
N LEU L 140 -17.25 81.68 -24.15
CA LEU L 140 -18.69 81.82 -24.24
C LEU L 140 -19.37 80.65 -23.54
N LEU L 141 -20.33 80.94 -22.69
CA LEU L 141 -21.18 79.94 -22.05
C LEU L 141 -22.57 80.09 -22.66
N ASN L 142 -23.02 79.09 -23.39
CA ASN L 142 -24.24 79.26 -24.18
C ASN L 142 -25.40 78.47 -23.59
N ASN L 143 -26.56 79.15 -23.46
CA ASN L 143 -27.88 78.53 -23.21
C ASN L 143 -27.87 77.65 -21.95
N PHE L 144 -27.78 78.31 -20.80
CA PHE L 144 -27.74 77.62 -19.53
C PHE L 144 -28.78 78.21 -18.58
N TYR L 145 -29.08 77.44 -17.52
CA TYR L 145 -30.01 77.88 -16.49
C TYR L 145 -29.61 77.11 -15.23
N PRO L 146 -29.51 77.75 -14.05
CA PRO L 146 -29.79 79.13 -13.68
C PRO L 146 -28.67 80.08 -14.09
N ARG L 147 -28.91 81.36 -13.85
CA ARG L 147 -27.98 82.39 -14.26
C ARG L 147 -26.62 82.26 -13.58
N GLU L 148 -26.59 81.76 -12.35
CA GLU L 148 -25.36 81.74 -11.57
C GLU L 148 -24.33 80.81 -12.20
N ALA L 149 -23.14 81.34 -12.45
CA ALA L 149 -22.06 80.53 -13.01
C ALA L 149 -20.75 81.15 -12.57
N LYS L 150 -19.72 80.32 -12.48
CA LYS L 150 -18.39 80.79 -12.13
C LYS L 150 -17.44 80.48 -13.29
N VAL L 151 -16.71 81.49 -13.74
CA VAL L 151 -15.81 81.36 -14.87
C VAL L 151 -14.46 81.87 -14.44
N GLN L 152 -13.44 81.02 -14.49
CA GLN L 152 -12.10 81.41 -14.09
C GLN L 152 -11.15 81.18 -15.26
N TRP L 153 -10.16 82.06 -15.38
CA TRP L 153 -9.16 81.93 -16.41
C TRP L 153 -7.88 81.37 -15.80
N LYS L 154 -7.30 80.37 -16.45
CA LYS L 154 -6.04 79.81 -16.03
C LYS L 154 -5.10 79.91 -17.20
N VAL L 155 -3.90 80.43 -16.94
CA VAL L 155 -2.87 80.60 -17.94
C VAL L 155 -1.66 79.77 -17.52
N ASP L 156 -1.34 78.76 -18.32
CA ASP L 156 -0.34 77.76 -17.94
C ASP L 156 -0.59 77.23 -16.53
N ASN L 157 -1.85 76.89 -16.25
CA ASN L 157 -2.35 76.37 -14.98
C ASN L 157 -2.31 77.41 -13.86
N ALA L 158 -1.97 78.66 -14.14
CA ALA L 158 -1.96 79.70 -13.11
C ALA L 158 -3.30 80.44 -13.12
N LEU L 159 -3.99 80.44 -11.99
CA LEU L 159 -5.27 81.12 -11.89
C LEU L 159 -5.08 82.63 -12.00
N GLN L 160 -5.77 83.24 -12.98
CA GLN L 160 -5.69 84.68 -13.19
C GLN L 160 -6.63 85.40 -12.22
N SER L 161 -6.10 86.43 -11.54
CA SER L 161 -6.90 87.19 -10.59
C SER L 161 -7.58 88.40 -11.22
N GLY L 162 -7.23 88.75 -12.46
CA GLY L 162 -7.83 89.91 -13.08
C GLY L 162 -7.70 89.91 -14.59
N ASN L 163 -7.92 91.09 -15.17
CA ASN L 163 -7.88 91.37 -16.60
C ASN L 163 -9.02 90.73 -17.37
N SER L 164 -10.10 90.30 -16.70
CA SER L 164 -11.24 89.74 -17.42
C SER L 164 -12.54 90.39 -16.96
N GLN L 165 -13.54 90.34 -17.83
CA GLN L 165 -14.85 90.84 -17.45
C GLN L 165 -15.93 89.99 -18.12
N GLU L 166 -17.11 89.96 -17.50
CA GLU L 166 -18.23 89.14 -17.95
C GLU L 166 -19.40 90.00 -18.39
N SER L 167 -20.19 89.45 -19.32
CA SER L 167 -21.49 90.00 -19.67
C SER L 167 -22.48 88.86 -19.75
N VAL L 168 -23.72 89.10 -19.35
CA VAL L 168 -24.75 88.06 -19.34
C VAL L 168 -25.98 88.58 -20.07
N THR L 169 -26.58 87.74 -20.88
CA THR L 169 -27.79 88.17 -21.56
C THR L 169 -28.97 88.20 -20.57
N GLU L 170 -30.03 88.88 -20.97
CA GLU L 170 -31.29 88.69 -20.27
C GLU L 170 -31.82 87.30 -20.58
N GLN L 171 -32.73 86.83 -19.73
CA GLN L 171 -33.29 85.50 -19.93
C GLN L 171 -34.04 85.46 -21.25
N ASP L 172 -33.75 84.45 -22.06
CA ASP L 172 -34.30 84.37 -23.41
C ASP L 172 -35.79 84.12 -23.38
N SER L 173 -36.53 84.85 -24.20
CA SER L 173 -38.01 84.81 -24.17
C SER L 173 -38.56 83.51 -24.71
N LYS L 174 -37.75 82.75 -25.45
CA LYS L 174 -38.25 81.51 -26.05
C LYS L 174 -37.83 80.27 -25.27
N ASP L 175 -36.56 80.14 -24.89
CA ASP L 175 -36.09 78.91 -24.25
C ASP L 175 -35.73 79.10 -22.78
N SER L 176 -35.89 80.31 -22.27
CA SER L 176 -35.70 80.61 -20.84
C SER L 176 -34.27 80.43 -20.37
N THR L 177 -33.29 80.49 -21.27
CA THR L 177 -31.90 80.33 -20.86
C THR L 177 -31.18 81.68 -20.82
N TYR L 178 -29.98 81.64 -20.26
CA TYR L 178 -29.03 82.75 -20.33
C TYR L 178 -27.83 82.31 -21.14
N SER L 179 -27.08 83.31 -21.63
CA SER L 179 -25.74 83.06 -22.13
C SER L 179 -24.81 84.10 -21.55
N LEU L 180 -23.51 83.80 -21.55
CA LEU L 180 -22.54 84.61 -20.84
C LEU L 180 -21.24 84.63 -21.62
N SER L 181 -20.59 85.78 -21.65
CA SER L 181 -19.24 85.88 -22.19
C SER L 181 -18.29 86.27 -21.07
N SER L 182 -17.08 85.72 -21.12
CA SER L 182 -15.98 86.18 -20.28
C SER L 182 -14.83 86.51 -21.21
N THR L 183 -14.28 87.71 -21.09
CA THR L 183 -13.26 88.19 -22.02
C THR L 183 -12.01 88.55 -21.24
N LEU L 184 -10.92 87.86 -21.54
CA LEU L 184 -9.61 88.11 -20.95
C LEU L 184 -8.80 88.94 -21.93
N THR L 185 -8.27 90.08 -21.49
CA THR L 185 -7.51 90.94 -22.40
C THR L 185 -6.14 91.23 -21.81
N LEU L 186 -5.11 90.96 -22.61
CA LEU L 186 -3.72 91.15 -22.24
C LEU L 186 -3.02 91.95 -23.34
N SER L 187 -1.90 92.59 -22.98
CA SER L 187 -1.02 93.09 -24.02
C SER L 187 -0.46 91.91 -24.81
N LYS L 188 -0.17 92.15 -26.09
CA LYS L 188 0.48 91.11 -26.88
C LYS L 188 1.74 90.59 -26.17
N ALA L 189 2.52 91.50 -25.60
CA ALA L 189 3.73 91.09 -24.88
C ALA L 189 3.42 90.09 -23.77
N ASP L 190 2.39 90.37 -22.95
CA ASP L 190 2.06 89.45 -21.88
C ASP L 190 1.46 88.17 -22.42
N TYR L 191 0.64 88.29 -23.46
CA TYR L 191 0.00 87.12 -24.05
C TYR L 191 1.04 86.11 -24.56
N GLU L 192 2.13 86.62 -25.14
CA GLU L 192 3.14 85.75 -25.72
C GLU L 192 4.12 85.22 -24.68
N LYS L 193 3.93 85.54 -23.41
CA LYS L 193 4.74 84.94 -22.37
C LYS L 193 4.28 83.54 -22.00
N HIS L 194 3.07 83.14 -22.41
CA HIS L 194 2.49 81.91 -21.91
C HIS L 194 1.98 81.08 -23.07
N LYS L 195 1.71 79.81 -22.75
CA LYS L 195 1.39 78.78 -23.73
C LYS L 195 -0.08 78.43 -23.77
N VAL L 196 -0.65 78.02 -22.64
CA VAL L 196 -1.97 77.42 -22.58
C VAL L 196 -2.93 78.42 -21.95
N TYR L 197 -4.01 78.71 -22.65
CA TYR L 197 -5.06 79.60 -22.17
C TYR L 197 -6.34 78.79 -21.96
N ALA L 198 -6.90 78.85 -20.76
CA ALA L 198 -8.03 77.99 -20.40
C ALA L 198 -9.09 78.80 -19.66
N CYS L 199 -10.37 78.54 -19.97
CA CYS L 199 -11.45 79.00 -19.11
C CYS L 199 -12.07 77.79 -18.43
N GLU L 200 -12.20 77.86 -17.12
CA GLU L 200 -12.75 76.81 -16.30
C GLU L 200 -14.11 77.25 -15.78
N VAL L 201 -15.12 76.40 -15.99
CA VAL L 201 -16.52 76.78 -15.78
C VAL L 201 -17.11 75.88 -14.71
N THR L 202 -17.78 76.51 -13.74
CA THR L 202 -18.51 75.86 -12.67
C THR L 202 -19.98 76.26 -12.78
N HIS L 203 -20.88 75.28 -12.71
CA HIS L 203 -22.31 75.56 -12.90
C HIS L 203 -23.14 74.43 -12.32
N GLN L 204 -24.37 74.78 -11.89
CA GLN L 204 -25.30 73.78 -11.35
C GLN L 204 -25.45 72.57 -12.26
N GLY L 205 -25.47 72.78 -13.57
CA GLY L 205 -25.70 71.69 -14.50
C GLY L 205 -24.52 70.79 -14.78
N LEU L 206 -23.35 71.15 -14.29
CA LEU L 206 -22.13 70.37 -14.54
C LEU L 206 -21.79 69.60 -13.27
N SER L 207 -21.51 68.30 -13.40
CA SER L 207 -21.16 67.53 -12.22
C SER L 207 -19.78 67.88 -11.69
N SER L 208 -18.92 68.46 -12.51
CA SER L 208 -17.63 68.95 -12.07
C SER L 208 -17.24 70.10 -12.96
N PRO L 209 -16.24 70.91 -12.56
CA PRO L 209 -15.82 72.01 -13.43
C PRO L 209 -15.37 71.50 -14.79
N VAL L 210 -15.69 72.28 -15.82
CA VAL L 210 -15.28 71.98 -17.19
C VAL L 210 -14.28 73.05 -17.62
N THR L 211 -13.20 72.64 -18.28
CA THR L 211 -12.24 73.60 -18.81
C THR L 211 -12.11 73.43 -20.32
N LYS L 212 -12.14 74.56 -21.02
CA LYS L 212 -11.87 74.61 -22.45
C LYS L 212 -10.60 75.43 -22.62
N SER L 213 -9.71 74.96 -23.50
CA SER L 213 -8.39 75.57 -23.55
C SER L 213 -7.80 75.45 -24.95
N PHE L 214 -6.77 76.27 -25.18
CA PHE L 214 -6.03 76.15 -26.42
C PHE L 214 -4.59 76.48 -26.12
N ASN L 215 -3.72 76.00 -27.00
CA ASN L 215 -2.28 76.24 -26.94
C ASN L 215 -1.93 77.36 -27.90
N ARG L 216 -1.36 78.45 -27.37
CA ARG L 216 -1.10 79.61 -28.22
C ARG L 216 -0.20 79.30 -29.41
N GLU M 1 -8.00 51.15 7.10
CA GLU M 1 -8.83 51.94 8.01
C GLU M 1 -10.30 51.86 7.59
N VAL M 2 -10.54 51.44 6.35
CA VAL M 2 -11.90 51.34 5.83
C VAL M 2 -12.51 50.02 6.27
N GLN M 3 -13.70 50.08 6.87
CA GLN M 3 -14.47 48.90 7.18
C GLN M 3 -15.74 48.90 6.34
N LEU M 4 -16.06 47.76 5.76
CA LEU M 4 -17.29 47.57 4.97
C LEU M 4 -18.09 46.44 5.61
N GLN M 5 -19.41 46.60 5.65
CA GLN M 5 -20.26 45.62 6.32
C GLN M 5 -21.54 45.41 5.52
N GLU M 6 -21.73 44.20 4.99
CA GLU M 6 -22.95 43.84 4.28
C GLU M 6 -24.06 43.50 5.27
N SER M 7 -25.30 43.80 4.87
CA SER M 7 -26.46 43.37 5.63
C SER M 7 -27.64 43.13 4.70
N GLY M 8 -28.62 42.38 5.19
CA GLY M 8 -29.75 42.01 4.39
C GLY M 8 -30.26 40.62 4.71
N PRO M 9 -31.20 40.11 3.93
CA PRO M 9 -31.83 38.83 4.26
C PRO M 9 -30.94 37.66 3.91
N SER M 10 -31.03 36.63 4.75
CA SER M 10 -30.34 35.37 4.48
C SER M 10 -31.09 34.48 3.50
N LEU M 11 -32.39 34.73 3.32
CA LEU M 11 -33.24 33.85 2.54
C LEU M 11 -34.21 34.72 1.75
N VAL M 12 -34.24 34.54 0.42
CA VAL M 12 -35.13 35.27 -0.45
C VAL M 12 -35.89 34.25 -1.30
N LYS M 13 -37.17 34.58 -1.61
CA LYS M 13 -37.90 33.59 -2.40
C LYS M 13 -37.64 33.77 -3.89
N PRO M 14 -37.75 32.70 -4.67
CA PRO M 14 -37.56 32.83 -6.13
C PRO M 14 -38.53 33.84 -6.72
N SER M 15 -38.00 34.64 -7.64
CA SER M 15 -38.63 35.71 -8.41
C SER M 15 -38.74 37.01 -7.61
N GLN M 16 -38.43 37.00 -6.31
CA GLN M 16 -38.40 38.23 -5.54
C GLN M 16 -37.18 39.08 -5.91
N THR M 17 -37.13 40.28 -5.36
CA THR M 17 -35.96 41.14 -5.52
C THR M 17 -35.12 41.05 -4.25
N LEU M 18 -33.85 40.66 -4.42
CA LEU M 18 -32.89 40.64 -3.33
C LEU M 18 -32.30 42.03 -3.15
N SER M 19 -32.31 42.57 -1.93
CA SER M 19 -31.70 43.86 -1.62
C SER M 19 -30.71 43.69 -0.48
N LEU M 20 -29.45 44.09 -0.72
CA LEU M 20 -28.41 44.13 0.30
C LEU M 20 -27.91 45.54 0.46
N THR M 21 -27.40 45.85 1.66
CA THR M 21 -26.82 47.16 1.95
C THR M 21 -25.39 47.00 2.45
N CYS M 22 -24.51 47.87 1.98
CA CYS M 22 -23.13 47.92 2.47
C CYS M 22 -22.94 49.22 3.24
N SER M 23 -22.62 49.10 4.53
CA SER M 23 -22.34 50.26 5.37
C SER M 23 -20.84 50.49 5.44
N VAL M 24 -20.41 51.71 5.16
CA VAL M 24 -18.99 52.04 5.02
C VAL M 24 -18.59 52.97 6.16
N THR M 25 -17.49 52.64 6.84
CA THR M 25 -16.91 53.52 7.84
C THR M 25 -15.42 53.65 7.58
N GLY M 26 -14.85 54.79 8.00
CA GLY M 26 -13.44 55.07 7.78
C GLY M 26 -13.12 55.70 6.44
N ASP M 27 -14.13 55.98 5.63
CA ASP M 27 -13.97 56.56 4.30
C ASP M 27 -15.37 56.95 3.84
N SER M 28 -15.42 57.92 2.93
CA SER M 28 -16.69 58.40 2.40
C SER M 28 -16.93 57.83 1.01
N ILE M 29 -18.18 57.42 0.74
CA ILE M 29 -18.47 56.84 -0.58
C ILE M 29 -18.59 57.88 -1.66
N THR M 30 -18.40 59.16 -1.33
CA THR M 30 -18.34 60.23 -2.31
C THR M 30 -16.93 60.41 -2.87
N SER M 31 -16.01 59.49 -2.58
CA SER M 31 -14.75 59.35 -3.30
C SER M 31 -14.49 57.87 -3.56
N GLY M 32 -13.86 57.58 -4.69
CA GLY M 32 -13.58 56.20 -5.05
C GLY M 32 -14.78 55.53 -5.72
N TYR M 33 -14.67 54.21 -5.88
CA TYR M 33 -15.70 53.43 -6.56
C TYR M 33 -16.11 52.28 -5.65
N TRP M 34 -17.39 51.93 -5.68
CA TRP M 34 -17.96 51.06 -4.66
C TRP M 34 -18.68 49.89 -5.33
N ASN M 35 -18.19 48.69 -5.04
CA ASN M 35 -18.40 47.51 -5.87
C ASN M 35 -19.19 46.45 -5.13
N TRP M 36 -19.82 45.56 -5.92
CA TRP M 36 -20.42 44.33 -5.42
C TRP M 36 -19.83 43.16 -6.20
N ILE M 37 -19.43 42.12 -5.46
CA ILE M 37 -18.90 40.89 -6.03
C ILE M 37 -19.57 39.75 -5.26
N ARG M 38 -19.82 38.63 -5.94
CA ARG M 38 -20.39 37.48 -5.25
C ARG M 38 -19.54 36.24 -5.52
N LYS M 39 -19.57 35.31 -4.56
CA LYS M 39 -18.85 34.05 -4.64
C LYS M 39 -19.88 32.93 -4.59
N PHE M 40 -19.99 32.17 -5.69
CA PHE M 40 -20.94 31.08 -5.76
C PHE M 40 -20.48 29.93 -4.87
N PRO M 41 -21.39 29.03 -4.49
CA PRO M 41 -21.00 27.90 -3.62
C PRO M 41 -19.82 27.10 -4.15
N GLY M 42 -19.62 27.08 -5.47
CA GLY M 42 -18.46 26.42 -6.06
C GLY M 42 -17.15 27.17 -5.98
N ASN M 43 -17.12 28.35 -5.34
CA ASN M 43 -15.95 29.26 -5.15
C ASN M 43 -15.62 30.11 -6.37
N LYS M 44 -16.46 30.14 -7.39
CA LYS M 44 -16.28 31.08 -8.49
C LYS M 44 -16.70 32.48 -8.05
N LEU M 45 -15.91 33.49 -8.37
CA LEU M 45 -16.25 34.87 -8.09
C LEU M 45 -16.87 35.51 -9.33
N GLU M 46 -17.89 36.34 -9.14
CA GLU M 46 -18.52 37.09 -10.24
C GLU M 46 -18.61 38.56 -9.84
N TYR M 47 -18.03 39.43 -10.65
CA TYR M 47 -18.15 40.86 -10.43
C TYR M 47 -19.53 41.33 -10.89
N MET M 48 -20.23 42.06 -10.02
CA MET M 48 -21.59 42.48 -10.34
C MET M 48 -21.69 43.91 -10.85
N GLY M 49 -20.98 44.84 -10.23
CA GLY M 49 -20.96 46.21 -10.71
C GLY M 49 -20.45 47.15 -9.65
N TYR M 50 -20.52 48.44 -9.96
CA TYR M 50 -20.08 49.48 -9.05
C TYR M 50 -21.01 50.68 -9.14
N ILE M 51 -20.94 51.53 -8.12
CA ILE M 51 -21.46 52.90 -8.17
C ILE M 51 -20.30 53.84 -7.87
N SER M 52 -20.15 54.87 -8.71
CA SER M 52 -19.02 55.77 -8.57
C SER M 52 -19.25 56.80 -7.47
N TYR M 53 -18.17 57.50 -7.12
CA TYR M 53 -18.25 58.60 -6.17
C TYR M 53 -19.27 59.65 -6.59
N SER M 54 -19.59 59.74 -7.87
CA SER M 54 -20.56 60.71 -8.38
C SER M 54 -21.96 60.12 -8.52
N GLY M 55 -22.12 58.80 -8.36
CA GLY M 55 -23.42 58.18 -8.43
C GLY M 55 -23.74 57.48 -9.73
N SER M 56 -22.83 57.48 -10.69
CA SER M 56 -23.05 56.71 -11.90
C SER M 56 -22.77 55.24 -11.64
N THR M 57 -23.49 54.37 -12.34
CA THR M 57 -23.39 52.94 -12.09
C THR M 57 -22.86 52.23 -13.33
N TYR M 58 -22.15 51.14 -13.08
CA TYR M 58 -21.76 50.20 -14.10
C TYR M 58 -22.24 48.83 -13.66
N TYR M 59 -22.87 48.11 -14.58
CA TYR M 59 -23.35 46.76 -14.30
C TYR M 59 -22.69 45.77 -15.25
N ASN M 60 -22.22 44.65 -14.71
CA ASN M 60 -21.80 43.53 -15.51
C ASN M 60 -22.88 43.23 -16.56
N PRO M 61 -22.54 43.20 -17.85
CA PRO M 61 -23.57 42.94 -18.88
C PRO M 61 -24.37 41.66 -18.64
N SER M 62 -23.77 40.66 -17.99
CA SER M 62 -24.50 39.42 -17.74
C SER M 62 -25.66 39.60 -16.76
N LEU M 63 -25.67 40.71 -16.01
CA LEU M 63 -26.71 41.00 -15.03
C LEU M 63 -27.52 42.26 -15.32
N LYS M 64 -27.10 43.07 -16.29
CA LYS M 64 -27.58 44.44 -16.44
C LYS M 64 -29.10 44.54 -16.45
N SER M 65 -29.79 43.47 -16.86
CA SER M 65 -31.25 43.51 -16.92
C SER M 65 -31.90 43.36 -15.55
N ARG M 66 -31.22 42.73 -14.60
CA ARG M 66 -31.82 42.37 -13.32
C ARG M 66 -31.28 43.19 -12.14
N ILE M 67 -30.33 44.08 -12.37
CA ILE M 67 -29.54 44.62 -11.27
C ILE M 67 -29.72 46.13 -11.21
N SER M 68 -29.69 46.65 -10.00
CA SER M 68 -29.59 48.08 -9.75
C SER M 68 -28.71 48.29 -8.54
N ILE M 69 -27.86 49.31 -8.59
CA ILE M 69 -27.06 49.73 -7.44
C ILE M 69 -27.48 51.15 -7.09
N THR M 70 -27.69 51.41 -5.80
CA THR M 70 -28.15 52.71 -5.34
C THR M 70 -27.31 53.15 -4.15
N ARG M 71 -27.47 54.40 -3.73
CA ARG M 71 -26.70 54.86 -2.58
C ARG M 71 -27.51 55.85 -1.75
N ASP M 72 -27.06 56.03 -0.50
CA ASP M 72 -27.58 56.98 0.48
C ASP M 72 -26.34 57.63 1.09
N THR M 73 -25.84 58.70 0.45
CA THR M 73 -24.61 59.33 0.92
C THR M 73 -24.74 59.89 2.33
N SER M 74 -25.95 60.21 2.78
CA SER M 74 -26.11 60.76 4.12
C SER M 74 -25.84 59.71 5.19
N LYS M 75 -26.03 58.43 4.87
CA LYS M 75 -25.72 57.32 5.76
C LYS M 75 -24.41 56.63 5.38
N ASN M 76 -23.75 57.07 4.33
CA ASN M 76 -22.53 56.43 3.83
C ASN M 76 -22.78 54.95 3.54
N GLN M 77 -23.89 54.66 2.86
CA GLN M 77 -24.29 53.30 2.53
C GLN M 77 -24.60 53.21 1.04
N TYR M 78 -24.37 52.03 0.46
CA TYR M 78 -24.87 51.76 -0.89
C TYR M 78 -25.42 50.34 -0.93
N SER M 79 -26.30 50.12 -1.91
CA SER M 79 -27.13 48.92 -1.90
C SER M 79 -27.12 48.23 -3.25
N LEU M 80 -27.27 46.91 -3.20
CA LEU M 80 -27.41 46.08 -4.38
C LEU M 80 -28.85 45.58 -4.44
N HIS M 81 -29.46 45.68 -5.62
CA HIS M 81 -30.82 45.17 -5.83
C HIS M 81 -30.78 44.21 -7.01
N LEU M 82 -31.22 42.97 -6.80
CA LEU M 82 -31.19 41.94 -7.85
C LEU M 82 -32.59 41.36 -8.02
N ASN M 83 -33.18 41.57 -9.20
CA ASN M 83 -34.53 41.07 -9.50
C ASN M 83 -34.51 39.62 -9.94
N SER M 84 -35.70 39.02 -9.91
CA SER M 84 -35.98 37.72 -10.52
C SER M 84 -34.95 36.67 -10.10
N VAL M 85 -34.71 36.57 -8.79
CA VAL M 85 -33.65 35.67 -8.33
C VAL M 85 -34.11 34.22 -8.45
N THR M 86 -33.16 33.33 -8.70
CA THR M 86 -33.34 31.89 -8.64
C THR M 86 -32.23 31.28 -7.79
N ALA M 87 -32.27 29.95 -7.63
CA ALA M 87 -31.21 29.27 -6.90
C ALA M 87 -29.84 29.48 -7.52
N GLU M 88 -29.79 29.87 -8.81
CA GLU M 88 -28.49 30.18 -9.41
C GLU M 88 -27.87 31.45 -8.83
N ASP M 89 -28.63 32.24 -8.08
CA ASP M 89 -28.09 33.45 -7.46
C ASP M 89 -27.61 33.22 -6.04
N THR M 90 -27.93 32.07 -5.44
CA THR M 90 -27.43 31.74 -4.11
C THR M 90 -25.91 31.87 -4.06
N ALA M 91 -25.41 32.69 -3.14
CA ALA M 91 -23.98 33.00 -3.09
C ALA M 91 -23.67 33.76 -1.80
N THR M 92 -22.37 33.95 -1.56
CA THR M 92 -21.91 34.92 -0.58
C THR M 92 -21.65 36.23 -1.32
N PHE M 93 -22.29 37.30 -0.86
CA PHE M 93 -22.14 38.60 -1.51
C PHE M 93 -21.17 39.47 -0.72
N TYR M 94 -20.28 40.13 -1.44
CA TYR M 94 -19.27 41.01 -0.87
C TYR M 94 -19.40 42.39 -1.47
N CYS M 95 -19.28 43.42 -0.63
CA CYS M 95 -18.97 44.74 -1.14
C CYS M 95 -17.47 45.00 -0.99
N ALA M 96 -16.95 45.92 -1.81
CA ALA M 96 -15.53 46.21 -1.83
C ALA M 96 -15.29 47.60 -2.41
N ARG M 97 -14.26 48.27 -1.88
CA ARG M 97 -13.86 49.58 -2.38
C ARG M 97 -12.84 49.44 -3.50
N TYR M 98 -12.98 50.25 -4.55
CA TYR M 98 -11.94 50.45 -5.55
C TYR M 98 -11.33 51.82 -5.30
N TYR M 99 -10.04 51.84 -4.98
CA TYR M 99 -9.31 53.08 -4.71
C TYR M 99 -8.44 53.42 -5.91
N GLY M 100 -8.52 54.68 -6.36
CA GLY M 100 -7.75 55.12 -7.50
C GLY M 100 -8.63 55.73 -8.57
N ASP M 101 -8.17 55.63 -9.81
CA ASP M 101 -8.86 56.26 -10.94
C ASP M 101 -8.86 55.29 -12.12
N ASN M 102 -9.10 55.83 -13.32
CA ASN M 102 -9.24 55.01 -14.52
C ASN M 102 -7.93 54.33 -14.93
N TYR M 103 -6.79 54.81 -14.41
CA TYR M 103 -5.49 54.27 -14.78
C TYR M 103 -4.89 53.40 -13.70
N VAL M 104 -4.65 53.94 -12.51
CA VAL M 104 -4.02 53.22 -11.41
C VAL M 104 -5.04 53.02 -10.30
N GLY M 105 -5.03 51.84 -9.70
CA GLY M 105 -5.90 51.56 -8.57
C GLY M 105 -6.25 50.10 -8.49
N ALA M 106 -7.02 49.77 -7.45
CA ALA M 106 -7.43 48.39 -7.20
C ALA M 106 -8.56 48.36 -6.18
N MET M 107 -9.24 47.21 -6.14
CA MET M 107 -10.21 46.92 -5.08
C MET M 107 -9.46 46.46 -3.85
N ASP M 108 -9.30 47.34 -2.86
CA ASP M 108 -8.40 47.06 -1.76
C ASP M 108 -9.09 46.55 -0.50
N TYR M 109 -10.21 47.13 -0.11
CA TYR M 109 -10.90 46.74 1.11
C TYR M 109 -12.18 46.02 0.74
N TRP M 110 -12.33 44.80 1.25
CA TRP M 110 -13.53 43.99 1.08
C TRP M 110 -14.29 43.91 2.40
N GLY M 111 -15.62 43.76 2.30
CA GLY M 111 -16.44 43.51 3.46
C GLY M 111 -16.31 42.06 3.92
N GLN M 112 -17.09 41.72 4.95
CA GLN M 112 -16.97 40.37 5.48
C GLN M 112 -17.78 39.33 4.69
N GLY M 113 -18.67 39.75 3.80
CA GLY M 113 -19.46 38.81 3.01
C GLY M 113 -20.76 38.45 3.71
N THR M 114 -21.85 38.32 2.97
CA THR M 114 -23.10 37.88 3.58
C THR M 114 -23.73 36.79 2.72
N SER M 115 -24.23 35.74 3.37
CA SER M 115 -24.79 34.60 2.67
C SER M 115 -26.24 34.87 2.31
N VAL M 116 -26.61 34.66 1.05
CA VAL M 116 -27.99 34.78 0.59
C VAL M 116 -28.36 33.50 -0.13
N THR M 117 -29.47 32.89 0.28
CA THR M 117 -29.97 31.65 -0.30
C THR M 117 -31.33 31.94 -0.93
N VAL M 118 -31.56 31.43 -2.13
CA VAL M 118 -32.80 31.62 -2.84
C VAL M 118 -33.56 30.30 -2.80
N SER M 119 -34.67 30.28 -2.08
CA SER M 119 -35.50 29.08 -1.95
C SER M 119 -36.90 29.48 -1.53
N SER M 120 -37.88 28.73 -2.01
CA SER M 120 -39.26 28.93 -1.54
C SER M 120 -39.51 28.32 -0.17
N ALA M 121 -38.56 27.56 0.37
CA ALA M 121 -38.79 26.87 1.62
C ALA M 121 -38.72 27.83 2.80
N SER M 122 -39.37 27.44 3.88
CA SER M 122 -39.40 28.21 5.11
C SER M 122 -38.12 28.00 5.92
N THR M 123 -37.71 29.04 6.65
CA THR M 123 -36.57 28.91 7.56
C THR M 123 -36.85 27.86 8.62
N LYS M 124 -35.79 27.19 9.06
CA LYS M 124 -35.92 26.16 10.08
C LYS M 124 -34.72 26.26 11.01
N GLY M 125 -34.99 26.29 12.31
CA GLY M 125 -33.96 26.39 13.31
C GLY M 125 -33.36 25.03 13.63
N PRO M 126 -32.12 25.02 14.10
CA PRO M 126 -31.44 23.74 14.33
C PRO M 126 -31.91 23.08 15.62
N SER M 127 -31.88 21.74 15.60
CA SER M 127 -31.81 20.96 16.82
C SER M 127 -30.34 20.81 17.18
N VAL M 128 -30.04 20.89 18.47
CA VAL M 128 -28.66 20.85 18.95
C VAL M 128 -28.54 19.71 19.93
N PHE M 129 -27.71 18.72 19.61
CA PHE M 129 -27.53 17.52 20.41
C PHE M 129 -26.10 17.39 20.88
N PRO M 130 -25.87 16.91 22.10
CA PRO M 130 -24.49 16.73 22.56
C PRO M 130 -23.83 15.53 21.89
N LEU M 131 -22.53 15.69 21.63
CA LEU M 131 -21.66 14.57 21.25
C LEU M 131 -20.89 14.24 22.53
N ALA M 132 -21.41 13.25 23.26
CA ALA M 132 -20.96 13.02 24.63
C ALA M 132 -19.58 12.36 24.64
N PRO M 133 -18.63 12.87 25.41
CA PRO M 133 -17.35 12.16 25.53
C PRO M 133 -17.55 10.85 26.28
N SER M 134 -16.74 9.87 25.89
CA SER M 134 -16.68 8.57 26.56
C SER M 134 -15.35 7.94 26.19
N SER M 135 -15.10 6.73 26.72
CA SER M 135 -13.90 6.01 26.30
C SER M 135 -13.87 5.79 24.80
N LYS M 136 -15.05 5.73 24.17
CA LYS M 136 -15.12 5.61 22.72
C LYS M 136 -14.58 6.84 22.02
N SER M 137 -14.40 7.95 22.73
CA SER M 137 -13.88 9.19 22.16
C SER M 137 -12.74 9.76 23.02
N THR M 138 -11.81 8.89 23.45
CA THR M 138 -10.61 9.35 24.13
C THR M 138 -9.39 8.61 23.59
N SER M 139 -8.22 9.26 23.70
CA SER M 139 -6.94 8.68 23.35
C SER M 139 -5.89 9.17 24.34
N GLY M 140 -5.44 8.29 25.23
CA GLY M 140 -4.50 8.65 26.27
C GLY M 140 -5.09 9.65 27.24
N GLY M 141 -4.49 10.84 27.33
CA GLY M 141 -5.03 11.91 28.12
C GLY M 141 -5.94 12.87 27.37
N THR M 142 -6.29 12.56 26.12
CA THR M 142 -7.10 13.43 25.27
C THR M 142 -8.47 12.82 25.03
N ALA M 143 -9.51 13.65 25.16
CA ALA M 143 -10.89 13.25 24.92
C ALA M 143 -11.53 14.21 23.92
N ALA M 144 -12.37 13.67 23.03
CA ALA M 144 -13.13 14.51 22.12
C ALA M 144 -14.57 14.59 22.60
N LEU M 145 -15.16 15.78 22.48
CA LEU M 145 -16.58 15.98 22.70
C LEU M 145 -17.07 17.00 21.69
N GLY M 146 -18.39 17.18 21.60
CA GLY M 146 -18.90 18.22 20.74
C GLY M 146 -20.40 18.39 20.78
N CYS M 147 -20.90 19.05 19.74
CA CYS M 147 -22.32 19.31 19.57
C CYS M 147 -22.69 19.05 18.12
N LEU M 148 -23.80 18.35 17.91
CA LEU M 148 -24.35 18.11 16.58
C LEU M 148 -25.43 19.15 16.33
N VAL M 149 -25.25 19.95 15.28
CA VAL M 149 -26.15 21.06 14.96
C VAL M 149 -26.91 20.66 13.69
N LYS M 150 -28.16 20.24 13.84
CA LYS M 150 -28.83 19.41 12.85
C LYS M 150 -30.13 20.03 12.34
N ASP M 151 -30.38 19.88 11.04
CA ASP M 151 -31.69 20.20 10.42
C ASP M 151 -32.03 21.68 10.50
N TYR M 152 -31.13 22.53 10.00
CA TYR M 152 -31.43 23.95 9.92
C TYR M 152 -31.40 24.41 8.48
N PHE M 153 -32.04 25.57 8.24
CA PHE M 153 -32.08 26.19 6.92
C PHE M 153 -32.44 27.67 7.04
N PRO M 154 -31.75 28.57 6.32
CA PRO M 154 -30.57 28.34 5.49
C PRO M 154 -29.28 28.53 6.28
N GLU M 155 -28.16 28.54 5.57
CA GLU M 155 -26.92 29.04 6.17
C GLU M 155 -27.08 30.53 6.51
N PRO M 156 -26.34 31.03 7.52
CA PRO M 156 -25.32 30.34 8.32
C PRO M 156 -25.74 30.09 9.77
N VAL M 157 -24.97 29.25 10.46
CA VAL M 157 -25.00 29.17 11.91
C VAL M 157 -23.64 29.59 12.43
N THR M 158 -23.61 30.12 13.65
CA THR M 158 -22.38 30.37 14.36
C THR M 158 -22.35 29.49 15.61
N VAL M 159 -21.19 28.92 15.90
CA VAL M 159 -20.99 28.08 17.06
C VAL M 159 -19.78 28.61 17.82
N SER M 160 -19.92 28.74 19.13
CA SER M 160 -18.80 29.01 20.02
C SER M 160 -18.90 28.04 21.19
N TRP M 161 -17.83 27.99 21.99
CA TRP M 161 -17.74 27.10 23.13
C TRP M 161 -17.42 27.92 24.37
N ASN M 162 -18.22 27.73 25.42
CA ASN M 162 -18.05 28.45 26.68
C ASN M 162 -17.97 29.96 26.45
N SER M 163 -18.81 30.44 25.52
CA SER M 163 -18.97 31.85 25.19
C SER M 163 -17.71 32.47 24.58
N GLY M 164 -16.91 31.67 23.89
CA GLY M 164 -15.65 32.14 23.36
C GLY M 164 -14.47 31.94 24.27
N ALA M 165 -14.68 31.36 25.46
CA ALA M 165 -13.55 31.07 26.34
C ALA M 165 -12.76 29.86 25.89
N LEU M 166 -13.34 29.02 25.03
CA LEU M 166 -12.68 27.81 24.55
C LEU M 166 -12.55 27.89 23.04
N THR M 167 -11.31 27.88 22.53
CA THR M 167 -11.09 27.93 21.09
C THR M 167 -10.04 26.92 20.61
N SER M 168 -8.97 26.70 21.38
CA SER M 168 -7.91 25.81 20.92
C SER M 168 -8.38 24.36 20.94
N GLY M 169 -8.02 23.62 19.91
CA GLY M 169 -8.53 22.27 19.76
C GLY M 169 -9.98 22.18 19.30
N VAL M 170 -10.57 23.27 18.83
CA VAL M 170 -11.96 23.29 18.37
C VAL M 170 -11.97 23.20 16.84
N HIS M 171 -12.83 22.34 16.31
CA HIS M 171 -13.09 22.27 14.88
C HIS M 171 -14.59 22.37 14.69
N THR M 172 -15.04 23.37 13.92
CA THR M 172 -16.43 23.45 13.54
C THR M 172 -16.47 23.13 12.05
N PHE M 173 -17.05 21.99 11.72
CA PHE M 173 -16.98 21.49 10.37
C PHE M 173 -17.88 22.32 9.44
N PRO M 174 -17.50 22.45 8.17
CA PRO M 174 -18.41 23.06 7.20
C PRO M 174 -19.74 22.33 7.17
N ALA M 175 -20.81 23.09 7.08
CA ALA M 175 -22.13 22.50 7.00
C ALA M 175 -22.28 21.76 5.68
N VAL M 176 -23.03 20.66 5.73
CA VAL M 176 -23.29 19.84 4.55
C VAL M 176 -24.79 19.59 4.45
N LEU M 177 -25.36 19.81 3.27
CA LEU M 177 -26.77 19.52 3.04
C LEU M 177 -27.05 18.03 3.18
N GLN M 178 -28.10 17.71 3.92
CA GLN M 178 -28.59 16.34 4.03
C GLN M 178 -29.53 16.03 2.87
N SER M 179 -29.92 14.75 2.76
CA SER M 179 -30.88 14.40 1.71
C SER M 179 -32.27 14.97 1.97
N SER M 180 -32.50 15.57 3.13
CA SER M 180 -33.71 16.32 3.42
C SER M 180 -33.67 17.75 2.88
N GLY M 181 -32.52 18.19 2.37
CA GLY M 181 -32.35 19.57 1.96
C GLY M 181 -32.04 20.53 3.08
N LEU M 182 -31.84 20.02 4.29
CA LEU M 182 -31.48 20.82 5.46
C LEU M 182 -30.01 20.61 5.79
N TYR M 183 -29.40 21.64 6.38
CA TYR M 183 -27.99 21.56 6.72
C TYR M 183 -27.77 20.83 8.03
N SER M 184 -26.55 20.28 8.17
CA SER M 184 -26.11 19.71 9.43
C SER M 184 -24.60 19.92 9.58
N LEU M 185 -24.17 20.10 10.82
CA LEU M 185 -22.74 20.13 11.10
C LEU M 185 -22.52 19.72 12.55
N SER M 186 -21.27 19.39 12.85
CA SER M 186 -20.84 19.14 14.22
C SER M 186 -19.71 20.11 14.52
N SER M 187 -19.68 20.59 15.76
CA SER M 187 -18.53 21.29 16.29
C SER M 187 -17.88 20.39 17.32
N VAL M 188 -16.56 20.24 17.23
CA VAL M 188 -15.86 19.29 18.09
C VAL M 188 -14.68 19.99 18.77
N VAL M 189 -14.30 19.48 19.93
CA VAL M 189 -13.13 19.98 20.65
C VAL M 189 -12.47 18.81 21.36
N THR M 190 -11.14 18.87 21.45
CA THR M 190 -10.35 17.91 22.18
C THR M 190 -9.92 18.52 23.51
N VAL M 191 -10.16 17.80 24.60
CA VAL M 191 -9.91 18.29 25.96
C VAL M 191 -9.13 17.23 26.71
N PRO M 192 -8.45 17.58 27.79
CA PRO M 192 -7.84 16.54 28.63
C PRO M 192 -8.94 15.67 29.23
N SER M 193 -8.76 14.35 29.12
CA SER M 193 -9.82 13.44 29.57
C SER M 193 -10.06 13.54 31.07
N SER M 194 -9.04 13.96 31.83
CA SER M 194 -9.22 14.11 33.27
C SER M 194 -10.14 15.27 33.62
N SER M 195 -10.36 16.22 32.70
CA SER M 195 -11.25 17.34 32.98
C SER M 195 -12.72 16.98 32.86
N LEU M 196 -13.05 15.83 32.27
CA LEU M 196 -14.45 15.43 32.11
C LEU M 196 -15.08 15.15 33.48
N GLY M 197 -16.24 15.76 33.72
CA GLY M 197 -16.88 15.71 35.03
C GLY M 197 -16.44 16.81 35.98
N THR M 198 -15.45 17.61 35.60
CA THR M 198 -15.00 18.75 36.39
C THR M 198 -15.20 20.06 35.65
N GLN M 199 -14.62 20.21 34.46
CA GLN M 199 -14.85 21.41 33.67
C GLN M 199 -16.18 21.31 32.93
N THR M 200 -16.90 22.42 32.87
CA THR M 200 -18.15 22.49 32.14
C THR M 200 -17.87 22.85 30.68
N TYR M 201 -18.50 22.11 29.77
CA TYR M 201 -18.42 22.39 28.34
C TYR M 201 -19.81 22.68 27.80
N ILE M 202 -19.98 23.86 27.23
CA ILE M 202 -21.25 24.31 26.67
C ILE M 202 -20.99 24.85 25.28
N CYS M 203 -21.74 24.37 24.29
CA CYS M 203 -21.65 24.91 22.94
C CYS M 203 -22.76 25.93 22.75
N ASN M 204 -22.41 27.07 22.19
CA ASN M 204 -23.34 28.17 21.98
C ASN M 204 -23.66 28.24 20.50
N VAL M 205 -24.92 28.03 20.14
CA VAL M 205 -25.36 27.97 18.75
C VAL M 205 -26.30 29.14 18.48
N ASN M 206 -25.96 29.94 17.48
CA ASN M 206 -26.83 31.03 17.02
C ASN M 206 -27.19 30.80 15.55
N HIS M 207 -28.48 30.67 15.26
CA HIS M 207 -29.00 30.61 13.90
C HIS M 207 -29.91 31.82 13.70
N LYS M 208 -29.34 32.91 13.22
CA LYS M 208 -30.09 34.16 13.09
C LYS M 208 -31.30 34.06 12.16
N PRO M 209 -31.21 33.44 10.97
CA PRO M 209 -32.38 33.42 10.09
C PRO M 209 -33.68 32.98 10.73
N SER M 210 -33.63 32.12 11.75
CA SER M 210 -34.83 31.66 12.44
C SER M 210 -34.94 32.20 13.86
N ASN M 211 -34.07 33.13 14.24
CA ASN M 211 -34.05 33.69 15.60
C ASN M 211 -33.97 32.58 16.65
N THR M 212 -33.01 31.67 16.45
CA THR M 212 -32.80 30.53 17.34
C THR M 212 -31.43 30.65 17.97
N LYS M 213 -31.40 30.74 19.30
CA LYS M 213 -30.16 30.65 20.05
C LYS M 213 -30.29 29.49 21.03
N VAL M 214 -29.24 28.68 21.14
CA VAL M 214 -29.28 27.44 21.90
C VAL M 214 -27.95 27.26 22.62
N ASP M 215 -28.01 27.02 23.93
CA ASP M 215 -26.86 26.62 24.72
C ASP M 215 -27.09 25.19 25.19
N LYS M 216 -26.12 24.32 24.90
CA LYS M 216 -26.25 22.89 25.19
C LYS M 216 -25.06 22.45 26.01
N ARG M 217 -25.32 21.98 27.22
CA ARG M 217 -24.26 21.41 28.06
C ARG M 217 -23.93 20.01 27.57
N VAL M 218 -22.64 19.70 27.47
CA VAL M 218 -22.17 18.41 26.98
C VAL M 218 -21.46 17.72 28.14
N GLU M 219 -22.04 16.62 28.63
CA GLU M 219 -21.43 15.96 29.77
C GLU M 219 -21.13 14.50 29.48
N PRO M 220 -20.15 13.92 30.18
CA PRO M 220 -19.69 12.57 29.84
C PRO M 220 -20.79 11.51 29.90
N LYS M 221 -20.62 10.47 29.09
CA LYS M 221 -21.43 9.26 29.14
C LYS M 221 -20.52 8.07 29.42
N SER M 222 -21.10 7.03 30.00
CA SER M 222 -20.33 5.83 30.36
C SER M 222 -20.68 4.65 29.46
N ASP N 1 -14.20 41.32 -19.24
CA ASP N 1 -14.75 40.15 -19.93
C ASP N 1 -13.63 39.30 -20.52
N ILE N 2 -12.39 39.64 -20.15
CA ILE N 2 -11.25 38.80 -20.46
C ILE N 2 -11.33 37.55 -19.58
N VAL N 3 -11.22 36.37 -20.20
CA VAL N 3 -11.26 35.13 -19.45
C VAL N 3 -9.98 34.96 -18.67
N MET N 4 -10.11 34.68 -17.37
CA MET N 4 -8.97 34.39 -16.50
C MET N 4 -9.02 32.92 -16.11
N THR N 5 -7.87 32.24 -16.22
CA THR N 5 -7.83 30.79 -16.10
C THR N 5 -6.72 30.38 -15.14
N GLN N 6 -7.09 29.64 -14.09
CA GLN N 6 -6.14 29.02 -13.17
C GLN N 6 -6.37 27.51 -13.24
N ALA N 7 -5.52 26.81 -14.01
CA ALA N 7 -5.78 25.41 -14.31
C ALA N 7 -5.65 24.52 -13.08
N ALA N 8 -4.73 24.85 -12.18
CA ALA N 8 -4.52 24.03 -10.99
C ALA N 8 -5.62 24.30 -9.96
N PHE N 9 -6.26 23.22 -9.50
CA PHE N 9 -7.16 23.35 -8.37
C PHE N 9 -6.39 23.56 -7.08
N SER N 10 -5.33 22.77 -6.88
CA SER N 10 -4.51 22.90 -5.69
C SER N 10 -3.04 22.93 -6.09
N ASN N 11 -2.22 23.47 -5.21
CA ASN N 11 -0.78 23.62 -5.44
C ASN N 11 -0.06 23.20 -4.17
N PRO N 12 0.19 21.90 -4.01
CA PRO N 12 0.95 21.43 -2.83
C PRO N 12 2.39 21.90 -2.88
N VAL N 13 2.89 22.38 -1.74
CA VAL N 13 4.26 22.85 -1.61
C VAL N 13 4.79 22.47 -0.23
N THR N 14 6.12 22.37 -0.12
CA THR N 14 6.72 22.15 1.18
C THR N 14 7.07 23.48 1.84
N LEU N 15 7.17 23.46 3.16
CA LEU N 15 7.46 24.68 3.90
C LEU N 15 8.84 25.22 3.55
N GLY N 16 8.93 26.54 3.41
CA GLY N 16 10.21 27.20 3.20
C GLY N 16 10.67 27.29 1.76
N ILE N 17 9.96 26.69 0.80
CA ILE N 17 10.33 26.79 -0.59
C ILE N 17 9.56 27.91 -1.26
N SER N 18 9.96 28.27 -2.48
CA SER N 18 9.21 29.22 -3.28
C SER N 18 8.09 28.49 -4.02
N ALA N 19 6.86 28.97 -3.86
CA ALA N 19 5.72 28.41 -4.55
C ALA N 19 5.36 29.28 -5.75
N SER N 20 4.78 28.65 -6.77
CA SER N 20 4.37 29.33 -8.00
C SER N 20 2.93 28.95 -8.30
N ILE N 21 2.06 29.96 -8.45
CA ILE N 21 0.67 29.76 -8.82
C ILE N 21 0.46 30.36 -10.21
N SER N 22 -0.11 29.57 -11.11
CA SER N 22 -0.25 29.92 -12.52
C SER N 22 -1.59 30.61 -12.81
N CYS N 23 -1.56 31.60 -13.70
CA CYS N 23 -2.77 32.20 -14.25
C CYS N 23 -2.50 32.55 -15.71
N ARG N 24 -3.54 32.50 -16.53
CA ARG N 24 -3.45 32.89 -17.94
C ARG N 24 -4.72 33.63 -18.34
N SER N 25 -4.55 34.69 -19.14
CA SER N 25 -5.67 35.49 -19.63
C SER N 25 -5.95 35.18 -21.09
N SER N 26 -7.20 35.41 -21.51
CA SER N 26 -7.56 35.21 -22.90
C SER N 26 -7.03 36.31 -23.81
N LYS N 27 -6.64 37.45 -23.24
CA LYS N 27 -6.10 38.57 -24.00
C LYS N 27 -5.06 39.27 -23.12
N SER N 28 -4.06 39.87 -23.76
CA SER N 28 -3.03 40.57 -23.01
C SER N 28 -3.65 41.55 -22.03
N LEU N 29 -3.05 41.65 -20.84
CA LEU N 29 -3.49 42.60 -19.84
C LEU N 29 -2.64 43.87 -19.83
N LEU N 30 -1.74 44.01 -20.80
CA LEU N 30 -0.84 45.15 -20.87
C LEU N 30 -1.49 46.28 -21.66
N HIS N 31 -1.76 47.39 -20.98
CA HIS N 31 -2.20 48.61 -21.65
C HIS N 31 -1.02 49.33 -22.27
N SER N 32 -1.31 50.16 -23.28
CA SER N 32 -0.25 50.88 -23.97
C SER N 32 0.42 51.92 -23.08
N ASN N 33 -0.10 52.09 -21.86
CA ASN N 33 0.51 52.99 -20.89
C ASN N 33 1.60 52.33 -20.07
N GLY N 34 1.97 51.08 -20.41
CA GLY N 34 2.97 50.35 -19.65
C GLY N 34 2.45 49.59 -18.45
N ILE N 35 1.17 49.75 -18.09
CA ILE N 35 0.59 49.14 -16.91
C ILE N 35 -0.02 47.80 -17.29
N THR N 36 0.31 46.75 -16.55
CA THR N 36 -0.38 45.46 -16.65
C THR N 36 -1.48 45.43 -15.60
N TYR N 37 -2.72 45.24 -16.04
CA TYR N 37 -3.87 45.32 -15.14
C TYR N 37 -4.17 43.93 -14.56
N LEU N 38 -3.22 43.46 -13.75
CA LEU N 38 -3.27 42.16 -13.10
C LEU N 38 -3.21 42.31 -11.59
N TYR N 39 -4.05 41.54 -10.89
CA TYR N 39 -4.20 41.59 -9.45
C TYR N 39 -4.18 40.18 -8.91
N TRP N 40 -3.67 40.01 -7.70
CA TRP N 40 -3.71 38.74 -7.00
C TRP N 40 -4.43 38.94 -5.67
N TYR N 41 -5.40 38.06 -5.38
CA TYR N 41 -6.14 38.08 -4.13
C TYR N 41 -5.93 36.77 -3.39
N LEU N 42 -6.04 36.83 -2.06
CA LEU N 42 -5.94 35.64 -1.21
C LEU N 42 -7.17 35.56 -0.33
N GLN N 43 -7.79 34.39 -0.30
CA GLN N 43 -8.88 34.12 0.63
C GLN N 43 -8.43 33.02 1.59
N LYS N 44 -7.99 33.41 2.78
CA LYS N 44 -7.66 32.48 3.84
C LYS N 44 -8.94 31.83 4.37
N PRO N 45 -8.83 30.64 4.98
CA PRO N 45 -10.05 29.96 5.45
C PRO N 45 -10.81 30.82 6.43
N GLY N 46 -12.11 31.00 6.16
CA GLY N 46 -12.97 31.77 7.04
C GLY N 46 -12.77 33.28 7.02
N GLN N 47 -11.99 33.80 6.06
CA GLN N 47 -11.79 35.23 5.91
C GLN N 47 -12.35 35.69 4.57
N SER N 48 -12.48 37.01 4.43
CA SER N 48 -12.84 37.59 3.15
C SER N 48 -11.61 37.63 2.25
N PRO N 49 -11.80 37.85 0.95
CA PRO N 49 -10.63 38.02 0.08
C PRO N 49 -9.80 39.23 0.51
N GLN N 50 -8.50 39.13 0.29
CA GLN N 50 -7.55 40.14 0.71
C GLN N 50 -6.61 40.42 -0.45
N LEU N 51 -6.42 41.69 -0.78
CA LEU N 51 -5.56 42.07 -1.89
C LEU N 51 -4.10 41.81 -1.53
N LEU N 52 -3.38 41.15 -2.44
CA LEU N 52 -1.95 40.91 -2.30
C LEU N 52 -1.12 41.84 -3.18
N ILE N 53 -1.42 41.84 -4.48
CA ILE N 53 -0.65 42.57 -5.47
C ILE N 53 -1.64 43.21 -6.44
N TYR N 54 -1.41 44.48 -6.77
CA TYR N 54 -2.25 45.16 -7.74
C TYR N 54 -1.42 45.71 -8.88
N GLN N 55 -1.96 45.57 -10.09
CA GLN N 55 -1.29 45.98 -11.33
C GLN N 55 0.11 45.37 -11.42
N MET N 56 0.19 44.09 -11.01
CA MET N 56 1.32 43.20 -11.23
C MET N 56 2.52 43.47 -10.33
N SER N 57 2.91 44.74 -10.14
CA SER N 57 4.19 45.07 -9.53
C SER N 57 4.07 45.88 -8.23
N ASN N 58 2.87 46.02 -7.68
CA ASN N 58 2.64 46.82 -6.50
C ASN N 58 2.12 45.93 -5.38
N LEU N 59 2.77 46.00 -4.23
CA LEU N 59 2.37 45.26 -3.04
C LEU N 59 1.36 46.07 -2.25
N ALA N 60 0.25 45.44 -1.88
CA ALA N 60 -0.72 46.11 -1.02
C ALA N 60 -0.18 46.24 0.40
N SER N 61 -0.64 47.27 1.12
CA SER N 61 -0.16 47.53 2.46
C SER N 61 -0.33 46.30 3.36
N GLY N 62 0.66 46.05 4.21
CA GLY N 62 0.63 44.94 5.12
C GLY N 62 1.04 43.61 4.53
N VAL N 63 1.08 43.48 3.22
CA VAL N 63 1.52 42.20 2.63
C VAL N 63 3.02 42.05 2.87
N PRO N 64 3.49 40.90 3.35
CA PRO N 64 4.94 40.69 3.44
C PRO N 64 5.57 40.63 2.05
N ASP N 65 6.84 41.01 1.98
CA ASP N 65 7.52 41.06 0.69
C ASP N 65 7.78 39.66 0.06
N ARG N 66 7.18 38.59 0.58
CA ARG N 66 7.33 37.27 -0.02
C ARG N 66 6.43 37.07 -1.23
N PHE N 67 5.72 38.10 -1.69
CA PHE N 67 4.80 37.97 -2.80
C PHE N 67 5.25 38.82 -3.98
N SER N 68 5.38 38.20 -5.15
CA SER N 68 5.75 38.89 -6.36
C SER N 68 5.01 38.27 -7.53
N SER N 69 5.01 38.96 -8.66
CA SER N 69 4.27 38.50 -9.82
C SER N 69 5.10 38.69 -11.08
N SER N 70 5.17 37.65 -11.90
CA SER N 70 5.94 37.67 -13.14
C SER N 70 5.08 37.18 -14.30
N GLY N 71 5.44 37.59 -15.50
CA GLY N 71 4.81 37.02 -16.69
C GLY N 71 4.86 37.98 -17.85
N SER N 72 4.28 37.51 -18.96
CA SER N 72 4.21 38.28 -20.21
C SER N 72 2.88 39.03 -20.30
N GLY N 73 2.09 38.73 -21.32
CA GLY N 73 0.82 39.41 -21.52
C GLY N 73 -0.38 38.53 -21.25
N THR N 74 -0.24 37.23 -21.50
CA THR N 74 -1.27 36.26 -21.19
C THR N 74 -0.83 35.16 -20.24
N ASP N 75 0.43 35.14 -19.80
CA ASP N 75 0.96 34.06 -18.97
C ASP N 75 1.59 34.66 -17.72
N PHE N 76 1.06 34.32 -16.55
CA PHE N 76 1.49 34.97 -15.31
C PHE N 76 1.69 33.93 -14.22
N THR N 77 2.55 34.29 -13.26
CA THR N 77 2.79 33.45 -12.10
C THR N 77 2.85 34.29 -10.84
N LEU N 78 2.16 33.82 -9.81
CA LEU N 78 2.30 34.37 -8.47
C LEU N 78 3.41 33.60 -7.76
N ARG N 79 4.43 34.32 -7.32
CA ARG N 79 5.58 33.74 -6.66
C ARG N 79 5.50 34.05 -5.17
N ILE N 80 5.48 33.00 -4.35
CA ILE N 80 5.50 33.11 -2.90
C ILE N 80 6.83 32.53 -2.41
N SER N 81 7.72 33.38 -1.90
CA SER N 81 8.99 32.91 -1.39
C SER N 81 8.83 32.43 0.06
N ARG N 82 9.61 31.41 0.42
CA ARG N 82 9.66 30.88 1.79
C ARG N 82 8.25 30.70 2.36
N VAL N 83 7.51 29.79 1.71
CA VAL N 83 6.13 29.53 2.10
C VAL N 83 6.06 29.18 3.58
N GLU N 84 5.05 29.73 4.25
CA GLU N 84 4.78 29.45 5.65
C GLU N 84 3.46 28.71 5.78
N ALA N 85 3.26 28.06 6.94
CA ALA N 85 2.03 27.30 7.15
C ALA N 85 0.81 28.22 7.11
N GLU N 86 0.95 29.46 7.56
CA GLU N 86 -0.19 30.39 7.53
C GLU N 86 -0.50 30.91 6.13
N ASP N 87 0.22 30.49 5.08
CA ASP N 87 -0.06 30.92 3.71
C ASP N 87 -1.18 30.11 3.07
N VAL N 88 -1.74 29.10 3.74
CA VAL N 88 -2.76 28.28 3.11
C VAL N 88 -4.01 29.12 2.82
N GLY N 89 -4.64 28.81 1.71
CA GLY N 89 -5.79 29.57 1.27
C GLY N 89 -5.94 29.43 -0.23
N VAL N 90 -6.94 30.13 -0.75
CA VAL N 90 -7.22 30.12 -2.19
C VAL N 90 -6.68 31.41 -2.79
N TYR N 91 -5.85 31.27 -3.82
CA TYR N 91 -5.26 32.40 -4.50
C TYR N 91 -5.98 32.64 -5.82
N TYR N 92 -6.43 33.88 -6.04
CA TYR N 92 -7.20 34.27 -7.21
C TYR N 92 -6.43 35.32 -8.00
N CYS N 93 -6.33 35.12 -9.32
CA CYS N 93 -5.94 36.21 -10.20
C CYS N 93 -7.18 36.93 -10.70
N ALA N 94 -7.00 38.19 -11.08
CA ALA N 94 -8.11 39.00 -11.57
C ALA N 94 -7.57 40.02 -12.56
N GLN N 95 -8.46 40.55 -13.39
CA GLN N 95 -8.10 41.62 -14.32
C GLN N 95 -9.20 42.67 -14.32
N ASN N 96 -8.82 43.91 -14.68
CA ASN N 96 -9.82 44.94 -14.95
C ASN N 96 -9.39 45.84 -16.11
N LEU N 97 -8.54 45.34 -17.01
CA LEU N 97 -8.22 46.09 -18.22
C LEU N 97 -9.48 46.40 -19.02
N GLU N 98 -10.37 45.41 -19.14
CA GLU N 98 -11.72 45.59 -19.67
C GLU N 98 -12.72 45.21 -18.60
N LEU N 99 -13.72 46.05 -18.39
CA LEU N 99 -14.81 45.68 -17.49
C LEU N 99 -15.70 44.63 -18.17
N PRO N 100 -16.39 43.78 -17.38
CA PRO N 100 -16.32 43.71 -15.92
C PRO N 100 -15.03 43.07 -15.43
N TRP N 101 -14.64 43.38 -14.18
CA TRP N 101 -13.62 42.60 -13.48
C TRP N 101 -13.90 41.12 -13.68
N THR N 102 -12.87 40.35 -13.99
CA THR N 102 -13.02 38.91 -14.07
C THR N 102 -11.96 38.25 -13.21
N PHE N 103 -12.29 37.08 -12.68
CA PHE N 103 -11.43 36.37 -11.75
C PHE N 103 -11.12 34.97 -12.28
N GLY N 104 -9.92 34.50 -11.98
CA GLY N 104 -9.64 33.08 -12.12
C GLY N 104 -10.47 32.27 -11.14
N GLY N 105 -10.48 30.96 -11.34
CA GLY N 105 -11.27 30.08 -10.50
C GLY N 105 -10.66 29.76 -9.17
N GLY N 106 -9.44 30.21 -8.92
CA GLY N 106 -8.79 29.99 -7.64
C GLY N 106 -7.86 28.80 -7.66
N THR N 107 -6.76 28.88 -6.91
CA THR N 107 -5.86 27.75 -6.73
C THR N 107 -5.53 27.67 -5.26
N LYS N 108 -5.83 26.52 -4.64
CA LYS N 108 -5.64 26.35 -3.22
C LYS N 108 -4.18 25.99 -2.96
N LEU N 109 -3.51 26.79 -2.12
CA LEU N 109 -2.18 26.43 -1.67
C LEU N 109 -2.31 25.43 -0.53
N GLU N 110 -1.61 24.31 -0.64
CA GLU N 110 -1.66 23.24 0.34
C GLU N 110 -0.26 22.95 0.83
N ILE N 111 -0.09 22.81 2.14
CA ILE N 111 1.21 22.52 2.74
C ILE N 111 1.41 21.01 2.80
N LYS N 112 2.50 20.53 2.21
CA LYS N 112 2.88 19.13 2.32
C LYS N 112 3.68 18.96 3.61
N ARG N 113 3.08 18.35 4.62
CA ARG N 113 3.76 18.01 5.87
C ARG N 113 3.93 16.50 5.96
N THR N 114 4.59 16.04 7.03
CA THR N 114 4.74 14.61 7.24
C THR N 114 3.38 13.94 7.38
N VAL N 115 3.30 12.70 6.90
CA VAL N 115 2.11 11.90 7.10
C VAL N 115 1.78 11.85 8.58
N ALA N 116 0.48 11.89 8.89
CA ALA N 116 0.00 11.89 10.26
C ALA N 116 -1.30 11.11 10.29
N ALA N 117 -1.35 10.07 11.13
CA ALA N 117 -2.54 9.24 11.19
C ALA N 117 -3.66 9.97 11.94
N PRO N 118 -4.90 9.72 11.58
CA PRO N 118 -6.01 10.29 12.35
C PRO N 118 -6.16 9.60 13.70
N SER N 119 -6.50 10.38 14.72
CA SER N 119 -7.15 9.81 15.90
C SER N 119 -8.63 9.60 15.55
N VAL N 120 -9.17 8.45 15.91
CA VAL N 120 -10.54 8.10 15.53
C VAL N 120 -11.40 8.03 16.78
N PHE N 121 -12.46 8.83 16.80
CA PHE N 121 -13.41 8.90 17.90
C PHE N 121 -14.79 8.59 17.35
N ILE N 122 -15.64 7.97 18.17
CA ILE N 122 -17.00 7.63 17.77
C ILE N 122 -17.95 8.12 18.86
N PHE N 123 -19.14 8.58 18.44
CA PHE N 123 -20.11 9.16 19.37
C PHE N 123 -21.45 8.48 19.14
N PRO N 124 -22.01 7.79 20.13
CA PRO N 124 -23.37 7.25 19.99
C PRO N 124 -24.41 8.36 19.97
N PRO N 125 -25.63 8.07 19.49
CA PRO N 125 -26.71 9.07 19.54
C PRO N 125 -26.97 9.53 20.96
N SER N 126 -27.41 10.78 21.08
CA SER N 126 -27.79 11.32 22.38
C SER N 126 -29.16 10.82 22.81
N ASP N 127 -29.43 10.93 24.11
CA ASP N 127 -30.76 10.60 24.61
C ASP N 127 -31.81 11.56 24.07
N GLU N 128 -31.48 12.86 24.02
CA GLU N 128 -32.40 13.85 23.47
C GLU N 128 -32.82 13.49 22.05
N GLN N 129 -31.84 13.22 21.18
CA GLN N 129 -32.15 12.91 19.79
C GLN N 129 -33.01 11.65 19.70
N LEU N 130 -32.57 10.56 20.34
CA LEU N 130 -33.34 9.32 20.33
C LEU N 130 -34.75 9.55 20.86
N LYS N 131 -34.87 10.35 21.94
CA LYS N 131 -36.16 10.75 22.48
C LYS N 131 -37.07 11.36 21.42
N SER N 132 -36.51 11.82 20.30
CA SER N 132 -37.27 12.52 19.26
C SER N 132 -37.47 11.68 18.01
N GLY N 133 -36.95 10.45 17.95
CA GLY N 133 -37.26 9.53 16.88
C GLY N 133 -36.17 9.31 15.84
N THR N 134 -35.02 9.96 15.96
CA THR N 134 -33.93 9.78 15.02
C THR N 134 -32.64 9.50 15.79
N ALA N 135 -31.65 8.97 15.08
CA ALA N 135 -30.39 8.56 15.69
C ALA N 135 -29.24 8.88 14.75
N SER N 136 -28.31 9.72 15.20
CA SER N 136 -27.12 10.08 14.45
C SER N 136 -25.90 9.55 15.18
N VAL N 137 -25.09 8.77 14.48
CA VAL N 137 -23.80 8.31 14.96
C VAL N 137 -22.72 9.09 14.22
N VAL N 138 -21.75 9.64 14.97
CA VAL N 138 -20.72 10.50 14.41
C VAL N 138 -19.36 9.85 14.62
N CYS N 139 -18.58 9.76 13.54
CA CYS N 139 -17.20 9.27 13.60
C CYS N 139 -16.27 10.43 13.27
N LEU N 140 -15.35 10.75 14.17
CA LEU N 140 -14.45 11.89 14.03
C LEU N 140 -13.03 11.41 13.77
N LEU N 141 -12.42 11.94 12.71
CA LEU N 141 -11.02 11.70 12.38
C LEU N 141 -10.27 12.98 12.64
N ASN N 142 -9.35 12.97 13.61
CA ASN N 142 -8.74 14.21 14.07
C ASN N 142 -7.28 14.30 13.68
N ASN N 143 -6.89 15.44 13.12
CA ASN N 143 -5.50 15.88 12.96
C ASN N 143 -4.69 14.87 12.15
N PHE N 144 -5.01 14.79 10.87
CA PHE N 144 -4.33 13.85 9.99
C PHE N 144 -3.86 14.56 8.73
N TYR N 145 -2.97 13.89 8.01
CA TYR N 145 -2.43 14.30 6.72
C TYR N 145 -1.89 13.05 6.04
N PRO N 146 -2.18 12.84 4.74
CA PRO N 146 -2.89 13.75 3.84
C PRO N 146 -4.41 13.73 4.00
N ARG N 147 -5.08 14.55 3.18
CA ARG N 147 -6.53 14.70 3.31
C ARG N 147 -7.26 13.40 2.98
N GLU N 148 -6.70 12.61 2.05
CA GLU N 148 -7.37 11.40 1.59
C GLU N 148 -7.57 10.41 2.73
N ALA N 149 -8.81 9.96 2.90
CA ALA N 149 -9.13 8.96 3.92
C ALA N 149 -10.38 8.20 3.47
N LYS N 150 -10.51 6.97 3.95
CA LYS N 150 -11.69 6.15 3.67
C LYS N 150 -12.35 5.82 5.00
N VAL N 151 -13.63 6.19 5.12
CA VAL N 151 -14.43 5.90 6.30
C VAL N 151 -15.63 5.06 5.88
N GLN N 152 -15.74 3.87 6.44
CA GLN N 152 -16.84 2.96 6.12
C GLN N 152 -17.61 2.65 7.39
N TRP N 153 -18.93 2.74 7.31
CA TRP N 153 -19.78 2.33 8.41
C TRP N 153 -20.11 0.85 8.29
N LYS N 154 -20.08 0.16 9.43
CA LYS N 154 -20.45 -1.25 9.48
C LYS N 154 -21.38 -1.42 10.67
N VAL N 155 -22.57 -1.97 10.41
CA VAL N 155 -23.60 -2.17 11.43
C VAL N 155 -23.85 -3.67 11.53
N ASP N 156 -23.66 -4.22 12.73
CA ASP N 156 -23.73 -5.67 12.97
C ASP N 156 -22.90 -6.42 11.94
N ASN N 157 -21.73 -5.85 11.62
CA ASN N 157 -20.71 -6.31 10.67
C ASN N 157 -21.12 -6.10 9.21
N ALA N 158 -22.22 -5.41 8.92
CA ALA N 158 -22.68 -5.21 7.54
C ALA N 158 -22.26 -3.83 7.05
N LEU N 159 -21.71 -3.78 5.83
CA LEU N 159 -21.19 -2.54 5.28
C LEU N 159 -22.32 -1.67 4.74
N GLN N 160 -22.40 -0.44 5.22
CA GLN N 160 -23.39 0.51 4.76
C GLN N 160 -22.86 1.33 3.60
N SER N 161 -23.67 1.49 2.56
CA SER N 161 -23.33 2.31 1.41
C SER N 161 -24.02 3.66 1.41
N GLY N 162 -24.90 3.91 2.37
CA GLY N 162 -25.53 5.22 2.49
C GLY N 162 -25.94 5.50 3.92
N ASN N 163 -26.85 6.47 4.06
CA ASN N 163 -27.25 7.08 5.32
C ASN N 163 -26.12 7.82 6.00
N SER N 164 -25.02 8.12 5.29
CA SER N 164 -23.90 8.81 5.90
C SER N 164 -23.40 9.94 5.02
N GLN N 165 -22.84 10.97 5.66
CA GLN N 165 -22.21 12.07 4.92
C GLN N 165 -20.99 12.55 5.69
N GLU N 166 -20.07 13.14 4.95
CA GLU N 166 -18.79 13.57 5.48
C GLU N 166 -18.63 15.08 5.36
N SER N 167 -17.88 15.65 6.29
CA SER N 167 -17.40 17.01 6.16
C SER N 167 -15.94 17.06 6.61
N VAL N 168 -15.14 17.87 5.93
CA VAL N 168 -13.72 17.97 6.21
C VAL N 168 -13.36 19.43 6.44
N THR N 169 -12.48 19.68 7.39
CA THR N 169 -12.01 21.05 7.59
C THR N 169 -11.07 21.46 6.46
N GLU N 170 -10.92 22.77 6.28
CA GLU N 170 -9.79 23.25 5.53
C GLU N 170 -8.52 22.91 6.30
N GLN N 171 -7.38 22.92 5.60
CA GLN N 171 -6.12 22.60 6.25
C GLN N 171 -5.80 23.61 7.35
N ASP N 172 -5.42 23.11 8.51
CA ASP N 172 -5.11 23.95 9.64
C ASP N 172 -3.88 24.82 9.34
N SER N 173 -3.98 26.12 9.65
CA SER N 173 -2.91 27.06 9.37
C SER N 173 -1.72 26.93 10.32
N LYS N 174 -1.82 26.14 11.38
CA LYS N 174 -0.71 25.96 12.31
C LYS N 174 -0.07 24.58 12.21
N ASP N 175 -0.85 23.50 12.25
CA ASP N 175 -0.26 22.18 12.22
C ASP N 175 -0.42 21.49 10.86
N SER N 176 -1.04 22.16 9.89
CA SER N 176 -1.14 21.70 8.51
C SER N 176 -1.87 20.37 8.39
N THR N 177 -2.77 20.08 9.34
CA THR N 177 -3.55 18.85 9.32
C THR N 177 -5.00 19.12 8.95
N TYR N 178 -5.69 18.03 8.63
CA TYR N 178 -7.12 18.02 8.39
C TYR N 178 -7.81 17.30 9.54
N SER N 179 -9.12 17.55 9.66
CA SER N 179 -9.99 16.73 10.48
C SER N 179 -11.26 16.45 9.67
N LEU N 180 -11.93 15.35 10.01
CA LEU N 180 -13.05 14.89 9.20
C LEU N 180 -14.12 14.35 10.14
N SER N 181 -15.38 14.59 9.77
CA SER N 181 -16.52 13.97 10.43
C SER N 181 -17.23 13.10 9.42
N SER N 182 -17.75 11.96 9.89
CA SER N 182 -18.65 11.13 9.10
C SER N 182 -19.84 10.84 9.99
N THR N 183 -21.04 11.13 9.49
CA THR N 183 -22.25 11.08 10.31
C THR N 183 -23.25 10.14 9.64
N LEU N 184 -23.64 9.09 10.37
CA LEU N 184 -24.64 8.11 9.94
C LEU N 184 -25.93 8.40 10.69
N THR N 185 -27.02 8.62 9.96
CA THR N 185 -28.29 8.97 10.57
C THR N 185 -29.37 7.98 10.13
N LEU N 186 -30.12 7.49 11.10
CA LEU N 186 -31.18 6.51 10.90
C LEU N 186 -32.37 6.90 11.76
N SER N 187 -33.55 6.42 11.38
CA SER N 187 -34.68 6.50 12.30
C SER N 187 -34.37 5.70 13.56
N LYS N 188 -35.06 6.03 14.65
CA LYS N 188 -34.90 5.23 15.88
C LYS N 188 -35.29 3.79 15.64
N ALA N 189 -36.29 3.55 14.78
CA ALA N 189 -36.73 2.18 14.50
C ALA N 189 -35.64 1.37 13.82
N ASP N 190 -34.96 1.97 12.83
CA ASP N 190 -33.88 1.25 12.17
C ASP N 190 -32.67 1.13 13.08
N TYR N 191 -32.38 2.17 13.86
CA TYR N 191 -31.28 2.14 14.82
C TYR N 191 -31.39 0.96 15.77
N GLU N 192 -32.59 0.77 16.34
CA GLU N 192 -32.80 -0.25 17.36
C GLU N 192 -33.01 -1.65 16.79
N LYS N 193 -32.75 -1.85 15.49
CA LYS N 193 -32.74 -3.18 14.90
C LYS N 193 -31.40 -3.88 15.05
N HIS N 194 -30.33 -3.12 15.28
CA HIS N 194 -28.98 -3.66 15.27
C HIS N 194 -28.28 -3.34 16.58
N LYS N 195 -27.12 -3.97 16.78
CA LYS N 195 -26.43 -3.93 18.06
C LYS N 195 -25.11 -3.18 18.03
N VAL N 196 -24.20 -3.52 17.11
CA VAL N 196 -22.86 -2.94 17.12
C VAL N 196 -22.73 -1.98 15.94
N TYR N 197 -22.34 -0.75 16.25
CA TYR N 197 -22.10 0.29 15.27
C TYR N 197 -20.60 0.57 15.21
N ALA N 198 -20.04 0.52 14.01
CA ALA N 198 -18.58 0.57 13.85
C ALA N 198 -18.19 1.51 12.72
N CYS N 199 -17.13 2.28 12.96
CA CYS N 199 -16.50 3.16 11.98
C CYS N 199 -15.14 2.58 11.61
N GLU N 200 -14.94 2.28 10.33
CA GLU N 200 -13.72 1.64 9.86
C GLU N 200 -12.93 2.61 8.99
N VAL N 201 -11.70 2.93 9.41
CA VAL N 201 -10.92 4.03 8.84
C VAL N 201 -9.69 3.45 8.15
N THR N 202 -9.45 3.91 6.92
CA THR N 202 -8.27 3.58 6.14
C THR N 202 -7.55 4.87 5.79
N HIS N 203 -6.23 4.91 5.96
CA HIS N 203 -5.47 6.14 5.78
C HIS N 203 -3.99 5.83 5.61
N GLN N 204 -3.29 6.72 4.92
CA GLN N 204 -1.87 6.51 4.63
C GLN N 204 -1.06 6.30 5.90
N GLY N 205 -1.41 6.99 6.98
CA GLY N 205 -0.66 6.90 8.23
C GLY N 205 -0.91 5.66 9.05
N LEU N 206 -1.92 4.88 8.69
CA LEU N 206 -2.26 3.65 9.40
C LEU N 206 -1.70 2.45 8.65
N SER N 207 -1.04 1.54 9.37
CA SER N 207 -0.52 0.35 8.70
C SER N 207 -1.63 -0.61 8.29
N SER N 208 -2.78 -0.55 8.94
CA SER N 208 -3.92 -1.39 8.62
C SER N 208 -5.20 -0.63 8.99
N PRO N 209 -6.35 -1.06 8.46
CA PRO N 209 -7.60 -0.37 8.82
C PRO N 209 -7.85 -0.41 10.31
N VAL N 210 -8.37 0.70 10.83
CA VAL N 210 -8.72 0.84 12.24
C VAL N 210 -10.23 0.97 12.36
N THR N 211 -10.83 0.26 13.31
CA THR N 211 -12.26 0.36 13.57
C THR N 211 -12.51 0.78 15.01
N LYS N 212 -13.49 1.66 15.19
CA LYS N 212 -13.99 2.06 16.51
C LYS N 212 -15.47 1.74 16.54
N SER N 213 -15.92 1.15 17.64
CA SER N 213 -17.28 0.63 17.69
C SER N 213 -17.85 0.81 19.08
N PHE N 214 -19.17 0.72 19.17
CA PHE N 214 -19.87 0.60 20.44
C PHE N 214 -21.05 -0.35 20.25
N ASN N 215 -21.58 -0.81 21.37
CA ASN N 215 -22.78 -1.64 21.40
C ASN N 215 -23.95 -0.81 21.91
N ARG N 216 -25.03 -0.78 21.15
CA ARG N 216 -26.17 0.09 21.47
C ARG N 216 -26.73 -0.15 22.87
N GLU O 1 -6.47 50.30 -37.44
CA GLU O 1 -6.60 49.30 -36.39
C GLU O 1 -8.04 49.18 -35.89
N VAL O 2 -8.95 49.90 -36.54
CA VAL O 2 -10.35 49.89 -36.13
C VAL O 2 -11.12 48.99 -37.08
N GLN O 3 -12.06 48.23 -36.53
CA GLN O 3 -12.87 47.31 -37.28
C GLN O 3 -14.33 47.71 -37.11
N LEU O 4 -15.10 47.65 -38.18
CA LEU O 4 -16.52 47.98 -38.15
C LEU O 4 -17.30 46.82 -38.74
N GLN O 5 -18.37 46.39 -38.07
CA GLN O 5 -19.13 45.22 -38.47
C GLN O 5 -20.63 45.53 -38.46
N GLU O 6 -21.24 45.49 -39.64
CA GLU O 6 -22.68 45.70 -39.76
C GLU O 6 -23.43 44.42 -39.43
N SER O 7 -24.60 44.55 -38.81
CA SER O 7 -25.42 43.37 -38.56
C SER O 7 -26.89 43.75 -38.61
N GLY O 8 -27.73 42.75 -38.84
CA GLY O 8 -29.16 42.96 -38.97
C GLY O 8 -29.76 42.00 -39.97
N PRO O 9 -31.07 42.08 -40.15
CA PRO O 9 -31.74 41.13 -41.04
C PRO O 9 -31.33 41.32 -42.50
N SER O 10 -31.23 40.21 -43.22
CA SER O 10 -30.94 40.26 -44.65
C SER O 10 -32.19 40.50 -45.49
N LEU O 11 -33.37 40.40 -44.89
CA LEU O 11 -34.62 40.47 -45.62
C LEU O 11 -35.63 41.20 -44.73
N VAL O 12 -36.28 42.20 -45.30
CA VAL O 12 -37.26 43.01 -44.59
C VAL O 12 -38.49 43.15 -45.49
N LYS O 13 -39.69 43.10 -44.90
CA LYS O 13 -40.89 43.24 -45.72
C LYS O 13 -41.14 44.70 -46.08
N PRO O 14 -41.68 44.96 -47.26
CA PRO O 14 -42.05 46.35 -47.61
C PRO O 14 -43.00 46.93 -46.57
N SER O 15 -42.85 48.22 -46.30
CA SER O 15 -43.57 49.08 -45.34
C SER O 15 -43.00 48.96 -43.93
N GLN O 16 -42.16 47.96 -43.64
CA GLN O 16 -41.59 47.82 -42.31
C GLN O 16 -40.43 48.81 -42.13
N THR O 17 -40.00 48.95 -40.88
CA THR O 17 -38.78 49.69 -40.56
C THR O 17 -37.60 48.72 -40.60
N LEU O 18 -36.56 49.13 -41.31
CA LEU O 18 -35.30 48.39 -41.42
C LEU O 18 -34.38 48.90 -40.32
N SER O 19 -33.81 47.99 -39.53
CA SER O 19 -32.87 48.39 -38.49
C SER O 19 -31.56 47.63 -38.66
N LEU O 20 -30.44 48.36 -38.70
CA LEU O 20 -29.11 47.75 -38.77
C LEU O 20 -28.27 48.27 -37.62
N THR O 21 -27.26 47.47 -37.24
CA THR O 21 -26.34 47.88 -36.19
C THR O 21 -24.91 47.77 -36.68
N CYS O 22 -24.08 48.72 -36.27
CA CYS O 22 -22.65 48.72 -36.56
C CYS O 22 -21.89 48.54 -35.25
N SER O 23 -21.16 47.43 -35.13
CA SER O 23 -20.34 47.17 -33.95
C SER O 23 -18.90 47.61 -34.24
N VAL O 24 -18.35 48.44 -33.36
CA VAL O 24 -17.04 49.07 -33.58
C VAL O 24 -16.06 48.49 -32.58
N THR O 25 -14.88 48.13 -33.06
CA THR O 25 -13.80 47.65 -32.21
C THR O 25 -12.52 48.39 -32.59
N GLY O 26 -11.66 48.60 -31.59
CA GLY O 26 -10.39 49.29 -31.81
C GLY O 26 -10.47 50.80 -31.73
N ASP O 27 -11.67 51.37 -31.56
CA ASP O 27 -11.87 52.80 -31.42
C ASP O 27 -13.17 52.97 -30.67
N SER O 28 -13.33 54.12 -30.03
CA SER O 28 -14.53 54.43 -29.25
C SER O 28 -15.42 55.39 -30.02
N ILE O 29 -16.72 55.11 -30.05
CA ILE O 29 -17.62 55.96 -30.84
C ILE O 29 -17.91 57.27 -30.13
N THR O 30 -17.34 57.47 -28.94
CA THR O 30 -17.42 58.77 -28.27
C THR O 30 -16.30 59.72 -28.70
N SER O 31 -15.53 59.36 -29.72
CA SER O 31 -14.74 60.32 -30.47
C SER O 31 -14.97 60.09 -31.95
N GLY O 32 -14.93 61.15 -32.72
CA GLY O 32 -15.12 61.04 -34.16
C GLY O 32 -16.58 61.11 -34.57
N TYR O 33 -16.81 60.81 -35.85
CA TYR O 33 -18.15 60.84 -36.43
C TYR O 33 -18.40 59.50 -37.11
N TRP O 34 -19.64 59.02 -37.04
CA TRP O 34 -19.90 57.61 -37.35
C TRP O 34 -21.04 57.54 -38.36
N ASN O 35 -20.76 56.99 -39.53
CA ASN O 35 -21.55 57.21 -40.72
C ASN O 35 -22.25 55.94 -41.20
N TRP O 36 -23.30 56.15 -41.98
CA TRP O 36 -23.99 55.10 -42.72
C TRP O 36 -24.04 55.52 -44.18
N ILE O 37 -23.66 54.59 -45.06
CA ILE O 37 -23.69 54.78 -46.51
C ILE O 37 -24.29 53.51 -47.10
N ARG O 38 -25.04 53.65 -48.19
CA ARG O 38 -25.52 52.45 -48.85
C ARG O 38 -25.12 52.47 -50.33
N LYS O 39 -25.00 51.27 -50.91
CA LYS O 39 -24.63 51.10 -52.30
C LYS O 39 -25.74 50.32 -52.98
N PHE O 40 -26.40 50.95 -53.93
CA PHE O 40 -27.53 50.34 -54.62
C PHE O 40 -27.03 49.23 -55.54
N PRO O 41 -27.91 48.31 -55.94
CA PRO O 41 -27.45 47.16 -56.75
C PRO O 41 -26.71 47.55 -58.01
N GLY O 42 -26.95 48.73 -58.56
CA GLY O 42 -26.17 49.17 -59.72
C GLY O 42 -24.96 50.03 -59.41
N ASN O 43 -24.44 49.95 -58.18
CA ASN O 43 -23.21 50.57 -57.68
C ASN O 43 -23.27 52.07 -57.41
N LYS O 44 -24.45 52.69 -57.42
CA LYS O 44 -24.54 54.08 -56.97
C LYS O 44 -24.44 54.12 -55.45
N LEU O 45 -23.65 55.07 -54.93
CA LEU O 45 -23.44 55.26 -53.51
C LEU O 45 -24.29 56.42 -53.01
N GLU O 46 -24.93 56.23 -51.85
CA GLU O 46 -25.72 57.30 -51.23
C GLU O 46 -25.33 57.44 -49.78
N TYR O 47 -24.88 58.63 -49.41
CA TYR O 47 -24.58 58.95 -48.02
C TYR O 47 -25.88 59.09 -47.25
N MET O 48 -26.02 58.39 -46.11
CA MET O 48 -27.26 58.46 -45.36
C MET O 48 -27.21 59.43 -44.18
N GLY O 49 -26.17 59.37 -43.35
CA GLY O 49 -26.03 60.35 -42.29
C GLY O 49 -24.96 59.93 -41.29
N TYR O 50 -24.87 60.68 -40.19
CA TYR O 50 -23.91 60.37 -39.15
C TYR O 50 -24.51 60.58 -37.77
N ILE O 51 -23.86 59.98 -36.79
CA ILE O 51 -24.03 60.34 -35.39
C ILE O 51 -22.65 60.71 -34.85
N SER O 52 -22.56 61.87 -34.20
CA SER O 52 -21.28 62.41 -33.76
C SER O 52 -20.85 61.79 -32.44
N TYR O 53 -19.62 62.11 -32.03
CA TYR O 53 -19.11 61.66 -30.74
C TYR O 53 -19.99 62.08 -29.59
N SER O 54 -20.80 63.12 -29.77
CA SER O 54 -21.67 63.65 -28.72
C SER O 54 -23.08 63.10 -28.81
N GLY O 55 -23.38 62.32 -29.82
CA GLY O 55 -24.73 61.78 -30.00
C GLY O 55 -25.64 62.61 -30.87
N SER O 56 -25.22 63.80 -31.31
CA SER O 56 -25.99 64.56 -32.27
C SER O 56 -25.96 63.87 -33.63
N THR O 57 -26.90 64.23 -34.49
CA THR O 57 -27.10 63.50 -35.74
C THR O 57 -27.24 64.45 -36.92
N TYR O 58 -26.80 63.98 -38.06
CA TYR O 58 -27.01 64.65 -39.34
C TYR O 58 -27.59 63.62 -40.30
N TYR O 59 -28.62 64.01 -41.05
CA TYR O 59 -29.25 63.15 -42.04
C TYR O 59 -29.20 63.80 -43.42
N ASN O 60 -28.86 63.01 -44.44
CA ASN O 60 -29.01 63.46 -45.81
C ASN O 60 -30.43 64.02 -46.01
N PRO O 61 -30.58 65.25 -46.52
CA PRO O 61 -31.93 65.81 -46.66
C PRO O 61 -32.85 64.97 -47.53
N SER O 62 -32.30 64.18 -48.47
CA SER O 62 -33.14 63.29 -49.26
C SER O 62 -33.71 62.13 -48.44
N LEU O 63 -33.18 61.89 -47.25
CA LEU O 63 -33.63 60.80 -46.41
C LEU O 63 -34.12 61.25 -45.04
N LYS O 64 -34.02 62.54 -44.73
CA LYS O 64 -34.24 63.00 -43.36
C LYS O 64 -35.59 62.54 -42.83
N SER O 65 -36.63 62.57 -43.66
CA SER O 65 -37.95 62.19 -43.15
C SER O 65 -38.09 60.69 -42.91
N ARG O 66 -37.13 59.87 -43.33
CA ARG O 66 -37.29 58.43 -43.19
C ARG O 66 -36.24 57.75 -42.32
N ILE O 67 -35.28 58.47 -41.74
CA ILE O 67 -34.22 57.76 -41.01
C ILE O 67 -34.08 58.30 -39.60
N SER O 68 -33.58 57.43 -38.73
CA SER O 68 -33.07 57.79 -37.41
C SER O 68 -31.77 57.05 -37.22
N ILE O 69 -30.83 57.68 -36.54
CA ILE O 69 -29.62 57.02 -36.10
C ILE O 69 -29.55 57.11 -34.58
N THR O 70 -29.22 56.00 -33.95
CA THR O 70 -29.09 55.91 -32.50
C THR O 70 -27.72 55.33 -32.17
N ARG O 71 -27.36 55.37 -30.90
CA ARG O 71 -26.12 54.73 -30.49
C ARG O 71 -26.30 54.11 -29.12
N ASP O 72 -25.38 53.20 -28.79
CA ASP O 72 -25.29 52.60 -27.46
C ASP O 72 -23.81 52.67 -27.08
N THR O 73 -23.44 53.65 -26.26
CA THR O 73 -22.03 53.82 -25.94
C THR O 73 -21.51 52.69 -25.06
N SER O 74 -22.39 52.03 -24.29
CA SER O 74 -21.95 50.88 -23.50
C SER O 74 -21.44 49.75 -24.38
N LYS O 75 -22.14 49.46 -25.47
CA LYS O 75 -21.76 48.40 -26.39
C LYS O 75 -20.83 48.85 -27.50
N ASN O 76 -20.54 50.15 -27.57
CA ASN O 76 -19.76 50.74 -28.66
C ASN O 76 -20.39 50.39 -30.01
N GLN O 77 -21.70 50.60 -30.10
CA GLN O 77 -22.47 50.31 -31.31
C GLN O 77 -23.33 51.51 -31.66
N TYR O 78 -23.64 51.63 -32.95
CA TYR O 78 -24.63 52.60 -33.40
C TYR O 78 -25.49 51.98 -34.49
N SER O 79 -26.70 52.51 -34.65
CA SER O 79 -27.73 51.82 -35.40
C SER O 79 -28.39 52.77 -36.40
N LEU O 80 -28.87 52.20 -37.48
CA LEU O 80 -29.63 52.88 -38.51
C LEU O 80 -31.05 52.36 -38.51
N HIS O 81 -32.04 53.26 -38.53
CA HIS O 81 -33.43 52.89 -38.71
C HIS O 81 -33.96 53.61 -39.95
N LEU O 82 -34.45 52.84 -40.92
CA LEU O 82 -34.95 53.37 -42.18
C LEU O 82 -36.42 53.01 -42.30
N ASN O 83 -37.29 54.03 -42.34
CA ASN O 83 -38.74 53.85 -42.26
C ASN O 83 -39.34 53.44 -43.60
N SER O 84 -40.41 52.65 -43.52
CA SER O 84 -41.35 52.48 -44.63
C SER O 84 -40.67 52.00 -45.91
N VAL O 85 -39.87 50.93 -45.79
CA VAL O 85 -38.97 50.56 -46.88
C VAL O 85 -39.74 49.94 -48.04
N THR O 86 -39.16 50.05 -49.24
CA THR O 86 -39.64 49.38 -50.46
C THR O 86 -38.44 48.76 -51.16
N ALA O 87 -38.71 48.09 -52.29
CA ALA O 87 -37.64 47.51 -53.09
C ALA O 87 -36.64 48.56 -53.55
N GLU O 88 -37.02 49.85 -53.57
CA GLU O 88 -36.05 50.90 -53.90
C GLU O 88 -34.96 51.05 -52.87
N ASP O 89 -35.11 50.45 -51.68
CA ASP O 89 -34.12 50.51 -50.62
C ASP O 89 -33.20 49.30 -50.59
N THR O 90 -33.47 48.27 -51.38
CA THR O 90 -32.58 47.12 -51.45
C THR O 90 -31.19 47.59 -51.84
N ALA O 91 -30.20 47.23 -51.01
CA ALA O 91 -28.86 47.80 -51.14
C ALA O 91 -27.90 47.05 -50.23
N THR O 92 -26.61 47.33 -50.42
CA THR O 92 -25.60 46.95 -49.45
C THR O 92 -25.34 48.15 -48.56
N PHE O 93 -25.47 47.96 -47.24
CA PHE O 93 -25.33 49.04 -46.28
C PHE O 93 -23.97 48.94 -45.60
N TYR O 94 -23.25 50.07 -45.58
CA TYR O 94 -21.94 50.17 -44.95
C TYR O 94 -21.97 51.15 -43.81
N CYS O 95 -21.30 50.82 -42.71
CA CYS O 95 -20.94 51.85 -41.75
C CYS O 95 -19.48 52.24 -41.95
N ALA O 96 -19.15 53.47 -41.59
CA ALA O 96 -17.79 53.96 -41.82
C ALA O 96 -17.46 55.08 -40.84
N ARG O 97 -16.18 55.16 -40.46
CA ARG O 97 -15.72 56.18 -39.54
C ARG O 97 -15.27 57.41 -40.30
N TYR O 98 -15.61 58.59 -39.77
CA TYR O 98 -14.97 59.83 -40.19
C TYR O 98 -14.00 60.25 -39.09
N TYR O 99 -12.76 60.47 -39.48
CA TYR O 99 -11.68 60.84 -38.57
C TYR O 99 -11.26 62.26 -38.89
N GLY O 100 -11.26 63.13 -37.88
CA GLY O 100 -10.88 64.51 -38.07
C GLY O 100 -11.95 65.46 -37.56
N ASP O 101 -11.95 66.68 -38.08
CA ASP O 101 -12.87 67.72 -37.63
C ASP O 101 -13.50 68.37 -38.86
N ASN O 102 -14.08 69.57 -38.64
CA ASN O 102 -14.82 70.25 -39.69
C ASN O 102 -13.92 70.72 -40.82
N TYR O 103 -12.62 70.78 -40.60
CA TYR O 103 -11.64 71.39 -41.47
C TYR O 103 -10.84 70.36 -42.25
N VAL O 104 -10.32 69.35 -41.55
CA VAL O 104 -9.45 68.34 -42.12
C VAL O 104 -9.90 66.97 -41.60
N GLY O 105 -10.11 66.02 -42.51
CA GLY O 105 -10.49 64.68 -42.10
C GLY O 105 -10.94 63.89 -43.31
N ALA O 106 -11.38 62.65 -43.03
CA ALA O 106 -11.88 61.78 -44.09
C ALA O 106 -12.66 60.62 -43.50
N MET O 107 -13.58 60.08 -44.31
CA MET O 107 -14.15 58.77 -43.97
C MET O 107 -13.11 57.72 -44.33
N ASP O 108 -12.45 57.15 -43.31
CA ASP O 108 -11.31 56.29 -43.61
C ASP O 108 -11.65 54.80 -43.54
N TYR O 109 -12.10 54.30 -42.40
CA TYR O 109 -12.34 52.87 -42.24
C TYR O 109 -13.81 52.55 -42.49
N TRP O 110 -14.07 51.62 -43.40
CA TRP O 110 -15.42 51.16 -43.71
C TRP O 110 -15.62 49.75 -43.17
N GLY O 111 -16.88 49.41 -42.88
CA GLY O 111 -17.22 48.05 -42.54
C GLY O 111 -17.21 47.15 -43.76
N GLN O 112 -17.57 45.89 -43.53
CA GLN O 112 -17.58 44.95 -44.65
C GLN O 112 -18.83 45.02 -45.51
N GLY O 113 -19.86 45.76 -45.09
CA GLY O 113 -21.10 45.85 -45.85
C GLY O 113 -22.05 44.74 -45.47
N THR O 114 -23.35 45.02 -45.45
CA THR O 114 -24.34 43.96 -45.24
C THR O 114 -25.45 44.15 -46.26
N SER O 115 -25.84 43.06 -46.91
CA SER O 115 -26.92 43.11 -47.89
C SER O 115 -28.28 43.12 -47.20
N VAL O 116 -29.17 44.01 -47.63
CA VAL O 116 -30.57 44.01 -47.17
C VAL O 116 -31.46 44.01 -48.40
N THR O 117 -32.38 43.06 -48.47
CA THR O 117 -33.32 42.96 -49.58
C THR O 117 -34.71 43.19 -49.04
N VAL O 118 -35.49 44.03 -49.72
CA VAL O 118 -36.84 44.37 -49.27
C VAL O 118 -37.84 43.64 -50.15
N SER O 119 -38.52 42.66 -49.57
CA SER O 119 -39.48 41.84 -50.29
C SER O 119 -40.39 41.18 -49.27
N SER O 120 -41.63 40.93 -49.70
CA SER O 120 -42.57 40.21 -48.87
C SER O 120 -42.39 38.69 -48.96
N ALA O 121 -41.51 38.21 -49.84
CA ALA O 121 -41.34 36.78 -50.05
C ALA O 121 -40.63 36.12 -48.87
N SER O 122 -40.87 34.83 -48.70
CA SER O 122 -40.24 34.08 -47.62
C SER O 122 -38.80 33.73 -48.00
N THR O 123 -37.95 33.57 -46.99
CA THR O 123 -36.61 33.03 -47.23
C THR O 123 -36.70 31.63 -47.82
N LYS O 124 -35.72 31.28 -48.65
CA LYS O 124 -35.65 29.95 -49.23
C LYS O 124 -34.18 29.54 -49.29
N GLY O 125 -33.87 28.36 -48.76
CA GLY O 125 -32.51 27.88 -48.81
C GLY O 125 -32.19 27.22 -50.13
N PRO O 126 -30.92 27.20 -50.51
CA PRO O 126 -30.53 26.68 -51.82
C PRO O 126 -30.56 25.16 -51.87
N SER O 127 -30.74 24.65 -53.08
CA SER O 127 -30.32 23.31 -53.43
C SER O 127 -28.87 23.38 -53.89
N VAL O 128 -28.07 22.35 -53.57
CA VAL O 128 -26.66 22.31 -53.94
C VAL O 128 -26.43 21.03 -54.74
N PHE O 129 -26.07 21.17 -56.00
CA PHE O 129 -25.87 20.03 -56.88
C PHE O 129 -24.43 19.99 -57.38
N PRO O 130 -23.84 18.80 -57.54
CA PRO O 130 -22.47 18.74 -58.05
C PRO O 130 -22.40 19.06 -59.54
N LEU O 131 -21.33 19.72 -59.92
CA LEU O 131 -20.94 19.89 -61.32
C LEU O 131 -19.74 18.95 -61.49
N ALA O 132 -20.02 17.75 -61.98
CA ALA O 132 -19.03 16.68 -61.88
C ALA O 132 -17.98 16.84 -62.97
N PRO O 133 -16.71 16.63 -62.63
CA PRO O 133 -15.67 16.67 -63.66
C PRO O 133 -15.76 15.43 -64.54
N SER O 134 -15.59 15.65 -65.85
CA SER O 134 -15.54 14.58 -66.81
C SER O 134 -14.61 15.01 -67.94
N SER O 135 -14.50 14.17 -68.97
CA SER O 135 -13.73 14.58 -70.14
C SER O 135 -14.37 15.82 -70.77
N LYS O 136 -15.68 15.98 -70.63
CA LYS O 136 -16.42 17.16 -71.10
C LYS O 136 -16.03 18.43 -70.37
N SER O 137 -15.34 18.34 -69.24
CA SER O 137 -14.88 19.50 -68.50
C SER O 137 -13.38 19.46 -68.29
N THR O 138 -12.65 18.81 -69.20
CA THR O 138 -11.20 18.71 -69.12
C THR O 138 -10.56 19.21 -70.41
N SER O 139 -9.44 19.92 -70.26
CA SER O 139 -8.54 20.24 -71.36
C SER O 139 -7.13 19.83 -70.95
N GLY O 140 -6.60 18.78 -71.61
CA GLY O 140 -5.26 18.32 -71.31
C GLY O 140 -5.10 17.80 -69.90
N GLY O 141 -4.34 18.52 -69.07
CA GLY O 141 -4.16 18.18 -67.68
C GLY O 141 -4.97 19.01 -66.70
N THR O 142 -5.97 19.74 -67.17
CA THR O 142 -6.74 20.66 -66.35
C THR O 142 -8.21 20.27 -66.40
N ALA O 143 -8.77 19.94 -65.23
CA ALA O 143 -10.16 19.56 -65.11
C ALA O 143 -10.93 20.64 -64.34
N ALA O 144 -12.16 20.91 -64.76
CA ALA O 144 -13.04 21.81 -64.04
C ALA O 144 -14.14 21.01 -63.37
N LEU O 145 -14.50 21.42 -62.15
CA LEU O 145 -15.57 20.82 -61.37
C LEU O 145 -16.18 21.94 -60.54
N GLY O 146 -17.32 21.68 -59.91
CA GLY O 146 -17.91 22.75 -59.12
C GLY O 146 -19.20 22.32 -58.44
N CYS O 147 -19.89 23.32 -57.88
CA CYS O 147 -21.21 23.14 -57.28
C CYS O 147 -22.18 24.16 -57.84
N LEU O 148 -23.39 23.70 -58.19
CA LEU O 148 -24.49 24.59 -58.57
C LEU O 148 -25.34 24.88 -57.33
N VAL O 149 -25.47 26.15 -56.97
CA VAL O 149 -26.15 26.58 -55.76
C VAL O 149 -27.41 27.31 -56.21
N LYS O 150 -28.56 26.65 -56.11
CA LYS O 150 -29.72 27.00 -56.92
C LYS O 150 -30.94 27.29 -56.06
N ASP O 151 -31.73 28.28 -56.48
CA ASP O 151 -33.08 28.51 -55.96
C ASP O 151 -33.07 28.93 -54.49
N TYR O 152 -32.29 29.97 -54.19
CA TYR O 152 -32.30 30.50 -52.85
C TYR O 152 -32.75 31.95 -52.85
N PHE O 153 -33.13 32.43 -51.66
CA PHE O 153 -33.57 33.82 -51.49
C PHE O 153 -33.49 34.20 -50.03
N PRO O 154 -32.96 35.40 -49.68
CA PRO O 154 -32.29 36.39 -50.52
C PRO O 154 -30.78 36.14 -50.56
N GLU O 155 -30.04 37.05 -51.19
CA GLU O 155 -28.60 37.13 -50.98
C GLU O 155 -28.29 37.41 -49.52
N PRO O 156 -27.10 37.02 -49.03
CA PRO O 156 -25.99 36.37 -49.72
C PRO O 156 -25.86 34.90 -49.35
N VAL O 157 -25.04 34.22 -50.12
CA VAL O 157 -24.61 32.87 -49.80
C VAL O 157 -23.09 32.90 -49.79
N THR O 158 -22.47 32.07 -48.96
CA THR O 158 -21.03 31.91 -48.96
C THR O 158 -20.68 30.50 -49.39
N VAL O 159 -19.63 30.38 -50.21
CA VAL O 159 -19.17 29.08 -50.68
C VAL O 159 -17.67 29.00 -50.44
N SER O 160 -17.23 27.88 -49.88
CA SER O 160 -15.80 27.59 -49.78
C SER O 160 -15.59 26.16 -50.25
N TRP O 161 -14.33 25.82 -50.51
CA TRP O 161 -13.95 24.51 -50.99
C TRP O 161 -12.96 23.87 -50.03
N ASN O 162 -13.25 22.64 -49.61
CA ASN O 162 -12.39 21.93 -48.67
C ASN O 162 -12.11 22.80 -47.45
N SER O 163 -13.15 23.53 -47.02
CA SER O 163 -13.14 24.35 -45.81
C SER O 163 -12.10 25.46 -45.85
N GLY O 164 -11.78 25.96 -47.05
CA GLY O 164 -10.86 27.05 -47.21
C GLY O 164 -9.47 26.66 -47.68
N ALA O 165 -9.16 25.37 -47.72
CA ALA O 165 -7.83 24.94 -48.18
C ALA O 165 -7.64 25.25 -49.66
N LEU O 166 -8.69 25.14 -50.46
CA LEU O 166 -8.59 25.28 -51.90
C LEU O 166 -9.11 26.65 -52.29
N THR O 167 -8.22 27.51 -52.79
CA THR O 167 -8.62 28.84 -53.23
C THR O 167 -8.08 29.15 -54.63
N SER O 168 -6.98 28.53 -55.03
CA SER O 168 -6.42 28.80 -56.35
C SER O 168 -7.31 28.23 -57.44
N GLY O 169 -7.52 29.01 -58.50
CA GLY O 169 -8.33 28.55 -59.59
C GLY O 169 -9.79 28.38 -59.24
N VAL O 170 -10.29 29.11 -58.24
CA VAL O 170 -11.70 29.09 -57.85
C VAL O 170 -12.37 30.31 -58.44
N HIS O 171 -13.51 30.11 -59.09
CA HIS O 171 -14.38 31.20 -59.50
C HIS O 171 -15.73 30.94 -58.86
N THR O 172 -16.19 31.85 -58.01
CA THR O 172 -17.57 31.78 -57.52
C THR O 172 -18.32 32.89 -58.24
N PHE O 173 -19.22 32.52 -59.15
CA PHE O 173 -19.86 33.50 -59.99
C PHE O 173 -20.83 34.35 -59.16
N PRO O 174 -21.01 35.63 -59.53
CA PRO O 174 -22.07 36.42 -58.91
C PRO O 174 -23.41 35.75 -59.09
N ALA O 175 -24.26 35.81 -58.06
CA ALA O 175 -25.60 35.28 -58.18
C ALA O 175 -26.43 36.09 -59.19
N VAL O 176 -27.30 35.41 -59.90
CA VAL O 176 -28.16 36.02 -60.91
C VAL O 176 -29.59 35.58 -60.63
N LEU O 177 -30.52 36.53 -60.58
CA LEU O 177 -31.93 36.17 -60.44
C LEU O 177 -32.41 35.36 -61.64
N GLN O 178 -33.16 34.29 -61.35
CA GLN O 178 -33.83 33.49 -62.36
C GLN O 178 -35.22 34.03 -62.62
N SER O 179 -35.92 33.45 -63.61
CA SER O 179 -37.27 33.95 -63.86
C SER O 179 -38.24 33.54 -62.76
N SER O 180 -37.81 32.71 -61.81
CA SER O 180 -38.59 32.42 -60.62
C SER O 180 -38.44 33.49 -59.55
N GLY O 181 -37.56 34.47 -59.74
CA GLY O 181 -37.29 35.45 -58.70
C GLY O 181 -36.36 34.93 -57.62
N LEU O 182 -35.75 33.77 -57.85
CA LEU O 182 -34.81 33.17 -56.92
C LEU O 182 -33.41 33.24 -57.52
N TYR O 183 -32.41 33.29 -56.63
CA TYR O 183 -31.03 33.39 -57.10
C TYR O 183 -30.48 32.02 -57.46
N SER O 184 -29.49 32.02 -58.35
CA SER O 184 -28.70 30.81 -58.59
C SER O 184 -27.28 31.22 -58.92
N LEU O 185 -26.31 30.39 -58.52
CA LEU O 185 -24.93 30.60 -58.93
C LEU O 185 -24.22 29.26 -58.97
N SER O 186 -23.06 29.26 -59.62
CA SER O 186 -22.13 28.14 -59.56
C SER O 186 -20.81 28.62 -58.98
N SER O 187 -20.16 27.73 -58.23
CA SER O 187 -18.77 27.89 -57.82
C SER O 187 -17.96 26.80 -58.51
N VAL O 188 -16.88 27.17 -59.19
CA VAL O 188 -16.11 26.20 -59.98
C VAL O 188 -14.66 26.29 -59.56
N VAL O 189 -13.94 25.19 -59.74
CA VAL O 189 -12.50 25.20 -59.49
C VAL O 189 -11.86 24.39 -60.60
N THR O 190 -10.65 24.78 -60.99
CA THR O 190 -9.89 24.02 -61.97
C THR O 190 -8.72 23.38 -61.24
N VAL O 191 -8.46 22.11 -61.54
CA VAL O 191 -7.47 21.33 -60.81
C VAL O 191 -6.73 20.43 -61.79
N PRO O 192 -5.57 19.91 -61.38
CA PRO O 192 -4.90 18.88 -62.17
C PRO O 192 -5.79 17.65 -62.35
N SER O 193 -5.91 17.20 -63.60
CA SER O 193 -6.67 16.01 -63.94
C SER O 193 -6.34 14.83 -63.03
N SER O 194 -5.04 14.54 -62.87
CA SER O 194 -4.62 13.37 -62.12
C SER O 194 -5.04 13.45 -60.66
N SER O 195 -5.23 14.65 -60.12
CA SER O 195 -5.60 14.78 -58.72
C SER O 195 -6.95 14.15 -58.41
N LEU O 196 -7.82 14.03 -59.42
CA LEU O 196 -9.16 13.50 -59.18
C LEU O 196 -9.15 12.07 -58.66
N GLY O 197 -8.03 11.36 -58.83
CA GLY O 197 -7.95 10.00 -58.33
C GLY O 197 -7.73 9.91 -56.84
N THR O 198 -7.15 10.93 -56.23
CA THR O 198 -6.86 10.83 -54.80
C THR O 198 -7.34 12.01 -53.97
N GLN O 199 -7.65 13.15 -54.56
CA GLN O 199 -8.11 14.29 -53.78
C GLN O 199 -9.63 14.32 -53.83
N THR O 200 -10.24 14.51 -52.67
CA THR O 200 -11.68 14.70 -52.59
C THR O 200 -11.98 16.19 -52.62
N TYR O 201 -12.99 16.56 -53.37
CA TYR O 201 -13.41 17.96 -53.52
C TYR O 201 -14.80 18.11 -52.95
N ILE O 202 -14.94 19.02 -51.98
CA ILE O 202 -16.20 19.26 -51.27
C ILE O 202 -16.44 20.76 -51.26
N CYS O 203 -17.63 21.18 -51.70
CA CYS O 203 -18.01 22.59 -51.60
C CYS O 203 -18.84 22.78 -50.35
N ASN O 204 -18.51 23.82 -49.58
CA ASN O 204 -19.23 24.15 -48.35
C ASN O 204 -20.09 25.37 -48.65
N VAL O 205 -21.39 25.25 -48.43
CA VAL O 205 -22.35 26.29 -48.77
C VAL O 205 -23.09 26.70 -47.51
N ASN O 206 -23.11 28.01 -47.24
CA ASN O 206 -23.80 28.54 -46.09
C ASN O 206 -24.76 29.62 -46.55
N HIS O 207 -26.04 29.46 -46.23
CA HIS O 207 -27.06 30.47 -46.53
C HIS O 207 -27.72 30.83 -45.19
N LYS O 208 -27.18 31.86 -44.55
CA LYS O 208 -27.63 32.22 -43.22
C LYS O 208 -29.09 32.62 -43.16
N PRO O 209 -29.68 33.33 -44.13
CA PRO O 209 -31.08 33.73 -43.98
C PRO O 209 -32.03 32.57 -43.83
N SER O 210 -31.76 31.42 -44.46
CA SER O 210 -32.62 30.26 -44.34
C SER O 210 -32.11 29.24 -43.33
N ASN O 211 -31.02 29.54 -42.65
CA ASN O 211 -30.32 28.57 -41.81
C ASN O 211 -30.11 27.25 -42.53
N THR O 212 -29.53 27.36 -43.73
CA THR O 212 -29.14 26.23 -44.55
C THR O 212 -27.62 26.19 -44.62
N LYS O 213 -27.04 25.08 -44.19
CA LYS O 213 -25.62 24.83 -44.38
C LYS O 213 -25.48 23.45 -44.98
N VAL O 214 -24.69 23.35 -46.05
CA VAL O 214 -24.61 22.13 -46.85
C VAL O 214 -23.16 21.91 -47.26
N ASP O 215 -22.68 20.68 -47.10
CA ASP O 215 -21.45 20.21 -47.74
C ASP O 215 -21.84 19.26 -48.86
N LYS O 216 -21.20 19.39 -50.01
CA LYS O 216 -21.50 18.52 -51.15
C LYS O 216 -20.18 17.98 -51.70
N ARG O 217 -19.99 16.67 -51.61
CA ARG O 217 -18.84 16.06 -52.26
C ARG O 217 -19.07 16.01 -53.76
N VAL O 218 -18.06 16.37 -54.53
CA VAL O 218 -18.19 16.42 -55.98
C VAL O 218 -17.30 15.32 -56.55
N GLU O 219 -17.93 14.25 -57.06
CA GLU O 219 -17.23 13.09 -57.57
C GLU O 219 -17.13 13.11 -59.08
N PRO O 220 -16.03 12.58 -59.63
CA PRO O 220 -15.90 12.48 -61.08
C PRO O 220 -17.03 11.64 -61.68
N LYS O 221 -17.34 11.93 -62.93
CA LYS O 221 -18.38 11.23 -63.68
C LYS O 221 -17.81 10.79 -65.03
N SER O 222 -18.45 9.79 -65.63
CA SER O 222 -18.02 9.30 -66.94
C SER O 222 -18.30 10.32 -68.03
N ASP P 1 -25.72 70.17 -51.55
CA ASP P 1 -25.91 68.97 -52.37
C ASP P 1 -25.16 69.05 -53.70
N ILE P 2 -23.83 68.96 -53.61
CA ILE P 2 -22.96 69.11 -54.78
C ILE P 2 -23.00 67.82 -55.59
N VAL P 3 -23.27 67.97 -56.89
CA VAL P 3 -23.31 66.82 -57.80
C VAL P 3 -21.90 66.46 -58.22
N MET P 4 -21.54 65.18 -58.10
CA MET P 4 -20.26 64.65 -58.53
C MET P 4 -20.50 63.71 -59.71
N THR P 5 -19.78 63.92 -60.81
CA THR P 5 -20.05 63.20 -62.05
C THR P 5 -18.78 62.51 -62.54
N GLN P 6 -18.91 61.23 -62.87
CA GLN P 6 -17.86 60.42 -63.50
C GLN P 6 -18.50 59.86 -64.76
N ALA P 7 -18.34 60.58 -65.87
CA ALA P 7 -19.07 60.22 -67.08
C ALA P 7 -18.70 58.83 -67.58
N ALA P 8 -17.46 58.40 -67.37
CA ALA P 8 -16.99 57.13 -67.91
C ALA P 8 -17.47 55.97 -67.07
N PHE P 9 -18.12 54.99 -67.72
CA PHE P 9 -18.43 53.74 -67.05
C PHE P 9 -17.17 52.93 -66.75
N SER P 10 -16.25 52.88 -67.71
CA SER P 10 -15.03 52.09 -67.54
C SER P 10 -13.88 52.83 -68.21
N ASN P 11 -12.67 52.49 -67.78
CA ASN P 11 -11.47 53.13 -68.31
C ASN P 11 -10.47 52.02 -68.63
N PRO P 12 -10.50 51.47 -69.84
CA PRO P 12 -9.56 50.41 -70.21
C PRO P 12 -8.16 50.98 -70.41
N VAL P 13 -7.16 50.31 -69.83
CA VAL P 13 -5.78 50.80 -69.88
C VAL P 13 -4.83 49.62 -70.06
N THR P 14 -3.69 49.86 -70.71
CA THR P 14 -2.68 48.81 -70.77
C THR P 14 -1.79 48.85 -69.53
N LEU P 15 -1.20 47.71 -69.21
CA LEU P 15 -0.28 47.63 -68.08
C LEU P 15 0.88 48.60 -68.26
N GLY P 16 1.28 49.24 -67.16
CA GLY P 16 2.49 50.02 -67.10
C GLY P 16 2.36 51.48 -67.51
N ILE P 17 1.22 51.89 -68.09
CA ILE P 17 1.06 53.28 -68.49
C ILE P 17 0.42 54.02 -67.33
N SER P 18 0.44 55.35 -67.38
CA SER P 18 -0.35 56.13 -66.45
C SER P 18 -1.81 56.11 -66.88
N ALA P 19 -2.70 55.98 -65.92
CA ALA P 19 -4.13 56.02 -66.18
C ALA P 19 -4.71 57.29 -65.58
N SER P 20 -5.76 57.81 -66.22
CA SER P 20 -6.44 58.99 -65.70
C SER P 20 -7.94 58.72 -65.68
N ILE P 21 -8.56 59.06 -64.55
CA ILE P 21 -9.99 58.88 -64.35
C ILE P 21 -10.54 60.23 -63.94
N SER P 22 -11.53 60.71 -64.68
CA SER P 22 -12.00 62.07 -64.53
C SER P 22 -13.20 62.13 -63.58
N CYS P 23 -13.36 63.30 -62.97
CA CYS P 23 -14.48 63.58 -62.07
C CYS P 23 -14.74 65.08 -62.18
N ARG P 24 -16.02 65.45 -62.19
CA ARG P 24 -16.42 66.85 -62.25
C ARG P 24 -17.43 67.13 -61.14
N SER P 25 -17.35 68.32 -60.55
CA SER P 25 -18.28 68.74 -59.51
C SER P 25 -19.13 69.89 -60.01
N SER P 26 -20.35 70.00 -59.47
CA SER P 26 -21.27 71.04 -59.92
C SER P 26 -20.92 72.40 -59.30
N LYS P 27 -20.09 72.41 -58.26
CA LYS P 27 -19.61 73.62 -57.61
C LYS P 27 -18.15 73.40 -57.25
N SER P 28 -17.42 74.50 -57.08
CA SER P 28 -16.02 74.40 -56.71
C SER P 28 -15.87 73.73 -55.36
N LEU P 29 -14.93 72.79 -55.28
CA LEU P 29 -14.63 72.10 -54.03
C LEU P 29 -13.54 72.81 -53.24
N LEU P 30 -13.03 73.93 -53.75
CA LEU P 30 -11.95 74.65 -53.10
C LEU P 30 -12.55 75.69 -52.14
N HIS P 31 -12.22 75.57 -50.86
CA HIS P 31 -12.68 76.51 -49.85
C HIS P 31 -11.71 77.69 -49.78
N SER P 32 -12.20 78.79 -49.22
CA SER P 32 -11.32 79.94 -49.03
C SER P 32 -10.09 79.58 -48.21
N ASN P 33 -10.20 78.59 -47.32
CA ASN P 33 -9.05 78.15 -46.53
C ASN P 33 -7.98 77.46 -47.36
N GLY P 34 -8.18 77.29 -48.67
CA GLY P 34 -7.15 76.70 -49.51
C GLY P 34 -7.22 75.19 -49.66
N ILE P 35 -8.13 74.51 -48.99
CA ILE P 35 -8.24 73.06 -49.06
C ILE P 35 -9.32 72.70 -50.07
N THR P 36 -9.04 71.69 -50.91
CA THR P 36 -10.01 71.16 -51.87
C THR P 36 -10.59 69.88 -51.29
N TYR P 37 -11.91 69.85 -51.13
CA TYR P 37 -12.57 68.82 -50.34
C TYR P 37 -13.00 67.66 -51.24
N LEU P 38 -11.98 67.09 -51.89
CA LEU P 38 -12.12 66.00 -52.85
C LEU P 38 -11.48 64.73 -52.29
N TYR P 39 -12.14 63.59 -52.52
CA TYR P 39 -11.68 62.30 -52.03
C TYR P 39 -11.78 61.30 -53.17
N TRP P 40 -10.92 60.28 -53.14
CA TRP P 40 -10.99 59.14 -54.05
C TRP P 40 -11.04 57.85 -53.25
N TYR P 41 -11.98 56.98 -53.61
CA TYR P 41 -12.14 55.66 -53.01
C TYR P 41 -12.01 54.61 -54.09
N LEU P 42 -11.58 53.42 -53.68
CA LEU P 42 -11.47 52.29 -54.59
C LEU P 42 -12.23 51.13 -53.98
N GLN P 43 -13.08 50.48 -54.76
CA GLN P 43 -13.74 49.25 -54.32
C GLN P 43 -13.27 48.14 -55.27
N LYS P 44 -12.32 47.33 -54.80
CA LYS P 44 -11.87 46.17 -55.56
C LYS P 44 -12.94 45.08 -55.51
N PRO P 45 -12.95 44.18 -56.48
CA PRO P 45 -13.98 43.12 -56.48
C PRO P 45 -13.96 42.33 -55.19
N GLY P 46 -15.11 42.24 -54.54
CA GLY P 46 -15.24 41.48 -53.31
C GLY P 46 -14.82 42.19 -52.04
N GLN P 47 -14.42 43.45 -52.10
CA GLN P 47 -14.00 44.18 -50.92
C GLN P 47 -14.91 45.38 -50.67
N SER P 48 -14.82 45.92 -49.46
CA SER P 48 -15.45 47.19 -49.14
C SER P 48 -14.68 48.34 -49.79
N PRO P 49 -15.30 49.51 -49.93
CA PRO P 49 -14.54 50.67 -50.42
C PRO P 49 -13.37 50.96 -49.52
N GLN P 50 -12.32 51.50 -50.12
CA GLN P 50 -11.08 51.80 -49.42
C GLN P 50 -10.66 53.21 -49.78
N LEU P 51 -10.30 54.01 -48.77
CA LEU P 51 -9.83 55.36 -49.04
C LEU P 51 -8.46 55.34 -49.72
N LEU P 52 -8.31 56.11 -50.78
CA LEU P 52 -7.03 56.29 -51.47
C LEU P 52 -6.42 57.66 -51.19
N ILE P 53 -7.16 58.72 -51.49
CA ILE P 53 -6.68 60.09 -51.38
C ILE P 53 -7.74 60.89 -50.64
N TYR P 54 -7.32 61.72 -49.68
CA TYR P 54 -8.26 62.60 -49.00
C TYR P 54 -7.85 64.06 -49.12
N GLN P 55 -8.84 64.91 -49.38
CA GLN P 55 -8.65 66.35 -49.55
C GLN P 55 -7.58 66.62 -50.61
N MET P 56 -7.70 65.90 -51.73
CA MET P 56 -7.02 66.16 -52.98
C MET P 56 -5.56 65.72 -52.96
N SER P 57 -4.84 66.03 -51.88
CA SER P 57 -3.38 65.95 -51.92
C SER P 57 -2.77 65.03 -50.88
N ASN P 58 -3.58 64.28 -50.13
CA ASN P 58 -3.06 63.44 -49.05
C ASN P 58 -3.33 61.98 -49.37
N LEU P 59 -2.29 61.15 -49.26
CA LEU P 59 -2.42 59.72 -49.47
C LEU P 59 -2.83 59.03 -48.18
N ALA P 60 -3.81 58.13 -48.27
CA ALA P 60 -4.18 57.33 -47.11
C ALA P 60 -3.06 56.39 -46.73
N SER P 61 -3.08 55.94 -45.48
CA SER P 61 -2.04 55.03 -44.98
C SER P 61 -2.05 53.73 -45.76
N GLY P 62 -0.85 53.22 -46.05
CA GLY P 62 -0.71 52.00 -46.82
C GLY P 62 -0.94 52.13 -48.30
N VAL P 63 -1.39 53.29 -48.78
CA VAL P 63 -1.67 53.44 -50.21
C VAL P 63 -0.35 53.76 -50.93
N PRO P 64 0.00 53.03 -51.98
CA PRO P 64 1.28 53.30 -52.67
C PRO P 64 1.27 54.64 -53.39
N ASP P 65 2.47 55.18 -53.59
CA ASP P 65 2.70 56.53 -54.10
C ASP P 65 2.37 56.68 -55.61
N ARG P 66 1.77 55.68 -56.23
CA ARG P 66 1.38 55.74 -57.63
C ARG P 66 0.08 56.50 -57.86
N PHE P 67 -0.64 56.89 -56.82
CA PHE P 67 -1.92 57.58 -56.95
C PHE P 67 -1.74 59.07 -56.65
N SER P 68 -2.31 59.91 -57.51
CA SER P 68 -2.27 61.36 -57.27
C SER P 68 -3.49 61.98 -57.89
N SER P 69 -3.81 63.19 -57.44
CA SER P 69 -5.01 63.87 -57.90
C SER P 69 -4.64 65.24 -58.42
N SER P 70 -5.25 65.62 -59.54
CA SER P 70 -4.95 66.86 -60.22
C SER P 70 -6.24 67.57 -60.62
N GLY P 71 -6.09 68.79 -61.07
CA GLY P 71 -7.22 69.63 -61.42
C GLY P 71 -7.46 70.69 -60.37
N SER P 72 -8.43 71.55 -60.67
CA SER P 72 -8.78 72.60 -59.73
C SER P 72 -10.23 72.99 -59.87
N GLY P 73 -10.85 73.29 -58.74
CA GLY P 73 -12.19 73.82 -58.71
C GLY P 73 -13.27 72.80 -58.93
N THR P 74 -13.57 72.53 -60.21
CA THR P 74 -14.66 71.64 -60.57
C THR P 74 -14.26 70.51 -61.50
N ASP P 75 -13.02 70.45 -61.98
CA ASP P 75 -12.58 69.40 -62.91
C ASP P 75 -11.35 68.73 -62.36
N PHE P 76 -11.43 67.42 -62.11
CA PHE P 76 -10.38 66.71 -61.41
C PHE P 76 -10.05 65.41 -62.14
N THR P 77 -8.83 64.93 -61.92
CA THR P 77 -8.43 63.64 -62.43
C THR P 77 -7.68 62.88 -61.35
N LEU P 78 -7.97 61.60 -61.25
CA LEU P 78 -7.15 60.66 -60.50
C LEU P 78 -6.12 60.10 -61.45
N ARG P 79 -4.84 60.21 -61.10
CA ARG P 79 -3.75 59.64 -61.89
C ARG P 79 -3.23 58.40 -61.20
N ILE P 80 -3.11 57.31 -61.95
CA ILE P 80 -2.50 56.09 -61.44
C ILE P 80 -1.26 55.87 -62.28
N SER P 81 -0.09 55.99 -61.67
CA SER P 81 1.11 55.79 -62.46
C SER P 81 1.44 54.29 -62.51
N ARG P 82 2.00 53.88 -63.65
CA ARG P 82 2.44 52.51 -63.89
C ARG P 82 1.40 51.50 -63.43
N VAL P 83 0.25 51.50 -64.11
CA VAL P 83 -0.89 50.67 -63.70
C VAL P 83 -0.51 49.20 -63.60
N GLU P 84 -0.98 48.56 -62.53
CA GLU P 84 -0.79 47.14 -62.27
C GLU P 84 -2.10 46.39 -62.43
N ALA P 85 -1.99 45.08 -62.66
CA ALA P 85 -3.18 44.27 -62.82
C ALA P 85 -4.04 44.29 -61.55
N GLU P 86 -3.40 44.39 -60.40
CA GLU P 86 -4.10 44.42 -59.12
C GLU P 86 -4.89 45.71 -58.91
N ASP P 87 -4.76 46.70 -59.80
CA ASP P 87 -5.45 47.98 -59.66
C ASP P 87 -6.91 47.94 -60.11
N VAL P 88 -7.39 46.84 -60.68
CA VAL P 88 -8.74 46.84 -61.23
C VAL P 88 -9.75 46.98 -60.10
N GLY P 89 -10.85 47.63 -60.42
CA GLY P 89 -11.89 47.90 -59.45
C GLY P 89 -12.62 49.17 -59.85
N VAL P 90 -13.54 49.59 -58.99
CA VAL P 90 -14.34 50.79 -59.27
C VAL P 90 -13.79 51.94 -58.43
N TYR P 91 -13.42 53.03 -59.12
CA TYR P 91 -12.86 54.22 -58.50
C TYR P 91 -13.97 55.25 -58.40
N TYR P 92 -14.21 55.74 -57.19
CA TYR P 92 -15.22 56.76 -56.93
C TYR P 92 -14.56 58.05 -56.47
N CYS P 93 -15.00 59.18 -57.02
CA CYS P 93 -14.71 60.46 -56.38
C CYS P 93 -15.82 60.82 -55.41
N ALA P 94 -15.49 61.70 -54.46
CA ALA P 94 -16.47 62.11 -53.46
C ALA P 94 -16.09 63.50 -52.96
N GLN P 95 -17.08 64.21 -52.38
CA GLN P 95 -16.82 65.52 -51.79
C GLN P 95 -17.58 65.61 -50.47
N ASN P 96 -17.10 66.51 -49.61
CA ASN P 96 -17.83 66.88 -48.40
C ASN P 96 -17.58 68.35 -48.05
N LEU P 97 -17.33 69.18 -49.06
CA LEU P 97 -17.32 70.62 -48.80
C LEU P 97 -18.64 71.08 -48.22
N GLU P 98 -19.74 70.60 -48.80
CA GLU P 98 -21.08 70.70 -48.24
C GLU P 98 -21.57 69.30 -47.92
N LEU P 99 -22.23 69.14 -46.78
CA LEU P 99 -22.93 67.89 -46.57
C LEU P 99 -24.26 67.92 -47.35
N PRO P 100 -24.82 66.75 -47.72
CA PRO P 100 -24.30 65.40 -47.48
C PRO P 100 -23.06 65.11 -48.31
N TRP P 101 -22.20 64.21 -47.85
CA TRP P 101 -21.24 63.58 -48.75
C TRP P 101 -21.94 63.14 -50.03
N THR P 102 -21.31 63.38 -51.17
CA THR P 102 -21.83 62.88 -52.42
C THR P 102 -20.69 62.25 -53.21
N PHE P 103 -21.05 61.26 -54.01
CA PHE P 103 -20.12 60.40 -54.72
C PHE P 103 -20.39 60.45 -56.21
N GLY P 104 -19.33 60.36 -57.00
CA GLY P 104 -19.51 60.10 -58.41
C GLY P 104 -20.08 58.71 -58.62
N GLY P 105 -20.52 58.44 -59.83
CA GLY P 105 -21.10 57.14 -60.10
C GLY P 105 -20.09 56.01 -60.26
N GLY P 106 -18.82 56.32 -60.15
CA GLY P 106 -17.75 55.33 -60.26
C GLY P 106 -17.29 55.13 -61.69
N THR P 107 -16.03 54.71 -61.82
CA THR P 107 -15.46 54.31 -63.10
C THR P 107 -14.63 53.06 -62.86
N LYS P 108 -14.89 52.01 -63.63
CA LYS P 108 -14.22 50.72 -63.44
C LYS P 108 -12.92 50.74 -64.24
N LEU P 109 -11.79 50.54 -63.57
CA LEU P 109 -10.54 50.40 -64.30
C LEU P 109 -10.44 48.98 -64.85
N GLU P 110 -10.14 48.86 -66.15
CA GLU P 110 -10.07 47.57 -66.81
C GLU P 110 -8.73 47.44 -67.51
N ILE P 111 -8.07 46.30 -67.33
CA ILE P 111 -6.77 46.07 -67.97
C ILE P 111 -7.03 45.55 -69.37
N LYS P 112 -6.42 46.17 -70.36
CA LYS P 112 -6.40 45.62 -71.71
C LYS P 112 -5.21 44.68 -71.79
N ARG P 113 -5.46 43.38 -71.78
CA ARG P 113 -4.40 42.38 -71.98
C ARG P 113 -4.56 41.75 -73.35
N THR P 114 -3.66 40.81 -73.70
CA THR P 114 -3.83 40.13 -74.97
C THR P 114 -5.14 39.37 -75.00
N VAL P 115 -5.75 39.33 -76.19
CA VAL P 115 -6.87 38.43 -76.42
C VAL P 115 -6.50 37.03 -75.98
N ALA P 116 -7.48 36.35 -75.39
CA ALA P 116 -7.31 35.02 -74.81
C ALA P 116 -8.64 34.32 -75.00
N ALA P 117 -8.63 33.20 -75.68
CA ALA P 117 -9.88 32.48 -75.92
C ALA P 117 -10.34 31.77 -74.66
N PRO P 118 -11.64 31.49 -74.56
CA PRO P 118 -12.14 30.72 -73.40
C PRO P 118 -11.82 29.24 -73.58
N SER P 119 -11.47 28.59 -72.47
CA SER P 119 -11.63 27.13 -72.45
C SER P 119 -13.08 26.85 -72.13
N VAL P 120 -13.71 25.98 -72.91
CA VAL P 120 -15.14 25.75 -72.78
C VAL P 120 -15.38 24.37 -72.20
N PHE P 121 -16.11 24.33 -71.10
CA PHE P 121 -16.42 23.10 -70.37
C PHE P 121 -17.93 22.97 -70.23
N ILE P 122 -18.44 21.74 -70.25
CA ILE P 122 -19.88 21.53 -70.12
C ILE P 122 -20.15 20.47 -69.05
N PHE P 123 -21.22 20.68 -68.29
CA PHE P 123 -21.59 19.83 -67.16
C PHE P 123 -23.03 19.39 -67.38
N PRO P 124 -23.29 18.10 -67.56
CA PRO P 124 -24.68 17.64 -67.59
C PRO P 124 -25.31 17.72 -66.22
N PRO P 125 -26.64 17.62 -66.12
CA PRO P 125 -27.29 17.69 -64.81
C PRO P 125 -26.88 16.53 -63.92
N SER P 126 -26.94 16.78 -62.61
CA SER P 126 -26.65 15.77 -61.61
C SER P 126 -27.83 14.81 -61.47
N ASP P 127 -27.54 13.60 -61.03
CA ASP P 127 -28.63 12.67 -60.73
C ASP P 127 -29.48 13.19 -59.59
N GLU P 128 -28.85 13.85 -58.61
CA GLU P 128 -29.60 14.45 -57.51
C GLU P 128 -30.64 15.44 -58.02
N GLN P 129 -30.24 16.35 -58.91
CA GLN P 129 -31.20 17.31 -59.43
C GLN P 129 -32.27 16.62 -60.28
N LEU P 130 -31.86 15.68 -61.13
CA LEU P 130 -32.85 14.98 -61.96
C LEU P 130 -33.91 14.29 -61.10
N LYS P 131 -33.49 13.71 -59.97
CA LYS P 131 -34.45 13.09 -59.06
C LYS P 131 -35.46 14.09 -58.52
N SER P 132 -35.08 15.36 -58.43
CA SER P 132 -35.99 16.40 -57.94
C SER P 132 -36.90 16.95 -59.04
N GLY P 133 -36.74 16.51 -60.29
CA GLY P 133 -37.65 16.89 -61.35
C GLY P 133 -37.17 17.95 -62.31
N THR P 134 -35.95 18.46 -62.17
CA THR P 134 -35.45 19.49 -63.07
C THR P 134 -34.05 19.13 -63.55
N ALA P 135 -33.60 19.83 -64.60
CA ALA P 135 -32.31 19.54 -65.21
C ALA P 135 -31.62 20.85 -65.57
N SER P 136 -30.47 21.11 -64.96
CA SER P 136 -29.67 22.29 -65.29
C SER P 136 -28.40 21.84 -65.99
N VAL P 137 -28.12 22.42 -67.16
CA VAL P 137 -26.86 22.17 -67.88
C VAL P 137 -26.02 23.44 -67.81
N VAL P 138 -24.75 23.30 -67.42
CA VAL P 138 -23.88 24.45 -67.20
C VAL P 138 -22.78 24.41 -68.24
N CYS P 139 -22.60 25.52 -68.97
CA CYS P 139 -21.48 25.74 -69.88
C CYS P 139 -20.58 26.79 -69.25
N LEU P 140 -19.31 26.46 -69.07
CA LEU P 140 -18.35 27.36 -68.43
C LEU P 140 -17.36 27.81 -69.48
N LEU P 141 -17.14 29.13 -69.58
CA LEU P 141 -16.09 29.72 -70.39
C LEU P 141 -15.03 30.26 -69.43
N ASN P 142 -13.83 29.69 -69.47
CA ASN P 142 -12.83 30.02 -68.46
C ASN P 142 -11.70 30.86 -69.03
N ASN P 143 -11.35 31.94 -68.31
CA ASN P 143 -10.10 32.70 -68.46
C ASN P 143 -9.93 33.22 -69.90
N PHE P 144 -10.81 34.17 -70.25
CA PHE P 144 -10.79 34.76 -71.58
C PHE P 144 -10.73 36.27 -71.47
N TYR P 145 -10.37 36.89 -72.60
CA TYR P 145 -10.33 38.33 -72.73
C TYR P 145 -10.49 38.65 -74.21
N PRO P 146 -11.34 39.62 -74.61
CA PRO P 146 -12.14 40.55 -73.82
C PRO P 146 -13.41 39.91 -73.28
N ARG P 147 -14.14 40.69 -72.49
CA ARG P 147 -15.32 40.19 -71.80
C ARG P 147 -16.41 39.73 -72.77
N GLU P 148 -16.50 40.35 -73.94
CA GLU P 148 -17.61 40.08 -74.84
C GLU P 148 -17.54 38.66 -75.38
N ALA P 149 -18.63 37.91 -75.21
CA ALA P 149 -18.69 36.54 -75.70
C ALA P 149 -20.13 36.24 -76.04
N LYS P 150 -20.33 35.33 -76.98
CA LYS P 150 -21.67 34.90 -77.37
C LYS P 150 -21.79 33.40 -77.08
N VAL P 151 -22.77 33.03 -76.29
CA VAL P 151 -22.99 31.64 -75.92
C VAL P 151 -24.43 31.29 -76.28
N GLN P 152 -24.59 30.30 -77.15
CA GLN P 152 -25.91 29.86 -77.56
C GLN P 152 -26.07 28.37 -77.25
N TRP P 153 -27.27 27.98 -76.87
CA TRP P 153 -27.59 26.59 -76.60
C TRP P 153 -28.29 25.99 -77.82
N LYS P 154 -27.83 24.80 -78.22
CA LYS P 154 -28.47 24.06 -79.29
C LYS P 154 -28.86 22.71 -78.72
N VAL P 155 -30.12 22.34 -78.91
CA VAL P 155 -30.65 21.07 -78.44
C VAL P 155 -31.10 20.29 -79.67
N ASP P 156 -30.46 19.14 -79.92
CA ASP P 156 -30.63 18.40 -81.16
C ASP P 156 -30.59 19.33 -82.38
N ASN P 157 -29.57 20.19 -82.40
CA ASN P 157 -29.25 21.12 -83.48
C ASN P 157 -30.27 22.26 -83.62
N ALA P 158 -31.19 22.42 -82.67
CA ALA P 158 -32.15 23.51 -82.71
C ALA P 158 -31.72 24.60 -81.73
N LEU P 159 -31.52 25.81 -82.23
CA LEU P 159 -31.16 26.92 -81.38
C LEU P 159 -32.26 27.18 -80.36
N GLN P 160 -31.87 27.30 -79.10
CA GLN P 160 -32.80 27.65 -78.03
C GLN P 160 -32.91 29.15 -77.90
N SER P 161 -34.15 29.64 -77.75
CA SER P 161 -34.38 31.07 -77.65
C SER P 161 -34.51 31.53 -76.21
N GLY P 162 -34.64 30.61 -75.26
CA GLY P 162 -34.79 30.99 -73.86
C GLY P 162 -34.32 29.93 -72.89
N ASN P 163 -34.72 30.10 -71.63
CA ASN P 163 -34.48 29.17 -70.52
C ASN P 163 -33.02 29.15 -70.05
N SER P 164 -32.19 30.12 -70.46
CA SER P 164 -30.82 30.15 -69.99
C SER P 164 -30.46 31.53 -69.44
N GLN P 165 -29.45 31.56 -68.57
CA GLN P 165 -28.94 32.83 -68.09
C GLN P 165 -27.44 32.73 -67.90
N GLU P 166 -26.79 33.89 -67.98
CA GLU P 166 -25.33 34.01 -67.90
C GLU P 166 -24.92 34.76 -66.63
N SER P 167 -23.73 34.43 -66.13
CA SER P 167 -23.09 35.24 -65.10
C SER P 167 -21.62 35.37 -65.46
N VAL P 168 -21.04 36.54 -65.21
CA VAL P 168 -19.66 36.81 -65.57
C VAL P 168 -18.92 37.31 -64.34
N THR P 169 -17.68 36.85 -64.17
CA THR P 169 -16.90 37.33 -63.05
C THR P 169 -16.39 38.75 -63.35
N GLU P 170 -15.96 39.42 -62.29
CA GLU P 170 -15.19 40.64 -62.47
C GLU P 170 -13.81 40.28 -63.02
N GLN P 171 -13.15 41.26 -63.61
CA GLN P 171 -11.83 41.01 -64.20
C GLN P 171 -10.86 40.55 -63.11
N ASP P 172 -10.11 39.49 -63.39
CA ASP P 172 -9.26 38.86 -62.39
C ASP P 172 -8.06 39.76 -62.07
N SER P 173 -7.78 39.94 -60.78
CA SER P 173 -6.73 40.86 -60.33
C SER P 173 -5.35 40.35 -60.66
N LYS P 174 -5.22 39.06 -60.97
CA LYS P 174 -3.91 38.49 -61.26
C LYS P 174 -3.66 38.32 -62.75
N ASP P 175 -4.56 37.67 -63.49
CA ASP P 175 -4.31 37.38 -64.90
C ASP P 175 -5.15 38.22 -65.86
N SER P 176 -5.97 39.12 -65.35
CA SER P 176 -6.74 40.08 -66.17
C SER P 176 -7.74 39.41 -67.08
N THR P 177 -8.20 38.20 -66.75
CA THR P 177 -9.21 37.51 -67.56
C THR P 177 -10.58 37.58 -66.90
N TYR P 178 -11.57 37.19 -67.69
CA TYR P 178 -12.92 36.95 -67.21
C TYR P 178 -13.23 35.48 -67.32
N SER P 179 -14.26 35.05 -66.58
CA SER P 179 -14.87 33.75 -66.83
C SER P 179 -16.38 33.94 -66.78
N LEU P 180 -17.10 33.01 -67.41
CA LEU P 180 -18.52 33.17 -67.63
C LEU P 180 -19.19 31.81 -67.49
N SER P 181 -20.37 31.80 -66.87
CA SER P 181 -21.21 30.61 -66.86
C SER P 181 -22.48 30.89 -67.66
N SER P 182 -22.95 29.88 -68.38
CA SER P 182 -24.28 29.93 -69.00
C SER P 182 -25.01 28.68 -68.54
N THR P 183 -26.20 28.85 -67.98
CA THR P 183 -26.92 27.75 -67.35
C THR P 183 -28.29 27.61 -68.00
N LEU P 184 -28.53 26.45 -68.59
CA LEU P 184 -29.80 26.13 -69.25
C LEU P 184 -30.58 25.25 -68.28
N THR P 185 -31.82 25.63 -67.95
CA THR P 185 -32.60 24.83 -67.01
C THR P 185 -33.92 24.46 -67.64
N LEU P 186 -34.24 23.16 -67.59
CA LEU P 186 -35.46 22.62 -68.16
C LEU P 186 -36.12 21.72 -67.11
N SER P 187 -37.42 21.50 -67.27
CA SER P 187 -38.03 20.43 -66.50
C SER P 187 -37.43 19.11 -66.97
N LYS P 188 -37.41 18.12 -66.06
CA LYS P 188 -36.92 16.80 -66.47
C LYS P 188 -37.70 16.27 -67.66
N ALA P 189 -39.01 16.51 -67.71
CA ALA P 189 -39.83 16.05 -68.82
C ALA P 189 -39.36 16.65 -70.14
N ASP P 190 -39.06 17.95 -70.17
CA ASP P 190 -38.55 18.54 -71.39
C ASP P 190 -37.14 18.07 -71.69
N TYR P 191 -36.31 17.94 -70.66
CA TYR P 191 -34.93 17.50 -70.85
C TYR P 191 -34.88 16.13 -71.51
N GLU P 192 -35.79 15.23 -71.12
CA GLU P 192 -35.79 13.87 -71.65
C GLU P 192 -36.43 13.75 -73.02
N LYS P 193 -36.88 14.85 -73.63
CA LYS P 193 -37.39 14.80 -74.99
C LYS P 193 -36.29 14.86 -76.04
N HIS P 194 -35.05 15.17 -75.67
CA HIS P 194 -34.00 15.44 -76.63
C HIS P 194 -32.74 14.67 -76.26
N LYS P 195 -31.83 14.57 -77.24
CA LYS P 195 -30.62 13.76 -77.10
C LYS P 195 -29.36 14.57 -76.90
N VAL P 196 -29.09 15.52 -77.78
CA VAL P 196 -27.81 16.22 -77.82
C VAL P 196 -27.98 17.60 -77.23
N TYR P 197 -27.21 17.91 -76.20
CA TYR P 197 -27.16 19.23 -75.60
C TYR P 197 -25.80 19.85 -75.92
N ALA P 198 -25.81 21.04 -76.53
CA ALA P 198 -24.58 21.67 -76.97
C ALA P 198 -24.57 23.15 -76.57
N CYS P 199 -23.42 23.67 -76.16
CA CYS P 199 -23.22 25.10 -76.08
C CYS P 199 -22.22 25.52 -77.15
N GLU P 200 -22.60 26.51 -77.94
CA GLU P 200 -21.79 27.02 -79.04
C GLU P 200 -21.29 28.42 -78.66
N VAL P 201 -19.98 28.61 -78.74
CA VAL P 201 -19.31 29.78 -78.17
C VAL P 201 -18.65 30.54 -79.30
N THR P 202 -18.89 31.86 -79.34
CA THR P 202 -18.27 32.77 -80.29
C THR P 202 -17.46 33.79 -79.50
N HIS P 203 -16.21 34.03 -79.91
CA HIS P 203 -15.33 34.92 -79.15
C HIS P 203 -14.21 35.43 -80.04
N GLN P 204 -13.73 36.63 -79.71
CA GLN P 204 -12.61 37.23 -80.44
C GLN P 204 -11.42 36.30 -80.58
N GLY P 205 -11.12 35.52 -79.55
CA GLY P 205 -9.97 34.63 -79.60
C GLY P 205 -10.13 33.34 -80.37
N LEU P 206 -11.34 33.04 -80.84
CA LEU P 206 -11.61 31.82 -81.61
C LEU P 206 -11.77 32.17 -83.08
N SER P 207 -11.10 31.41 -83.96
CA SER P 207 -11.22 31.70 -85.38
C SER P 207 -12.59 31.31 -85.94
N SER P 208 -13.31 30.44 -85.25
CA SER P 208 -14.66 30.06 -85.62
C SER P 208 -15.39 29.64 -84.36
N PRO P 209 -16.72 29.54 -84.40
CA PRO P 209 -17.44 29.08 -83.21
C PRO P 209 -16.99 27.70 -82.77
N VAL P 210 -17.00 27.49 -81.46
CA VAL P 210 -16.62 26.22 -80.84
C VAL P 210 -17.85 25.66 -80.15
N THR P 211 -18.13 24.38 -80.34
CA THR P 211 -19.26 23.73 -79.72
C THR P 211 -18.77 22.63 -78.79
N LYS P 212 -19.27 22.61 -77.56
CA LYS P 212 -19.05 21.49 -76.65
C LYS P 212 -20.41 20.85 -76.39
N SER P 213 -20.47 19.52 -76.44
CA SER P 213 -21.77 18.88 -76.37
C SER P 213 -21.68 17.55 -75.64
N PHE P 214 -22.83 17.08 -75.17
CA PHE P 214 -22.94 15.71 -74.71
C PHE P 214 -24.25 15.13 -75.19
N ASN P 215 -24.32 13.80 -75.17
CA ASN P 215 -25.51 13.05 -75.54
C ASN P 215 -26.18 12.57 -74.26
N ARG P 216 -27.44 12.95 -74.07
CA ARG P 216 -28.12 12.63 -72.81
C ARG P 216 -28.20 11.12 -72.59
N GLU Q 1 -2.73 -0.91 -84.25
CA GLU Q 1 -2.33 -0.47 -85.58
C GLU Q 1 -1.37 0.70 -85.55
N VAL Q 2 -0.90 1.11 -84.37
CA VAL Q 2 0.00 2.25 -84.26
C VAL Q 2 1.40 1.75 -84.03
N GLN Q 3 2.37 2.43 -84.62
CA GLN Q 3 3.77 2.09 -84.53
C GLN Q 3 4.49 3.29 -83.94
N LEU Q 4 5.37 3.05 -82.99
CA LEU Q 4 6.16 4.12 -82.37
C LEU Q 4 7.63 3.77 -82.51
N GLN Q 5 8.44 4.75 -82.94
CA GLN Q 5 9.85 4.52 -83.22
C GLN Q 5 10.72 5.57 -82.55
N GLU Q 6 11.50 5.18 -81.55
CA GLU Q 6 12.44 6.08 -80.89
C GLU Q 6 13.67 6.29 -81.77
N SER Q 7 14.21 7.51 -81.74
CA SER Q 7 15.48 7.75 -82.43
C SER Q 7 16.28 8.79 -81.65
N GLY Q 8 17.59 8.78 -81.88
CA GLY Q 8 18.48 9.73 -81.25
C GLY Q 8 19.83 9.09 -81.00
N PRO Q 9 20.76 9.86 -80.46
CA PRO Q 9 22.12 9.34 -80.25
C PRO Q 9 22.15 8.17 -79.26
N SER Q 10 23.02 7.20 -79.53
CA SER Q 10 23.22 6.09 -78.62
C SER Q 10 24.21 6.40 -77.51
N LEU Q 11 24.95 7.50 -77.63
CA LEU Q 11 26.02 7.87 -76.71
C LEU Q 11 25.93 9.37 -76.50
N VAL Q 12 25.93 9.78 -75.22
CA VAL Q 12 25.88 11.18 -74.82
C VAL Q 12 26.92 11.41 -73.73
N LYS Q 13 27.63 12.55 -73.79
CA LYS Q 13 28.65 12.81 -72.78
C LYS Q 13 28.02 13.30 -71.49
N PRO Q 14 28.60 12.95 -70.34
CA PRO Q 14 28.08 13.46 -69.07
C PRO Q 14 28.04 14.98 -69.08
N SER Q 15 27.00 15.54 -68.46
CA SER Q 15 26.67 16.96 -68.31
C SER Q 15 25.92 17.51 -69.52
N GLN Q 16 25.86 16.80 -70.66
CA GLN Q 16 25.14 17.30 -71.82
C GLN Q 16 23.64 17.04 -71.66
N THR Q 17 22.85 17.64 -72.55
CA THR Q 17 21.43 17.35 -72.66
C THR Q 17 21.22 16.18 -73.63
N LEU Q 18 20.48 15.19 -73.19
CA LEU Q 18 20.08 14.06 -74.02
C LEU Q 18 18.76 14.41 -74.70
N SER Q 19 18.69 14.24 -76.02
CA SER Q 19 17.43 14.46 -76.74
C SER Q 19 17.09 13.22 -77.56
N LEU Q 20 15.84 12.77 -77.44
CA LEU Q 20 15.31 11.65 -78.22
C LEU Q 20 14.02 12.09 -78.88
N THR Q 21 13.67 11.41 -79.97
CA THR Q 21 12.45 11.69 -80.72
C THR Q 21 11.67 10.41 -80.89
N CYS Q 22 10.35 10.50 -80.77
CA CYS Q 22 9.45 9.40 -81.03
C CYS Q 22 8.64 9.73 -82.26
N SER Q 23 8.78 8.92 -83.32
CA SER Q 23 8.03 9.06 -84.55
C SER Q 23 6.84 8.12 -84.48
N VAL Q 24 5.64 8.65 -84.65
CA VAL Q 24 4.40 7.88 -84.50
C VAL Q 24 3.78 7.71 -85.88
N THR Q 25 3.38 6.47 -86.20
CA THR Q 25 2.63 6.20 -87.42
C THR Q 25 1.39 5.40 -87.06
N GLY Q 26 0.31 5.60 -87.82
CA GLY Q 26 -0.90 4.87 -87.58
C GLY Q 26 -1.82 5.50 -86.57
N ASP Q 27 -1.43 6.62 -85.97
CA ASP Q 27 -2.28 7.39 -85.07
C ASP Q 27 -1.74 8.80 -85.11
N SER Q 28 -2.57 9.75 -84.67
CA SER Q 28 -2.16 11.15 -84.63
C SER Q 28 -1.87 11.54 -83.19
N ILE Q 29 -0.76 12.27 -82.98
CA ILE Q 29 -0.45 12.68 -81.61
C ILE Q 29 -1.31 13.84 -81.13
N THR Q 30 -2.21 14.35 -81.98
CA THR Q 30 -3.19 15.33 -81.52
C THR Q 30 -4.45 14.69 -80.95
N SER Q 31 -4.42 13.38 -80.66
CA SER Q 31 -5.40 12.79 -79.75
C SER Q 31 -4.66 11.84 -78.83
N GLY Q 32 -5.17 11.68 -77.62
CA GLY Q 32 -4.55 10.81 -76.63
C GLY Q 32 -3.39 11.47 -75.91
N TYR Q 33 -2.61 10.64 -75.20
CA TYR Q 33 -1.49 11.09 -74.39
C TYR Q 33 -0.25 10.29 -74.77
N TRP Q 34 0.91 10.95 -74.77
CA TRP Q 34 2.10 10.41 -75.42
C TRP Q 34 3.24 10.45 -74.43
N ASN Q 35 3.80 9.28 -74.11
CA ASN Q 35 4.58 9.07 -72.89
C ASN Q 35 6.03 8.69 -73.19
N TRP Q 36 6.89 8.94 -72.21
CA TRP Q 36 8.27 8.47 -72.17
C TRP Q 36 8.47 7.68 -70.89
N ILE Q 37 9.07 6.50 -71.03
CA ILE Q 37 9.43 5.60 -69.92
C ILE Q 37 10.85 5.12 -70.18
N ARG Q 38 11.63 4.90 -69.12
CA ARG Q 38 12.94 4.31 -69.33
C ARG Q 38 13.11 3.07 -68.45
N LYS Q 39 13.98 2.17 -68.91
CA LYS Q 39 14.27 0.90 -68.24
C LYS Q 39 15.76 0.89 -67.95
N PHE Q 40 16.12 0.94 -66.68
CA PHE Q 40 17.53 0.98 -66.31
C PHE Q 40 18.17 -0.39 -66.58
N PRO Q 41 19.51 -0.45 -66.65
CA PRO Q 41 20.17 -1.73 -66.97
C PRO Q 41 19.76 -2.88 -66.08
N GLY Q 42 19.37 -2.63 -64.84
CA GLY Q 42 18.89 -3.71 -63.98
C GLY Q 42 17.40 -4.00 -64.05
N ASN Q 43 16.74 -3.55 -65.12
CA ASN Q 43 15.32 -3.79 -65.46
C ASN Q 43 14.31 -3.02 -64.61
N LYS Q 44 14.73 -2.05 -63.83
CA LYS Q 44 13.76 -1.19 -63.15
C LYS Q 44 13.18 -0.21 -64.15
N LEU Q 45 11.86 0.01 -64.09
CA LEU Q 45 11.16 0.91 -65.02
C LEU Q 45 10.84 2.22 -64.32
N GLU Q 46 11.00 3.35 -65.03
CA GLU Q 46 10.70 4.65 -64.46
C GLU Q 46 9.90 5.44 -65.47
N TYR Q 47 8.70 5.85 -65.07
CA TYR Q 47 7.87 6.72 -65.88
C TYR Q 47 8.45 8.12 -65.88
N MET Q 48 8.61 8.74 -67.05
CA MET Q 48 9.22 10.04 -67.14
C MET Q 48 8.19 11.16 -67.30
N GLY Q 49 7.26 11.02 -68.22
CA GLY Q 49 6.18 11.99 -68.32
C GLY Q 49 5.40 11.84 -69.60
N TYR Q 50 4.51 12.81 -69.84
CA TYR Q 50 3.72 12.78 -71.06
C TYR Q 50 3.58 14.17 -71.66
N ILE Q 51 3.20 14.19 -72.93
CA ILE Q 51 2.65 15.37 -73.59
C ILE Q 51 1.26 14.99 -74.08
N SER Q 52 0.26 15.83 -73.78
CA SER Q 52 -1.11 15.52 -74.14
C SER Q 52 -1.40 15.89 -75.59
N TYR Q 53 -2.59 15.47 -76.05
CA TYR Q 53 -3.09 15.83 -77.37
C TYR Q 53 -3.12 17.34 -77.58
N SER Q 54 -3.18 18.11 -76.50
CA SER Q 54 -3.22 19.57 -76.58
C SER Q 54 -1.84 20.20 -76.47
N GLY Q 55 -0.81 19.40 -76.24
CA GLY Q 55 0.53 19.93 -76.05
C GLY Q 55 0.90 20.25 -74.62
N SER Q 56 -0.01 20.09 -73.65
CA SER Q 56 0.34 20.28 -72.26
C SER Q 56 1.17 19.08 -71.80
N THR Q 57 1.90 19.26 -70.71
CA THR Q 57 2.88 18.26 -70.30
C THR Q 57 2.73 17.92 -68.82
N TYR Q 58 3.11 16.70 -68.49
CA TYR Q 58 3.20 16.23 -67.12
C TYR Q 58 4.56 15.57 -66.97
N TYR Q 59 5.27 15.88 -65.90
CA TYR Q 59 6.57 15.26 -65.62
C TYR Q 59 6.54 14.57 -64.25
N ASN Q 60 7.10 13.37 -64.19
CA ASN Q 60 7.38 12.71 -62.92
C ASN Q 60 8.07 13.70 -61.98
N PRO Q 61 7.51 13.93 -60.79
CA PRO Q 61 8.13 14.94 -59.90
C PRO Q 61 9.59 14.67 -59.58
N SER Q 62 10.02 13.41 -59.63
CA SER Q 62 11.42 13.09 -59.41
C SER Q 62 12.31 13.51 -60.58
N LEU Q 63 11.73 13.84 -61.73
CA LEU Q 63 12.49 14.27 -62.90
C LEU Q 63 12.13 15.67 -63.38
N LYS Q 64 11.12 16.30 -62.75
CA LYS Q 64 10.57 17.53 -63.26
C LYS Q 64 11.64 18.59 -63.49
N SER Q 65 12.62 18.67 -62.60
CA SER Q 65 13.62 19.73 -62.74
C SER Q 65 14.64 19.44 -63.84
N ARG Q 66 14.61 18.27 -64.46
CA ARG Q 66 15.58 17.93 -65.47
C ARG Q 66 15.01 17.60 -66.84
N ILE Q 67 13.70 17.63 -67.05
CA ILE Q 67 13.19 17.18 -68.33
C ILE Q 67 12.30 18.23 -68.98
N SER Q 68 12.21 18.15 -70.31
CA SER Q 68 11.24 18.86 -71.12
C SER Q 68 10.73 17.88 -72.16
N ILE Q 69 9.45 17.97 -72.49
CA ILE Q 69 8.88 17.24 -73.60
C ILE Q 69 8.29 18.26 -74.58
N THR Q 70 8.57 18.04 -75.86
CA THR Q 70 8.12 18.92 -76.94
C THR Q 70 7.44 18.06 -78.00
N ARG Q 71 6.78 18.70 -78.95
CA ARG Q 71 6.20 17.93 -80.05
C ARG Q 71 6.25 18.75 -81.34
N ASP Q 72 6.10 18.05 -82.45
CA ASP Q 72 5.99 18.67 -83.77
C ASP Q 72 4.80 17.97 -84.43
N THR Q 73 3.64 18.63 -84.44
CA THR Q 73 2.44 17.99 -84.94
C THR Q 73 2.50 17.79 -86.46
N SER Q 74 3.27 18.63 -87.19
CA SER Q 74 3.37 18.44 -88.63
C SER Q 74 4.14 17.17 -88.97
N LYS Q 75 5.12 16.80 -88.16
CA LYS Q 75 5.85 15.56 -88.38
C LYS Q 75 5.27 14.39 -87.58
N ASN Q 76 4.26 14.64 -86.76
CA ASN Q 76 3.69 13.63 -85.88
C ASN Q 76 4.79 12.96 -85.04
N GLN Q 77 5.60 13.80 -84.42
CA GLN Q 77 6.70 13.35 -83.57
C GLN Q 77 6.65 14.10 -82.25
N TYR Q 78 7.17 13.48 -81.19
CA TYR Q 78 7.37 14.20 -79.93
C TYR Q 78 8.73 13.80 -79.37
N SER Q 79 9.28 14.65 -78.51
CA SER Q 79 10.67 14.55 -78.10
C SER Q 79 10.83 14.68 -76.59
N LEU Q 80 11.88 14.05 -76.10
CA LEU Q 80 12.30 14.09 -74.69
C LEU Q 80 13.64 14.81 -74.64
N HIS Q 81 13.77 15.76 -73.72
CA HIS Q 81 15.04 16.38 -73.42
C HIS Q 81 15.35 16.13 -71.95
N LEU Q 82 16.50 15.52 -71.67
CA LEU Q 82 16.90 15.17 -70.31
C LEU Q 82 18.20 15.92 -70.00
N ASN Q 83 18.15 16.86 -69.06
CA ASN Q 83 19.25 17.77 -68.76
C ASN Q 83 20.35 17.12 -67.92
N SER Q 84 21.60 17.54 -68.17
CA SER Q 84 22.72 17.34 -67.24
C SER Q 84 22.93 15.86 -66.90
N VAL Q 85 23.02 15.02 -67.94
CA VAL Q 85 22.96 13.56 -67.74
C VAL Q 85 24.26 13.07 -67.11
N THR Q 86 24.16 11.92 -66.44
CA THR Q 86 25.30 11.18 -65.90
C THR Q 86 25.10 9.70 -66.22
N ALA Q 87 26.07 8.86 -65.85
CA ALA Q 87 25.94 7.42 -66.04
C ALA Q 87 24.70 6.86 -65.33
N GLU Q 88 24.14 7.57 -64.35
CA GLU Q 88 22.90 7.13 -63.71
C GLU Q 88 21.72 7.14 -64.65
N ASP Q 89 21.82 7.84 -65.77
CA ASP Q 89 20.75 7.94 -66.76
C ASP Q 89 20.84 6.91 -67.86
N THR Q 90 21.97 6.21 -67.98
CA THR Q 90 22.10 5.14 -68.97
C THR Q 90 20.95 4.15 -68.81
N ALA Q 91 20.23 3.90 -69.90
CA ALA Q 91 18.95 3.20 -69.85
C ALA Q 91 18.47 2.92 -71.26
N THR Q 92 17.47 2.05 -71.36
CA THR Q 92 16.72 1.92 -72.60
C THR Q 92 15.49 2.80 -72.49
N PHE Q 93 15.31 3.69 -73.47
CA PHE Q 93 14.22 4.65 -73.44
C PHE Q 93 13.11 4.20 -74.37
N TYR Q 94 11.87 4.21 -73.87
CA TYR Q 94 10.68 3.83 -74.62
C TYR Q 94 9.72 5.00 -74.72
N CYS Q 95 9.12 5.18 -75.89
CA CYS Q 95 7.88 5.95 -75.95
C CYS Q 95 6.68 5.02 -75.99
N ALA Q 96 5.53 5.51 -75.54
CA ALA Q 96 4.33 4.67 -75.46
C ALA Q 96 3.09 5.54 -75.54
N ARG Q 97 2.04 5.00 -76.14
CA ARG Q 97 0.76 5.69 -76.21
C ARG Q 97 -0.11 5.35 -75.01
N TYR Q 98 -0.77 6.36 -74.46
CA TYR Q 98 -1.89 6.16 -73.54
C TYR Q 98 -3.18 6.40 -74.32
N TYR Q 99 -4.05 5.40 -74.33
CA TYR Q 99 -5.34 5.48 -75.01
C TYR Q 99 -6.43 5.54 -73.97
N GLY Q 100 -7.34 6.51 -74.10
CA GLY Q 100 -8.39 6.67 -73.12
C GLY Q 100 -8.45 8.04 -72.49
N ASP Q 101 -9.12 8.16 -71.34
CA ASP Q 101 -9.26 9.45 -70.66
C ASP Q 101 -8.83 9.29 -69.20
N ASN Q 102 -9.27 10.25 -68.37
CA ASN Q 102 -8.86 10.26 -66.97
C ASN Q 102 -9.43 9.07 -66.19
N TYR Q 103 -10.48 8.46 -66.70
CA TYR Q 103 -11.28 7.46 -66.01
C TYR Q 103 -10.93 6.05 -66.46
N VAL Q 104 -10.88 5.84 -67.78
CA VAL Q 104 -10.67 4.52 -68.38
C VAL Q 104 -9.61 4.65 -69.46
N GLY Q 105 -8.62 3.76 -69.42
CA GLY Q 105 -7.58 3.77 -70.43
C GLY Q 105 -6.37 2.96 -70.01
N ALA Q 106 -5.35 2.99 -70.85
CA ALA Q 106 -4.10 2.29 -70.54
C ALA Q 106 -3.01 2.76 -71.48
N MET Q 107 -1.75 2.54 -71.05
CA MET Q 107 -0.63 2.66 -71.99
C MET Q 107 -0.56 1.37 -72.79
N ASP Q 108 -1.01 1.41 -74.04
CA ASP Q 108 -1.15 0.16 -74.78
C ASP Q 108 0.06 -0.12 -75.67
N TYR Q 109 0.35 0.73 -76.64
CA TYR Q 109 1.38 0.46 -77.64
C TYR Q 109 2.70 1.11 -77.22
N TRP Q 110 3.77 0.32 -77.14
CA TRP Q 110 5.11 0.81 -76.81
C TRP Q 110 5.99 0.78 -78.06
N GLY Q 111 6.98 1.66 -78.11
CA GLY Q 111 7.94 1.63 -79.18
C GLY Q 111 8.93 0.49 -78.98
N GLN Q 112 9.93 0.45 -79.86
CA GLN Q 112 10.89 -0.66 -79.76
C GLN Q 112 11.95 -0.42 -78.71
N GLY Q 113 12.07 0.80 -78.20
CA GLY Q 113 13.09 1.10 -77.21
C GLY Q 113 14.39 1.50 -77.88
N THR Q 114 15.11 2.45 -77.31
CA THR Q 114 16.41 2.84 -77.85
C THR Q 114 17.40 2.98 -76.70
N SER Q 115 18.57 2.40 -76.87
CA SER Q 115 19.60 2.44 -75.84
C SER Q 115 20.32 3.79 -75.86
N VAL Q 116 20.52 4.37 -74.69
CA VAL Q 116 21.36 5.56 -74.55
C VAL Q 116 22.37 5.29 -73.43
N THR Q 117 23.65 5.50 -73.74
CA THR Q 117 24.71 5.32 -72.77
C THR Q 117 25.37 6.68 -72.52
N VAL Q 118 25.58 7.02 -71.26
CA VAL Q 118 26.18 8.31 -70.92
C VAL Q 118 27.63 8.05 -70.52
N SER Q 119 28.55 8.50 -71.38
CA SER Q 119 29.99 8.32 -71.18
C SER Q 119 30.72 9.36 -72.00
N SER Q 120 31.87 9.80 -71.47
CA SER Q 120 32.76 10.69 -72.20
C SER Q 120 33.63 9.94 -73.20
N ALA Q 121 33.60 8.61 -73.19
CA ALA Q 121 34.44 7.83 -74.07
C ALA Q 121 33.99 7.94 -75.53
N SER Q 122 34.95 7.80 -76.44
CA SER Q 122 34.65 7.78 -77.86
C SER Q 122 34.03 6.45 -78.27
N THR Q 123 33.21 6.48 -79.30
CA THR Q 123 32.68 5.25 -79.88
C THR Q 123 33.81 4.39 -80.41
N LYS Q 124 33.59 3.08 -80.41
CA LYS Q 124 34.57 2.14 -80.94
C LYS Q 124 33.82 1.03 -81.66
N GLY Q 125 34.21 0.74 -82.90
CA GLY Q 125 33.57 -0.32 -83.63
C GLY Q 125 34.14 -1.69 -83.27
N PRO Q 126 33.35 -2.74 -83.45
CA PRO Q 126 33.82 -4.08 -83.12
C PRO Q 126 34.81 -4.63 -84.14
N SER Q 127 35.68 -5.52 -83.64
CA SER Q 127 36.32 -6.51 -84.49
C SER Q 127 35.37 -7.71 -84.60
N VAL Q 128 35.32 -8.34 -85.78
CA VAL Q 128 34.45 -9.48 -86.01
C VAL Q 128 35.33 -10.66 -86.42
N PHE Q 129 35.42 -11.66 -85.55
CA PHE Q 129 36.26 -12.83 -85.82
C PHE Q 129 35.41 -14.09 -85.98
N PRO Q 130 35.80 -15.02 -86.86
CA PRO Q 130 35.03 -16.26 -87.00
C PRO Q 130 35.26 -17.20 -85.82
N LEU Q 131 34.20 -17.90 -85.44
CA LEU Q 131 34.27 -19.04 -84.54
C LEU Q 131 34.07 -20.25 -85.46
N ALA Q 132 35.17 -20.81 -85.93
CA ALA Q 132 35.15 -21.77 -87.02
C ALA Q 132 34.64 -23.12 -86.54
N PRO Q 133 33.77 -23.78 -87.29
CA PRO Q 133 33.34 -25.12 -86.92
C PRO Q 133 34.44 -26.14 -87.19
N SER Q 134 34.57 -27.09 -86.26
CA SER Q 134 35.57 -28.14 -86.35
C SER Q 134 35.03 -29.32 -85.57
N SER Q 135 35.80 -30.41 -85.51
CA SER Q 135 35.36 -31.52 -84.67
C SER Q 135 35.19 -31.09 -83.22
N LYS Q 136 35.97 -30.10 -82.79
CA LYS Q 136 35.89 -29.55 -81.43
C LYS Q 136 34.58 -28.82 -81.17
N SER Q 137 33.81 -28.53 -82.21
CA SER Q 137 32.52 -27.87 -82.06
C SER Q 137 31.40 -28.66 -82.70
N THR Q 138 31.55 -29.98 -82.83
CA THR Q 138 30.46 -30.83 -83.31
C THR Q 138 30.15 -31.95 -82.34
N SER Q 139 28.87 -32.31 -82.30
CA SER Q 139 28.37 -33.52 -81.65
C SER Q 139 27.58 -34.30 -82.70
N GLY Q 140 28.13 -35.44 -83.15
CA GLY Q 140 27.45 -36.29 -84.11
C GLY Q 140 27.18 -35.61 -85.43
N GLY Q 141 25.90 -35.31 -85.70
CA GLY Q 141 25.51 -34.61 -86.91
C GLY Q 141 25.30 -33.11 -86.74
N THR Q 142 25.67 -32.56 -85.61
CA THR Q 142 25.39 -31.16 -85.28
C THR Q 142 26.71 -30.43 -85.06
N ALA Q 143 26.91 -29.34 -85.80
CA ALA Q 143 28.10 -28.52 -85.70
C ALA Q 143 27.70 -27.12 -85.25
N ALA Q 144 28.51 -26.52 -84.38
CA ALA Q 144 28.32 -25.13 -83.99
C ALA Q 144 29.39 -24.27 -84.65
N LEU Q 145 28.98 -23.09 -85.07
CA LEU Q 145 29.87 -22.09 -85.64
C LEU Q 145 29.38 -20.73 -85.17
N GLY Q 146 30.15 -19.68 -85.38
CA GLY Q 146 29.70 -18.39 -84.91
C GLY Q 146 30.62 -17.27 -85.30
N CYS Q 147 30.31 -16.08 -84.77
CA CYS Q 147 31.15 -14.89 -84.89
C CYS Q 147 31.36 -14.26 -83.53
N LEU Q 148 32.60 -13.88 -83.23
CA LEU Q 148 32.94 -13.16 -82.02
C LEU Q 148 32.98 -11.67 -82.37
N VAL Q 149 32.16 -10.89 -81.70
CA VAL Q 149 31.97 -9.47 -82.01
C VAL Q 149 32.52 -8.71 -80.81
N LYS Q 150 33.74 -8.19 -80.94
CA LYS Q 150 34.59 -7.90 -79.79
C LYS Q 150 35.03 -6.44 -79.77
N ASP Q 151 35.08 -5.87 -78.57
CA ASP Q 151 35.72 -4.57 -78.32
C ASP Q 151 34.98 -3.42 -78.99
N TYR Q 152 33.68 -3.31 -78.72
CA TYR Q 152 32.93 -2.19 -79.26
C TYR Q 152 32.28 -1.39 -78.15
N PHE Q 153 31.85 -0.16 -78.51
CA PHE Q 153 31.24 0.75 -77.55
C PHE Q 153 30.51 1.86 -78.28
N PRO Q 154 29.27 2.20 -77.88
CA PRO Q 154 28.47 1.53 -76.86
C PRO Q 154 27.54 0.47 -77.48
N GLU Q 155 26.64 -0.08 -76.67
CA GLU Q 155 25.53 -0.85 -77.21
C GLU Q 155 24.68 0.06 -78.10
N PRO Q 156 23.94 -0.49 -79.07
CA PRO Q 156 23.79 -1.91 -79.40
C PRO Q 156 24.51 -2.29 -80.68
N VAL Q 157 24.65 -3.59 -80.90
CA VAL Q 157 25.01 -4.12 -82.21
C VAL Q 157 23.85 -5.00 -82.64
N THR Q 158 23.66 -5.12 -83.94
CA THR Q 158 22.73 -6.10 -84.48
C THR Q 158 23.53 -7.15 -85.23
N VAL Q 159 23.14 -8.40 -85.09
CA VAL Q 159 23.80 -9.50 -85.78
C VAL Q 159 22.72 -10.31 -86.49
N SER Q 160 22.92 -10.58 -87.77
CA SER Q 160 22.08 -11.54 -88.47
C SER Q 160 22.99 -12.57 -89.14
N TRP Q 161 22.37 -13.62 -89.67
CA TRP Q 161 23.09 -14.67 -90.38
C TRP Q 161 22.48 -14.84 -91.76
N ASN Q 162 23.36 -14.85 -92.77
CA ASN Q 162 22.94 -14.98 -94.16
C ASN Q 162 21.82 -14.00 -94.49
N SER Q 163 22.00 -12.75 -94.02
CA SER Q 163 21.07 -11.65 -94.25
C SER Q 163 19.67 -11.97 -93.76
N GLY Q 164 19.57 -12.78 -92.69
CA GLY Q 164 18.29 -13.08 -92.08
C GLY Q 164 17.68 -14.38 -92.53
N ALA Q 165 18.27 -15.06 -93.51
CA ALA Q 165 17.75 -16.34 -93.97
C ALA Q 165 17.91 -17.45 -92.94
N LEU Q 166 18.86 -17.32 -92.01
CA LEU Q 166 19.14 -18.35 -91.02
C LEU Q 166 18.78 -17.81 -89.64
N THR Q 167 17.75 -18.40 -89.02
CA THR Q 167 17.33 -17.95 -87.70
C THR Q 167 17.19 -19.11 -86.71
N SER Q 168 16.93 -20.31 -87.21
CA SER Q 168 16.78 -21.46 -86.32
C SER Q 168 18.14 -21.89 -85.76
N GLY Q 169 18.16 -22.17 -84.46
CA GLY Q 169 19.38 -22.60 -83.82
C GLY Q 169 20.37 -21.50 -83.53
N VAL Q 170 19.97 -20.23 -83.69
CA VAL Q 170 20.85 -19.08 -83.46
C VAL Q 170 20.72 -18.62 -82.02
N HIS Q 171 21.84 -18.37 -81.38
CA HIS Q 171 21.90 -17.71 -80.08
C HIS Q 171 22.84 -16.54 -80.24
N THR Q 172 22.33 -15.32 -80.10
CA THR Q 172 23.20 -14.16 -80.00
C THR Q 172 23.22 -13.77 -78.53
N PHE Q 173 24.37 -13.98 -77.90
CA PHE Q 173 24.47 -13.80 -76.46
C PHE Q 173 24.34 -12.32 -76.11
N PRO Q 174 23.78 -12.02 -74.94
CA PRO Q 174 23.85 -10.63 -74.45
C PRO Q 174 25.28 -10.14 -74.38
N ALA Q 175 25.49 -8.89 -74.76
CA ALA Q 175 26.83 -8.31 -74.65
C ALA Q 175 27.21 -8.15 -73.18
N VAL Q 176 28.49 -8.31 -72.89
CA VAL Q 176 29.02 -8.23 -71.53
C VAL Q 176 30.23 -7.31 -71.57
N LEU Q 177 30.26 -6.32 -70.67
CA LEU Q 177 31.45 -5.47 -70.56
C LEU Q 177 32.67 -6.29 -70.14
N GLN Q 178 33.79 -6.04 -70.81
CA GLN Q 178 35.10 -6.58 -70.49
C GLN Q 178 35.81 -5.65 -69.51
N SER Q 179 36.98 -6.09 -69.02
CA SER Q 179 37.70 -5.22 -68.09
C SER Q 179 38.29 -4.01 -68.79
N SER Q 180 38.21 -3.95 -70.12
CA SER Q 180 38.57 -2.75 -70.87
C SER Q 180 37.45 -1.71 -70.90
N GLY Q 181 36.29 -2.04 -70.35
CA GLY Q 181 35.14 -1.15 -70.48
C GLY Q 181 34.49 -1.21 -71.84
N LEU Q 182 34.87 -2.17 -72.69
CA LEU Q 182 34.29 -2.35 -74.01
C LEU Q 182 33.43 -3.61 -74.02
N TYR Q 183 32.43 -3.64 -74.89
CA TYR Q 183 31.55 -4.80 -74.92
C TYR Q 183 32.13 -5.90 -75.80
N SER Q 184 31.66 -7.13 -75.55
CA SER Q 184 31.98 -8.25 -76.42
C SER Q 184 30.81 -9.22 -76.39
N LEU Q 185 30.57 -9.88 -77.52
CA LEU Q 185 29.56 -10.94 -77.55
C LEU Q 185 29.90 -11.90 -78.67
N SER Q 186 29.30 -13.08 -78.61
CA SER Q 186 29.33 -14.03 -79.72
C SER Q 186 27.90 -14.29 -80.17
N SER Q 187 27.74 -14.52 -81.47
CA SER Q 187 26.52 -15.09 -82.03
C SER Q 187 26.87 -16.46 -82.60
N VAL Q 188 26.13 -17.49 -82.21
CA VAL Q 188 26.43 -18.86 -82.60
C VAL Q 188 25.20 -19.47 -83.26
N VAL Q 189 25.45 -20.51 -84.06
CA VAL Q 189 24.36 -21.24 -84.69
C VAL Q 189 24.78 -22.69 -84.78
N THR Q 190 23.82 -23.59 -84.66
CA THR Q 190 24.05 -25.02 -84.84
C THR Q 190 23.41 -25.43 -86.16
N VAL Q 191 24.14 -26.19 -86.95
CA VAL Q 191 23.71 -26.60 -88.29
C VAL Q 191 24.04 -28.07 -88.48
N PRO Q 192 23.40 -28.74 -89.45
CA PRO Q 192 23.82 -30.09 -89.80
C PRO Q 192 25.29 -30.12 -90.22
N SER Q 193 26.03 -31.05 -89.62
CA SER Q 193 27.44 -31.23 -89.95
C SER Q 193 27.67 -31.26 -91.46
N SER Q 194 26.82 -31.99 -92.18
CA SER Q 194 27.02 -32.18 -93.62
C SER Q 194 26.80 -30.92 -94.43
N SER Q 195 26.04 -29.95 -93.89
CA SER Q 195 25.78 -28.73 -94.66
C SER Q 195 27.04 -27.91 -94.87
N LEU Q 196 28.07 -28.12 -94.06
CA LEU Q 196 29.29 -27.31 -94.15
C LEU Q 196 30.02 -27.49 -95.47
N GLY Q 197 29.67 -28.50 -96.26
CA GLY Q 197 30.35 -28.71 -97.52
C GLY Q 197 29.73 -27.95 -98.67
N THR Q 198 28.49 -27.51 -98.49
CA THR Q 198 27.77 -26.85 -99.58
C THR Q 198 27.18 -25.50 -99.21
N GLN Q 199 27.00 -25.18 -97.93
CA GLN Q 199 26.36 -23.95 -97.52
C GLN Q 199 27.39 -23.01 -96.94
N THR Q 200 27.37 -21.76 -97.39
CA THR Q 200 28.23 -20.73 -96.82
C THR Q 200 27.49 -20.04 -95.68
N TYR Q 201 28.22 -19.75 -94.61
CA TYR Q 201 27.65 -19.13 -93.43
C TYR Q 201 28.35 -17.79 -93.21
N ILE Q 202 27.55 -16.72 -93.17
CA ILE Q 202 28.05 -15.36 -93.10
C ILE Q 202 27.30 -14.65 -91.98
N CYS Q 203 28.02 -14.04 -91.05
CA CYS Q 203 27.38 -13.23 -90.02
C CYS Q 203 27.45 -11.78 -90.48
N ASN Q 204 26.32 -11.09 -90.38
CA ASN Q 204 26.20 -9.68 -90.71
C ASN Q 204 26.18 -8.88 -89.42
N VAL Q 205 27.16 -8.01 -89.22
CA VAL Q 205 27.27 -7.24 -87.98
C VAL Q 205 27.13 -5.76 -88.31
N ASN Q 206 26.26 -5.07 -87.57
CA ASN Q 206 26.05 -3.64 -87.77
C ASN Q 206 26.15 -2.94 -86.43
N HIS Q 207 27.10 -2.02 -86.31
CA HIS Q 207 27.27 -1.19 -85.13
C HIS Q 207 27.09 0.27 -85.58
N LYS Q 208 25.86 0.75 -85.47
CA LYS Q 208 25.55 2.09 -85.96
C LYS Q 208 26.31 3.21 -85.27
N PRO Q 209 26.58 3.18 -83.96
CA PRO Q 209 27.26 4.34 -83.36
C PRO Q 209 28.63 4.62 -83.93
N SER Q 210 29.38 3.60 -84.36
CA SER Q 210 30.73 3.81 -84.87
C SER Q 210 30.78 3.77 -86.39
N ASN Q 211 29.64 3.62 -87.04
CA ASN Q 211 29.56 3.48 -88.50
C ASN Q 211 30.34 2.26 -88.99
N THR Q 212 30.34 1.19 -88.20
CA THR Q 212 30.96 -0.07 -88.56
C THR Q 212 29.90 -1.05 -89.04
N LYS Q 213 30.14 -1.67 -90.20
CA LYS Q 213 29.22 -2.65 -90.73
C LYS Q 213 30.04 -3.69 -91.48
N VAL Q 214 29.91 -4.95 -91.08
CA VAL Q 214 30.86 -6.00 -91.44
C VAL Q 214 30.08 -7.26 -91.78
N ASP Q 215 30.44 -7.91 -92.90
CA ASP Q 215 30.00 -9.26 -93.21
C ASP Q 215 31.22 -10.18 -93.11
N LYS Q 216 31.10 -11.26 -92.34
CA LYS Q 216 32.23 -12.15 -92.11
C LYS Q 216 31.87 -13.58 -92.49
N ARG Q 217 32.57 -14.14 -93.46
CA ARG Q 217 32.36 -15.54 -93.82
C ARG Q 217 33.03 -16.42 -92.78
N VAL Q 218 32.32 -17.47 -92.34
CA VAL Q 218 32.83 -18.37 -91.30
C VAL Q 218 33.09 -19.73 -91.94
N GLU Q 219 34.37 -20.06 -92.15
CA GLU Q 219 34.72 -21.28 -92.85
C GLU Q 219 35.15 -22.37 -91.88
N PRO Q 220 34.90 -23.63 -92.21
CA PRO Q 220 35.35 -24.72 -91.34
C PRO Q 220 36.86 -24.71 -91.19
N LYS Q 221 37.32 -25.20 -90.04
CA LYS Q 221 38.73 -25.34 -89.73
C LYS Q 221 39.04 -26.81 -89.43
N SER Q 222 40.32 -27.15 -89.42
CA SER Q 222 40.76 -28.50 -89.07
C SER Q 222 40.73 -28.71 -87.55
N ASP R 1 2.72 7.72 -57.78
CA ASP R 1 3.42 8.07 -56.53
C ASP R 1 3.39 6.86 -55.60
N ILE R 2 2.45 5.98 -55.91
CA ILE R 2 2.23 4.77 -55.13
C ILE R 2 3.38 3.80 -55.37
N VAL R 3 3.91 3.22 -54.29
CA VAL R 3 4.98 2.22 -54.41
C VAL R 3 4.36 0.88 -54.80
N MET R 4 4.90 0.27 -55.86
CA MET R 4 4.49 -1.04 -56.34
C MET R 4 5.63 -2.03 -56.13
N THR R 5 5.32 -3.16 -55.47
CA THR R 5 6.36 -4.09 -55.05
C THR R 5 6.08 -5.49 -55.55
N GLN R 6 7.09 -6.11 -56.16
CA GLN R 6 7.06 -7.50 -56.64
C GLN R 6 8.25 -8.18 -55.98
N ALA R 7 7.98 -8.83 -54.85
CA ALA R 7 9.08 -9.29 -54.01
C ALA R 7 9.90 -10.37 -54.69
N ALA R 8 9.26 -11.21 -55.50
CA ALA R 8 9.95 -12.32 -56.15
C ALA R 8 10.76 -11.85 -57.35
N PHE R 9 12.03 -12.25 -57.40
CA PHE R 9 12.82 -12.05 -58.61
C PHE R 9 12.34 -12.96 -59.74
N SER R 10 12.05 -14.22 -59.43
CA SER R 10 11.63 -15.18 -60.43
C SER R 10 10.57 -16.09 -59.85
N ASN R 11 9.83 -16.73 -60.75
CA ASN R 11 8.69 -17.58 -60.37
C ASN R 11 8.81 -18.83 -61.22
N PRO R 12 9.54 -19.85 -60.75
CA PRO R 12 9.65 -21.09 -61.52
C PRO R 12 8.36 -21.89 -61.42
N VAL R 13 7.91 -22.40 -62.57
CA VAL R 13 6.66 -23.15 -62.68
C VAL R 13 6.83 -24.30 -63.66
N THR R 14 6.11 -25.39 -63.43
CA THR R 14 6.07 -26.45 -64.43
C THR R 14 5.01 -26.16 -65.49
N LEU R 15 5.23 -26.71 -66.69
CA LEU R 15 4.26 -26.54 -67.77
C LEU R 15 2.89 -27.04 -67.34
N GLY R 16 1.85 -26.33 -67.79
CA GLY R 16 0.49 -26.79 -67.68
C GLY R 16 -0.22 -26.45 -66.38
N ILE R 17 0.48 -25.96 -65.38
CA ILE R 17 -0.13 -25.61 -64.11
C ILE R 17 -0.49 -24.12 -64.16
N SER R 18 -1.32 -23.70 -63.20
CA SER R 18 -1.56 -22.29 -63.02
C SER R 18 -0.38 -21.65 -62.28
N ALA R 19 0.06 -20.51 -62.78
CA ALA R 19 1.12 -19.76 -62.12
C ALA R 19 0.51 -18.50 -61.51
N SER R 20 1.10 -18.05 -60.42
CA SER R 20 0.64 -16.84 -59.73
C SER R 20 1.83 -15.95 -59.44
N ILE R 21 1.72 -14.69 -59.80
CA ILE R 21 2.77 -13.69 -59.57
C ILE R 21 2.15 -12.57 -58.74
N SER R 22 2.77 -12.28 -57.60
CA SER R 22 2.18 -11.34 -56.67
C SER R 22 2.69 -9.92 -56.91
N CYS R 23 1.88 -8.96 -56.49
CA CYS R 23 2.21 -7.53 -56.53
C CYS R 23 1.51 -6.90 -55.34
N ARG R 24 2.16 -5.94 -54.70
CA ARG R 24 1.58 -5.20 -53.59
C ARG R 24 1.77 -3.71 -53.82
N SER R 25 0.75 -2.92 -53.50
CA SER R 25 0.83 -1.47 -53.62
C SER R 25 0.84 -0.84 -52.23
N SER R 26 1.45 0.36 -52.13
CA SER R 26 1.54 1.00 -50.83
C SER R 26 0.26 1.71 -50.44
N LYS R 27 -0.66 1.93 -51.40
CA LYS R 27 -1.98 2.50 -51.15
C LYS R 27 -2.98 1.76 -52.02
N SER R 28 -4.25 1.83 -51.61
CA SER R 28 -5.29 1.16 -52.35
C SER R 28 -5.36 1.67 -53.79
N LEU R 29 -5.47 0.76 -54.74
CA LEU R 29 -5.62 1.17 -56.13
C LEU R 29 -7.08 1.25 -56.53
N LEU R 30 -7.99 1.03 -55.59
CA LEU R 30 -9.42 1.05 -55.86
C LEU R 30 -9.94 2.47 -55.63
N HIS R 31 -10.49 3.06 -56.68
CA HIS R 31 -11.08 4.39 -56.61
C HIS R 31 -12.52 4.29 -56.14
N SER R 32 -13.03 5.40 -55.61
CA SER R 32 -14.44 5.43 -55.23
C SER R 32 -15.36 5.06 -56.40
N ASN R 33 -14.91 5.25 -57.64
CA ASN R 33 -15.72 4.91 -58.80
C ASN R 33 -15.84 3.41 -59.04
N GLY R 34 -15.17 2.57 -58.24
CA GLY R 34 -15.27 1.13 -58.42
C GLY R 34 -14.21 0.51 -59.32
N ILE R 35 -13.32 1.31 -59.88
CA ILE R 35 -12.28 0.81 -60.78
C ILE R 35 -10.99 0.67 -60.00
N THR R 36 -10.28 -0.45 -60.20
CA THR R 36 -8.95 -0.69 -59.63
C THR R 36 -7.93 -0.38 -60.71
N TYR R 37 -7.06 0.59 -60.43
CA TYR R 37 -6.14 1.15 -61.43
C TYR R 37 -4.83 0.37 -61.44
N LEU R 38 -4.96 -0.92 -61.73
CA LEU R 38 -3.85 -1.87 -61.75
C LEU R 38 -3.65 -2.38 -63.17
N TYR R 39 -2.39 -2.51 -63.59
CA TYR R 39 -2.07 -2.99 -64.94
C TYR R 39 -1.01 -4.08 -64.83
N TRP R 40 -0.98 -4.98 -65.82
CA TRP R 40 0.08 -5.98 -65.95
C TRP R 40 0.69 -5.90 -67.33
N TYR R 41 2.02 -5.85 -67.39
CA TYR R 41 2.79 -5.85 -68.62
C TYR R 41 3.71 -7.06 -68.64
N LEU R 42 4.02 -7.53 -69.85
CA LEU R 42 4.97 -8.62 -70.03
C LEU R 42 6.05 -8.15 -70.99
N GLN R 43 7.30 -8.35 -70.62
CA GLN R 43 8.42 -8.12 -71.54
C GLN R 43 9.08 -9.48 -71.81
N LYS R 44 8.78 -10.03 -72.98
CA LYS R 44 9.41 -11.28 -73.40
C LYS R 44 10.83 -11.00 -73.86
N PRO R 45 11.69 -12.02 -73.87
CA PRO R 45 13.08 -11.81 -74.30
C PRO R 45 13.14 -11.20 -75.69
N GLY R 46 13.83 -10.06 -75.78
CA GLY R 46 14.04 -9.42 -77.07
C GLY R 46 12.95 -8.48 -77.53
N GLN R 47 11.86 -8.34 -76.78
CA GLN R 47 10.74 -7.52 -77.21
C GLN R 47 10.56 -6.33 -76.29
N SER R 48 9.76 -5.37 -76.73
CA SER R 48 9.29 -4.29 -75.88
C SER R 48 8.22 -4.81 -74.93
N PRO R 49 7.97 -4.10 -73.83
CA PRO R 49 6.85 -4.48 -72.97
C PRO R 49 5.54 -4.50 -73.75
N GLN R 50 4.64 -5.37 -73.33
CA GLN R 50 3.35 -5.58 -73.98
C GLN R 50 2.27 -5.55 -72.90
N LEU R 51 1.19 -4.80 -73.16
CA LEU R 51 0.09 -4.78 -72.21
C LEU R 51 -0.63 -6.13 -72.18
N LEU R 52 -0.83 -6.67 -70.98
CA LEU R 52 -1.66 -7.88 -70.80
C LEU R 52 -3.05 -7.54 -70.30
N ILE R 53 -3.13 -6.87 -69.16
CA ILE R 53 -4.39 -6.56 -68.49
C ILE R 53 -4.39 -5.09 -68.10
N TYR R 54 -5.52 -4.42 -68.31
CA TYR R 54 -5.63 -3.04 -67.83
C TYR R 54 -6.83 -2.87 -66.90
N GLN R 55 -6.63 -2.05 -65.88
CA GLN R 55 -7.65 -1.76 -64.87
C GLN R 55 -8.20 -3.05 -64.28
N MET R 56 -7.26 -3.95 -63.93
CA MET R 56 -7.45 -5.21 -63.22
C MET R 56 -8.26 -6.26 -63.96
N SER R 57 -9.30 -5.88 -64.68
CA SER R 57 -10.25 -6.87 -65.17
C SER R 57 -10.41 -6.93 -66.68
N ASN R 58 -9.65 -6.16 -67.45
CA ASN R 58 -9.82 -6.10 -68.89
C ASN R 58 -8.58 -6.68 -69.57
N LEU R 59 -8.80 -7.57 -70.54
CA LEU R 59 -7.72 -8.14 -71.33
C LEU R 59 -7.41 -7.25 -72.52
N ALA R 60 -6.12 -7.03 -72.77
CA ALA R 60 -5.72 -6.32 -73.97
C ALA R 60 -6.02 -7.17 -75.20
N SER R 61 -6.13 -6.50 -76.35
CA SER R 61 -6.43 -7.19 -77.59
C SER R 61 -5.29 -8.12 -77.97
N GLY R 62 -5.64 -9.32 -78.42
CA GLY R 62 -4.66 -10.34 -78.75
C GLY R 62 -4.26 -11.22 -77.59
N VAL R 63 -4.46 -10.78 -76.36
CA VAL R 63 -3.99 -11.53 -75.20
C VAL R 63 -4.92 -12.71 -74.96
N PRO R 64 -4.40 -13.94 -74.89
CA PRO R 64 -5.27 -15.10 -74.63
C PRO R 64 -5.90 -15.03 -73.24
N ASP R 65 -7.02 -15.73 -73.11
CA ASP R 65 -7.87 -15.74 -71.93
C ASP R 65 -7.26 -16.48 -70.74
N ARG R 66 -6.00 -16.89 -70.84
CA ARG R 66 -5.33 -17.56 -69.73
C ARG R 66 -4.79 -16.60 -68.68
N PHE R 67 -4.92 -15.29 -68.87
CA PHE R 67 -4.41 -14.31 -67.91
C PHE R 67 -5.57 -13.67 -67.17
N SER R 68 -5.45 -13.58 -65.85
CA SER R 68 -6.46 -12.91 -65.05
C SER R 68 -5.80 -12.29 -63.84
N SER R 69 -6.47 -11.33 -63.24
CA SER R 69 -5.93 -10.62 -62.09
C SER R 69 -6.94 -10.66 -60.96
N SER R 70 -6.45 -10.92 -59.74
CA SER R 70 -7.31 -11.02 -58.57
C SER R 70 -6.63 -10.34 -57.38
N GLY R 71 -7.32 -10.37 -56.25
CA GLY R 71 -6.96 -9.56 -55.12
C GLY R 71 -7.81 -8.31 -55.07
N SER R 72 -7.57 -7.50 -54.04
CA SER R 72 -8.29 -6.23 -53.96
C SER R 72 -7.48 -5.25 -53.11
N GLY R 73 -7.63 -3.98 -53.43
CA GLY R 73 -7.03 -2.92 -52.64
C GLY R 73 -5.53 -2.74 -52.81
N THR R 74 -4.75 -3.52 -52.05
CA THR R 74 -3.29 -3.38 -52.02
C THR R 74 -2.55 -4.67 -52.33
N ASP R 75 -3.23 -5.81 -52.43
CA ASP R 75 -2.55 -7.09 -52.63
C ASP R 75 -3.16 -7.79 -53.84
N PHE R 76 -2.35 -8.06 -54.84
CA PHE R 76 -2.84 -8.57 -56.11
C PHE R 76 -2.01 -9.75 -56.60
N THR R 77 -2.62 -10.53 -57.47
CA THR R 77 -1.92 -11.62 -58.12
C THR R 77 -2.32 -11.67 -59.57
N LEU R 78 -1.33 -11.85 -60.43
CA LEU R 78 -1.56 -12.24 -61.82
C LEU R 78 -1.60 -13.76 -61.88
N ARG R 79 -2.65 -14.29 -62.46
CA ARG R 79 -2.79 -15.73 -62.63
C ARG R 79 -2.63 -16.08 -64.10
N ILE R 80 -1.78 -17.04 -64.39
CA ILE R 80 -1.62 -17.54 -65.74
C ILE R 80 -2.10 -18.98 -65.75
N SER R 81 -3.23 -19.23 -66.42
CA SER R 81 -3.74 -20.59 -66.49
C SER R 81 -2.95 -21.40 -67.51
N ARG R 82 -2.69 -22.65 -67.18
CA ARG R 82 -2.08 -23.62 -68.10
C ARG R 82 -0.81 -23.04 -68.76
N VAL R 83 0.17 -22.76 -67.91
CA VAL R 83 1.39 -22.10 -68.37
C VAL R 83 2.00 -22.81 -69.57
N GLU R 84 2.39 -22.02 -70.57
CA GLU R 84 3.06 -22.50 -71.77
C GLU R 84 4.51 -22.03 -71.78
N ALA R 85 5.35 -22.76 -72.52
CA ALA R 85 6.76 -22.40 -72.58
C ALA R 85 6.95 -20.99 -73.12
N GLU R 86 6.08 -20.58 -74.04
CA GLU R 86 6.13 -19.26 -74.64
C GLU R 86 5.80 -18.13 -73.66
N ASP R 87 5.34 -18.45 -72.44
CA ASP R 87 5.00 -17.43 -71.46
C ASP R 87 6.21 -16.84 -70.74
N VAL R 88 7.43 -17.35 -70.99
CA VAL R 88 8.57 -16.87 -70.22
C VAL R 88 8.84 -15.39 -70.53
N GLY R 89 9.25 -14.67 -69.51
CA GLY R 89 9.56 -13.26 -69.64
C GLY R 89 9.39 -12.61 -68.29
N VAL R 90 9.51 -11.28 -68.27
CA VAL R 90 9.40 -10.51 -67.04
C VAL R 90 8.02 -9.87 -67.00
N TYR R 91 7.27 -10.16 -65.93
CA TYR R 91 5.93 -9.64 -65.71
C TYR R 91 6.01 -8.49 -64.73
N TYR R 92 5.46 -7.33 -65.12
CA TYR R 92 5.46 -6.12 -64.31
C TYR R 92 4.03 -5.72 -63.97
N CYS R 93 3.78 -5.41 -62.69
CA CYS R 93 2.56 -4.70 -62.34
C CYS R 93 2.82 -3.20 -62.40
N ALA R 94 1.74 -2.44 -62.53
CA ALA R 94 1.85 -0.99 -62.64
C ALA R 94 0.54 -0.37 -62.15
N GLN R 95 0.61 0.90 -61.75
CA GLN R 95 -0.60 1.63 -61.37
C GLN R 95 -0.56 3.03 -61.96
N ASN R 96 -1.73 3.64 -62.08
CA ASN R 96 -1.82 5.06 -62.41
C ASN R 96 -3.04 5.69 -61.73
N LEU R 97 -3.47 5.13 -60.59
CA LEU R 97 -4.46 5.82 -59.78
C LEU R 97 -3.98 7.25 -59.47
N GLU R 98 -2.71 7.37 -59.08
CA GLU R 98 -2.01 8.65 -58.99
C GLU R 98 -0.87 8.66 -59.98
N LEU R 99 -0.71 9.76 -60.68
CA LEU R 99 0.54 9.94 -61.42
C LEU R 99 1.66 10.28 -60.44
N PRO R 100 2.93 9.92 -60.76
CA PRO R 100 3.35 9.25 -61.99
C PRO R 100 2.95 7.78 -62.01
N TRP R 101 2.80 7.21 -63.21
CA TRP R 101 2.79 5.75 -63.32
C TRP R 101 3.96 5.20 -62.53
N THR R 102 3.73 4.10 -61.82
CA THR R 102 4.80 3.41 -61.12
C THR R 102 4.65 1.92 -61.38
N PHE R 103 5.78 1.24 -61.37
CA PHE R 103 5.89 -0.16 -61.79
C PHE R 103 6.52 -0.97 -60.67
N GLY R 104 6.10 -2.22 -60.55
CA GLY R 104 6.84 -3.14 -59.72
C GLY R 104 8.18 -3.45 -60.36
N GLY R 105 9.06 -4.07 -59.58
CA GLY R 105 10.39 -4.42 -60.08
C GLY R 105 10.41 -5.55 -61.08
N GLY R 106 9.28 -6.18 -61.34
CA GLY R 106 9.24 -7.29 -62.28
C GLY R 106 9.46 -8.63 -61.60
N THR R 107 8.88 -9.67 -62.18
CA THR R 107 9.11 -11.06 -61.76
C THR R 107 9.27 -11.89 -63.02
N LYS R 108 10.39 -12.61 -63.12
CA LYS R 108 10.67 -13.42 -64.29
C LYS R 108 9.98 -14.77 -64.15
N LEU R 109 9.12 -15.11 -65.10
CA LEU R 109 8.54 -16.45 -65.11
C LEU R 109 9.55 -17.42 -65.71
N GLU R 110 9.79 -18.55 -65.03
CA GLU R 110 10.79 -19.52 -65.49
C GLU R 110 10.12 -20.88 -65.60
N ILE R 111 10.35 -21.59 -66.70
CA ILE R 111 9.79 -22.94 -66.84
C ILE R 111 10.74 -23.94 -66.19
N LYS R 112 10.22 -24.76 -65.29
CA LYS R 112 10.99 -25.88 -64.77
C LYS R 112 10.78 -27.04 -65.72
N ARG R 113 11.78 -27.35 -66.53
CA ARG R 113 11.72 -28.50 -67.43
C ARG R 113 12.68 -29.57 -66.91
N THR R 114 12.74 -30.71 -67.62
CA THR R 114 13.69 -31.74 -67.20
C THR R 114 15.11 -31.20 -67.25
N VAL R 115 15.95 -31.69 -66.33
CA VAL R 115 17.38 -31.44 -66.41
C VAL R 115 17.87 -31.88 -67.79
N ALA R 116 18.78 -31.08 -68.33
CA ALA R 116 19.33 -31.25 -69.67
C ALA R 116 20.78 -30.84 -69.59
N ALA R 117 21.69 -31.75 -69.93
CA ALA R 117 23.11 -31.42 -69.89
C ALA R 117 23.49 -30.49 -71.03
N PRO R 118 24.53 -29.69 -70.86
CA PRO R 118 25.00 -28.85 -71.98
C PRO R 118 25.75 -29.71 -72.98
N SER R 119 25.60 -29.38 -74.25
CA SER R 119 26.62 -29.82 -75.20
C SER R 119 27.75 -28.80 -75.14
N VAL R 120 28.99 -29.27 -75.04
CA VAL R 120 30.13 -28.38 -74.83
C VAL R 120 30.96 -28.33 -76.10
N PHE R 121 31.15 -27.12 -76.62
CA PHE R 121 31.90 -26.86 -77.83
C PHE R 121 33.00 -25.85 -77.54
N ILE R 122 34.15 -25.99 -78.19
CA ILE R 122 35.25 -25.07 -77.94
C ILE R 122 35.79 -24.55 -79.28
N PHE R 123 36.16 -23.28 -79.29
CA PHE R 123 36.62 -22.60 -80.50
C PHE R 123 37.98 -22.00 -80.21
N PRO R 124 39.03 -22.43 -80.90
CA PRO R 124 40.32 -21.75 -80.77
C PRO R 124 40.28 -20.36 -81.41
N PRO R 125 41.29 -19.53 -81.15
CA PRO R 125 41.34 -18.22 -81.78
C PRO R 125 41.47 -18.30 -83.29
N SER R 126 40.94 -17.28 -83.97
CA SER R 126 41.09 -17.15 -85.41
C SER R 126 42.49 -16.63 -85.72
N ASP R 127 42.99 -17.01 -86.89
CA ASP R 127 44.24 -16.40 -87.37
C ASP R 127 44.11 -14.89 -87.49
N GLU R 128 42.93 -14.42 -87.88
CA GLU R 128 42.74 -12.98 -88.04
C GLU R 128 42.94 -12.27 -86.70
N GLN R 129 42.35 -12.79 -85.63
CA GLN R 129 42.57 -12.18 -84.32
C GLN R 129 44.03 -12.33 -83.89
N LEU R 130 44.62 -13.51 -84.10
CA LEU R 130 46.00 -13.70 -83.66
C LEU R 130 46.93 -12.69 -84.33
N LYS R 131 46.67 -12.39 -85.60
CA LYS R 131 47.50 -11.42 -86.30
C LYS R 131 47.40 -10.06 -85.68
N SER R 132 46.28 -9.75 -85.01
CA SER R 132 46.13 -8.47 -84.34
C SER R 132 46.75 -8.46 -82.95
N GLY R 133 47.32 -9.58 -82.49
CA GLY R 133 48.04 -9.61 -81.24
C GLY R 133 47.27 -10.08 -80.03
N THR R 134 46.10 -10.69 -80.22
CA THR R 134 45.25 -11.12 -79.11
C THR R 134 44.70 -12.50 -79.45
N ALA R 135 44.30 -13.24 -78.41
CA ALA R 135 43.76 -14.59 -78.59
C ALA R 135 42.58 -14.80 -77.66
N SER R 136 41.40 -15.00 -78.23
CA SER R 136 40.18 -15.32 -77.47
C SER R 136 39.82 -16.77 -77.73
N VAL R 137 39.62 -17.54 -76.66
CA VAL R 137 39.11 -18.92 -76.76
C VAL R 137 37.69 -18.92 -76.23
N VAL R 138 36.77 -19.49 -76.99
CA VAL R 138 35.35 -19.47 -76.62
C VAL R 138 34.91 -20.89 -76.32
N CYS R 139 34.31 -21.07 -75.15
CA CYS R 139 33.66 -22.30 -74.75
C CYS R 139 32.15 -22.06 -74.74
N LEU R 140 31.42 -22.88 -75.50
CA LEU R 140 29.98 -22.76 -75.61
C LEU R 140 29.31 -23.95 -74.92
N LEU R 141 28.36 -23.65 -74.04
CA LEU R 141 27.49 -24.66 -73.42
C LEU R 141 26.10 -24.46 -74.03
N ASN R 142 25.65 -25.44 -74.80
CA ASN R 142 24.42 -25.27 -75.57
C ASN R 142 23.27 -26.08 -74.99
N ASN R 143 22.11 -25.43 -74.82
CA ASN R 143 20.80 -26.04 -74.59
C ASN R 143 20.79 -26.92 -73.34
N PHE R 144 20.88 -26.26 -72.19
CA PHE R 144 20.93 -26.97 -70.92
C PHE R 144 19.89 -26.40 -69.95
N TYR R 145 19.62 -27.18 -68.90
CA TYR R 145 18.69 -26.76 -67.82
C TYR R 145 19.09 -27.56 -66.59
N PRO R 146 19.19 -26.94 -65.39
CA PRO R 146 18.92 -25.55 -64.99
C PRO R 146 20.03 -24.59 -65.41
N ARG R 147 19.82 -23.30 -65.15
CA ARG R 147 20.76 -22.28 -65.59
C ARG R 147 22.11 -22.41 -64.91
N GLU R 148 22.14 -22.94 -63.69
CA GLU R 148 23.38 -22.95 -62.92
C GLU R 148 24.40 -23.85 -63.58
N ALA R 149 25.60 -23.33 -63.82
CA ALA R 149 26.68 -24.10 -64.42
C ALA R 149 28.00 -23.53 -63.93
N LYS R 150 29.02 -24.38 -63.88
CA LYS R 150 30.36 -23.95 -63.49
C LYS R 150 31.29 -24.23 -64.67
N VAL R 151 31.96 -23.19 -65.15
CA VAL R 151 32.89 -23.34 -66.26
C VAL R 151 34.24 -22.81 -65.82
N GLN R 152 35.25 -23.67 -65.84
CA GLN R 152 36.60 -23.28 -65.43
C GLN R 152 37.57 -23.49 -66.60
N TRP R 153 38.55 -22.60 -66.70
CA TRP R 153 39.56 -22.71 -67.75
C TRP R 153 40.82 -23.32 -67.16
N LYS R 154 41.37 -24.30 -67.86
CA LYS R 154 42.61 -24.93 -67.46
C LYS R 154 43.59 -24.82 -68.61
N VAL R 155 44.76 -24.28 -68.33
CA VAL R 155 45.79 -24.05 -69.33
C VAL R 155 46.99 -24.88 -68.91
N ASP R 156 47.36 -25.85 -69.73
CA ASP R 156 48.35 -26.87 -69.38
C ASP R 156 48.12 -27.37 -67.96
N ASN R 157 46.89 -27.79 -67.70
CA ASN R 157 46.41 -28.36 -66.44
C ASN R 157 46.40 -27.39 -65.27
N ALA R 158 46.62 -26.10 -65.51
CA ALA R 158 46.62 -25.10 -64.45
C ALA R 158 45.32 -24.31 -64.48
N LEU R 159 44.60 -24.32 -63.36
CA LEU R 159 43.36 -23.57 -63.26
C LEU R 159 43.64 -22.08 -63.40
N GLN R 160 42.85 -21.41 -64.23
CA GLN R 160 42.98 -19.97 -64.44
C GLN R 160 42.06 -19.22 -63.48
N SER R 161 42.61 -18.23 -62.78
CA SER R 161 41.83 -17.45 -61.83
C SER R 161 41.11 -16.27 -62.47
N GLY R 162 41.48 -15.90 -63.69
CA GLY R 162 40.89 -14.75 -64.32
C GLY R 162 40.98 -14.78 -65.83
N ASN R 163 40.76 -13.60 -66.43
CA ASN R 163 40.84 -13.33 -67.85
C ASN R 163 39.68 -13.91 -68.65
N SER R 164 38.60 -14.34 -68.00
CA SER R 164 37.47 -14.90 -68.75
C SER R 164 36.18 -14.25 -68.28
N GLN R 165 35.17 -14.31 -69.14
CA GLN R 165 33.86 -13.81 -68.75
C GLN R 165 32.78 -14.66 -69.41
N GLU R 166 31.63 -14.72 -68.74
CA GLU R 166 30.49 -15.51 -69.18
C GLU R 166 29.33 -14.64 -69.63
N SER R 167 28.55 -15.17 -70.58
CA SER R 167 27.27 -14.60 -70.93
C SER R 167 26.27 -15.73 -71.09
N VAL R 168 25.04 -15.50 -70.62
CA VAL R 168 23.98 -16.51 -70.64
C VAL R 168 22.75 -15.94 -71.35
N THR R 169 22.14 -16.75 -72.20
CA THR R 169 20.90 -16.35 -72.85
C THR R 169 19.75 -16.37 -71.85
N GLU R 170 18.68 -15.67 -72.21
CA GLU R 170 17.42 -15.86 -71.51
C GLU R 170 16.88 -17.25 -71.83
N GLN R 171 15.98 -17.72 -70.98
CA GLN R 171 15.41 -19.04 -71.21
C GLN R 171 14.67 -19.07 -72.53
N ASP R 172 14.89 -20.14 -73.30
CA ASP R 172 14.36 -20.21 -74.66
C ASP R 172 12.85 -20.42 -74.63
N SER R 173 12.14 -19.65 -75.46
CA SER R 173 10.69 -19.67 -75.51
C SER R 173 10.14 -20.97 -76.04
N LYS R 174 10.94 -21.75 -76.76
CA LYS R 174 10.41 -22.98 -77.33
C LYS R 174 10.85 -24.23 -76.59
N ASP R 175 12.12 -24.36 -76.21
CA ASP R 175 12.57 -25.60 -75.55
C ASP R 175 12.93 -25.42 -74.09
N SER R 176 12.79 -24.21 -73.54
CA SER R 176 12.98 -23.93 -72.12
C SER R 176 14.42 -24.16 -71.64
N THR R 177 15.40 -24.10 -72.53
CA THR R 177 16.81 -24.27 -72.17
C THR R 177 17.55 -22.94 -72.15
N TYR R 178 18.74 -22.98 -71.54
CA TYR R 178 19.69 -21.88 -71.59
C TYR R 178 20.86 -22.28 -72.46
N SER R 179 21.61 -21.27 -72.90
CA SER R 179 22.94 -21.48 -73.45
C SER R 179 23.87 -20.43 -72.85
N LEU R 180 25.16 -20.75 -72.84
CA LEU R 180 26.14 -19.95 -72.11
C LEU R 180 27.43 -19.93 -72.92
N SER R 181 28.10 -18.79 -72.93
CA SER R 181 29.44 -18.70 -73.49
C SER R 181 30.39 -18.34 -72.36
N SER R 182 31.59 -18.88 -72.42
CA SER R 182 32.68 -18.44 -71.55
C SER R 182 33.85 -18.15 -72.46
N THR R 183 34.41 -16.94 -72.36
CA THR R 183 35.42 -16.48 -73.30
C THR R 183 36.69 -16.13 -72.52
N LEU R 184 37.79 -16.80 -72.85
CA LEU R 184 39.07 -16.53 -72.22
C LEU R 184 39.89 -15.70 -73.20
N THR R 185 40.41 -14.55 -72.76
CA THR R 185 41.17 -13.73 -73.69
C THR R 185 42.54 -13.40 -73.11
N LEU R 186 43.57 -13.61 -73.91
CA LEU R 186 44.97 -13.44 -73.53
C LEU R 186 45.67 -12.63 -74.60
N SER R 187 46.78 -12.00 -74.23
CA SER R 187 47.62 -11.48 -75.29
C SER R 187 48.18 -12.66 -76.08
N LYS R 188 48.51 -12.40 -77.35
CA LYS R 188 49.13 -13.44 -78.17
C LYS R 188 50.40 -13.98 -77.51
N ALA R 189 51.20 -13.10 -76.90
CA ALA R 189 52.41 -13.53 -76.22
C ALA R 189 52.11 -14.51 -75.10
N ASP R 190 51.10 -14.21 -74.28
CA ASP R 190 50.73 -15.14 -73.21
C ASP R 190 50.13 -16.41 -73.79
N TYR R 191 49.31 -16.27 -74.83
CA TYR R 191 48.68 -17.43 -75.44
C TYR R 191 49.72 -18.42 -75.95
N GLU R 192 50.84 -17.91 -76.48
CA GLU R 192 51.84 -18.76 -77.06
C GLU R 192 52.82 -19.34 -76.04
N LYS R 193 52.64 -19.07 -74.75
CA LYS R 193 53.45 -19.72 -73.74
C LYS R 193 52.96 -21.12 -73.42
N HIS R 194 51.75 -21.48 -73.82
CA HIS R 194 51.14 -22.72 -73.34
C HIS R 194 50.65 -23.55 -74.50
N LYS R 195 50.37 -24.80 -74.20
CA LYS R 195 50.02 -25.80 -75.20
C LYS R 195 48.54 -26.15 -75.15
N VAL R 196 48.04 -26.61 -74.02
CA VAL R 196 46.71 -27.21 -73.93
C VAL R 196 45.75 -26.20 -73.32
N TYR R 197 44.68 -25.89 -74.05
CA TYR R 197 43.63 -25.02 -73.57
C TYR R 197 42.36 -25.86 -73.39
N ALA R 198 41.78 -25.80 -72.19
CA ALA R 198 40.68 -26.67 -71.82
C ALA R 198 39.62 -25.88 -71.08
N CYS R 199 38.34 -26.12 -71.39
CA CYS R 199 37.28 -25.66 -70.51
C CYS R 199 36.63 -26.87 -69.86
N GLU R 200 36.51 -26.80 -68.55
CA GLU R 200 35.96 -27.87 -67.73
C GLU R 200 34.60 -27.43 -67.22
N VAL R 201 33.59 -28.27 -67.46
CA VAL R 201 32.20 -27.91 -67.22
C VAL R 201 31.62 -28.82 -66.16
N THR R 202 30.95 -28.23 -65.17
CA THR R 202 30.21 -28.94 -64.14
C THR R 202 28.74 -28.51 -64.23
N HIS R 203 27.83 -29.48 -64.16
CA HIS R 203 26.41 -29.18 -64.33
C HIS R 203 25.58 -30.31 -63.75
N GLN R 204 24.36 -29.97 -63.32
CA GLN R 204 23.43 -30.98 -62.78
C GLN R 204 23.26 -32.19 -63.69
N GLY R 205 23.19 -31.96 -65.00
CA GLY R 205 22.96 -33.04 -65.97
C GLY R 205 24.15 -33.92 -66.26
N LEU R 206 25.32 -33.57 -65.75
CA LEU R 206 26.55 -34.32 -65.99
C LEU R 206 26.89 -35.12 -64.72
N SER R 207 27.21 -36.41 -64.89
CA SER R 207 27.56 -37.23 -63.74
C SER R 207 28.94 -36.91 -63.20
N SER R 208 29.80 -36.31 -64.03
CA SER R 208 31.09 -35.81 -63.57
C SER R 208 31.44 -34.62 -64.45
N PRO R 209 32.47 -33.86 -64.07
CA PRO R 209 32.89 -32.75 -64.95
C PRO R 209 33.33 -33.25 -66.31
N VAL R 210 33.05 -32.43 -67.33
CA VAL R 210 33.39 -32.72 -68.71
C VAL R 210 34.41 -31.69 -69.16
N THR R 211 35.47 -32.14 -69.84
CA THR R 211 36.51 -31.25 -70.33
C THR R 211 36.56 -31.33 -71.83
N LYS R 212 36.58 -30.17 -72.49
CA LYS R 212 36.81 -30.04 -73.92
C LYS R 212 38.10 -29.25 -74.08
N SER R 213 38.98 -29.68 -74.98
CA SER R 213 40.28 -29.03 -75.05
C SER R 213 40.84 -29.12 -76.45
N PHE R 214 41.82 -28.26 -76.71
CA PHE R 214 42.61 -28.38 -77.91
C PHE R 214 44.05 -28.06 -77.58
N ASN R 215 44.92 -28.48 -78.49
CA ASN R 215 46.36 -28.27 -78.41
C ASN R 215 46.72 -27.16 -79.39
N ARG R 216 47.30 -26.08 -78.89
CA ARG R 216 47.63 -24.95 -79.74
C ARG R 216 48.62 -25.33 -80.84
#